data_1TB3
#
_entry.id   1TB3
#
_cell.length_a   114.839
_cell.length_b   151.100
_cell.length_c   222.360
_cell.angle_alpha   90.00
_cell.angle_beta   90.00
_cell.angle_gamma   90.00
#
_symmetry.space_group_name_H-M   'P 21 21 21'
#
loop_
_entity.id
_entity.type
_entity.pdbx_description
1 polymer 'Hydroxyacid oxidase 3'
2 non-polymer 'FLAVIN MONONUCLEOTIDE'
3 non-polymer 'ACETIC ACID'
4 water water
#
_entity_poly.entity_id   1
_entity_poly.type   'polypeptide(L)'
_entity_poly.pdbx_seq_one_letter_code
;PLVCLADFKAHAQKQLSKTSWDFIEGEADDGITYSENIAAFKRIRLRPRYLRDMSKVDTRTTIQGQEISAPICISPTAFH
SIAWPDGEKSTARAAQEANICYVISSYASYSLEDIVAAAPEGFRWFQLYMKSDWDFNKQMVQRAEALGFKALVITIDTPV
LGNRRRDKRNQLNLEANILLKDLRALKEEKPTQSVPVSFPKASFCWNDLSLLQSITRLPIILKGILTKEDAELAMKHNVQ
GIVVSNHGGRQLDEVSASIDALREVVAAVKGKIEVYMDGGVRTGTDVLKALALGARCIFLGRPILWGLACKGEDGVKEVL
DILTAELHRCMTLSGCQSVAEISPDLIQFSRL
;
_entity_poly.pdbx_strand_id   A,B,C,D,E,F,G,H
#
# COMPACT_ATOMS: atom_id res chain seq x y z
N PRO A 1 -11.16 20.73 12.19
CA PRO A 1 -11.97 20.63 13.43
C PRO A 1 -12.81 19.34 13.45
N LEU A 2 -13.40 19.05 14.61
CA LEU A 2 -14.24 17.87 14.77
C LEU A 2 -15.67 18.32 14.49
N VAL A 3 -16.23 17.89 13.36
CA VAL A 3 -17.58 18.32 12.97
C VAL A 3 -18.69 17.28 13.07
N CYS A 4 -18.34 16.05 13.44
CA CYS A 4 -19.34 15.01 13.57
C CYS A 4 -18.84 13.95 14.54
N LEU A 5 -19.69 12.99 14.90
CA LEU A 5 -19.25 11.98 15.85
C LEU A 5 -18.10 11.13 15.31
N ALA A 6 -18.11 10.85 14.00
CA ALA A 6 -17.06 10.05 13.37
C ALA A 6 -15.69 10.70 13.58
N ASP A 7 -15.64 12.03 13.54
CA ASP A 7 -14.38 12.74 13.75
C ASP A 7 -13.91 12.53 15.18
N PHE A 8 -14.84 12.55 16.13
CA PHE A 8 -14.45 12.32 17.52
C PHE A 8 -13.90 10.91 17.71
N LYS A 9 -14.40 9.97 16.93
CA LYS A 9 -13.95 8.59 17.03
C LYS A 9 -12.50 8.49 16.53
N ALA A 10 -12.25 9.05 15.34
CA ALA A 10 -10.93 9.02 14.74
C ALA A 10 -9.90 9.72 15.60
N HIS A 11 -10.28 10.86 16.16
CA HIS A 11 -9.38 11.62 17.00
C HIS A 11 -9.20 10.96 18.37
N ALA A 12 -10.28 10.39 18.92
CA ALA A 12 -10.21 9.74 20.23
C ALA A 12 -9.11 8.67 20.25
N GLN A 13 -9.08 7.87 19.20
CA GLN A 13 -8.10 6.81 19.09
C GLN A 13 -6.68 7.30 19.45
N LYS A 14 -6.23 8.37 18.77
CA LYS A 14 -4.89 8.90 18.98
C LYS A 14 -4.54 9.28 20.43
N GLN A 15 -5.45 9.88 21.16
CA GLN A 15 -5.12 10.27 22.54
C GLN A 15 -5.18 9.10 23.52
N LEU A 16 -5.45 7.90 23.00
CA LEU A 16 -5.53 6.72 23.85
C LEU A 16 -4.61 5.58 23.44
N SER A 17 -4.12 4.85 24.44
CA SER A 17 -3.25 3.72 24.20
C SER A 17 -4.08 2.63 23.51
N LYS A 18 -3.44 1.83 22.65
CA LYS A 18 -4.14 0.76 21.96
C LYS A 18 -4.91 -0.08 22.98
N THR A 19 -4.33 -0.26 24.16
CA THR A 19 -4.98 -1.04 25.20
C THR A 19 -6.35 -0.45 25.53
N SER A 20 -6.36 0.85 25.81
CA SER A 20 -7.59 1.55 26.17
C SER A 20 -8.56 1.67 25.01
N TRP A 21 -8.04 1.94 23.82
CA TRP A 21 -8.89 2.06 22.66
C TRP A 21 -9.58 0.74 22.34
N ASP A 22 -8.81 -0.35 22.37
CA ASP A 22 -9.37 -1.67 22.10
C ASP A 22 -10.45 -2.02 23.11
N PHE A 23 -10.27 -1.59 24.36
CA PHE A 23 -11.27 -1.85 25.39
C PHE A 23 -12.57 -1.09 25.12
N ILE A 24 -12.45 0.12 24.57
CA ILE A 24 -13.61 0.93 24.26
C ILE A 24 -14.32 0.39 23.02
N GLU A 25 -13.58 -0.25 22.13
CA GLU A 25 -14.17 -0.85 20.93
C GLU A 25 -14.77 -2.17 21.42
N GLY A 26 -13.91 -3.01 21.96
CA GLY A 26 -14.29 -4.29 22.51
C GLY A 26 -15.33 -5.15 21.83
N GLU A 27 -15.28 -5.28 20.51
CA GLU A 27 -16.26 -6.13 19.86
C GLU A 27 -16.03 -7.55 20.35
N ALA A 28 -17.11 -8.33 20.50
CA ALA A 28 -16.98 -9.71 20.98
C ALA A 28 -16.80 -10.68 19.83
N ASP A 29 -15.95 -11.68 20.04
CA ASP A 29 -15.68 -12.71 19.06
C ASP A 29 -15.38 -12.22 17.64
N ASP A 30 -16.16 -12.64 16.64
CA ASP A 30 -15.92 -12.21 15.27
C ASP A 30 -16.33 -10.77 15.00
N GLY A 31 -16.91 -10.12 16.00
CA GLY A 31 -17.34 -8.73 15.88
C GLY A 31 -18.37 -8.42 14.82
N ILE A 32 -19.32 -9.31 14.63
CA ILE A 32 -20.37 -9.12 13.63
C ILE A 32 -21.39 -8.03 14.01
N THR A 33 -21.94 -8.14 15.22
CA THR A 33 -22.95 -7.20 15.67
C THR A 33 -22.47 -5.76 15.83
N TYR A 34 -21.20 -5.57 16.17
CA TYR A 34 -20.64 -4.23 16.31
C TYR A 34 -20.84 -3.47 15.00
N SER A 35 -20.46 -4.09 13.89
CA SER A 35 -20.59 -3.45 12.57
C SER A 35 -22.05 -3.38 12.11
N GLU A 36 -22.81 -4.43 12.41
CA GLU A 36 -24.21 -4.51 12.02
C GLU A 36 -25.05 -3.41 12.66
N ASN A 37 -24.71 -3.02 13.90
CA ASN A 37 -25.49 -1.97 14.55
C ASN A 37 -25.49 -0.71 13.69
N ILE A 38 -24.40 -0.47 12.97
CA ILE A 38 -24.32 0.71 12.12
C ILE A 38 -24.94 0.43 10.74
N ALA A 39 -24.58 -0.69 10.14
CA ALA A 39 -25.11 -1.03 8.82
C ALA A 39 -26.63 -1.10 8.81
N ALA A 40 -27.21 -1.61 9.89
CA ALA A 40 -28.67 -1.73 9.98
C ALA A 40 -29.32 -0.35 9.89
N PHE A 41 -28.70 0.66 10.48
CA PHE A 41 -29.22 2.02 10.41
C PHE A 41 -29.15 2.55 8.98
N LYS A 42 -27.98 2.35 8.34
CA LYS A 42 -27.78 2.83 6.99
C LYS A 42 -28.72 2.22 5.93
N ARG A 43 -29.19 0.99 6.15
CA ARG A 43 -30.10 0.35 5.20
C ARG A 43 -31.50 0.97 5.13
N ILE A 44 -31.95 1.54 6.24
CA ILE A 44 -33.29 2.12 6.30
C ILE A 44 -33.39 3.39 5.47
N ARG A 45 -34.44 3.46 4.66
CA ARG A 45 -34.67 4.60 3.78
C ARG A 45 -35.75 5.52 4.34
N LEU A 46 -35.50 6.82 4.26
CA LEU A 46 -36.43 7.82 4.77
C LEU A 46 -37.36 8.37 3.67
N ARG A 47 -38.57 8.74 4.06
CA ARG A 47 -39.58 9.30 3.15
C ARG A 47 -39.92 10.70 3.68
N PRO A 48 -39.20 11.73 3.22
CA PRO A 48 -39.45 13.10 3.67
C PRO A 48 -40.73 13.71 3.10
N ARG A 49 -41.30 14.64 3.84
CA ARG A 49 -42.52 15.34 3.43
C ARG A 49 -42.12 16.80 3.44
N TYR A 50 -42.09 17.40 2.25
CA TYR A 50 -41.67 18.78 2.12
C TYR A 50 -42.78 19.83 2.08
N LEU A 51 -42.35 21.10 2.06
CA LEU A 51 -43.25 22.25 2.01
C LEU A 51 -44.21 22.38 3.20
N ARG A 52 -43.77 21.93 4.36
CA ARG A 52 -44.57 22.08 5.57
C ARG A 52 -43.88 23.23 6.31
N ASP A 53 -44.59 23.91 7.20
CA ASP A 53 -43.97 25.01 7.93
C ASP A 53 -43.05 24.48 9.04
N MET A 54 -41.75 24.56 8.80
CA MET A 54 -40.75 24.08 9.74
C MET A 54 -39.99 25.21 10.41
N SER A 55 -40.66 26.35 10.59
CA SER A 55 -40.03 27.51 11.21
C SER A 55 -39.69 27.24 12.69
N LYS A 56 -40.47 26.37 13.31
CA LYS A 56 -40.23 26.04 14.71
C LYS A 56 -40.12 24.54 14.90
N VAL A 57 -38.91 24.03 15.02
CA VAL A 57 -38.70 22.60 15.22
C VAL A 57 -38.36 22.36 16.68
N ASP A 58 -39.19 21.60 17.38
CA ASP A 58 -39.00 21.31 18.79
C ASP A 58 -38.35 19.93 18.92
N THR A 59 -37.26 19.87 19.64
CA THR A 59 -36.53 18.63 19.79
C THR A 59 -36.71 17.98 21.17
N ARG A 60 -37.44 18.66 22.05
CA ARG A 60 -37.68 18.17 23.40
C ARG A 60 -38.65 17.00 23.52
N THR A 61 -38.54 16.28 24.64
CA THR A 61 -39.42 15.16 24.91
C THR A 61 -39.26 14.82 26.38
N THR A 62 -39.86 13.71 26.81
CA THR A 62 -39.75 13.29 28.20
C THR A 62 -39.54 11.78 28.28
N ILE A 63 -38.91 11.34 29.36
CA ILE A 63 -38.72 9.92 29.60
C ILE A 63 -39.03 9.79 31.08
N GLN A 64 -39.87 8.81 31.41
CA GLN A 64 -40.28 8.60 32.79
C GLN A 64 -40.83 9.90 33.37
N GLY A 65 -41.52 10.66 32.53
CA GLY A 65 -42.10 11.93 32.94
C GLY A 65 -41.18 13.13 33.04
N GLN A 66 -39.88 12.91 32.97
CA GLN A 66 -38.89 13.99 33.07
C GLN A 66 -38.58 14.58 31.70
N GLU A 67 -38.55 15.90 31.60
CA GLU A 67 -38.26 16.55 30.33
C GLU A 67 -36.77 16.65 30.03
N ILE A 68 -36.41 16.50 28.76
CA ILE A 68 -35.01 16.60 28.33
C ILE A 68 -34.90 17.35 27.02
N SER A 69 -33.76 17.98 26.80
CA SER A 69 -33.48 18.78 25.59
C SER A 69 -33.73 18.07 24.27
N ALA A 70 -33.35 16.81 24.20
CA ALA A 70 -33.51 16.02 22.99
C ALA A 70 -33.56 14.55 23.40
N PRO A 71 -34.06 13.67 22.51
CA PRO A 71 -34.15 12.24 22.85
C PRO A 71 -32.78 11.58 22.72
N ILE A 72 -31.76 12.25 23.25
CA ILE A 72 -30.38 11.80 23.17
C ILE A 72 -29.77 11.78 24.56
N CYS A 73 -29.55 10.58 25.08
CA CYS A 73 -28.99 10.42 26.41
C CYS A 73 -27.71 9.57 26.49
N ILE A 74 -27.14 9.47 27.68
CA ILE A 74 -25.92 8.74 27.89
C ILE A 74 -26.12 7.37 28.50
N SER A 75 -25.76 6.34 27.73
CA SER A 75 -25.91 4.98 28.21
C SER A 75 -24.79 4.69 29.21
N PRO A 76 -25.01 3.73 30.11
CA PRO A 76 -23.97 3.42 31.10
C PRO A 76 -22.69 2.85 30.46
N THR A 77 -21.56 3.45 30.79
CA THR A 77 -20.25 2.99 30.30
C THR A 77 -19.25 3.12 31.44
N ALA A 78 -18.60 2.00 31.75
CA ALA A 78 -17.65 1.96 32.85
C ALA A 78 -16.35 2.71 32.65
N PHE A 79 -15.70 3.02 33.79
CA PHE A 79 -14.40 3.68 33.86
C PHE A 79 -14.10 4.82 32.91
N HIS A 80 -14.76 5.95 33.10
CA HIS A 80 -14.55 7.10 32.23
C HIS A 80 -13.14 7.65 32.36
N SER A 81 -12.46 7.34 33.45
CA SER A 81 -11.11 7.84 33.67
C SER A 81 -10.06 7.32 32.67
N ILE A 82 -10.42 6.34 31.86
CA ILE A 82 -9.46 5.83 30.89
C ILE A 82 -9.48 6.76 29.69
N ALA A 83 -10.45 7.66 29.66
CA ALA A 83 -10.59 8.59 28.55
C ALA A 83 -10.22 10.01 28.95
N TRP A 84 -10.47 10.35 30.21
CA TRP A 84 -10.17 11.69 30.71
C TRP A 84 -10.01 11.60 32.23
N PRO A 85 -8.97 12.25 32.78
CA PRO A 85 -8.70 12.24 34.22
C PRO A 85 -9.90 12.47 35.13
N ASP A 86 -10.71 13.47 34.80
CA ASP A 86 -11.91 13.83 35.56
C ASP A 86 -12.98 12.75 35.52
N GLY A 87 -12.85 11.83 34.56
CA GLY A 87 -13.82 10.76 34.45
C GLY A 87 -15.28 11.19 34.41
N GLU A 88 -16.11 10.46 35.16
CA GLU A 88 -17.54 10.73 35.21
C GLU A 88 -17.89 12.15 35.66
N LYS A 89 -16.98 12.80 36.37
CA LYS A 89 -17.28 14.15 36.82
C LYS A 89 -17.48 15.06 35.63
N SER A 90 -16.61 14.97 34.64
CA SER A 90 -16.75 15.79 33.44
C SER A 90 -18.02 15.39 32.68
N THR A 91 -18.30 14.10 32.65
CA THR A 91 -19.50 13.62 31.97
C THR A 91 -20.76 14.18 32.63
N ALA A 92 -20.82 14.10 33.96
CA ALA A 92 -21.98 14.61 34.70
C ALA A 92 -22.23 16.07 34.39
N ARG A 93 -21.18 16.88 34.45
CA ARG A 93 -21.31 18.31 34.18
C ARG A 93 -21.85 18.57 32.79
N ALA A 94 -21.32 17.85 31.79
CA ALA A 94 -21.77 18.02 30.42
C ALA A 94 -23.23 17.60 30.27
N ALA A 95 -23.58 16.47 30.88
CA ALA A 95 -24.95 15.96 30.82
C ALA A 95 -25.93 16.96 31.44
N GLN A 96 -25.54 17.54 32.57
CA GLN A 96 -26.39 18.51 33.25
C GLN A 96 -26.61 19.75 32.39
N GLU A 97 -25.53 20.28 31.80
CA GLU A 97 -25.69 21.47 30.97
C GLU A 97 -26.51 21.19 29.70
N ALA A 98 -26.38 19.98 29.15
CA ALA A 98 -27.13 19.64 27.94
C ALA A 98 -28.58 19.30 28.29
N ASN A 99 -28.83 19.08 29.58
CA ASN A 99 -30.16 18.75 30.08
C ASN A 99 -30.70 17.45 29.49
N ILE A 100 -29.95 16.38 29.65
CA ILE A 100 -30.38 15.08 29.17
C ILE A 100 -30.12 14.08 30.30
N CYS A 101 -30.53 12.83 30.10
CA CYS A 101 -30.34 11.84 31.14
C CYS A 101 -28.99 11.14 31.04
N TYR A 102 -28.29 11.08 32.16
CA TYR A 102 -26.98 10.44 32.24
C TYR A 102 -27.10 9.17 33.09
N VAL A 103 -26.99 8.01 32.45
CA VAL A 103 -27.05 6.75 33.18
C VAL A 103 -25.63 6.44 33.62
N ILE A 104 -25.40 6.42 34.93
CA ILE A 104 -24.09 6.15 35.48
C ILE A 104 -23.85 4.65 35.64
N SER A 105 -22.67 4.22 35.20
CA SER A 105 -22.28 2.82 35.26
C SER A 105 -22.03 2.32 36.67
N SER A 106 -22.22 1.02 36.85
CA SER A 106 -21.99 0.38 38.14
C SER A 106 -20.48 0.30 38.39
N TYR A 107 -19.68 0.53 37.35
CA TYR A 107 -18.24 0.48 37.48
C TYR A 107 -17.58 1.79 37.10
N ALA A 108 -18.01 2.86 37.74
CA ALA A 108 -17.47 4.19 37.48
C ALA A 108 -16.11 4.37 38.15
N SER A 109 -15.31 5.32 37.65
CA SER A 109 -14.00 5.59 38.21
C SER A 109 -14.11 6.38 39.51
N TYR A 110 -15.19 7.15 39.66
CA TYR A 110 -15.40 7.94 40.85
C TYR A 110 -16.66 7.46 41.57
N SER A 111 -16.73 7.77 42.86
CA SER A 111 -17.89 7.38 43.65
C SER A 111 -19.11 8.20 43.23
N LEU A 112 -20.29 7.66 43.49
CA LEU A 112 -21.52 8.35 43.14
C LEU A 112 -21.56 9.72 43.82
N GLU A 113 -21.08 9.78 45.07
CA GLU A 113 -21.06 11.05 45.81
C GLU A 113 -20.26 12.11 45.07
N ASP A 114 -19.05 11.77 44.65
CA ASP A 114 -18.20 12.72 43.93
C ASP A 114 -18.82 13.13 42.61
N ILE A 115 -19.45 12.18 41.92
CA ILE A 115 -20.07 12.48 40.64
C ILE A 115 -21.26 13.40 40.82
N VAL A 116 -22.14 13.08 41.75
CA VAL A 116 -23.32 13.91 41.99
C VAL A 116 -22.91 15.32 42.44
N ALA A 117 -21.88 15.38 43.28
CA ALA A 117 -21.39 16.67 43.78
C ALA A 117 -20.93 17.58 42.65
N ALA A 118 -20.33 17.00 41.62
CA ALA A 118 -19.82 17.77 40.49
C ALA A 118 -20.94 18.40 39.66
N ALA A 119 -22.13 17.79 39.68
CA ALA A 119 -23.28 18.30 38.93
C ALA A 119 -24.58 17.97 39.67
N PRO A 120 -24.83 18.67 40.79
CA PRO A 120 -26.01 18.52 41.65
C PRO A 120 -27.39 18.41 40.99
N GLU A 121 -27.70 19.29 40.05
CA GLU A 121 -29.00 19.27 39.38
C GLU A 121 -29.17 18.31 38.20
N GLY A 122 -28.13 17.57 37.85
CA GLY A 122 -28.23 16.67 36.72
C GLY A 122 -29.25 15.56 36.82
N PHE A 123 -29.95 15.32 35.71
CA PHE A 123 -30.94 14.26 35.65
C PHE A 123 -30.10 12.98 35.45
N ARG A 124 -30.30 11.97 36.29
CA ARG A 124 -29.51 10.78 36.12
C ARG A 124 -30.10 9.49 36.63
N TRP A 125 -29.77 8.39 35.96
CA TRP A 125 -30.23 7.07 36.34
C TRP A 125 -28.99 6.33 36.83
N PHE A 126 -29.19 5.19 37.47
CA PHE A 126 -28.09 4.40 37.96
C PHE A 126 -28.21 2.95 37.50
N GLN A 127 -27.16 2.49 36.82
CA GLN A 127 -27.10 1.12 36.32
C GLN A 127 -26.38 0.31 37.38
N LEU A 128 -27.11 -0.60 38.01
CA LEU A 128 -26.54 -1.40 39.09
C LEU A 128 -26.51 -2.90 38.79
N TYR A 129 -25.32 -3.48 38.80
CA TYR A 129 -25.17 -4.90 38.58
C TYR A 129 -25.47 -5.58 39.92
N MET A 130 -26.58 -6.29 39.98
CA MET A 130 -26.99 -6.97 41.19
C MET A 130 -26.02 -8.05 41.62
N LYS A 131 -25.82 -8.20 42.92
CA LYS A 131 -24.92 -9.21 43.46
C LYS A 131 -25.65 -10.18 44.39
N SER A 132 -24.94 -11.20 44.86
CA SER A 132 -25.50 -12.21 45.75
C SER A 132 -26.14 -11.67 47.01
N ASP A 133 -25.44 -10.75 47.68
CA ASP A 133 -25.89 -10.16 48.93
C ASP A 133 -27.08 -9.22 48.80
N TRP A 134 -28.22 -9.64 49.35
CA TRP A 134 -29.43 -8.82 49.28
C TRP A 134 -29.39 -7.66 50.27
N ASP A 135 -28.20 -7.42 50.80
CA ASP A 135 -27.99 -6.32 51.72
C ASP A 135 -27.12 -5.32 50.99
N PHE A 136 -26.11 -5.81 50.28
CA PHE A 136 -25.26 -4.91 49.49
C PHE A 136 -26.19 -4.28 48.46
N ASN A 137 -27.08 -5.10 47.92
CA ASN A 137 -28.03 -4.64 46.92
C ASN A 137 -28.96 -3.56 47.44
N LYS A 138 -29.67 -3.85 48.52
CA LYS A 138 -30.61 -2.87 49.05
C LYS A 138 -29.91 -1.62 49.57
N GLN A 139 -28.66 -1.77 50.03
CA GLN A 139 -27.93 -0.62 50.53
C GLN A 139 -27.46 0.25 49.37
N MET A 140 -27.16 -0.37 48.23
CA MET A 140 -26.74 0.36 47.05
C MET A 140 -27.95 1.10 46.50
N VAL A 141 -29.11 0.44 46.53
CA VAL A 141 -30.33 1.03 46.04
C VAL A 141 -30.73 2.23 46.91
N GLN A 142 -30.70 2.04 48.23
CA GLN A 142 -31.05 3.11 49.15
C GLN A 142 -30.07 4.27 48.99
N ARG A 143 -28.80 3.92 48.79
CA ARG A 143 -27.76 4.93 48.61
C ARG A 143 -28.04 5.72 47.33
N ALA A 144 -28.55 5.04 46.31
CA ALA A 144 -28.86 5.69 45.05
C ALA A 144 -30.04 6.63 45.24
N GLU A 145 -31.10 6.13 45.88
CA GLU A 145 -32.30 6.93 46.12
C GLU A 145 -31.91 8.18 46.89
N ALA A 146 -31.06 8.01 47.90
CA ALA A 146 -30.61 9.10 48.73
C ALA A 146 -29.87 10.16 47.91
N LEU A 147 -29.07 9.72 46.95
CA LEU A 147 -28.29 10.64 46.13
C LEU A 147 -29.07 11.34 45.02
N GLY A 148 -30.35 10.99 44.87
CA GLY A 148 -31.16 11.65 43.85
C GLY A 148 -31.36 10.98 42.51
N PHE A 149 -30.88 9.75 42.35
CA PHE A 149 -31.08 9.06 41.08
C PHE A 149 -32.58 8.79 40.91
N LYS A 150 -33.08 9.05 39.71
CA LYS A 150 -34.50 8.87 39.43
C LYS A 150 -34.93 7.56 38.78
N ALA A 151 -34.01 6.61 38.68
CA ALA A 151 -34.36 5.32 38.10
C ALA A 151 -33.22 4.34 38.26
N LEU A 152 -33.56 3.06 38.25
CA LEU A 152 -32.58 2.01 38.40
C LEU A 152 -32.53 1.21 37.11
N VAL A 153 -31.35 1.13 36.51
CA VAL A 153 -31.20 0.38 35.28
C VAL A 153 -30.59 -0.98 35.59
N ILE A 154 -31.27 -2.03 35.13
CA ILE A 154 -30.78 -3.38 35.35
C ILE A 154 -30.38 -3.94 34.00
N THR A 155 -29.08 -4.15 33.81
CA THR A 155 -28.57 -4.68 32.57
C THR A 155 -28.67 -6.21 32.67
N ILE A 156 -29.41 -6.80 31.75
CA ILE A 156 -29.64 -8.25 31.79
C ILE A 156 -28.85 -9.10 30.81
N ASP A 157 -28.10 -8.48 29.89
CA ASP A 157 -27.33 -9.26 28.91
C ASP A 157 -25.89 -9.53 29.30
N THR A 158 -25.60 -9.43 30.59
CA THR A 158 -24.23 -9.64 31.02
C THR A 158 -24.09 -10.56 32.24
N PRO A 159 -24.67 -11.77 32.16
CA PRO A 159 -24.57 -12.69 33.30
C PRO A 159 -23.10 -13.08 33.43
N VAL A 160 -22.36 -12.98 32.33
CA VAL A 160 -20.94 -13.26 32.31
C VAL A 160 -20.41 -12.27 31.26
N LEU A 161 -19.13 -11.94 31.32
CA LEU A 161 -18.56 -10.98 30.36
C LEU A 161 -18.35 -11.56 28.96
N GLY A 162 -18.54 -10.70 27.97
CA GLY A 162 -18.36 -11.08 26.58
C GLY A 162 -16.90 -11.39 26.28
N ASN A 163 -16.67 -12.15 25.23
CA ASN A 163 -15.32 -12.55 24.83
C ASN A 163 -14.70 -11.53 23.88
N ARG A 164 -13.98 -10.57 24.44
CA ARG A 164 -13.32 -9.53 23.66
C ARG A 164 -11.88 -9.94 23.37
N ARG A 165 -11.67 -10.51 22.19
CA ARG A 165 -10.35 -10.99 21.80
C ARG A 165 -9.23 -9.98 22.01
N ARG A 166 -9.44 -8.74 21.58
CA ARG A 166 -8.41 -7.70 21.73
C ARG A 166 -7.94 -7.56 23.16
N ASP A 167 -8.87 -7.39 24.09
CA ASP A 167 -8.49 -7.24 25.50
C ASP A 167 -7.63 -8.44 25.90
N LYS A 168 -8.07 -9.65 25.55
CA LYS A 168 -7.31 -10.86 25.89
C LYS A 168 -5.91 -10.85 25.28
N ARG A 169 -5.80 -10.53 23.99
CA ARG A 169 -4.50 -10.47 23.35
C ARG A 169 -3.61 -9.40 23.99
N ASN A 170 -4.22 -8.34 24.54
CA ASN A 170 -3.49 -7.27 25.22
C ASN A 170 -3.40 -7.62 26.71
N GLN A 171 -3.84 -8.83 27.04
CA GLN A 171 -3.82 -9.33 28.41
C GLN A 171 -4.37 -8.38 29.46
N LEU A 172 -5.29 -7.51 29.06
CA LEU A 172 -5.92 -6.54 29.96
C LEU A 172 -4.84 -5.66 30.59
N ASN A 173 -5.11 -5.19 31.80
CA ASN A 173 -4.24 -4.35 32.64
C ASN A 173 -4.79 -2.93 32.80
N LEU A 174 -6.09 -2.79 32.55
CA LEU A 174 -6.80 -1.52 32.62
C LEU A 174 -6.22 -0.52 33.61
N GLU A 175 -5.36 0.36 33.12
CA GLU A 175 -4.71 1.39 33.93
C GLU A 175 -5.14 2.79 33.53
N ALA A 176 -6.11 3.32 34.29
CA ALA A 176 -6.65 4.65 34.06
C ALA A 176 -5.63 5.70 34.49
N LYS A 181 -8.41 8.81 38.82
CA LYS A 181 -9.44 7.82 39.23
C LYS A 181 -9.29 7.44 40.70
N ASP A 182 -10.21 6.61 41.19
CA ASP A 182 -10.18 6.16 42.57
C ASP A 182 -10.64 4.71 42.65
N LEU A 183 -11.95 4.52 42.74
CA LEU A 183 -12.56 3.19 42.82
C LEU A 183 -11.88 2.25 41.82
N ARG A 184 -10.93 1.45 42.33
CA ARG A 184 -10.17 0.50 41.52
C ARG A 184 -11.00 -0.38 40.59
N ALA A 185 -10.38 -0.80 39.49
CA ALA A 185 -11.03 -1.66 38.50
C ALA A 185 -11.07 -3.09 39.01
N LEU A 186 -12.25 -3.69 39.04
CA LEU A 186 -12.40 -5.06 39.50
C LEU A 186 -11.52 -5.98 38.65
N LYS A 187 -10.61 -6.72 39.29
CA LYS A 187 -9.71 -7.64 38.58
C LYS A 187 -10.48 -8.44 37.54
N GLU A 188 -11.65 -8.92 37.95
CA GLU A 188 -12.52 -9.68 37.07
C GLU A 188 -13.88 -9.84 37.76
N ALA A 202 -22.82 -14.31 37.81
CA ALA A 202 -24.19 -13.78 38.04
C ALA A 202 -25.24 -14.89 37.93
N SER A 203 -26.24 -14.81 38.82
CA SER A 203 -27.31 -15.80 38.83
C SER A 203 -28.68 -15.12 38.85
N PHE A 204 -28.68 -13.80 38.70
CA PHE A 204 -29.90 -12.98 38.70
C PHE A 204 -30.91 -13.47 37.67
N CYS A 205 -32.15 -13.71 38.11
CA CYS A 205 -33.20 -14.18 37.22
C CYS A 205 -34.47 -13.35 37.40
N TRP A 206 -35.48 -13.63 36.58
CA TRP A 206 -36.75 -12.90 36.64
C TRP A 206 -37.38 -12.78 38.04
N ASN A 207 -37.37 -13.87 38.80
CA ASN A 207 -37.94 -13.85 40.15
C ASN A 207 -37.24 -12.88 41.07
N ASP A 208 -35.93 -12.70 40.89
CA ASP A 208 -35.16 -11.79 41.72
C ASP A 208 -35.64 -10.36 41.55
N LEU A 209 -36.31 -10.10 40.44
CA LEU A 209 -36.85 -8.76 40.17
C LEU A 209 -37.94 -8.39 41.13
N SER A 210 -38.91 -9.31 41.21
CA SER A 210 -40.07 -9.14 42.07
C SER A 210 -39.52 -8.78 43.44
N LEU A 211 -38.44 -9.46 43.82
CA LEU A 211 -37.79 -9.23 45.09
C LEU A 211 -37.14 -7.84 45.14
N LEU A 212 -36.40 -7.48 44.10
CA LEU A 212 -35.74 -6.18 44.04
C LEU A 212 -36.83 -5.10 43.99
N GLN A 213 -37.83 -5.31 43.15
CA GLN A 213 -38.93 -4.36 43.02
C GLN A 213 -39.60 -4.14 44.36
N SER A 214 -39.73 -5.23 45.12
CA SER A 214 -40.38 -5.15 46.42
C SER A 214 -39.47 -4.59 47.51
N ILE A 215 -38.39 -3.91 47.12
CA ILE A 215 -37.48 -3.32 48.10
C ILE A 215 -37.01 -1.92 47.67
N THR A 216 -37.56 -1.43 46.57
CA THR A 216 -37.25 -0.08 46.09
C THR A 216 -38.48 0.48 45.38
N ARG A 217 -38.63 1.78 45.45
CA ARG A 217 -39.75 2.45 44.81
C ARG A 217 -39.35 3.00 43.45
N LEU A 218 -38.04 3.18 43.25
CA LEU A 218 -37.51 3.71 41.99
C LEU A 218 -37.99 2.97 40.75
N PRO A 219 -38.30 3.72 39.65
CA PRO A 219 -38.73 2.99 38.45
C PRO A 219 -37.58 2.12 37.95
N ILE A 220 -37.90 0.95 37.44
CA ILE A 220 -36.88 0.04 36.94
C ILE A 220 -36.89 -0.10 35.44
N ILE A 221 -35.72 0.10 34.83
CA ILE A 221 -35.57 -0.01 33.39
C ILE A 221 -34.66 -1.19 33.07
N LEU A 222 -35.18 -2.13 32.28
CA LEU A 222 -34.41 -3.30 31.88
C LEU A 222 -33.64 -3.01 30.60
N LYS A 223 -32.33 -3.23 30.63
CA LYS A 223 -31.46 -2.96 29.49
C LYS A 223 -30.87 -4.22 28.86
N GLY A 224 -31.07 -4.38 27.56
CA GLY A 224 -30.54 -5.55 26.89
C GLY A 224 -31.57 -6.45 26.22
N ILE A 225 -32.85 -6.11 26.36
CA ILE A 225 -33.91 -6.90 25.76
C ILE A 225 -33.84 -6.83 24.23
N LEU A 226 -33.85 -7.99 23.58
CA LEU A 226 -33.76 -8.07 22.13
C LEU A 226 -34.94 -8.83 21.51
N THR A 227 -35.74 -9.48 22.35
CA THR A 227 -36.87 -10.27 21.86
C THR A 227 -38.23 -9.90 22.40
N LYS A 228 -39.28 -10.24 21.67
CA LYS A 228 -40.63 -9.96 22.12
C LYS A 228 -40.95 -10.83 23.33
N GLU A 229 -40.36 -12.03 23.39
CA GLU A 229 -40.59 -12.92 24.51
C GLU A 229 -40.15 -12.26 25.81
N ASP A 230 -38.94 -11.72 25.83
CA ASP A 230 -38.43 -11.05 27.03
C ASP A 230 -39.16 -9.73 27.28
N ALA A 231 -39.67 -9.11 26.22
CA ALA A 231 -40.41 -7.87 26.39
C ALA A 231 -41.73 -8.18 27.10
N GLU A 232 -42.33 -9.33 26.78
CA GLU A 232 -43.58 -9.74 27.42
C GLU A 232 -43.30 -9.99 28.91
N LEU A 233 -42.24 -10.74 29.20
CA LEU A 233 -41.88 -11.03 30.58
C LEU A 233 -41.61 -9.74 31.34
N ALA A 234 -41.01 -8.77 30.69
CA ALA A 234 -40.71 -7.51 31.34
C ALA A 234 -42.00 -6.85 31.79
N MET A 235 -43.02 -6.89 30.95
CA MET A 235 -44.29 -6.28 31.30
C MET A 235 -45.01 -7.07 32.40
N LYS A 236 -44.95 -8.39 32.34
CA LYS A 236 -45.58 -9.20 33.38
C LYS A 236 -44.96 -8.89 34.73
N HIS A 237 -43.70 -8.48 34.73
CA HIS A 237 -43.02 -8.15 35.98
C HIS A 237 -43.15 -6.68 36.31
N ASN A 238 -43.99 -5.98 35.55
CA ASN A 238 -44.27 -4.57 35.80
C ASN A 238 -43.09 -3.61 35.95
N VAL A 239 -42.14 -3.63 35.01
CA VAL A 239 -41.01 -2.71 35.06
C VAL A 239 -41.48 -1.43 34.38
N GLN A 240 -40.75 -0.33 34.58
CA GLN A 240 -41.14 0.95 34.00
C GLN A 240 -40.57 1.30 32.65
N GLY A 241 -39.66 0.48 32.13
CA GLY A 241 -39.08 0.79 30.84
C GLY A 241 -38.12 -0.26 30.33
N ILE A 242 -37.83 -0.20 29.03
CA ILE A 242 -36.94 -1.14 28.37
C ILE A 242 -35.97 -0.42 27.45
N VAL A 243 -34.69 -0.78 27.54
CA VAL A 243 -33.69 -0.22 26.64
C VAL A 243 -33.31 -1.38 25.74
N VAL A 244 -33.76 -1.33 24.49
CA VAL A 244 -33.44 -2.36 23.51
C VAL A 244 -31.96 -2.15 23.23
N SER A 245 -31.19 -3.21 23.42
CA SER A 245 -29.76 -3.11 23.25
C SER A 245 -29.08 -4.46 23.17
N ASN A 246 -27.94 -4.51 22.49
CA ASN A 246 -27.15 -5.72 22.40
C ASN A 246 -25.77 -5.43 23.01
N HIS A 247 -25.75 -4.45 23.92
CA HIS A 247 -24.51 -4.07 24.61
C HIS A 247 -23.41 -3.69 23.62
N GLY A 248 -23.80 -3.03 22.52
CA GLY A 248 -22.85 -2.62 21.52
C GLY A 248 -22.02 -3.72 20.89
N GLY A 249 -22.57 -4.93 20.86
CA GLY A 249 -21.86 -6.06 20.28
C GLY A 249 -20.67 -6.50 21.11
N ARG A 250 -20.66 -6.13 22.39
CA ARG A 250 -19.57 -6.50 23.30
C ARG A 250 -19.89 -7.76 24.11
N GLN A 251 -21.11 -8.28 23.96
CA GLN A 251 -21.53 -9.46 24.71
C GLN A 251 -21.79 -10.67 23.83
N LEU A 252 -23.06 -11.06 23.64
CA LEU A 252 -23.35 -12.20 22.78
C LEU A 252 -23.29 -11.64 21.36
N ASP A 253 -22.35 -12.10 20.56
CA ASP A 253 -22.24 -11.58 19.20
C ASP A 253 -23.16 -12.32 18.23
N GLU A 254 -23.38 -11.71 17.07
CA GLU A 254 -24.21 -12.28 16.03
C GLU A 254 -25.69 -12.32 16.37
N VAL A 255 -26.14 -11.37 17.18
CA VAL A 255 -27.55 -11.24 17.52
C VAL A 255 -28.01 -10.12 16.59
N SER A 256 -29.31 -9.79 16.61
CA SER A 256 -29.79 -8.72 15.75
C SER A 256 -29.26 -7.35 16.11
N ALA A 257 -29.24 -6.47 15.13
CA ALA A 257 -28.79 -5.12 15.35
C ALA A 257 -29.87 -4.54 16.26
N SER A 258 -29.49 -3.66 17.19
CA SER A 258 -30.45 -3.09 18.10
C SER A 258 -31.57 -2.32 17.38
N ILE A 259 -31.24 -1.60 16.32
CA ILE A 259 -32.28 -0.85 15.62
C ILE A 259 -33.29 -1.81 14.95
N ASP A 260 -32.84 -3.00 14.60
CA ASP A 260 -33.76 -3.98 14.00
C ASP A 260 -34.60 -4.67 15.09
N ALA A 261 -33.98 -5.05 16.20
CA ALA A 261 -34.67 -5.71 17.30
C ALA A 261 -35.75 -4.80 17.90
N LEU A 262 -35.52 -3.49 17.80
CA LEU A 262 -36.43 -2.49 18.31
C LEU A 262 -37.86 -2.73 17.82
N ARG A 263 -37.99 -3.09 16.55
CA ARG A 263 -39.31 -3.29 15.95
C ARG A 263 -40.17 -4.31 16.68
N GLU A 264 -39.66 -5.53 16.87
CA GLU A 264 -40.48 -6.55 17.51
C GLU A 264 -40.74 -6.23 18.98
N VAL A 265 -39.82 -5.52 19.62
CA VAL A 265 -40.01 -5.15 21.03
C VAL A 265 -41.10 -4.08 21.12
N VAL A 266 -41.06 -3.08 20.24
CA VAL A 266 -42.06 -2.03 20.24
C VAL A 266 -43.45 -2.62 19.93
N ALA A 267 -43.50 -3.53 18.98
CA ALA A 267 -44.77 -4.15 18.61
C ALA A 267 -45.38 -4.96 19.75
N ALA A 268 -44.53 -5.60 20.55
CA ALA A 268 -45.00 -6.41 21.67
C ALA A 268 -45.48 -5.56 22.83
N VAL A 269 -44.76 -4.48 23.11
CA VAL A 269 -45.08 -3.58 24.21
C VAL A 269 -46.35 -2.75 23.96
N LYS A 270 -46.65 -2.52 22.69
CA LYS A 270 -47.84 -1.75 22.31
C LYS A 270 -48.07 -0.47 23.11
N GLY A 271 -46.98 0.24 23.39
CA GLY A 271 -47.09 1.48 24.12
C GLY A 271 -47.36 1.41 25.61
N LYS A 272 -47.43 0.21 26.18
CA LYS A 272 -47.70 0.10 27.62
C LYS A 272 -46.64 0.80 28.45
N ILE A 273 -45.37 0.63 28.07
CA ILE A 273 -44.26 1.28 28.77
C ILE A 273 -43.28 1.86 27.74
N GLU A 274 -42.49 2.85 28.16
CA GLU A 274 -41.53 3.46 27.24
C GLU A 274 -40.42 2.50 26.86
N VAL A 275 -40.07 2.53 25.58
CA VAL A 275 -39.02 1.68 25.04
C VAL A 275 -37.94 2.58 24.45
N TYR A 276 -36.69 2.35 24.85
CA TYR A 276 -35.56 3.13 24.34
C TYR A 276 -34.60 2.18 23.63
N MET A 277 -33.50 2.72 23.10
CA MET A 277 -32.51 1.88 22.44
C MET A 277 -31.15 2.55 22.37
N ASP A 278 -30.13 1.72 22.19
CA ASP A 278 -28.76 2.19 22.02
C ASP A 278 -28.08 1.20 21.09
N GLY A 279 -26.90 1.55 20.60
CA GLY A 279 -26.20 0.66 19.70
C GLY A 279 -26.09 1.21 18.28
N GLY A 280 -24.95 1.83 17.99
CA GLY A 280 -24.72 2.37 16.65
C GLY A 280 -25.27 3.73 16.30
N VAL A 281 -25.84 4.46 17.26
CA VAL A 281 -26.38 5.78 16.95
C VAL A 281 -25.16 6.69 16.78
N ARG A 282 -25.03 7.30 15.61
CA ARG A 282 -23.89 8.16 15.32
C ARG A 282 -24.25 9.45 14.60
N THR A 283 -25.39 9.45 13.91
CA THR A 283 -25.80 10.63 13.17
C THR A 283 -27.28 10.96 13.39
N GLY A 284 -27.65 12.21 13.14
CA GLY A 284 -29.03 12.66 13.33
C GLY A 284 -30.12 11.71 12.87
N THR A 285 -30.06 11.29 11.61
CA THR A 285 -31.07 10.40 11.07
C THR A 285 -31.19 9.08 11.82
N ASP A 286 -30.12 8.63 12.49
CA ASP A 286 -30.21 7.39 13.27
C ASP A 286 -31.22 7.67 14.40
N VAL A 287 -31.08 8.82 15.06
CA VAL A 287 -31.98 9.20 16.14
C VAL A 287 -33.40 9.28 15.57
N LEU A 288 -33.54 9.96 14.43
CA LEU A 288 -34.83 10.11 13.76
C LEU A 288 -35.49 8.75 13.52
N LYS A 289 -34.71 7.80 13.00
CA LYS A 289 -35.23 6.47 12.69
C LYS A 289 -35.65 5.67 13.92
N ALA A 290 -34.89 5.79 15.01
CA ALA A 290 -35.25 5.06 16.21
C ALA A 290 -36.59 5.58 16.75
N LEU A 291 -36.77 6.89 16.73
CA LEU A 291 -38.00 7.53 17.19
C LEU A 291 -39.19 7.16 16.28
N ALA A 292 -38.97 7.21 14.97
CA ALA A 292 -40.02 6.87 14.03
C ALA A 292 -40.44 5.40 14.21
N LEU A 293 -39.50 4.57 14.65
CA LEU A 293 -39.76 3.15 14.84
C LEU A 293 -40.37 2.82 16.20
N GLY A 294 -40.61 3.84 17.02
CA GLY A 294 -41.23 3.57 18.31
C GLY A 294 -40.42 3.81 19.56
N ALA A 295 -39.14 4.16 19.42
CA ALA A 295 -38.33 4.41 20.61
C ALA A 295 -38.68 5.78 21.16
N ARG A 296 -38.64 5.92 22.48
CA ARG A 296 -38.93 7.19 23.15
C ARG A 296 -37.69 8.08 23.07
N CYS A 297 -36.52 7.44 23.08
CA CYS A 297 -35.26 8.16 22.96
C CYS A 297 -34.12 7.17 22.83
N ILE A 298 -32.94 7.67 22.46
CA ILE A 298 -31.79 6.78 22.29
C ILE A 298 -30.72 7.12 23.31
N PHE A 299 -29.83 6.17 23.55
CA PHE A 299 -28.72 6.37 24.46
C PHE A 299 -27.42 6.15 23.68
N LEU A 300 -26.39 6.90 24.05
CA LEU A 300 -25.09 6.82 23.39
C LEU A 300 -24.07 6.14 24.31
N GLY A 301 -23.33 5.20 23.73
CA GLY A 301 -22.31 4.51 24.49
C GLY A 301 -20.94 5.10 24.19
N ARG A 302 -20.25 4.51 23.22
CA ARG A 302 -18.90 4.95 22.86
C ARG A 302 -18.71 6.43 22.53
N PRO A 303 -19.62 7.04 21.77
CA PRO A 303 -19.44 8.46 21.44
C PRO A 303 -19.14 9.35 22.64
N ILE A 304 -19.74 9.04 23.79
CA ILE A 304 -19.51 9.83 24.99
C ILE A 304 -18.04 9.70 25.41
N LEU A 305 -17.51 8.49 25.33
CA LEU A 305 -16.12 8.28 25.69
C LEU A 305 -15.22 8.97 24.66
N TRP A 306 -15.57 8.93 23.38
CA TRP A 306 -14.76 9.61 22.37
C TRP A 306 -14.68 11.09 22.73
N GLY A 307 -15.83 11.65 23.12
CA GLY A 307 -15.89 13.06 23.47
C GLY A 307 -14.96 13.33 24.64
N LEU A 308 -15.02 12.48 25.66
CA LEU A 308 -14.16 12.66 26.81
C LEU A 308 -12.69 12.60 26.42
N ALA A 309 -12.33 11.62 25.59
CA ALA A 309 -10.94 11.44 25.19
C ALA A 309 -10.38 12.63 24.42
N CYS A 310 -11.24 13.31 23.67
CA CYS A 310 -10.80 14.45 22.89
C CYS A 310 -10.72 15.77 23.67
N LYS A 311 -11.79 16.15 24.38
CA LYS A 311 -11.78 17.43 25.10
C LYS A 311 -12.41 17.40 26.48
N GLY A 312 -12.43 16.26 27.14
CA GLY A 312 -13.04 16.19 28.46
C GLY A 312 -14.50 16.62 28.46
N GLU A 313 -14.90 17.42 29.46
CA GLU A 313 -16.28 17.90 29.56
C GLU A 313 -16.76 18.55 28.26
N ASP A 314 -15.93 19.44 27.70
CA ASP A 314 -16.30 20.12 26.47
C ASP A 314 -16.50 19.16 25.32
N GLY A 315 -15.80 18.03 25.37
CA GLY A 315 -15.94 17.05 24.30
C GLY A 315 -17.30 16.36 24.38
N VAL A 316 -17.67 15.93 25.57
CA VAL A 316 -18.94 15.27 25.76
C VAL A 316 -20.06 16.22 25.36
N LYS A 317 -19.95 17.48 25.79
CA LYS A 317 -20.96 18.48 25.47
C LYS A 317 -21.08 18.70 23.96
N GLU A 318 -19.95 18.71 23.28
CA GLU A 318 -19.94 18.92 21.84
C GLU A 318 -20.60 17.77 21.10
N VAL A 319 -20.32 16.54 21.55
CA VAL A 319 -20.92 15.36 20.93
C VAL A 319 -22.43 15.46 21.07
N LEU A 320 -22.90 15.80 22.27
CA LEU A 320 -24.34 15.94 22.50
C LEU A 320 -24.90 17.06 21.64
N ASP A 321 -24.23 18.21 21.61
CA ASP A 321 -24.72 19.35 20.82
C ASP A 321 -24.77 19.02 19.34
N ILE A 322 -23.74 18.33 18.86
CA ILE A 322 -23.69 17.98 17.44
C ILE A 322 -24.84 17.04 17.06
N LEU A 323 -25.03 15.95 17.80
CA LEU A 323 -26.09 15.01 17.47
C LEU A 323 -27.44 15.73 17.55
N THR A 324 -27.61 16.57 18.57
CA THR A 324 -28.85 17.32 18.71
C THR A 324 -29.04 18.23 17.50
N ALA A 325 -27.99 18.92 17.08
CA ALA A 325 -28.10 19.80 15.93
C ALA A 325 -28.49 19.00 14.68
N GLU A 326 -27.93 17.80 14.56
CA GLU A 326 -28.24 16.96 13.40
C GLU A 326 -29.69 16.49 13.41
N LEU A 327 -30.18 16.09 14.59
CA LEU A 327 -31.57 15.64 14.71
C LEU A 327 -32.46 16.83 14.33
N HIS A 328 -32.11 18.01 14.81
CA HIS A 328 -32.89 19.20 14.53
C HIS A 328 -32.93 19.44 13.02
N ARG A 329 -31.80 19.22 12.37
CA ARG A 329 -31.70 19.42 10.94
C ARG A 329 -32.46 18.39 10.12
N CYS A 330 -32.35 17.10 10.46
CA CYS A 330 -33.09 16.12 9.68
C CYS A 330 -34.60 16.20 9.96
N MET A 331 -34.97 16.65 11.15
CA MET A 331 -36.39 16.82 11.46
C MET A 331 -36.93 17.94 10.55
N THR A 332 -36.17 19.02 10.44
CA THR A 332 -36.55 20.15 9.59
C THR A 332 -36.68 19.70 8.13
N LEU A 333 -35.66 18.98 7.66
CA LEU A 333 -35.65 18.48 6.29
C LEU A 333 -36.74 17.45 5.99
N SER A 334 -37.00 16.53 6.91
CA SER A 334 -38.01 15.51 6.68
C SER A 334 -39.46 15.96 6.91
N GLY A 335 -39.64 17.11 7.54
CA GLY A 335 -40.98 17.63 7.79
C GLY A 335 -41.60 17.27 9.13
N CYS A 336 -40.76 17.15 10.17
CA CYS A 336 -41.22 16.82 11.50
C CYS A 336 -40.99 18.02 12.41
N GLN A 337 -42.08 18.71 12.75
CA GLN A 337 -42.01 19.89 13.59
C GLN A 337 -41.63 19.57 15.04
N SER A 338 -42.05 18.42 15.54
CA SER A 338 -41.74 18.04 16.92
C SER A 338 -41.51 16.56 17.03
N VAL A 339 -41.02 16.11 18.17
CA VAL A 339 -40.76 14.69 18.35
C VAL A 339 -42.05 13.89 18.17
N ALA A 340 -43.17 14.49 18.55
CA ALA A 340 -44.46 13.85 18.44
C ALA A 340 -44.86 13.61 16.99
N GLU A 341 -44.32 14.40 16.08
CA GLU A 341 -44.64 14.25 14.67
C GLU A 341 -43.76 13.26 13.89
N ILE A 342 -42.81 12.64 14.58
CA ILE A 342 -41.93 11.65 13.96
C ILE A 342 -42.66 10.31 13.99
N SER A 343 -43.14 9.86 12.83
CA SER A 343 -43.90 8.61 12.76
C SER A 343 -43.32 7.60 11.78
N PRO A 344 -43.79 6.34 11.85
CA PRO A 344 -43.32 5.29 10.95
C PRO A 344 -43.59 5.56 9.47
N ASP A 345 -44.38 6.58 9.17
CA ASP A 345 -44.66 6.92 7.77
C ASP A 345 -43.38 7.41 7.13
N LEU A 346 -42.45 7.80 8.00
CA LEU A 346 -41.15 8.32 7.61
C LEU A 346 -40.27 7.18 7.13
N ILE A 347 -40.59 5.96 7.55
CA ILE A 347 -39.80 4.78 7.20
C ILE A 347 -40.31 4.05 5.96
N GLN A 348 -39.40 3.72 5.06
CA GLN A 348 -39.76 2.99 3.85
C GLN A 348 -39.90 1.51 4.17
N PHE A 349 -41.10 0.95 3.97
CA PHE A 349 -41.31 -0.46 4.26
C PHE A 349 -41.38 -1.26 2.97
N PRO B 1 3.30 -23.47 -12.85
CA PRO B 1 2.63 -23.84 -14.12
C PRO B 1 1.22 -23.27 -14.21
N LEU B 2 0.61 -23.35 -15.39
CA LEU B 2 -0.75 -22.87 -15.59
C LEU B 2 -1.69 -24.05 -15.38
N VAL B 3 -2.44 -24.03 -14.28
CA VAL B 3 -3.33 -25.15 -13.96
C VAL B 3 -4.83 -24.91 -14.11
N CYS B 4 -5.22 -23.72 -14.53
CA CYS B 4 -6.63 -23.41 -14.70
C CYS B 4 -6.76 -22.23 -15.64
N LEU B 5 -7.98 -21.95 -16.10
CA LEU B 5 -8.17 -20.85 -17.03
C LEU B 5 -7.75 -19.51 -16.45
N ALA B 6 -7.97 -19.30 -15.15
CA ALA B 6 -7.59 -18.03 -14.52
C ALA B 6 -6.08 -17.79 -14.67
N ASP B 7 -5.30 -18.86 -14.55
CA ASP B 7 -3.86 -18.72 -14.70
C ASP B 7 -3.53 -18.27 -16.12
N PHE B 8 -4.26 -18.81 -17.11
CA PHE B 8 -3.99 -18.39 -18.48
C PHE B 8 -4.35 -16.93 -18.66
N LYS B 9 -5.36 -16.46 -17.91
CA LYS B 9 -5.76 -15.06 -18.02
C LYS B 9 -4.66 -14.16 -17.48
N ALA B 10 -4.20 -14.47 -16.27
CA ALA B 10 -3.15 -13.68 -15.61
C ALA B 10 -1.86 -13.67 -16.44
N HIS B 11 -1.51 -14.82 -16.99
CA HIS B 11 -0.30 -14.92 -17.77
C HIS B 11 -0.46 -14.28 -19.14
N ALA B 12 -1.64 -14.42 -19.74
CA ALA B 12 -1.89 -13.85 -21.06
C ALA B 12 -1.61 -12.36 -21.06
N GLN B 13 -2.06 -11.68 -20.02
CA GLN B 13 -1.87 -10.25 -19.90
C GLN B 13 -0.43 -9.80 -20.15
N LYS B 14 0.52 -10.44 -19.47
CA LYS B 14 1.93 -10.09 -19.62
C LYS B 14 2.50 -10.17 -21.05
N GLN B 15 2.17 -11.23 -21.78
CA GLN B 15 2.68 -11.37 -23.15
C GLN B 15 2.01 -10.44 -24.16
N LEU B 16 1.10 -9.59 -23.69
CA LEU B 16 0.40 -8.68 -24.59
C LEU B 16 0.48 -7.22 -24.18
N SER B 17 0.50 -6.34 -25.17
CA SER B 17 0.55 -4.90 -24.91
C SER B 17 -0.78 -4.49 -24.28
N LYS B 18 -0.77 -3.44 -23.46
CA LYS B 18 -2.00 -2.97 -22.82
C LYS B 18 -3.08 -2.74 -23.86
N THR B 19 -2.68 -2.26 -25.04
CA THR B 19 -3.62 -1.99 -26.11
C THR B 19 -4.40 -3.25 -26.48
N SER B 20 -3.66 -4.33 -26.74
CA SER B 20 -4.26 -5.61 -27.13
C SER B 20 -5.00 -6.30 -25.99
N TRP B 21 -4.48 -6.17 -24.77
CA TRP B 21 -5.11 -6.79 -23.62
C TRP B 21 -6.43 -6.11 -23.34
N ASP B 22 -6.46 -4.78 -23.44
CA ASP B 22 -7.67 -4.01 -23.19
C ASP B 22 -8.74 -4.35 -24.23
N PHE B 23 -8.30 -4.62 -25.45
CA PHE B 23 -9.22 -4.97 -26.52
C PHE B 23 -9.83 -6.33 -26.26
N ILE B 24 -9.06 -7.24 -25.70
CA ILE B 24 -9.56 -8.59 -25.40
C ILE B 24 -10.51 -8.55 -24.19
N GLU B 25 -10.33 -7.56 -23.32
CA GLU B 25 -11.20 -7.39 -22.15
C GLU B 25 -12.42 -6.65 -22.68
N GLY B 26 -12.16 -5.46 -23.21
CA GLY B 26 -13.17 -4.61 -23.80
C GLY B 26 -14.56 -4.52 -23.19
N GLU B 27 -14.65 -4.40 -21.88
CA GLU B 27 -15.97 -4.28 -21.27
C GLU B 27 -16.57 -2.95 -21.74
N ALA B 28 -17.86 -2.95 -22.03
CA ALA B 28 -18.52 -1.73 -22.50
C ALA B 28 -18.97 -0.84 -21.34
N ASP B 29 -18.87 0.47 -21.56
CA ASP B 29 -19.29 1.47 -20.58
C ASP B 29 -18.82 1.22 -19.14
N ASP B 30 -19.74 1.10 -18.20
CA ASP B 30 -19.38 0.88 -16.79
C ASP B 30 -18.88 -0.55 -16.48
N GLY B 31 -18.95 -1.44 -17.47
CA GLY B 31 -18.47 -2.80 -17.29
C GLY B 31 -19.20 -3.65 -16.28
N ILE B 32 -20.51 -3.46 -16.18
CA ILE B 32 -21.31 -4.22 -15.22
C ILE B 32 -21.53 -5.67 -15.63
N THR B 33 -21.93 -5.89 -16.88
CA THR B 33 -22.20 -7.25 -17.35
C THR B 33 -20.97 -8.16 -17.41
N TYR B 34 -19.83 -7.59 -17.79
CA TYR B 34 -18.60 -8.36 -17.86
C TYR B 34 -18.39 -9.11 -16.54
N SER B 35 -18.49 -8.41 -15.42
CA SER B 35 -18.28 -9.00 -14.09
C SER B 35 -19.44 -9.91 -13.68
N GLU B 36 -20.65 -9.44 -13.97
CA GLU B 36 -21.85 -10.18 -13.64
C GLU B 36 -21.88 -11.56 -14.31
N ASN B 37 -21.31 -11.66 -15.50
CA ASN B 37 -21.31 -12.95 -16.18
C ASN B 37 -20.66 -14.00 -15.29
N ILE B 38 -19.63 -13.61 -14.55
CA ILE B 38 -18.96 -14.54 -13.66
C ILE B 38 -19.71 -14.69 -12.34
N ALA B 39 -20.04 -13.56 -11.72
CA ALA B 39 -20.75 -13.58 -10.44
C ALA B 39 -22.04 -14.41 -10.51
N ALA B 40 -22.77 -14.28 -11.61
CA ALA B 40 -24.01 -15.02 -11.79
C ALA B 40 -23.79 -16.53 -11.69
N PHE B 41 -22.67 -17.02 -12.21
CA PHE B 41 -22.32 -18.44 -12.14
C PHE B 41 -21.99 -18.87 -10.71
N LYS B 42 -21.20 -18.04 -10.02
CA LYS B 42 -20.78 -18.35 -8.66
C LYS B 42 -21.92 -18.42 -7.64
N ARG B 43 -23.00 -17.67 -7.88
CA ARG B 43 -24.16 -17.65 -6.97
C ARG B 43 -24.94 -18.95 -6.94
N ILE B 44 -24.98 -19.66 -8.06
CA ILE B 44 -25.74 -20.89 -8.17
C ILE B 44 -25.15 -22.02 -7.32
N ARG B 45 -26.01 -22.64 -6.51
CA ARG B 45 -25.59 -23.72 -5.64
C ARG B 45 -25.91 -25.10 -6.24
N LEU B 46 -24.96 -26.03 -6.10
CA LEU B 46 -25.11 -27.37 -6.64
C LEU B 46 -25.59 -28.37 -5.59
N ARG B 47 -26.37 -29.35 -6.03
CA ARG B 47 -26.91 -30.38 -5.14
C ARG B 47 -26.39 -31.73 -5.61
N PRO B 48 -25.22 -32.16 -5.10
CA PRO B 48 -24.63 -33.44 -5.52
C PRO B 48 -25.36 -34.67 -5.00
N ARG B 49 -25.25 -35.77 -5.74
CA ARG B 49 -25.85 -37.04 -5.35
C ARG B 49 -24.68 -38.02 -5.29
N TYR B 50 -24.38 -38.50 -4.08
CA TYR B 50 -23.24 -39.40 -3.89
C TYR B 50 -23.57 -40.89 -3.86
N LEU B 51 -22.51 -41.68 -3.79
CA LEU B 51 -22.56 -43.13 -3.74
C LEU B 51 -23.20 -43.80 -4.97
N ARG B 52 -23.03 -43.18 -6.12
CA ARG B 52 -23.54 -43.73 -7.37
C ARG B 52 -22.27 -44.25 -8.05
N ASP B 53 -22.40 -45.23 -8.93
CA ASP B 53 -21.24 -45.77 -9.62
C ASP B 53 -20.76 -44.80 -10.71
N MET B 54 -19.66 -44.12 -10.44
CA MET B 54 -19.09 -43.15 -11.36
C MET B 54 -17.80 -43.63 -11.98
N SER B 55 -17.67 -44.94 -12.14
CA SER B 55 -16.47 -45.53 -12.71
C SER B 55 -16.30 -45.13 -14.18
N LYS B 56 -17.41 -44.88 -14.87
CA LYS B 56 -17.37 -44.49 -16.28
C LYS B 56 -18.14 -43.19 -16.48
N VAL B 57 -17.43 -42.07 -16.60
CA VAL B 57 -18.08 -40.79 -16.81
C VAL B 57 -17.87 -40.39 -18.26
N ASP B 58 -18.99 -40.22 -18.98
CA ASP B 58 -18.94 -39.85 -20.39
C ASP B 58 -19.19 -38.36 -20.55
N THR B 59 -18.25 -37.68 -21.20
CA THR B 59 -18.36 -36.24 -21.37
C THR B 59 -18.80 -35.81 -22.78
N ARG B 60 -19.01 -36.78 -23.65
CA ARG B 60 -19.42 -36.51 -25.03
C ARG B 60 -20.88 -36.11 -25.20
N THR B 61 -21.16 -35.45 -26.32
CA THR B 61 -22.51 -35.01 -26.66
C THR B 61 -22.50 -34.63 -28.14
N THR B 62 -23.63 -34.14 -28.64
CA THR B 62 -23.70 -33.73 -30.04
C THR B 62 -24.39 -32.38 -30.16
N ILE B 63 -24.03 -31.62 -31.19
CA ILE B 63 -24.67 -30.35 -31.46
C ILE B 63 -24.94 -30.35 -32.96
N GLN B 64 -26.21 -30.16 -33.32
CA GLN B 64 -26.61 -30.18 -34.72
C GLN B 64 -26.24 -31.55 -35.29
N GLY B 65 -26.51 -32.59 -34.51
CA GLY B 65 -26.21 -33.95 -34.91
C GLY B 65 -24.75 -34.38 -34.91
N GLN B 66 -23.83 -33.42 -34.84
CA GLN B 66 -22.39 -33.73 -34.84
C GLN B 66 -21.86 -34.02 -33.43
N GLU B 67 -21.10 -35.10 -33.29
CA GLU B 67 -20.54 -35.48 -31.98
C GLU B 67 -19.28 -34.68 -31.67
N ILE B 68 -19.10 -34.39 -30.38
CA ILE B 68 -17.92 -33.67 -29.92
C ILE B 68 -17.45 -34.25 -28.60
N SER B 69 -16.15 -34.08 -28.31
CA SER B 69 -15.52 -34.58 -27.08
C SER B 69 -16.23 -34.16 -25.81
N ALA B 70 -16.63 -32.89 -25.76
CA ALA B 70 -17.31 -32.34 -24.59
C ALA B 70 -18.15 -31.15 -25.01
N PRO B 71 -19.14 -30.75 -24.19
CA PRO B 71 -20.01 -29.61 -24.52
C PRO B 71 -19.25 -28.29 -24.34
N ILE B 72 -17.99 -28.28 -24.76
CA ILE B 72 -17.12 -27.11 -24.65
C ILE B 72 -16.59 -26.73 -26.03
N CYS B 73 -17.05 -25.60 -26.56
CA CYS B 73 -16.61 -25.16 -27.89
C CYS B 73 -16.08 -23.73 -27.93
N ILE B 74 -15.59 -23.34 -29.10
CA ILE B 74 -15.01 -22.02 -29.28
C ILE B 74 -15.96 -21.02 -29.91
N SER B 75 -16.28 -19.97 -29.16
CA SER B 75 -17.17 -18.92 -29.67
C SER B 75 -16.37 -18.05 -30.62
N PRO B 76 -17.06 -17.38 -31.57
CA PRO B 76 -16.34 -16.51 -32.51
C PRO B 76 -15.63 -15.33 -31.85
N THR B 77 -14.35 -15.14 -32.15
CA THR B 77 -13.58 -14.03 -31.62
C THR B 77 -12.65 -13.54 -32.71
N ALA B 78 -12.72 -12.25 -33.01
CA ALA B 78 -11.91 -11.66 -34.07
C ALA B 78 -10.41 -11.58 -33.82
N PHE B 79 -9.68 -11.41 -34.92
CA PHE B 79 -8.23 -11.25 -34.96
C PHE B 79 -7.36 -12.04 -33.97
N HIS B 80 -7.30 -13.36 -34.15
CA HIS B 80 -6.48 -14.17 -33.26
C HIS B 80 -4.99 -13.83 -33.35
N SER B 81 -4.61 -13.09 -34.39
CA SER B 81 -3.20 -12.72 -34.57
C SER B 81 -2.66 -11.74 -33.53
N ILE B 82 -3.54 -11.09 -32.77
CA ILE B 82 -3.06 -10.16 -31.77
C ILE B 82 -2.57 -10.94 -30.55
N ALA B 83 -2.90 -12.22 -30.50
CA ALA B 83 -2.50 -13.08 -29.39
C ALA B 83 -1.39 -14.07 -29.76
N TRP B 84 -1.34 -14.47 -31.02
CA TRP B 84 -0.32 -15.40 -31.50
C TRP B 84 -0.19 -15.22 -33.01
N PRO B 85 1.05 -15.15 -33.52
CA PRO B 85 1.33 -14.97 -34.95
C PRO B 85 0.53 -15.88 -35.88
N ASP B 86 0.43 -17.15 -35.53
CA ASP B 86 -0.31 -18.14 -36.32
C ASP B 86 -1.81 -17.88 -36.34
N GLY B 87 -2.27 -17.02 -35.45
CA GLY B 87 -3.69 -16.70 -35.39
C GLY B 87 -4.62 -17.90 -35.39
N GLU B 88 -5.68 -17.80 -36.19
CA GLU B 88 -6.69 -18.86 -36.27
C GLU B 88 -6.15 -20.22 -36.71
N LYS B 89 -5.01 -20.25 -37.40
CA LYS B 89 -4.47 -21.53 -37.82
C LYS B 89 -4.13 -22.38 -36.60
N SER B 90 -3.53 -21.79 -35.57
CA SER B 90 -3.21 -22.54 -34.36
C SER B 90 -4.51 -22.96 -33.68
N THR B 91 -5.47 -22.06 -33.64
CA THR B 91 -6.76 -22.33 -33.02
C THR B 91 -7.42 -23.53 -33.70
N ALA B 92 -7.47 -23.46 -35.04
CA ALA B 92 -8.08 -24.52 -35.82
C ALA B 92 -7.49 -25.89 -35.50
N ARG B 93 -6.16 -25.97 -35.51
CA ARG B 93 -5.49 -27.24 -35.22
C ARG B 93 -5.87 -27.75 -33.84
N ALA B 94 -5.82 -26.86 -32.85
CA ALA B 94 -6.15 -27.24 -31.48
C ALA B 94 -7.59 -27.74 -31.41
N ALA B 95 -8.50 -27.00 -32.03
CA ALA B 95 -9.91 -27.39 -32.02
C ALA B 95 -10.11 -28.76 -32.68
N GLN B 96 -9.41 -29.00 -33.78
CA GLN B 96 -9.53 -30.26 -34.47
C GLN B 96 -9.09 -31.42 -33.58
N GLU B 97 -7.92 -31.28 -32.96
CA GLU B 97 -7.42 -32.35 -32.09
C GLU B 97 -8.30 -32.58 -30.86
N ALA B 98 -8.90 -31.52 -30.33
CA ALA B 98 -9.76 -31.63 -29.15
C ALA B 98 -11.13 -32.16 -29.56
N ASN B 99 -11.39 -32.17 -30.86
CA ASN B 99 -12.65 -32.65 -31.43
C ASN B 99 -13.88 -31.91 -30.90
N ILE B 100 -13.87 -30.59 -31.00
CA ILE B 100 -15.00 -29.77 -30.57
C ILE B 100 -15.27 -28.82 -31.70
N CYS B 101 -16.34 -28.05 -31.58
CA CYS B 101 -16.70 -27.11 -32.62
C CYS B 101 -15.97 -25.79 -32.50
N TYR B 102 -15.45 -25.31 -33.62
CA TYR B 102 -14.75 -24.04 -33.65
C TYR B 102 -15.50 -23.06 -34.54
N VAL B 103 -16.12 -22.06 -33.93
CA VAL B 103 -16.85 -21.05 -34.68
C VAL B 103 -15.88 -19.94 -35.07
N ILE B 104 -15.62 -19.84 -36.36
CA ILE B 104 -14.68 -18.84 -36.87
C ILE B 104 -15.33 -17.48 -37.03
N SER B 105 -14.63 -16.46 -36.56
CA SER B 105 -15.10 -15.08 -36.63
C SER B 105 -15.15 -14.55 -38.05
N SER B 106 -16.01 -13.55 -38.24
CA SER B 106 -16.17 -12.91 -39.53
C SER B 106 -14.97 -11.99 -39.76
N TYR B 107 -14.22 -11.72 -38.69
CA TYR B 107 -13.07 -10.85 -38.78
C TYR B 107 -11.77 -11.54 -38.37
N ALA B 108 -11.51 -12.70 -38.96
CA ALA B 108 -10.30 -13.45 -38.66
C ALA B 108 -9.04 -12.80 -39.25
N SER B 109 -7.88 -13.18 -38.73
CA SER B 109 -6.61 -12.63 -39.22
C SER B 109 -6.23 -13.32 -40.52
N TYR B 110 -6.63 -14.58 -40.67
CA TYR B 110 -6.32 -15.35 -41.87
C TYR B 110 -7.58 -15.66 -42.66
N SER B 111 -7.40 -15.94 -43.94
CA SER B 111 -8.53 -16.27 -44.80
C SER B 111 -9.09 -17.63 -44.39
N LEU B 112 -10.35 -17.88 -44.71
CA LEU B 112 -10.97 -19.15 -44.38
C LEU B 112 -10.20 -20.30 -45.04
N GLU B 113 -9.65 -20.05 -46.22
CA GLU B 113 -8.91 -21.08 -46.94
C GLU B 113 -7.68 -21.51 -46.13
N ASP B 114 -6.88 -20.54 -45.72
CA ASP B 114 -5.68 -20.83 -44.93
C ASP B 114 -6.03 -21.55 -43.63
N ILE B 115 -7.12 -21.12 -43.00
CA ILE B 115 -7.53 -21.71 -41.74
C ILE B 115 -7.94 -23.16 -41.93
N VAL B 116 -8.84 -23.40 -42.89
CA VAL B 116 -9.30 -24.77 -43.16
C VAL B 116 -8.14 -25.67 -43.58
N ALA B 117 -7.22 -25.10 -44.36
CA ALA B 117 -6.06 -25.85 -44.84
C ALA B 117 -5.22 -26.35 -43.67
N ALA B 118 -5.11 -25.52 -42.64
CA ALA B 118 -4.33 -25.87 -41.46
C ALA B 118 -4.93 -27.04 -40.67
N ALA B 119 -6.24 -27.20 -40.76
CA ALA B 119 -6.92 -28.28 -40.03
C ALA B 119 -8.15 -28.80 -40.80
N PRO B 120 -7.90 -29.49 -41.92
CA PRO B 120 -8.91 -30.08 -42.81
C PRO B 120 -10.12 -30.76 -42.17
N GLU B 121 -9.88 -31.70 -41.25
CA GLU B 121 -10.99 -32.43 -40.61
C GLU B 121 -11.72 -31.73 -39.47
N GLY B 122 -11.32 -30.50 -39.14
CA GLY B 122 -11.97 -29.79 -38.05
C GLY B 122 -13.44 -29.45 -38.21
N PHE B 123 -14.19 -29.70 -37.15
CA PHE B 123 -15.63 -29.39 -37.11
C PHE B 123 -15.70 -27.89 -36.89
N ARG B 124 -16.35 -27.17 -37.78
CA ARG B 124 -16.41 -25.72 -37.61
C ARG B 124 -17.65 -25.03 -38.17
N TRP B 125 -18.02 -23.93 -37.53
CA TRP B 125 -19.16 -23.12 -37.95
C TRP B 125 -18.55 -21.80 -38.37
N PHE B 126 -19.33 -20.99 -39.08
CA PHE B 126 -18.85 -19.70 -39.54
C PHE B 126 -19.79 -18.57 -39.09
N GLN B 127 -19.23 -17.59 -38.40
CA GLN B 127 -20.01 -16.45 -37.93
C GLN B 127 -19.83 -15.38 -38.99
N LEU B 128 -20.92 -15.05 -39.67
CA LEU B 128 -20.87 -14.06 -40.73
C LEU B 128 -21.70 -12.82 -40.45
N TYR B 129 -21.06 -11.66 -40.47
CA TYR B 129 -21.78 -10.41 -40.27
C TYR B 129 -22.34 -10.02 -41.63
N MET B 130 -23.66 -10.08 -41.75
CA MET B 130 -24.34 -9.76 -43.00
C MET B 130 -24.12 -8.31 -43.42
N LYS B 131 -24.02 -8.08 -44.72
CA LYS B 131 -23.83 -6.73 -45.25
C LYS B 131 -24.99 -6.40 -46.21
N SER B 132 -24.95 -5.24 -46.85
CA SER B 132 -26.04 -4.82 -47.73
C SER B 132 -26.19 -5.53 -49.07
N ASP B 133 -25.08 -5.77 -49.75
CA ASP B 133 -25.09 -6.43 -51.06
C ASP B 133 -25.35 -7.94 -50.89
N TRP B 134 -26.53 -8.39 -51.32
CA TRP B 134 -26.86 -9.80 -51.18
C TRP B 134 -26.08 -10.72 -52.12
N ASP B 135 -25.11 -10.16 -52.81
CA ASP B 135 -24.27 -10.95 -53.70
C ASP B 135 -23.10 -11.36 -52.85
N PHE B 136 -22.52 -10.39 -52.17
CA PHE B 136 -21.38 -10.66 -51.29
C PHE B 136 -21.84 -11.67 -50.25
N ASN B 137 -22.99 -11.40 -49.65
CA ASN B 137 -23.54 -12.28 -48.63
C ASN B 137 -23.68 -13.72 -49.14
N LYS B 138 -24.35 -13.90 -50.28
CA LYS B 138 -24.53 -15.24 -50.81
C LYS B 138 -23.21 -15.86 -51.28
N GLN B 139 -22.26 -15.03 -51.70
CA GLN B 139 -20.99 -15.55 -52.14
C GLN B 139 -20.17 -16.01 -50.93
N MET B 140 -20.32 -15.31 -49.81
CA MET B 140 -19.61 -15.68 -48.59
C MET B 140 -20.20 -16.98 -48.06
N VAL B 141 -21.52 -17.11 -48.15
CA VAL B 141 -22.22 -18.30 -47.69
C VAL B 141 -21.81 -19.51 -48.54
N GLN B 142 -21.83 -19.34 -49.86
CA GLN B 142 -21.45 -20.43 -50.76
C GLN B 142 -19.99 -20.80 -50.54
N ARG B 143 -19.17 -19.78 -50.28
CA ARG B 143 -17.75 -19.99 -50.04
C ARG B 143 -17.56 -20.79 -48.75
N ALA B 144 -18.43 -20.54 -47.77
CA ALA B 144 -18.36 -21.26 -46.51
C ALA B 144 -18.79 -22.70 -46.69
N GLU B 145 -19.91 -22.90 -47.40
CA GLU B 145 -20.44 -24.23 -47.66
C GLU B 145 -19.40 -25.05 -48.40
N ALA B 146 -18.72 -24.40 -49.34
CA ALA B 146 -17.69 -25.05 -50.14
C ALA B 146 -16.52 -25.50 -49.27
N LEU B 147 -16.15 -24.67 -48.30
CA LEU B 147 -15.04 -24.96 -47.42
C LEU B 147 -15.31 -25.97 -46.31
N GLY B 148 -16.54 -26.49 -46.24
CA GLY B 148 -16.85 -27.49 -45.24
C GLY B 148 -17.52 -27.05 -43.94
N PHE B 149 -17.78 -25.76 -43.78
CA PHE B 149 -18.43 -25.29 -42.57
C PHE B 149 -19.81 -25.90 -42.47
N LYS B 150 -20.14 -26.43 -41.30
CA LYS B 150 -21.43 -27.10 -41.07
C LYS B 150 -22.55 -26.28 -40.46
N ALA B 151 -22.36 -24.97 -40.34
CA ALA B 151 -23.40 -24.11 -39.79
C ALA B 151 -23.04 -22.65 -39.93
N LEU B 152 -24.06 -21.81 -39.99
CA LEU B 152 -23.85 -20.37 -40.15
C LEU B 152 -24.33 -19.72 -38.86
N VAL B 153 -23.47 -18.90 -38.26
CA VAL B 153 -23.84 -18.21 -37.03
C VAL B 153 -24.08 -16.75 -37.32
N ILE B 154 -25.26 -16.27 -36.94
CA ILE B 154 -25.60 -14.87 -37.14
C ILE B 154 -25.64 -14.20 -35.77
N THR B 155 -24.75 -13.22 -35.58
CA THR B 155 -24.69 -12.50 -34.32
C THR B 155 -25.60 -11.30 -34.43
N ILE B 156 -26.63 -11.29 -33.60
CA ILE B 156 -27.65 -10.24 -33.63
C ILE B 156 -27.50 -9.08 -32.66
N ASP B 157 -26.61 -9.18 -31.69
CA ASP B 157 -26.47 -8.11 -30.71
C ASP B 157 -25.43 -7.06 -31.05
N THR B 158 -25.05 -6.98 -32.32
CA THR B 158 -24.04 -6.02 -32.72
C THR B 158 -24.39 -5.17 -33.94
N PRO B 159 -25.57 -4.51 -33.93
CA PRO B 159 -25.94 -3.67 -35.07
C PRO B 159 -24.95 -2.52 -35.17
N VAL B 160 -24.36 -2.18 -34.03
CA VAL B 160 -23.37 -1.13 -33.94
C VAL B 160 -22.40 -1.62 -32.85
N LEU B 161 -21.17 -1.13 -32.84
CA LEU B 161 -20.20 -1.57 -31.85
C LEU B 161 -20.41 -1.00 -30.47
N GLY B 162 -20.15 -1.83 -29.46
CA GLY B 162 -20.28 -1.39 -28.07
C GLY B 162 -19.29 -0.29 -27.75
N ASN B 163 -19.56 0.46 -26.70
CA ASN B 163 -18.69 1.57 -26.29
C ASN B 163 -17.60 1.11 -25.30
N ARG B 164 -16.46 0.69 -25.83
CA ARG B 164 -15.37 0.22 -25.00
C ARG B 164 -14.43 1.37 -24.67
N ARG B 165 -14.62 1.95 -23.49
CA ARG B 165 -13.83 3.10 -23.04
C ARG B 165 -12.32 2.92 -23.17
N ARG B 166 -11.82 1.76 -22.79
CA ARG B 166 -10.39 1.49 -22.86
C ARG B 166 -9.86 1.67 -24.27
N ASP B 167 -10.47 0.98 -25.23
CA ASP B 167 -10.02 1.10 -26.62
C ASP B 167 -9.99 2.59 -27.01
N LYS B 168 -11.04 3.33 -26.67
CA LYS B 168 -11.10 4.75 -27.01
C LYS B 168 -9.97 5.56 -26.38
N ARG B 169 -9.71 5.33 -25.10
CA ARG B 169 -8.64 6.06 -24.42
C ARG B 169 -7.29 5.70 -25.01
N ASN B 170 -7.16 4.48 -25.53
CA ASN B 170 -5.91 4.02 -26.16
C ASN B 170 -5.98 4.36 -27.66
N GLN B 171 -7.03 5.07 -28.04
CA GLN B 171 -7.26 5.50 -29.41
C GLN B 171 -7.14 4.41 -30.47
N LEU B 172 -7.48 3.18 -30.13
CA LEU B 172 -7.40 2.07 -31.07
C LEU B 172 -5.97 1.95 -31.61
N ASN B 173 -5.86 1.49 -32.86
CA ASN B 173 -4.62 1.28 -33.62
C ASN B 173 -4.23 -0.19 -33.64
N LEU B 174 -5.24 -1.06 -33.53
CA LEU B 174 -5.05 -2.51 -33.51
C LEU B 174 -3.95 -2.98 -34.46
N GLU B 175 -2.76 -3.19 -33.92
CA GLU B 175 -1.61 -3.65 -34.68
C GLU B 175 -1.15 -5.04 -34.24
N ALA B 176 -1.54 -6.05 -35.02
CA ALA B 176 -1.18 -7.43 -34.71
C ALA B 176 0.23 -7.72 -35.25
N ALA B 185 -7.30 -5.31 -40.51
CA ALA B 185 -8.32 -4.92 -39.49
C ALA B 185 -9.14 -3.74 -40.00
N LEU B 186 -10.44 -3.95 -40.21
CA LEU B 186 -11.32 -2.90 -40.68
C LEU B 186 -11.11 -1.65 -39.81
N LYS B 187 -11.05 -0.48 -40.42
CA LYS B 187 -10.84 0.78 -39.72
C LYS B 187 -11.73 0.94 -38.49
N ALA B 202 -25.24 -1.57 -39.52
CA ALA B 202 -26.06 -2.78 -39.78
C ALA B 202 -27.56 -2.45 -39.75
N SER B 203 -28.31 -3.07 -40.66
CA SER B 203 -29.74 -2.85 -40.74
C SER B 203 -30.50 -4.18 -40.78
N PHE B 204 -29.75 -5.27 -40.60
CA PHE B 204 -30.30 -6.63 -40.61
C PHE B 204 -31.47 -6.79 -39.63
N CYS B 205 -32.60 -7.28 -40.12
CA CYS B 205 -33.78 -7.49 -39.27
C CYS B 205 -34.37 -8.88 -39.48
N TRP B 206 -35.40 -9.21 -38.71
CA TRP B 206 -36.02 -10.52 -38.79
C TRP B 206 -36.43 -10.98 -40.20
N ASN B 207 -36.99 -10.07 -40.99
CA ASN B 207 -37.40 -10.42 -42.34
C ASN B 207 -36.23 -10.84 -43.23
N ASP B 208 -35.08 -10.24 -43.01
CA ASP B 208 -33.90 -10.58 -43.80
C ASP B 208 -33.51 -12.04 -43.62
N LEU B 209 -33.97 -12.64 -42.53
CA LEU B 209 -33.67 -14.05 -42.24
C LEU B 209 -34.32 -14.95 -43.27
N SER B 210 -35.59 -14.71 -43.55
CA SER B 210 -36.35 -15.50 -44.51
C SER B 210 -35.54 -15.64 -45.79
N LEU B 211 -34.88 -14.57 -46.16
CA LEU B 211 -34.06 -14.54 -47.35
C LEU B 211 -32.80 -15.40 -47.22
N LEU B 212 -31.93 -15.06 -46.28
CA LEU B 212 -30.69 -15.81 -46.07
C LEU B 212 -30.98 -17.31 -46.10
N GLN B 213 -32.09 -17.72 -45.49
CA GLN B 213 -32.49 -19.13 -45.43
C GLN B 213 -32.72 -19.73 -46.83
N SER B 214 -33.08 -18.87 -47.78
CA SER B 214 -33.34 -19.30 -49.14
C SER B 214 -32.06 -19.52 -49.94
N ILE B 215 -31.00 -18.83 -49.55
CA ILE B 215 -29.73 -18.93 -50.24
C ILE B 215 -28.67 -19.80 -49.58
N THR B 216 -29.10 -20.69 -48.69
CA THR B 216 -28.19 -21.59 -48.02
C THR B 216 -28.94 -22.76 -47.41
N ARG B 217 -28.28 -23.91 -47.37
CA ARG B 217 -28.88 -25.11 -46.81
C ARG B 217 -28.28 -25.40 -45.44
N LEU B 218 -27.33 -24.55 -45.04
CA LEU B 218 -26.67 -24.68 -43.74
C LEU B 218 -27.60 -24.26 -42.61
N PRO B 219 -27.57 -24.98 -41.49
CA PRO B 219 -28.43 -24.61 -40.36
C PRO B 219 -27.98 -23.24 -39.86
N ILE B 220 -28.95 -22.42 -39.42
CA ILE B 220 -28.63 -21.09 -38.93
C ILE B 220 -28.77 -20.98 -37.41
N ILE B 221 -27.72 -20.48 -36.76
CA ILE B 221 -27.71 -20.31 -35.32
C ILE B 221 -27.67 -18.83 -34.98
N LEU B 222 -28.66 -18.36 -34.24
CA LEU B 222 -28.72 -16.96 -33.83
C LEU B 222 -27.93 -16.77 -32.53
N LYS B 223 -27.00 -15.82 -32.53
CA LYS B 223 -26.16 -15.57 -31.34
C LYS B 223 -26.42 -14.20 -30.73
N GLY B 224 -26.74 -14.19 -29.44
CA GLY B 224 -26.98 -12.93 -28.75
C GLY B 224 -28.37 -12.76 -28.17
N ILE B 225 -29.21 -13.77 -28.31
CA ILE B 225 -30.57 -13.69 -27.79
C ILE B 225 -30.51 -13.70 -26.27
N LEU B 226 -31.27 -12.81 -25.64
CA LEU B 226 -31.30 -12.70 -24.19
C LEU B 226 -32.70 -12.77 -23.60
N THR B 227 -33.71 -12.65 -24.46
CA THR B 227 -35.11 -12.64 -24.00
C THR B 227 -35.98 -13.75 -24.59
N LYS B 228 -37.08 -14.05 -23.92
CA LYS B 228 -38.00 -15.08 -24.41
C LYS B 228 -38.73 -14.55 -25.65
N GLU B 229 -38.90 -13.24 -25.73
CA GLU B 229 -39.57 -12.64 -26.88
C GLU B 229 -38.76 -12.90 -28.15
N ASP B 230 -37.45 -12.67 -28.08
CA ASP B 230 -36.59 -12.90 -29.23
C ASP B 230 -36.38 -14.37 -29.49
N ALA B 231 -36.57 -15.20 -28.47
CA ALA B 231 -36.43 -16.64 -28.65
C ALA B 231 -37.64 -17.14 -29.43
N GLU B 232 -38.82 -16.55 -29.15
CA GLU B 232 -40.06 -16.91 -29.84
C GLU B 232 -39.90 -16.55 -31.32
N LEU B 233 -39.50 -15.31 -31.59
CA LEU B 233 -39.29 -14.86 -32.95
C LEU B 233 -38.31 -15.75 -33.69
N ALA B 234 -37.29 -16.21 -32.98
CA ALA B 234 -36.28 -17.08 -33.57
C ALA B 234 -36.94 -18.35 -34.08
N MET B 235 -37.82 -18.93 -33.28
CA MET B 235 -38.51 -20.16 -33.66
C MET B 235 -39.52 -19.92 -34.80
N LYS B 236 -40.20 -18.78 -34.79
CA LYS B 236 -41.16 -18.48 -35.84
C LYS B 236 -40.46 -18.36 -37.19
N HIS B 237 -39.19 -17.98 -37.17
CA HIS B 237 -38.40 -17.85 -38.39
C HIS B 237 -37.60 -19.11 -38.70
N ASN B 238 -37.95 -20.18 -38.00
CA ASN B 238 -37.35 -21.49 -38.18
C ASN B 238 -35.82 -21.55 -38.29
N VAL B 239 -35.11 -21.06 -37.27
CA VAL B 239 -33.65 -21.13 -37.27
C VAL B 239 -33.33 -22.44 -36.55
N GLN B 240 -32.12 -22.96 -36.72
CA GLN B 240 -31.76 -24.25 -36.11
C GLN B 240 -31.19 -24.23 -34.69
N GLY B 241 -30.80 -23.05 -34.21
CA GLY B 241 -30.25 -22.97 -32.87
C GLY B 241 -30.06 -21.56 -32.35
N ILE B 242 -29.92 -21.47 -31.03
CA ILE B 242 -29.72 -20.18 -30.36
C ILE B 242 -28.52 -20.22 -29.40
N VAL B 243 -27.72 -19.17 -29.43
CA VAL B 243 -26.58 -19.06 -28.51
C VAL B 243 -26.96 -17.91 -27.58
N VAL B 244 -27.36 -18.24 -26.35
CA VAL B 244 -27.72 -17.20 -25.40
C VAL B 244 -26.39 -16.52 -25.07
N SER B 245 -26.34 -15.22 -25.29
CA SER B 245 -25.10 -14.50 -25.04
C SER B 245 -25.32 -13.00 -24.97
N ASN B 246 -24.42 -12.31 -24.27
CA ASN B 246 -24.49 -10.87 -24.17
C ASN B 246 -23.18 -10.31 -24.72
N HIS B 247 -22.57 -11.10 -25.58
CA HIS B 247 -21.32 -10.71 -26.25
C HIS B 247 -20.22 -10.41 -25.21
N GLY B 248 -20.24 -11.16 -24.10
CA GLY B 248 -19.24 -10.96 -23.06
C GLY B 248 -19.23 -9.58 -22.41
N GLY B 249 -20.37 -8.89 -22.45
CA GLY B 249 -20.44 -7.58 -21.83
C GLY B 249 -19.69 -6.52 -22.63
N ARG B 250 -19.46 -6.81 -23.90
CA ARG B 250 -18.75 -5.87 -24.77
C ARG B 250 -19.70 -5.01 -25.62
N GLN B 251 -21.00 -5.31 -25.57
CA GLN B 251 -21.98 -4.55 -26.35
C GLN B 251 -22.90 -3.68 -25.48
N LEU B 252 -24.17 -4.07 -25.34
CA LEU B 252 -25.08 -3.30 -24.49
C LEU B 252 -24.75 -3.75 -23.07
N ASP B 253 -24.31 -2.83 -22.23
CA ASP B 253 -23.97 -3.21 -20.87
C ASP B 253 -25.19 -3.14 -19.95
N GLU B 254 -25.09 -3.79 -18.80
CA GLU B 254 -26.14 -3.82 -17.79
C GLU B 254 -27.36 -4.64 -18.18
N VAL B 255 -27.14 -5.68 -18.97
CA VAL B 255 -28.21 -6.60 -19.36
C VAL B 255 -27.99 -7.79 -18.45
N SER B 256 -28.87 -8.77 -18.48
CA SER B 256 -28.71 -9.93 -17.63
C SER B 256 -27.44 -10.73 -17.96
N ALA B 257 -26.98 -11.50 -16.98
CA ALA B 257 -25.82 -12.35 -17.18
C ALA B 257 -26.33 -13.46 -18.09
N SER B 258 -25.50 -13.91 -19.01
CA SER B 258 -25.91 -14.96 -19.95
C SER B 258 -26.41 -16.21 -19.25
N ILE B 259 -25.78 -16.62 -18.17
CA ILE B 259 -26.23 -17.83 -17.47
C ILE B 259 -27.61 -17.62 -16.85
N ASP B 260 -27.97 -16.35 -16.60
CA ASP B 260 -29.28 -16.08 -16.01
C ASP B 260 -30.34 -15.98 -17.11
N ALA B 261 -29.98 -15.35 -18.22
CA ALA B 261 -30.88 -15.21 -19.35
C ALA B 261 -31.20 -16.58 -19.94
N LEU B 262 -30.25 -17.51 -19.78
CA LEU B 262 -30.39 -18.87 -20.29
C LEU B 262 -31.73 -19.49 -19.88
N ARG B 263 -32.10 -19.32 -18.61
CA ARG B 263 -33.33 -19.91 -18.08
C ARG B 263 -34.63 -19.58 -18.83
N GLU B 264 -34.88 -18.30 -19.09
CA GLU B 264 -36.11 -17.93 -19.78
C GLU B 264 -36.08 -18.32 -21.26
N VAL B 265 -34.90 -18.33 -21.86
CA VAL B 265 -34.79 -18.72 -23.27
C VAL B 265 -35.06 -20.21 -23.40
N VAL B 266 -34.50 -20.99 -22.48
CA VAL B 266 -34.71 -22.43 -22.49
C VAL B 266 -36.18 -22.74 -22.23
N ALA B 267 -36.80 -22.01 -21.30
CA ALA B 267 -38.21 -22.21 -20.95
C ALA B 267 -39.16 -21.90 -22.11
N ALA B 268 -38.81 -20.90 -22.92
CA ALA B 268 -39.64 -20.50 -24.05
C ALA B 268 -39.48 -21.49 -25.21
N VAL B 269 -38.25 -21.90 -25.47
CA VAL B 269 -37.94 -22.83 -26.55
C VAL B 269 -38.51 -24.23 -26.34
N LYS B 270 -38.68 -24.62 -25.08
CA LYS B 270 -39.23 -25.93 -24.76
C LYS B 270 -38.64 -27.09 -25.55
N GLY B 271 -37.33 -27.06 -25.77
CA GLY B 271 -36.67 -28.14 -26.47
C GLY B 271 -36.89 -28.25 -27.97
N LYS B 272 -37.60 -27.29 -28.58
CA LYS B 272 -37.83 -27.36 -30.02
C LYS B 272 -36.52 -27.33 -30.79
N ILE B 273 -35.59 -26.47 -30.36
CA ILE B 273 -34.28 -26.35 -31.00
C ILE B 273 -33.20 -26.29 -29.92
N GLU B 274 -31.97 -26.60 -30.31
CA GLU B 274 -30.85 -26.57 -29.36
C GLU B 274 -30.49 -25.16 -28.92
N VAL B 275 -30.30 -24.99 -27.62
CA VAL B 275 -29.93 -23.70 -27.05
C VAL B 275 -28.55 -23.84 -26.42
N TYR B 276 -27.64 -22.94 -26.76
CA TYR B 276 -26.28 -22.93 -26.22
C TYR B 276 -26.07 -21.59 -25.50
N MET B 277 -24.90 -21.40 -24.91
CA MET B 277 -24.57 -20.15 -24.23
C MET B 277 -23.08 -19.93 -24.09
N ASP B 278 -22.72 -18.67 -23.90
CA ASP B 278 -21.34 -18.30 -23.67
C ASP B 278 -21.38 -17.12 -22.72
N GLY B 279 -20.22 -16.70 -22.21
CA GLY B 279 -20.18 -15.57 -21.30
C GLY B 279 -19.87 -15.95 -19.87
N GLY B 280 -18.59 -15.83 -19.51
CA GLY B 280 -18.19 -16.13 -18.15
C GLY B 280 -17.86 -17.57 -17.78
N VAL B 281 -17.89 -18.48 -18.75
CA VAL B 281 -17.55 -19.89 -18.45
C VAL B 281 -16.04 -19.92 -18.20
N ARG B 282 -15.64 -20.38 -17.03
CA ARG B 282 -14.20 -20.42 -16.69
C ARG B 282 -13.78 -21.70 -15.98
N THR B 283 -14.74 -22.37 -15.34
CA THR B 283 -14.42 -23.59 -14.62
C THR B 283 -15.44 -24.71 -14.90
N GLY B 284 -15.04 -25.94 -14.58
CA GLY B 284 -15.89 -27.08 -14.81
C GLY B 284 -17.35 -26.97 -14.39
N THR B 285 -17.60 -26.52 -13.16
CA THR B 285 -18.96 -26.41 -12.68
C THR B 285 -19.79 -25.41 -13.49
N ASP B 286 -19.13 -24.44 -14.10
CA ASP B 286 -19.87 -23.46 -14.90
C ASP B 286 -20.53 -24.23 -16.04
N VAL B 287 -19.75 -25.11 -16.66
CA VAL B 287 -20.23 -25.92 -17.77
C VAL B 287 -21.38 -26.79 -17.25
N LEU B 288 -21.14 -27.44 -16.13
CA LEU B 288 -22.13 -28.31 -15.50
C LEU B 288 -23.45 -27.57 -15.31
N LYS B 289 -23.36 -26.35 -14.79
CA LYS B 289 -24.54 -25.53 -14.53
C LYS B 289 -25.31 -25.12 -15.78
N ALA B 290 -24.59 -24.75 -16.84
CA ALA B 290 -25.24 -24.35 -18.07
C ALA B 290 -26.03 -25.55 -18.63
N LEU B 291 -25.43 -26.73 -18.56
CA LEU B 291 -26.06 -27.96 -19.05
C LEU B 291 -27.26 -28.35 -18.20
N ALA B 292 -27.12 -28.26 -16.89
CA ALA B 292 -28.22 -28.62 -16.02
C ALA B 292 -29.41 -27.68 -16.26
N LEU B 293 -29.09 -26.43 -16.63
CA LEU B 293 -30.09 -25.40 -16.87
C LEU B 293 -30.73 -25.46 -18.26
N GLY B 294 -30.31 -26.43 -19.07
CA GLY B 294 -30.90 -26.57 -20.38
C GLY B 294 -30.05 -26.31 -21.62
N ALA B 295 -28.82 -25.82 -21.44
CA ALA B 295 -27.95 -25.56 -22.59
C ALA B 295 -27.42 -26.87 -23.15
N ARG B 296 -27.29 -26.94 -24.48
CA ARG B 296 -26.79 -28.14 -25.14
C ARG B 296 -25.29 -28.21 -24.98
N CYS B 297 -24.65 -27.04 -24.96
CA CYS B 297 -23.22 -26.94 -24.76
C CYS B 297 -22.87 -25.47 -24.57
N ILE B 298 -21.62 -25.18 -24.21
CA ILE B 298 -21.22 -23.79 -24.00
C ILE B 298 -20.09 -23.45 -24.95
N PHE B 299 -19.87 -22.15 -25.14
CA PHE B 299 -18.80 -21.69 -26.01
C PHE B 299 -17.87 -20.78 -25.21
N LEU B 300 -16.59 -20.81 -25.54
CA LEU B 300 -15.60 -20.01 -24.85
C LEU B 300 -15.14 -18.85 -25.74
N GLY B 301 -15.08 -17.66 -25.16
CA GLY B 301 -14.61 -16.49 -25.90
C GLY B 301 -13.17 -16.15 -25.56
N ARG B 302 -12.99 -15.30 -24.54
CA ARG B 302 -11.66 -14.87 -24.10
C ARG B 302 -10.65 -15.96 -23.75
N PRO B 303 -11.07 -17.00 -23.01
CA PRO B 303 -10.15 -18.09 -22.64
C PRO B 303 -9.34 -18.64 -23.81
N ILE B 304 -9.96 -18.70 -24.99
CA ILE B 304 -9.27 -19.22 -26.17
C ILE B 304 -8.14 -18.28 -26.54
N LEU B 305 -8.38 -16.98 -26.43
CA LEU B 305 -7.35 -16.00 -26.76
C LEU B 305 -6.24 -16.02 -25.72
N TRP B 306 -6.59 -16.27 -24.46
CA TRP B 306 -5.60 -16.35 -23.38
C TRP B 306 -4.69 -17.53 -23.70
N GLY B 307 -5.30 -18.63 -24.14
CA GLY B 307 -4.54 -19.83 -24.49
C GLY B 307 -3.55 -19.53 -25.61
N LEU B 308 -4.01 -18.82 -26.63
CA LEU B 308 -3.13 -18.48 -27.75
C LEU B 308 -1.99 -17.60 -27.28
N ALA B 309 -2.32 -16.56 -26.52
CA ALA B 309 -1.30 -15.63 -26.04
C ALA B 309 -0.18 -16.32 -25.28
N CYS B 310 -0.53 -17.34 -24.50
CA CYS B 310 0.46 -18.05 -23.70
C CYS B 310 1.32 -19.07 -24.44
N LYS B 311 0.69 -20.01 -25.15
CA LYS B 311 1.45 -21.06 -25.86
C LYS B 311 0.94 -21.41 -27.27
N GLY B 312 0.30 -20.47 -27.95
CA GLY B 312 -0.20 -20.75 -29.29
C GLY B 312 -1.15 -21.93 -29.32
N GLU B 313 -0.98 -22.80 -30.30
CA GLU B 313 -1.84 -23.98 -30.45
C GLU B 313 -1.90 -24.81 -29.17
N ASP B 314 -0.74 -25.05 -28.56
CA ASP B 314 -0.69 -25.83 -27.33
C ASP B 314 -1.49 -25.17 -26.21
N GLY B 315 -1.53 -23.84 -26.23
CA GLY B 315 -2.27 -23.10 -25.23
C GLY B 315 -3.77 -23.34 -25.35
N VAL B 316 -4.28 -23.16 -26.56
CA VAL B 316 -5.71 -23.37 -26.81
C VAL B 316 -6.09 -24.80 -26.41
N LYS B 317 -5.26 -25.76 -26.82
CA LYS B 317 -5.51 -27.16 -26.53
C LYS B 317 -5.54 -27.40 -25.02
N GLU B 318 -4.62 -26.77 -24.31
CA GLU B 318 -4.56 -26.92 -22.86
C GLU B 318 -5.83 -26.36 -22.20
N VAL B 319 -6.24 -25.18 -22.64
CA VAL B 319 -7.45 -24.57 -22.10
C VAL B 319 -8.64 -25.51 -22.28
N LEU B 320 -8.77 -26.09 -23.47
CA LEU B 320 -9.87 -27.01 -23.74
C LEU B 320 -9.76 -28.28 -22.91
N ASP B 321 -8.56 -28.82 -22.79
CA ASP B 321 -8.34 -30.05 -22.02
C ASP B 321 -8.62 -29.82 -20.53
N ILE B 322 -8.15 -28.68 -20.03
CA ILE B 322 -8.35 -28.36 -18.62
C ILE B 322 -9.85 -28.24 -18.31
N LEU B 323 -10.56 -27.44 -19.09
CA LEU B 323 -12.00 -27.30 -18.86
C LEU B 323 -12.70 -28.65 -18.96
N THR B 324 -12.28 -29.48 -19.92
CA THR B 324 -12.88 -30.79 -20.10
C THR B 324 -12.61 -31.65 -18.88
N ALA B 325 -11.35 -31.64 -18.43
CA ALA B 325 -10.98 -32.43 -17.26
C ALA B 325 -11.82 -32.00 -16.04
N GLU B 326 -12.04 -30.70 -15.88
CA GLU B 326 -12.84 -30.20 -14.76
C GLU B 326 -14.31 -30.64 -14.86
N LEU B 327 -14.89 -30.56 -16.05
CA LEU B 327 -16.28 -31.00 -16.26
C LEU B 327 -16.38 -32.48 -15.86
N HIS B 328 -15.41 -33.25 -16.32
CA HIS B 328 -15.36 -34.67 -16.04
C HIS B 328 -15.29 -34.90 -14.53
N ARG B 329 -14.54 -34.04 -13.84
CA ARG B 329 -14.38 -34.17 -12.40
C ARG B 329 -15.65 -33.79 -11.63
N CYS B 330 -16.25 -32.65 -11.95
CA CYS B 330 -17.46 -32.28 -11.20
C CYS B 330 -18.63 -33.21 -11.54
N MET B 331 -18.61 -33.80 -12.73
CA MET B 331 -19.67 -34.74 -13.10
C MET B 331 -19.52 -35.95 -12.22
N THR B 332 -18.26 -36.37 -12.03
CA THR B 332 -17.96 -37.52 -11.20
C THR B 332 -18.40 -37.24 -9.77
N LEU B 333 -18.01 -36.08 -9.26
CA LEU B 333 -18.34 -35.67 -7.90
C LEU B 333 -19.84 -35.48 -7.67
N SER B 334 -20.52 -34.84 -8.61
CA SER B 334 -21.95 -34.58 -8.47
C SER B 334 -22.86 -35.78 -8.76
N GLY B 335 -22.31 -36.81 -9.40
CA GLY B 335 -23.09 -38.00 -9.69
C GLY B 335 -23.76 -38.08 -11.05
N CYS B 336 -23.14 -37.45 -12.04
CA CYS B 336 -23.65 -37.44 -13.41
C CYS B 336 -22.74 -38.31 -14.26
N GLN B 337 -23.22 -39.50 -14.62
CA GLN B 337 -22.44 -40.43 -15.42
C GLN B 337 -22.26 -39.96 -16.87
N SER B 338 -23.23 -39.23 -17.39
CA SER B 338 -23.14 -38.75 -18.76
C SER B 338 -23.81 -37.40 -18.88
N VAL B 339 -23.57 -36.72 -20.00
CA VAL B 339 -24.16 -35.42 -20.23
C VAL B 339 -25.68 -35.49 -20.12
N ALA B 340 -26.26 -36.62 -20.53
CA ALA B 340 -27.70 -36.81 -20.47
C ALA B 340 -28.21 -36.88 -19.04
N GLU B 341 -27.33 -37.20 -18.09
CA GLU B 341 -27.74 -37.28 -16.69
C GLU B 341 -27.58 -35.97 -15.91
N ILE B 342 -27.21 -34.90 -16.61
CA ILE B 342 -27.05 -33.60 -15.96
C ILE B 342 -28.40 -32.92 -16.02
N SER B 343 -29.11 -32.89 -14.89
CA SER B 343 -30.45 -32.30 -14.83
C SER B 343 -30.58 -31.11 -13.88
N PRO B 344 -31.69 -30.36 -13.98
CA PRO B 344 -31.91 -29.21 -13.10
C PRO B 344 -32.09 -29.60 -11.63
N ASP B 345 -32.14 -30.90 -11.34
CA ASP B 345 -32.27 -31.35 -9.95
C ASP B 345 -30.95 -31.03 -9.25
N LEU B 346 -29.94 -30.79 -10.07
CA LEU B 346 -28.58 -30.48 -9.64
C LEU B 346 -28.49 -29.04 -9.15
N ILE B 347 -29.43 -28.21 -9.61
CA ILE B 347 -29.48 -26.80 -9.26
C ILE B 347 -30.37 -26.52 -8.05
N GLN B 348 -29.88 -25.68 -7.14
CA GLN B 348 -30.62 -25.31 -5.94
C GLN B 348 -31.58 -24.17 -6.28
N PHE B 349 -32.88 -24.42 -6.19
CA PHE B 349 -33.86 -23.38 -6.48
C PHE B 349 -34.42 -22.78 -5.19
N PRO C 1 -7.35 10.85 -23.70
CA PRO C 1 -8.45 11.85 -23.85
C PRO C 1 -9.60 11.53 -22.90
N LEU C 2 -10.54 12.46 -22.78
CA LEU C 2 -11.71 12.26 -21.91
C LEU C 2 -12.81 11.68 -22.80
N VAL C 3 -13.14 10.41 -22.57
CA VAL C 3 -14.13 9.73 -23.41
C VAL C 3 -15.49 9.42 -22.79
N CYS C 4 -15.67 9.76 -21.52
CA CYS C 4 -16.94 9.50 -20.84
C CYS C 4 -17.05 10.48 -19.71
N LEU C 5 -18.21 10.53 -19.05
CA LEU C 5 -18.37 11.49 -17.96
C LEU C 5 -17.43 11.21 -16.79
N ALA C 6 -17.19 9.94 -16.52
CA ALA C 6 -16.28 9.51 -15.44
C ALA C 6 -14.90 10.16 -15.61
N ASP C 7 -14.41 10.22 -16.85
CA ASP C 7 -13.12 10.83 -17.11
C ASP C 7 -13.15 12.30 -16.78
N PHE C 8 -14.27 12.97 -17.07
CA PHE C 8 -14.38 14.38 -16.76
C PHE C 8 -14.36 14.60 -15.26
N LYS C 9 -14.93 13.64 -14.52
CA LYS C 9 -14.96 13.74 -13.06
C LYS C 9 -13.53 13.63 -12.52
N ALA C 10 -12.81 12.62 -12.98
CA ALA C 10 -11.44 12.38 -12.54
C ALA C 10 -10.54 13.55 -12.88
N HIS C 11 -10.70 14.10 -14.07
CA HIS C 11 -9.86 15.20 -14.50
C HIS C 11 -10.26 16.51 -13.83
N ALA C 12 -11.56 16.72 -13.62
CA ALA C 12 -12.06 17.95 -13.00
C ALA C 12 -11.41 18.15 -11.64
N GLN C 13 -11.31 17.08 -10.87
CA GLN C 13 -10.74 17.14 -9.56
C GLN C 13 -9.38 17.87 -9.56
N LYS C 14 -8.49 17.45 -10.44
CA LYS C 14 -7.16 18.06 -10.52
C LYS C 14 -7.12 19.57 -10.76
N GLN C 15 -7.94 20.09 -11.67
CA GLN C 15 -7.93 21.52 -11.93
C GLN C 15 -8.61 22.35 -10.85
N LEU C 16 -9.05 21.69 -9.78
CA LEU C 16 -9.74 22.38 -8.69
C LEU C 16 -9.13 22.14 -7.31
N SER C 17 -9.20 23.16 -6.47
CA SER C 17 -8.69 23.07 -5.11
C SER C 17 -9.60 22.13 -4.32
N LYS C 18 -9.03 21.39 -3.37
CA LYS C 18 -9.81 20.46 -2.56
C LYS C 18 -11.06 21.14 -2.00
N THR C 19 -10.92 22.42 -1.68
CA THR C 19 -12.03 23.18 -1.14
C THR C 19 -13.19 23.18 -2.13
N SER C 20 -12.91 23.59 -3.36
CA SER C 20 -13.92 23.65 -4.41
C SER C 20 -14.41 22.27 -4.87
N TRP C 21 -13.51 21.29 -4.88
CA TRP C 21 -13.88 19.95 -5.30
C TRP C 21 -14.83 19.32 -4.28
N ASP C 22 -14.50 19.48 -3.00
CA ASP C 22 -15.32 18.95 -1.92
C ASP C 22 -16.69 19.59 -1.95
N PHE C 23 -16.76 20.86 -2.36
CA PHE C 23 -18.04 21.55 -2.40
C PHE C 23 -18.92 21.02 -3.54
N ILE C 24 -18.29 20.63 -4.64
CA ILE C 24 -19.02 20.09 -5.78
C ILE C 24 -19.47 18.67 -5.50
N GLU C 25 -18.75 17.99 -4.60
CA GLU C 25 -19.09 16.63 -4.20
C GLU C 25 -20.17 16.78 -3.13
N GLY C 26 -19.79 17.47 -2.07
CA GLY C 26 -20.67 17.76 -0.95
C GLY C 26 -21.73 16.77 -0.49
N GLU C 27 -21.37 15.50 -0.33
CA GLU C 27 -22.35 14.52 0.15
C GLU C 27 -22.71 14.89 1.60
N ALA C 28 -23.98 14.75 1.95
CA ALA C 28 -24.43 15.08 3.30
C ALA C 28 -24.22 13.95 4.29
N ASP C 29 -23.82 14.32 5.51
CA ASP C 29 -23.62 13.37 6.59
C ASP C 29 -22.80 12.14 6.20
N ASP C 30 -23.35 10.92 6.38
CA ASP C 30 -22.60 9.69 6.04
C ASP C 30 -22.47 9.43 4.54
N GLY C 31 -23.03 10.32 3.74
CA GLY C 31 -22.94 10.19 2.28
C GLY C 31 -23.49 8.93 1.68
N ILE C 32 -24.59 8.44 2.22
CA ILE C 32 -25.22 7.22 1.73
C ILE C 32 -25.94 7.39 0.39
N THR C 33 -26.75 8.43 0.28
CA THR C 33 -27.53 8.66 -0.94
C THR C 33 -26.69 9.02 -2.16
N TYR C 34 -25.62 9.79 -1.95
CA TYR C 34 -24.74 10.16 -3.05
C TYR C 34 -24.34 8.89 -3.83
N SER C 35 -23.83 7.89 -3.12
CA SER C 35 -23.39 6.64 -3.73
C SER C 35 -24.54 5.80 -4.27
N GLU C 36 -25.61 5.76 -3.51
CA GLU C 36 -26.80 5.00 -3.86
C GLU C 36 -27.43 5.47 -5.17
N ASN C 37 -27.37 6.78 -5.45
CA ASN C 37 -27.94 7.28 -6.70
C ASN C 37 -27.32 6.56 -7.88
N ILE C 38 -26.04 6.18 -7.77
CA ILE C 38 -25.38 5.49 -8.86
C ILE C 38 -25.62 4.00 -8.80
N ALA C 39 -25.47 3.42 -7.62
CA ALA C 39 -25.68 1.98 -7.48
C ALA C 39 -27.10 1.57 -7.86
N ALA C 40 -28.08 2.43 -7.58
CA ALA C 40 -29.48 2.12 -7.90
C ALA C 40 -29.66 1.95 -9.41
N PHE C 41 -28.95 2.78 -10.18
CA PHE C 41 -29.01 2.69 -11.64
C PHE C 41 -28.36 1.38 -12.09
N LYS C 42 -27.19 1.08 -11.55
CA LYS C 42 -26.45 -0.12 -11.95
C LYS C 42 -27.15 -1.44 -11.69
N ARG C 43 -28.04 -1.48 -10.70
CA ARG C 43 -28.78 -2.71 -10.36
C ARG C 43 -29.84 -3.10 -11.39
N ILE C 44 -30.42 -2.11 -12.05
CA ILE C 44 -31.48 -2.37 -13.02
C ILE C 44 -30.96 -3.08 -14.27
N ARG C 45 -31.65 -4.15 -14.64
CA ARG C 45 -31.26 -4.96 -15.79
C ARG C 45 -32.10 -4.63 -17.03
N LEU C 46 -31.44 -4.49 -18.17
CA LEU C 46 -32.11 -4.17 -19.43
C LEU C 46 -32.49 -5.42 -20.22
N ARG C 47 -33.58 -5.32 -20.98
CA ARG C 47 -34.08 -6.41 -21.82
C ARG C 47 -34.11 -5.89 -23.26
N PRO C 48 -33.01 -6.08 -24.00
CA PRO C 48 -32.93 -5.62 -25.39
C PRO C 48 -33.74 -6.45 -26.37
N ARG C 49 -34.20 -5.81 -27.44
CA ARG C 49 -34.96 -6.48 -28.49
C ARG C 49 -34.16 -6.25 -29.76
N TYR C 50 -33.61 -7.33 -30.30
CA TYR C 50 -32.78 -7.22 -31.49
C TYR C 50 -33.46 -7.48 -32.83
N LEU C 51 -32.69 -7.29 -33.90
CA LEU C 51 -33.14 -7.48 -35.27
C LEU C 51 -34.31 -6.59 -35.68
N ARG C 52 -34.32 -5.36 -35.17
CA ARG C 52 -35.35 -4.39 -35.54
C ARG C 52 -34.58 -3.40 -36.43
N ASP C 53 -35.29 -2.67 -37.29
CA ASP C 53 -34.60 -1.71 -38.15
C ASP C 53 -34.25 -0.44 -37.37
N MET C 54 -32.97 -0.34 -36.99
CA MET C 54 -32.48 0.80 -36.24
C MET C 54 -31.63 1.75 -37.08
N SER C 55 -31.94 1.83 -38.37
CA SER C 55 -31.19 2.69 -39.27
C SER C 55 -31.38 4.17 -38.90
N LYS C 56 -32.55 4.48 -38.35
CA LYS C 56 -32.84 5.87 -37.97
C LYS C 56 -33.28 5.95 -36.51
N VAL C 57 -32.35 6.36 -35.64
CA VAL C 57 -32.66 6.49 -34.23
C VAL C 57 -32.84 7.98 -33.90
N ASP C 58 -34.04 8.33 -33.46
CA ASP C 58 -34.36 9.72 -33.11
C ASP C 58 -34.21 9.88 -31.60
N THR C 59 -33.44 10.88 -31.20
CA THR C 59 -33.19 11.11 -29.77
C THR C 59 -33.94 12.33 -29.22
N ARG C 60 -34.64 13.04 -30.09
CA ARG C 60 -35.39 14.23 -29.71
C ARG C 60 -36.66 13.98 -28.90
N THR C 61 -37.12 15.03 -28.23
CA THR C 61 -38.32 14.97 -27.43
C THR C 61 -38.67 16.40 -27.04
N THR C 62 -39.73 16.55 -26.24
CA THR C 62 -40.15 17.86 -25.78
C THR C 62 -40.44 17.87 -24.28
N ILE C 63 -40.24 19.02 -23.66
CA ILE C 63 -40.56 19.18 -22.25
C ILE C 63 -41.29 20.51 -22.21
N GLN C 64 -42.49 20.51 -21.63
CA GLN C 64 -43.32 21.71 -21.54
C GLN C 64 -43.56 22.27 -22.94
N GLY C 65 -43.76 21.36 -23.89
CA GLY C 65 -44.02 21.74 -25.27
C GLY C 65 -42.82 22.16 -26.11
N GLN C 66 -41.69 22.39 -25.47
CA GLN C 66 -40.47 22.82 -26.17
C GLN C 66 -39.62 21.64 -26.62
N GLU C 67 -39.24 21.62 -27.91
CA GLU C 67 -38.42 20.53 -28.41
C GLU C 67 -36.94 20.68 -28.04
N ILE C 68 -36.29 19.55 -27.80
CA ILE C 68 -34.87 19.54 -27.45
C ILE C 68 -34.14 18.38 -28.13
N SER C 69 -32.83 18.53 -28.33
CA SER C 69 -32.00 17.52 -28.98
C SER C 69 -32.11 16.13 -28.37
N ALA C 70 -32.12 16.05 -27.05
CA ALA C 70 -32.23 14.78 -26.35
C ALA C 70 -32.80 15.04 -24.97
N PRO C 71 -33.28 13.99 -24.28
CA PRO C 71 -33.85 14.14 -22.94
C PRO C 71 -32.74 14.34 -21.91
N ILE C 72 -31.79 15.19 -22.24
CA ILE C 72 -30.64 15.44 -21.38
C ILE C 72 -30.46 16.93 -21.18
N CYS C 73 -30.74 17.40 -19.96
CA CYS C 73 -30.64 18.82 -19.69
C CYS C 73 -29.77 19.14 -18.49
N ILE C 74 -29.63 20.43 -18.20
CA ILE C 74 -28.80 20.89 -17.11
C ILE C 74 -29.58 21.31 -15.87
N SER C 75 -29.38 20.60 -14.76
CA SER C 75 -30.05 20.90 -13.51
C SER C 75 -29.42 22.14 -12.89
N PRO C 76 -30.17 22.84 -12.01
CA PRO C 76 -29.62 24.03 -11.37
C PRO C 76 -28.45 23.72 -10.44
N THR C 77 -27.34 24.45 -10.60
CA THR C 77 -26.16 24.27 -9.77
C THR C 77 -25.54 25.65 -9.57
N ALA C 78 -25.35 26.02 -8.31
CA ALA C 78 -24.80 27.32 -7.99
C ALA C 78 -23.33 27.55 -8.32
N PHE C 79 -22.97 28.82 -8.37
CA PHE C 79 -21.61 29.31 -8.62
C PHE C 79 -20.74 28.57 -9.62
N HIS C 80 -21.06 28.68 -10.90
CA HIS C 80 -20.26 28.03 -11.93
C HIS C 80 -18.85 28.61 -12.03
N SER C 81 -18.62 29.78 -11.44
CA SER C 81 -17.30 30.41 -11.50
C SER C 81 -16.22 29.70 -10.70
N ILE C 82 -16.59 28.73 -9.87
CA ILE C 82 -15.60 28.01 -9.10
C ILE C 82 -14.96 26.94 -9.99
N ALA C 83 -15.60 26.69 -11.13
CA ALA C 83 -15.12 25.69 -12.08
C ALA C 83 -14.47 26.29 -13.33
N TRP C 84 -14.94 27.46 -13.72
CA TRP C 84 -14.42 28.15 -14.90
C TRP C 84 -14.75 29.62 -14.79
N PRO C 85 -13.77 30.50 -15.07
CA PRO C 85 -13.94 31.96 -14.99
C PRO C 85 -15.22 32.51 -15.62
N ASP C 86 -15.54 32.01 -16.82
CA ASP C 86 -16.74 32.45 -17.54
C ASP C 86 -18.03 32.04 -16.86
N GLY C 87 -17.93 31.11 -15.91
CA GLY C 87 -19.09 30.64 -15.19
C GLY C 87 -20.27 30.24 -16.06
N GLU C 88 -21.45 30.69 -15.65
CA GLU C 88 -22.69 30.39 -16.36
C GLU C 88 -22.70 30.82 -17.82
N LYS C 89 -21.89 31.83 -18.16
CA LYS C 89 -21.85 32.28 -19.54
C LYS C 89 -21.41 31.15 -20.47
N SER C 90 -20.38 30.41 -20.07
CA SER C 90 -19.92 29.31 -20.89
C SER C 90 -20.99 28.24 -20.96
N THR C 91 -21.59 27.95 -19.81
CA THR C 91 -22.64 26.95 -19.72
C THR C 91 -23.80 27.31 -20.65
N ALA C 92 -24.27 28.55 -20.58
CA ALA C 92 -25.37 29.00 -21.42
C ALA C 92 -25.05 28.79 -22.90
N ARG C 93 -23.85 29.16 -23.33
CA ARG C 93 -23.48 28.99 -24.74
C ARG C 93 -23.50 27.54 -25.14
N ALA C 94 -22.92 26.68 -24.32
CA ALA C 94 -22.88 25.26 -24.62
C ALA C 94 -24.29 24.68 -24.67
N ALA C 95 -25.13 25.06 -23.71
CA ALA C 95 -26.51 24.57 -23.65
C ALA C 95 -27.30 25.00 -24.89
N GLN C 96 -27.11 26.24 -25.31
CA GLN C 96 -27.78 26.77 -26.49
C GLN C 96 -27.38 26.00 -27.75
N GLU C 97 -26.08 25.75 -27.92
CA GLU C 97 -25.62 25.02 -29.09
C GLU C 97 -26.08 23.55 -29.08
N ALA C 98 -26.19 22.96 -27.90
CA ALA C 98 -26.63 21.56 -27.79
C ALA C 98 -28.15 21.47 -27.93
N ASN C 99 -28.80 22.62 -27.84
CA ASN C 99 -30.25 22.73 -27.94
C ASN C 99 -30.99 21.90 -26.88
N ILE C 100 -30.67 22.16 -25.62
CA ILE C 100 -31.33 21.47 -24.52
C ILE C 100 -31.71 22.54 -23.51
N CYS C 101 -32.41 22.15 -22.45
CA CYS C 101 -32.81 23.10 -21.45
C CYS C 101 -31.75 23.32 -20.38
N TYR C 102 -31.50 24.58 -20.07
CA TYR C 102 -30.52 24.95 -19.07
C TYR C 102 -31.26 25.64 -17.92
N VAL C 103 -31.32 24.97 -16.78
CA VAL C 103 -31.96 25.52 -15.59
C VAL C 103 -30.90 26.30 -14.84
N ILE C 104 -31.08 27.61 -14.77
CA ILE C 104 -30.12 28.45 -14.08
C ILE C 104 -30.39 28.53 -12.59
N SER C 105 -29.31 28.42 -11.81
CA SER C 105 -29.41 28.47 -10.35
C SER C 105 -29.75 29.83 -9.82
N SER C 106 -30.36 29.85 -8.64
CA SER C 106 -30.74 31.08 -7.98
C SER C 106 -29.46 31.73 -7.44
N TYR C 107 -28.38 30.95 -7.36
CA TYR C 107 -27.12 31.47 -6.85
C TYR C 107 -25.99 31.44 -7.89
N ALA C 108 -26.26 31.97 -9.07
CA ALA C 108 -25.27 31.99 -10.14
C ALA C 108 -24.15 33.00 -9.88
N SER C 109 -23.01 32.82 -10.56
CA SER C 109 -21.88 33.71 -10.39
C SER C 109 -22.11 35.02 -11.16
N TYR C 110 -22.89 34.92 -12.23
CA TYR C 110 -23.19 36.09 -13.06
C TYR C 110 -24.69 36.40 -13.02
N SER C 111 -25.02 37.65 -13.32
CA SER C 111 -26.42 38.08 -13.34
C SER C 111 -27.14 37.41 -14.48
N LEU C 112 -28.46 37.31 -14.36
CA LEU C 112 -29.26 36.68 -15.40
C LEU C 112 -29.10 37.43 -16.72
N GLU C 113 -28.97 38.76 -16.64
CA GLU C 113 -28.79 39.58 -17.83
C GLU C 113 -27.51 39.17 -18.57
N ASP C 114 -26.39 39.10 -17.84
CA ASP C 114 -25.13 38.72 -18.46
C ASP C 114 -25.21 37.33 -19.07
N ILE C 115 -25.85 36.42 -18.35
CA ILE C 115 -26.00 35.04 -18.82
C ILE C 115 -26.84 34.99 -20.09
N VAL C 116 -28.02 35.61 -20.06
CA VAL C 116 -28.88 35.61 -21.23
C VAL C 116 -28.19 36.27 -22.43
N ALA C 117 -27.47 37.35 -22.16
CA ALA C 117 -26.76 38.08 -23.20
C ALA C 117 -25.74 37.19 -23.92
N ALA C 118 -25.10 36.30 -23.17
CA ALA C 118 -24.11 35.41 -23.73
C ALA C 118 -24.71 34.37 -24.68
N ALA C 119 -25.98 34.03 -24.48
CA ALA C 119 -26.65 33.04 -25.33
C ALA C 119 -28.13 33.36 -25.47
N PRO C 120 -28.46 34.42 -26.22
CA PRO C 120 -29.82 34.91 -26.47
C PRO C 120 -30.91 33.88 -26.78
N GLU C 121 -30.67 32.97 -27.72
CA GLU C 121 -31.68 31.98 -28.11
C GLU C 121 -31.79 30.75 -27.23
N GLY C 122 -30.98 30.67 -26.18
CA GLY C 122 -31.01 29.51 -25.32
C GLY C 122 -32.32 29.22 -24.59
N PHE C 123 -32.72 27.94 -24.61
CA PHE C 123 -33.93 27.49 -23.92
C PHE C 123 -33.50 27.39 -22.46
N ARG C 124 -34.19 28.07 -21.57
CA ARG C 124 -33.79 28.02 -20.18
C ARG C 124 -34.88 28.25 -19.12
N TRP C 125 -34.73 27.56 -17.99
CA TRP C 125 -35.66 27.70 -16.88
C TRP C 125 -34.90 28.41 -15.78
N PHE C 126 -35.62 28.92 -14.79
CA PHE C 126 -34.99 29.62 -13.67
C PHE C 126 -35.39 29.02 -12.33
N GLN C 127 -34.40 28.61 -11.56
CA GLN C 127 -34.62 28.02 -10.24
C GLN C 127 -34.48 29.14 -9.22
N LEU C 128 -35.60 29.52 -8.62
CA LEU C 128 -35.62 30.60 -7.66
C LEU C 128 -35.94 30.16 -6.24
N TYR C 129 -35.06 30.47 -5.30
CA TYR C 129 -35.30 30.14 -3.90
C TYR C 129 -36.14 31.28 -3.35
N MET C 130 -37.41 30.99 -3.08
CA MET C 130 -38.33 31.99 -2.56
C MET C 130 -37.85 32.56 -1.23
N LYS C 131 -38.10 33.85 -1.01
CA LYS C 131 -37.69 34.48 0.24
C LYS C 131 -38.84 35.07 1.03
N SER C 132 -38.53 35.51 2.24
CA SER C 132 -39.50 36.14 3.13
C SER C 132 -40.09 37.33 2.41
N ASP C 133 -39.21 38.15 1.85
CA ASP C 133 -39.61 39.35 1.12
C ASP C 133 -40.17 38.96 -0.24
N TRP C 134 -41.49 39.01 -0.36
CA TRP C 134 -42.16 38.65 -1.61
C TRP C 134 -42.09 39.75 -2.66
N ASP C 135 -41.58 40.92 -2.27
CA ASP C 135 -41.43 42.01 -3.24
C ASP C 135 -40.21 41.61 -4.06
N PHE C 136 -39.23 41.04 -3.37
CA PHE C 136 -38.03 40.56 -4.01
C PHE C 136 -38.46 39.41 -4.90
N ASN C 137 -39.41 38.62 -4.41
CA ASN C 137 -39.90 37.46 -5.13
C ASN C 137 -40.59 37.79 -6.45
N LYS C 138 -41.62 38.63 -6.42
CA LYS C 138 -42.34 38.97 -7.65
C LYS C 138 -41.45 39.75 -8.62
N GLN C 139 -40.49 40.49 -8.09
CA GLN C 139 -39.60 41.25 -8.95
C GLN C 139 -38.60 40.34 -9.63
N MET C 140 -38.18 39.28 -8.93
CA MET C 140 -37.26 38.31 -9.51
C MET C 140 -37.99 37.54 -10.59
N VAL C 141 -39.25 37.20 -10.31
CA VAL C 141 -40.07 36.46 -11.25
C VAL C 141 -40.32 37.29 -12.51
N GLN C 142 -40.71 38.55 -12.32
CA GLN C 142 -40.97 39.41 -13.46
C GLN C 142 -39.67 39.60 -14.23
N ARG C 143 -38.58 39.73 -13.49
CA ARG C 143 -37.27 39.91 -14.10
C ARG C 143 -36.93 38.70 -14.97
N ALA C 144 -37.30 37.51 -14.50
CA ALA C 144 -37.04 36.27 -15.22
C ALA C 144 -37.90 36.20 -16.48
N GLU C 145 -39.19 36.51 -16.34
CA GLU C 145 -40.11 36.49 -17.48
C GLU C 145 -39.60 37.44 -18.55
N ALA C 146 -39.12 38.60 -18.10
CA ALA C 146 -38.61 39.62 -18.99
C ALA C 146 -37.41 39.13 -19.79
N LEU C 147 -36.52 38.40 -19.12
CA LEU C 147 -35.32 37.89 -19.76
C LEU C 147 -35.54 36.70 -20.69
N GLY C 148 -36.77 36.19 -20.73
CA GLY C 148 -37.06 35.07 -21.62
C GLY C 148 -37.11 33.67 -21.03
N PHE C 149 -36.94 33.53 -19.72
CA PHE C 149 -36.98 32.21 -19.10
C PHE C 149 -38.38 31.62 -19.27
N LYS C 150 -38.45 30.37 -19.71
CA LYS C 150 -39.72 29.69 -19.98
C LYS C 150 -40.33 28.84 -18.87
N ALA C 151 -39.78 28.93 -17.66
CA ALA C 151 -40.32 28.16 -16.54
C ALA C 151 -39.63 28.52 -15.25
N LEU C 152 -40.36 28.35 -14.15
CA LEU C 152 -39.85 28.65 -12.83
C LEU C 152 -39.68 27.34 -12.07
N VAL C 153 -38.47 27.09 -11.58
CA VAL C 153 -38.21 25.86 -10.83
C VAL C 153 -38.15 26.18 -9.35
N ILE C 154 -38.97 25.50 -8.56
CA ILE C 154 -38.97 25.71 -7.13
C ILE C 154 -38.41 24.47 -6.45
N THR C 155 -37.25 24.62 -5.83
CA THR C 155 -36.61 23.52 -5.14
C THR C 155 -37.18 23.45 -3.73
N ILE C 156 -37.82 22.33 -3.42
CA ILE C 156 -38.48 22.16 -2.14
C ILE C 156 -37.76 21.36 -1.06
N ASP C 157 -36.61 20.76 -1.39
CA ASP C 157 -35.89 19.95 -0.42
C ASP C 157 -34.75 20.66 0.28
N THR C 158 -34.79 21.99 0.26
CA THR C 158 -33.72 22.74 0.90
C THR C 158 -34.21 23.87 1.80
N PRO C 159 -35.11 23.57 2.76
CA PRO C 159 -35.59 24.63 3.64
C PRO C 159 -34.40 25.13 4.45
N VAL C 160 -33.42 24.26 4.63
CA VAL C 160 -32.21 24.59 5.36
C VAL C 160 -31.12 23.82 4.60
N LEU C 161 -29.87 24.21 4.74
CA LEU C 161 -28.80 23.51 4.02
C LEU C 161 -28.44 22.16 4.63
N GLY C 162 -28.08 21.22 3.77
CA GLY C 162 -27.67 19.91 4.23
C GLY C 162 -26.37 20.01 5.01
N ASN C 163 -26.06 18.98 5.80
CA ASN C 163 -24.85 18.95 6.60
C ASN C 163 -23.69 18.31 5.83
N ARG C 164 -22.92 19.12 5.11
CA ARG C 164 -21.78 18.62 4.33
C ARG C 164 -20.52 18.67 5.17
N ARG C 165 -20.18 17.54 5.77
CA ARG C 165 -19.03 17.46 6.64
C ARG C 165 -17.74 18.03 6.06
N ARG C 166 -17.46 17.72 4.80
CA ARG C 166 -16.25 18.19 4.15
C ARG C 166 -16.15 19.71 4.16
N ASP C 167 -17.19 20.39 3.71
CA ASP C 167 -17.17 21.84 3.71
C ASP C 167 -16.87 22.34 5.12
N LYS C 168 -17.54 21.78 6.13
CA LYS C 168 -17.31 22.20 7.50
C LYS C 168 -15.87 21.98 7.95
N ARG C 169 -15.31 20.81 7.64
CA ARG C 169 -13.93 20.55 8.04
C ARG C 169 -12.98 21.49 7.31
N ASN C 170 -13.36 21.93 6.11
CA ASN C 170 -12.55 22.86 5.32
C ASN C 170 -12.97 24.30 5.67
N GLN C 171 -13.86 24.41 6.65
CA GLN C 171 -14.35 25.70 7.13
C GLN C 171 -14.85 26.67 6.06
N LEU C 172 -15.41 26.14 4.97
CA LEU C 172 -15.93 26.98 3.88
C LEU C 172 -14.83 27.92 3.39
N ASN C 173 -15.26 29.08 2.87
CA ASN C 173 -14.41 30.16 2.34
C ASN C 173 -14.50 30.25 0.83
N LEU C 174 -15.57 29.67 0.27
CA LEU C 174 -15.81 29.62 -1.17
C LEU C 174 -15.23 30.82 -1.92
N GLU C 175 -14.05 30.61 -2.51
CA GLU C 175 -13.36 31.65 -3.26
C GLU C 175 -13.22 31.24 -4.72
N ALA C 176 -14.11 31.78 -5.56
CA ALA C 176 -14.10 31.48 -6.99
C ALA C 176 -13.06 32.33 -7.71
N LYS C 181 -15.96 36.06 -11.73
CA LYS C 181 -17.26 36.06 -10.99
C LYS C 181 -17.66 37.48 -10.60
N ASP C 182 -18.90 37.64 -10.17
CA ASP C 182 -19.43 38.93 -9.75
C ASP C 182 -20.30 38.80 -8.51
N LEU C 183 -21.56 38.45 -8.74
CA LEU C 183 -22.53 38.28 -7.65
C LEU C 183 -21.92 37.43 -6.54
N ARG C 184 -21.44 38.12 -5.50
CA ARG C 184 -20.79 37.48 -4.35
C ARG C 184 -21.55 36.29 -3.77
N ALA C 185 -20.80 35.35 -3.21
CA ALA C 185 -21.38 34.15 -2.62
C ALA C 185 -21.96 34.52 -1.25
N LEU C 186 -23.24 34.23 -1.04
CA LEU C 186 -23.88 34.54 0.24
C LEU C 186 -23.16 33.86 1.41
N LYS C 187 -22.83 34.65 2.43
CA LYS C 187 -22.13 34.11 3.61
C LYS C 187 -22.97 33.01 4.25
N GLU C 188 -24.16 32.78 3.67
CA GLU C 188 -25.12 31.77 4.09
C GLU C 188 -26.55 32.27 3.83
N ALA C 202 -35.67 29.34 5.57
CA ALA C 202 -36.82 29.24 4.65
C ALA C 202 -38.08 28.76 5.38
N SER C 203 -39.22 29.34 5.00
CA SER C 203 -40.50 28.98 5.61
C SER C 203 -41.56 28.68 4.53
N PHE C 204 -41.11 28.65 3.28
CA PHE C 204 -41.98 28.37 2.13
C PHE C 204 -42.76 27.06 2.29
N CYS C 205 -44.08 27.13 2.15
CA CYS C 205 -44.92 25.94 2.28
C CYS C 205 -45.89 25.83 1.10
N TRP C 206 -46.67 24.75 1.07
CA TRP C 206 -47.62 24.51 -0.02
C TRP C 206 -48.56 25.68 -0.32
N ASN C 207 -49.07 26.34 0.72
CA ASN C 207 -49.99 27.46 0.52
C ASN C 207 -49.33 28.63 -0.20
N ASP C 208 -48.04 28.81 0.03
CA ASP C 208 -47.31 29.91 -0.61
C ASP C 208 -47.31 29.73 -2.12
N LEU C 209 -47.54 28.50 -2.58
CA LEU C 209 -47.57 28.23 -4.02
C LEU C 209 -48.71 29.01 -4.71
N SER C 210 -49.82 29.23 -4.02
CA SER C 210 -50.93 29.99 -4.61
C SER C 210 -50.54 31.46 -4.78
N LEU C 211 -49.80 31.97 -3.82
CA LEU C 211 -49.33 33.35 -3.87
C LEU C 211 -48.43 33.53 -5.09
N LEU C 212 -47.48 32.61 -5.24
CA LEU C 212 -46.54 32.66 -6.36
C LEU C 212 -47.32 32.55 -7.69
N GLN C 213 -48.32 31.68 -7.73
CA GLN C 213 -49.10 31.50 -8.94
C GLN C 213 -49.97 32.71 -9.30
N SER C 214 -50.09 33.66 -8.37
CA SER C 214 -50.89 34.85 -8.63
C SER C 214 -50.02 35.98 -9.18
N ILE C 215 -48.70 35.78 -9.14
CA ILE C 215 -47.78 36.80 -9.64
C ILE C 215 -47.08 36.41 -10.94
N THR C 216 -47.26 35.17 -11.39
CA THR C 216 -46.64 34.72 -12.63
C THR C 216 -47.50 33.73 -13.39
N ARG C 217 -47.29 33.70 -14.70
CA ARG C 217 -48.03 32.81 -15.60
C ARG C 217 -47.13 31.70 -16.12
N LEU C 218 -45.87 31.75 -15.71
CA LEU C 218 -44.88 30.75 -16.13
C LEU C 218 -45.17 29.39 -15.54
N PRO C 219 -44.93 28.33 -16.32
CA PRO C 219 -45.19 27.01 -15.74
C PRO C 219 -44.28 26.81 -14.54
N ILE C 220 -44.80 26.13 -13.51
CA ILE C 220 -44.02 25.90 -12.30
C ILE C 220 -43.62 24.42 -12.18
N ILE C 221 -42.33 24.20 -11.97
CA ILE C 221 -41.81 22.85 -11.81
C ILE C 221 -41.26 22.70 -10.40
N LEU C 222 -41.77 21.68 -9.70
CA LEU C 222 -41.34 21.40 -8.33
C LEU C 222 -40.19 20.40 -8.36
N LYS C 223 -39.06 20.79 -7.78
CA LYS C 223 -37.87 19.97 -7.75
C LYS C 223 -37.55 19.44 -6.36
N GLY C 224 -37.45 18.11 -6.24
CA GLY C 224 -37.11 17.51 -4.95
C GLY C 224 -38.11 16.51 -4.41
N ILE C 225 -39.21 16.30 -5.14
CA ILE C 225 -40.23 15.36 -4.72
C ILE C 225 -39.68 13.93 -4.78
N LEU C 226 -39.91 13.17 -3.71
CA LEU C 226 -39.44 11.80 -3.61
C LEU C 226 -40.56 10.82 -3.28
N THR C 227 -41.72 11.35 -2.88
CA THR C 227 -42.85 10.50 -2.47
C THR C 227 -44.14 10.73 -3.24
N LYS C 228 -44.99 9.71 -3.29
CA LYS C 228 -46.27 9.82 -3.98
C LYS C 228 -47.17 10.82 -3.23
N GLU C 229 -47.04 10.91 -1.91
CA GLU C 229 -47.85 11.85 -1.15
C GLU C 229 -47.59 13.27 -1.64
N ASP C 230 -46.31 13.63 -1.72
CA ASP C 230 -45.95 14.97 -2.17
C ASP C 230 -46.27 15.16 -3.64
N ALA C 231 -46.30 14.06 -4.39
CA ALA C 231 -46.61 14.16 -5.81
C ALA C 231 -48.11 14.51 -5.92
N GLU C 232 -48.93 13.89 -5.08
CA GLU C 232 -50.36 14.15 -5.08
C GLU C 232 -50.62 15.62 -4.75
N LEU C 233 -49.93 16.12 -3.73
CA LEU C 233 -50.07 17.53 -3.35
C LEU C 233 -49.64 18.47 -4.47
N ALA C 234 -48.61 18.07 -5.21
CA ALA C 234 -48.12 18.86 -6.32
C ALA C 234 -49.25 19.03 -7.32
N MET C 235 -49.91 17.92 -7.66
CA MET C 235 -50.99 17.96 -8.62
C MET C 235 -52.20 18.75 -8.11
N LYS C 236 -52.52 18.61 -6.82
CA LYS C 236 -53.66 19.33 -6.27
C LYS C 236 -53.42 20.84 -6.34
N HIS C 237 -52.15 21.24 -6.32
CA HIS C 237 -51.81 22.65 -6.38
C HIS C 237 -51.58 23.11 -7.82
N ASN C 238 -51.89 22.23 -8.76
CA ASN C 238 -51.77 22.53 -10.17
C ASN C 238 -50.45 23.11 -10.65
N VAL C 239 -49.36 22.36 -10.45
CA VAL C 239 -48.07 22.81 -10.94
C VAL C 239 -47.93 22.12 -12.29
N GLN C 240 -46.98 22.56 -13.12
CA GLN C 240 -46.81 21.98 -14.46
C GLN C 240 -45.83 20.83 -14.61
N GLY C 241 -45.02 20.57 -13.58
CA GLY C 241 -44.06 19.49 -13.67
C GLY C 241 -43.32 19.18 -12.38
N ILE C 242 -42.75 17.98 -12.33
CA ILE C 242 -42.02 17.51 -11.16
C ILE C 242 -40.64 16.95 -11.53
N VAL C 243 -39.61 17.36 -10.79
CA VAL C 243 -38.28 16.83 -11.01
C VAL C 243 -38.01 15.94 -9.79
N VAL C 244 -38.10 14.63 -9.98
CA VAL C 244 -37.83 13.71 -8.88
C VAL C 244 -36.33 13.87 -8.59
N SER C 245 -36.00 14.17 -7.34
CA SER C 245 -34.61 14.42 -6.99
C SER C 245 -34.38 14.40 -5.47
N ASN C 246 -33.15 14.07 -5.06
CA ASN C 246 -32.80 14.09 -3.66
C ASN C 246 -31.64 15.07 -3.51
N HIS C 247 -31.55 16.00 -4.45
CA HIS C 247 -30.52 17.04 -4.44
C HIS C 247 -29.12 16.40 -4.49
N GLY C 248 -28.99 15.29 -5.20
CA GLY C 248 -27.70 14.62 -5.31
C GLY C 248 -27.13 14.15 -3.99
N GLY C 249 -27.99 13.87 -3.03
CA GLY C 249 -27.52 13.39 -1.74
C GLY C 249 -26.81 14.45 -0.93
N ARG C 250 -27.06 15.72 -1.26
CA ARG C 250 -26.45 16.84 -0.56
C ARG C 250 -27.34 17.44 0.53
N GLN C 251 -28.58 16.95 0.64
CA GLN C 251 -29.53 17.47 1.63
C GLN C 251 -29.85 16.46 2.72
N LEU C 252 -31.06 15.90 2.70
CA LEU C 252 -31.41 14.88 3.68
C LEU C 252 -30.77 13.59 3.17
N ASP C 253 -29.84 13.02 3.92
CA ASP C 253 -29.21 11.79 3.46
C ASP C 253 -30.04 10.55 3.87
N GLU C 254 -29.70 9.43 3.25
CA GLU C 254 -30.34 8.15 3.48
C GLU C 254 -31.82 8.07 3.04
N VAL C 255 -32.14 8.85 2.00
CA VAL C 255 -33.48 8.81 1.41
C VAL C 255 -33.30 7.90 0.21
N SER C 256 -34.38 7.58 -0.50
CA SER C 256 -34.25 6.69 -1.64
C SER C 256 -33.43 7.31 -2.76
N ALA C 257 -32.88 6.45 -3.60
CA ALA C 257 -32.11 6.92 -4.75
C ALA C 257 -33.16 7.54 -5.67
N SER C 258 -32.81 8.63 -6.36
CA SER C 258 -33.78 9.27 -7.24
C SER C 258 -34.36 8.36 -8.31
N ILE C 259 -33.56 7.47 -8.89
CA ILE C 259 -34.08 6.58 -9.92
C ILE C 259 -35.09 5.59 -9.33
N ASP C 260 -34.98 5.28 -8.05
CA ASP C 260 -35.93 4.38 -7.43
C ASP C 260 -37.21 5.13 -7.05
N ALA C 261 -37.07 6.36 -6.54
CA ALA C 261 -38.21 7.16 -6.14
C ALA C 261 -39.05 7.52 -7.35
N LEU C 262 -38.43 7.52 -8.52
CA LEU C 262 -39.09 7.85 -9.77
C LEU C 262 -40.33 7.01 -9.97
N ARG C 263 -40.20 5.71 -9.72
CA ARG C 263 -41.30 4.79 -9.91
C ARG C 263 -42.60 5.17 -9.21
N GLU C 264 -42.55 5.41 -7.90
CA GLU C 264 -43.79 5.73 -7.20
C GLU C 264 -44.33 7.11 -7.56
N VAL C 265 -43.46 8.03 -7.93
CA VAL C 265 -43.90 9.36 -8.31
C VAL C 265 -44.61 9.27 -9.67
N VAL C 266 -44.04 8.50 -10.59
CA VAL C 266 -44.64 8.33 -11.90
C VAL C 266 -45.98 7.62 -11.78
N ALA C 267 -46.03 6.58 -10.96
CA ALA C 267 -47.26 5.83 -10.78
C ALA C 267 -48.40 6.68 -10.20
N ALA C 268 -48.06 7.62 -9.34
CA ALA C 268 -49.06 8.48 -8.72
C ALA C 268 -49.56 9.56 -9.68
N VAL C 269 -48.64 10.12 -10.45
CA VAL C 269 -48.96 11.17 -11.41
C VAL C 269 -49.81 10.66 -12.58
N LYS C 270 -49.63 9.39 -12.95
CA LYS C 270 -50.39 8.78 -14.04
C LYS C 270 -50.44 9.62 -15.32
N GLY C 271 -49.33 10.23 -15.69
CA GLY C 271 -49.29 11.03 -16.91
C GLY C 271 -49.97 12.38 -16.90
N LYS C 272 -50.52 12.82 -15.76
CA LYS C 272 -51.20 14.12 -15.73
C LYS C 272 -50.24 15.26 -16.06
N ILE C 273 -49.04 15.21 -15.51
CA ILE C 273 -48.03 16.23 -15.80
C ILE C 273 -46.71 15.52 -16.06
N GLU C 274 -45.76 16.24 -16.64
CA GLU C 274 -44.46 15.66 -16.96
C GLU C 274 -43.59 15.51 -15.71
N VAL C 275 -42.97 14.33 -15.59
CA VAL C 275 -42.09 14.04 -14.47
C VAL C 275 -40.68 13.83 -14.99
N TYR C 276 -39.72 14.53 -14.39
CA TYR C 276 -38.31 14.43 -14.77
C TYR C 276 -37.52 13.92 -13.57
N MET C 277 -36.21 13.78 -13.72
CA MET C 277 -35.38 13.34 -12.60
C MET C 277 -33.93 13.74 -12.80
N ASP C 278 -33.18 13.67 -11.70
CA ASP C 278 -31.75 13.95 -11.73
C ASP C 278 -31.15 13.14 -10.59
N GLY C 279 -29.83 13.02 -10.58
CA GLY C 279 -29.19 12.27 -9.51
C GLY C 279 -28.53 10.98 -9.96
N GLY C 280 -27.23 11.05 -10.24
CA GLY C 280 -26.52 9.85 -10.61
C GLY C 280 -26.49 9.45 -12.07
N VAL C 281 -27.08 10.27 -12.94
CA VAL C 281 -27.07 9.97 -14.37
C VAL C 281 -25.66 10.22 -14.86
N ARG C 282 -25.00 9.19 -15.37
CA ARG C 282 -23.62 9.34 -15.82
C ARG C 282 -23.34 8.68 -17.17
N THR C 283 -24.18 7.72 -17.53
CA THR C 283 -23.98 7.02 -18.79
C THR C 283 -25.31 6.84 -19.56
N GLY C 284 -25.19 6.59 -20.86
CA GLY C 284 -26.36 6.42 -21.71
C GLY C 284 -27.49 5.58 -21.16
N THR C 285 -27.19 4.37 -20.71
CA THR C 285 -28.25 3.51 -20.19
C THR C 285 -29.00 4.10 -18.98
N ASP C 286 -28.36 5.01 -18.24
CA ASP C 286 -29.02 5.62 -17.10
C ASP C 286 -30.17 6.45 -17.68
N VAL C 287 -29.88 7.25 -18.69
CA VAL C 287 -30.90 8.07 -19.34
C VAL C 287 -32.00 7.14 -19.86
N LEU C 288 -31.59 6.09 -20.56
CA LEU C 288 -32.53 5.10 -21.12
C LEU C 288 -33.47 4.57 -20.05
N LYS C 289 -32.90 4.17 -18.92
CA LYS C 289 -33.69 3.61 -17.82
C LYS C 289 -34.69 4.59 -17.21
N ALA C 290 -34.28 5.85 -17.08
CA ALA C 290 -35.15 6.88 -16.52
C ALA C 290 -36.34 7.10 -17.45
N LEU C 291 -36.09 7.08 -18.75
CA LEU C 291 -37.14 7.28 -19.74
C LEU C 291 -38.09 6.09 -19.76
N ALA C 292 -37.52 4.88 -19.70
CA ALA C 292 -38.31 3.67 -19.71
C ALA C 292 -39.20 3.60 -18.46
N LEU C 293 -38.71 4.14 -17.36
CA LEU C 293 -39.44 4.13 -16.11
C LEU C 293 -40.47 5.26 -16.00
N GLY C 294 -40.60 6.08 -17.04
CA GLY C 294 -41.59 7.13 -17.02
C GLY C 294 -41.16 8.59 -16.99
N ALA C 295 -39.86 8.86 -16.85
CA ALA C 295 -39.41 10.25 -16.83
C ALA C 295 -39.48 10.84 -18.25
N ARG C 296 -39.77 12.12 -18.34
CA ARG C 296 -39.85 12.79 -19.64
C ARG C 296 -38.44 13.11 -20.12
N CYS C 297 -37.54 13.38 -19.18
CA CYS C 297 -36.14 13.66 -19.48
C CYS C 297 -35.36 13.71 -18.17
N ILE C 298 -34.03 13.73 -18.26
CA ILE C 298 -33.20 13.79 -17.06
C ILE C 298 -32.39 15.07 -17.05
N PHE C 299 -31.91 15.45 -15.87
CA PHE C 299 -31.08 16.64 -15.72
C PHE C 299 -29.76 16.21 -15.10
N LEU C 300 -28.70 16.93 -15.46
CA LEU C 300 -27.36 16.64 -14.94
C LEU C 300 -26.92 17.71 -13.97
N GLY C 301 -26.32 17.28 -12.86
CA GLY C 301 -25.85 18.25 -11.89
C GLY C 301 -24.35 18.40 -11.99
N ARG C 302 -23.64 17.60 -11.21
CA ARG C 302 -22.18 17.65 -11.18
C ARG C 302 -21.48 17.51 -12.54
N PRO C 303 -21.92 16.58 -13.40
CA PRO C 303 -21.27 16.42 -14.70
C PRO C 303 -21.01 17.72 -15.45
N ILE C 304 -21.98 18.63 -15.40
CA ILE C 304 -21.85 19.91 -16.06
C ILE C 304 -20.68 20.70 -15.48
N LEU C 305 -20.51 20.66 -14.16
CA LEU C 305 -19.43 21.37 -13.50
C LEU C 305 -18.10 20.69 -13.83
N TRP C 306 -18.10 19.37 -13.99
CA TRP C 306 -16.87 18.67 -14.33
C TRP C 306 -16.46 19.15 -15.71
N GLY C 307 -17.45 19.29 -16.59
CA GLY C 307 -17.19 19.75 -17.94
C GLY C 307 -16.57 21.13 -17.92
N LEU C 308 -17.14 22.04 -17.14
CA LEU C 308 -16.61 23.39 -17.04
C LEU C 308 -15.16 23.40 -16.55
N ALA C 309 -14.93 22.70 -15.44
CA ALA C 309 -13.61 22.64 -14.86
C ALA C 309 -12.54 22.19 -15.85
N CYS C 310 -12.88 21.24 -16.72
CA CYS C 310 -11.92 20.72 -17.69
C CYS C 310 -11.65 21.59 -18.92
N LYS C 311 -12.71 22.01 -19.61
CA LYS C 311 -12.52 22.81 -20.81
C LYS C 311 -13.52 23.95 -21.00
N GLY C 312 -14.04 24.50 -19.90
CA GLY C 312 -14.99 25.59 -20.01
C GLY C 312 -16.17 25.23 -20.90
N GLU C 313 -16.57 26.14 -21.79
CA GLU C 313 -17.70 25.89 -22.69
C GLU C 313 -17.58 24.58 -23.46
N ASP C 314 -16.40 24.33 -24.04
CA ASP C 314 -16.20 23.10 -24.81
C ASP C 314 -16.37 21.88 -23.92
N GLY C 315 -16.04 22.04 -22.65
CA GLY C 315 -16.19 20.94 -21.71
C GLY C 315 -17.65 20.57 -21.52
N VAL C 316 -18.48 21.58 -21.24
CA VAL C 316 -19.90 21.34 -21.04
C VAL C 316 -20.50 20.71 -22.29
N LYS C 317 -20.17 21.26 -23.45
CA LYS C 317 -20.68 20.76 -24.72
C LYS C 317 -20.29 19.29 -24.95
N GLU C 318 -19.06 18.96 -24.60
CA GLU C 318 -18.56 17.60 -24.79
C GLU C 318 -19.30 16.62 -23.88
N VAL C 319 -19.56 17.03 -22.64
CA VAL C 319 -20.28 16.17 -21.71
C VAL C 319 -21.66 15.89 -22.29
N LEU C 320 -22.31 16.94 -22.79
CA LEU C 320 -23.64 16.80 -23.37
C LEU C 320 -23.62 15.92 -24.63
N ASP C 321 -22.64 16.14 -25.51
CA ASP C 321 -22.54 15.35 -26.73
C ASP C 321 -22.27 13.88 -26.42
N ILE C 322 -21.38 13.63 -25.47
CA ILE C 322 -21.05 12.27 -25.08
C ILE C 322 -22.27 11.53 -24.53
N LEU C 323 -22.97 12.12 -23.57
CA LEU C 323 -24.15 11.44 -23.02
C LEU C 323 -25.18 11.21 -24.13
N THR C 324 -25.36 12.21 -24.99
CA THR C 324 -26.30 12.08 -26.11
C THR C 324 -25.89 10.92 -27.03
N ALA C 325 -24.60 10.84 -27.35
CA ALA C 325 -24.11 9.77 -28.21
C ALA C 325 -24.36 8.41 -27.55
N GLU C 326 -24.15 8.34 -26.23
CA GLU C 326 -24.37 7.08 -25.52
C GLU C 326 -25.83 6.66 -25.54
N LEU C 327 -26.73 7.63 -25.37
CA LEU C 327 -28.18 7.35 -25.39
C LEU C 327 -28.52 6.82 -26.76
N HIS C 328 -27.99 7.49 -27.78
CA HIS C 328 -28.24 7.10 -29.15
C HIS C 328 -27.75 5.67 -29.38
N ARG C 329 -26.62 5.34 -28.76
CA ARG C 329 -26.04 4.02 -28.90
C ARG C 329 -26.82 2.93 -28.17
N CYS C 330 -27.21 3.16 -26.91
CA CYS C 330 -27.96 2.12 -26.22
C CYS C 330 -29.37 1.98 -26.78
N MET C 331 -29.91 3.06 -27.34
CA MET C 331 -31.25 2.98 -27.95
C MET C 331 -31.13 2.06 -29.17
N THR C 332 -30.08 2.27 -29.95
CA THR C 332 -29.83 1.46 -31.14
C THR C 332 -29.71 -0.02 -30.75
N LEU C 333 -28.90 -0.28 -29.74
CA LEU C 333 -28.67 -1.65 -29.28
C LEU C 333 -29.89 -2.32 -28.66
N SER C 334 -30.66 -1.56 -27.87
CA SER C 334 -31.83 -2.15 -27.22
C SER C 334 -33.05 -2.29 -28.12
N GLY C 335 -33.02 -1.59 -29.26
CA GLY C 335 -34.15 -1.66 -30.18
C GLY C 335 -35.20 -0.56 -30.05
N CYS C 336 -34.77 0.63 -29.67
CA CYS C 336 -35.67 1.77 -29.51
C CYS C 336 -35.36 2.79 -30.60
N GLN C 337 -36.25 2.89 -31.58
CA GLN C 337 -36.08 3.82 -32.70
C GLN C 337 -36.25 5.28 -32.28
N SER C 338 -37.07 5.54 -31.28
CA SER C 338 -37.28 6.92 -30.83
C SER C 338 -37.58 6.94 -29.33
N VAL C 339 -37.53 8.14 -28.75
CA VAL C 339 -37.81 8.27 -27.33
C VAL C 339 -39.18 7.68 -27.01
N ALA C 340 -40.12 7.85 -27.93
CA ALA C 340 -41.48 7.33 -27.73
C ALA C 340 -41.51 5.81 -27.63
N GLU C 341 -40.49 5.14 -28.18
CA GLU C 341 -40.45 3.68 -28.14
C GLU C 341 -39.71 3.10 -26.95
N ILE C 342 -39.28 3.96 -26.03
CA ILE C 342 -38.58 3.50 -24.84
C ILE C 342 -39.65 3.20 -23.80
N SER C 343 -39.92 1.91 -23.56
CA SER C 343 -40.96 1.51 -22.61
C SER C 343 -40.45 0.68 -21.45
N PRO C 344 -41.29 0.50 -20.41
CA PRO C 344 -40.90 -0.30 -19.24
C PRO C 344 -40.67 -1.78 -19.58
N ASP C 345 -41.00 -2.19 -20.81
CA ASP C 345 -40.78 -3.58 -21.22
C ASP C 345 -39.28 -3.82 -21.26
N LEU C 346 -38.55 -2.72 -21.37
CA LEU C 346 -37.10 -2.68 -21.43
C LEU C 346 -36.48 -3.01 -20.07
N ILE C 347 -37.25 -2.79 -19.00
CA ILE C 347 -36.81 -3.02 -17.62
C ILE C 347 -37.15 -4.41 -17.08
N GLN C 348 -36.18 -5.05 -16.47
CA GLN C 348 -36.38 -6.38 -15.89
C GLN C 348 -37.04 -6.23 -14.54
N PHE C 349 -38.26 -6.78 -14.40
CA PHE C 349 -38.96 -6.69 -13.13
C PHE C 349 -38.90 -8.02 -12.40
N PRO D 1 -0.59 -13.43 22.76
CA PRO D 1 -0.95 -14.87 22.88
C PRO D 1 -2.06 -15.26 21.89
N LEU D 2 -2.29 -16.57 21.75
CA LEU D 2 -3.32 -17.07 20.84
C LEU D 2 -4.60 -17.22 21.67
N VAL D 3 -5.58 -16.35 21.43
CA VAL D 3 -6.80 -16.39 22.22
C VAL D 3 -8.07 -16.92 21.54
N CYS D 4 -7.97 -17.28 20.26
CA CYS D 4 -9.14 -17.80 19.54
C CYS D 4 -8.63 -18.66 18.41
N LEU D 5 -9.54 -19.35 17.72
CA LEU D 5 -9.11 -20.22 16.61
C LEU D 5 -8.49 -19.43 15.45
N ALA D 6 -9.00 -18.23 15.20
CA ALA D 6 -8.43 -17.40 14.12
C ALA D 6 -6.94 -17.13 14.40
N ASP D 7 -6.57 -16.90 15.65
CA ASP D 7 -5.15 -16.65 15.98
C ASP D 7 -4.30 -17.87 15.65
N PHE D 8 -4.83 -19.07 15.93
CA PHE D 8 -4.11 -20.30 15.61
C PHE D 8 -3.92 -20.43 14.10
N LYS D 9 -4.92 -19.98 13.34
CA LYS D 9 -4.81 -20.03 11.89
C LYS D 9 -3.66 -19.12 11.44
N ALA D 10 -3.71 -17.86 11.86
CA ALA D 10 -2.69 -16.89 11.49
C ALA D 10 -1.30 -17.33 11.88
N HIS D 11 -1.16 -17.92 13.06
CA HIS D 11 0.14 -18.36 13.53
C HIS D 11 0.58 -19.65 12.86
N ALA D 12 -0.36 -20.56 12.62
CA ALA D 12 -0.04 -21.85 12.00
C ALA D 12 0.66 -21.67 10.64
N GLN D 13 0.17 -20.71 9.88
CA GLN D 13 0.74 -20.43 8.57
C GLN D 13 2.26 -20.23 8.64
N LYS D 14 2.71 -19.36 9.53
CA LYS D 14 4.14 -19.08 9.68
C LYS D 14 5.02 -20.31 9.93
N GLN D 15 4.60 -21.20 10.82
CA GLN D 15 5.41 -22.37 11.11
C GLN D 15 5.39 -23.43 10.00
N LEU D 16 4.69 -23.13 8.91
CA LEU D 16 4.59 -24.09 7.81
C LEU D 16 5.00 -23.55 6.45
N SER D 17 5.56 -24.43 5.63
CA SER D 17 5.97 -24.06 4.27
C SER D 17 4.73 -23.78 3.44
N LYS D 18 4.81 -22.85 2.49
CA LYS D 18 3.68 -22.52 1.66
C LYS D 18 3.05 -23.78 1.08
N THR D 19 3.89 -24.77 0.80
CA THR D 19 3.43 -26.03 0.26
C THR D 19 2.46 -26.72 1.22
N SER D 20 2.87 -26.86 2.48
CA SER D 20 2.05 -27.50 3.49
C SER D 20 0.84 -26.68 3.93
N TRP D 21 0.98 -25.35 3.90
CA TRP D 21 -0.12 -24.47 4.28
C TRP D 21 -1.20 -24.50 3.21
N ASP D 22 -0.79 -24.42 1.95
CA ASP D 22 -1.72 -24.44 0.84
C ASP D 22 -2.48 -25.76 0.82
N PHE D 23 -1.83 -26.84 1.23
CA PHE D 23 -2.48 -28.14 1.27
C PHE D 23 -3.55 -28.18 2.36
N ILE D 24 -3.25 -27.54 3.50
CA ILE D 24 -4.19 -27.50 4.60
C ILE D 24 -5.37 -26.59 4.29
N GLU D 25 -5.16 -25.62 3.40
CA GLU D 25 -6.25 -24.73 2.99
C GLU D 25 -6.97 -25.50 1.89
N GLY D 26 -6.22 -25.79 0.83
CA GLY D 26 -6.72 -26.55 -0.30
C GLY D 26 -8.13 -26.34 -0.80
N GLU D 27 -8.54 -25.09 -0.99
CA GLU D 27 -9.88 -24.85 -1.50
C GLU D 27 -9.91 -25.37 -2.95
N ALA D 28 -11.04 -25.94 -3.37
CA ALA D 28 -11.15 -26.48 -4.71
C ALA D 28 -11.62 -25.43 -5.72
N ASP D 29 -11.01 -25.46 -6.89
CA ASP D 29 -11.36 -24.57 -7.98
C ASP D 29 -11.41 -23.09 -7.59
N ASP D 30 -12.55 -22.42 -7.79
CA ASP D 30 -12.66 -20.99 -7.47
C ASP D 30 -12.74 -20.72 -5.96
N GLY D 31 -12.79 -21.79 -5.16
CA GLY D 31 -12.85 -21.65 -3.71
C GLY D 31 -14.04 -20.90 -3.15
N ILE D 32 -15.20 -21.09 -3.74
CA ILE D 32 -16.42 -20.43 -3.29
C ILE D 32 -16.96 -20.99 -1.97
N THR D 33 -17.06 -22.32 -1.89
CA THR D 33 -17.60 -22.98 -0.70
C THR D 33 -16.75 -22.82 0.55
N TYR D 34 -15.43 -22.82 0.38
CA TYR D 34 -14.52 -22.64 1.51
C TYR D 34 -14.89 -21.39 2.30
N SER D 35 -15.10 -20.27 1.60
CA SER D 35 -15.45 -19.00 2.22
C SER D 35 -16.91 -18.99 2.71
N GLU D 36 -17.79 -19.54 1.90
CA GLU D 36 -19.20 -19.61 2.21
C GLU D 36 -19.47 -20.38 3.52
N ASN D 37 -18.68 -21.43 3.78
CA ASN D 37 -18.89 -22.20 5.01
C ASN D 37 -18.84 -21.26 6.22
N ILE D 38 -18.03 -20.21 6.13
CA ILE D 38 -17.94 -19.27 7.23
C ILE D 38 -19.01 -18.17 7.11
N ALA D 39 -19.16 -17.59 5.92
CA ALA D 39 -20.15 -16.53 5.75
C ALA D 39 -21.56 -17.01 6.11
N ALA D 40 -21.87 -18.27 5.80
CA ALA D 40 -23.19 -18.82 6.09
C ALA D 40 -23.47 -18.80 7.59
N PHE D 41 -22.44 -19.11 8.39
CA PHE D 41 -22.59 -19.05 9.84
C PHE D 41 -22.84 -17.61 10.30
N LYS D 42 -22.01 -16.68 9.81
CA LYS D 42 -22.12 -15.27 10.21
C LYS D 42 -23.45 -14.59 9.90
N ARG D 43 -24.18 -15.07 8.88
CA ARG D 43 -25.47 -14.48 8.51
C ARG D 43 -26.60 -14.79 9.48
N ILE D 44 -26.52 -15.93 10.14
CA ILE D 44 -27.56 -16.36 11.06
C ILE D 44 -27.59 -15.48 12.31
N ARG D 45 -28.80 -15.04 12.67
CA ARG D 45 -28.98 -14.19 13.84
C ARG D 45 -29.51 -14.99 15.04
N LEU D 46 -28.99 -14.68 16.21
CA LEU D 46 -29.38 -15.36 17.44
C LEU D 46 -30.43 -14.58 18.22
N ARG D 47 -31.29 -15.30 18.93
CA ARG D 47 -32.34 -14.69 19.74
C ARG D 47 -32.14 -15.12 21.19
N PRO D 48 -31.39 -14.33 21.97
CA PRO D 48 -31.14 -14.68 23.36
C PRO D 48 -32.31 -14.47 24.31
N ARG D 49 -32.33 -15.28 25.37
CA ARG D 49 -33.36 -15.19 26.40
C ARG D 49 -32.61 -14.92 27.69
N TYR D 50 -32.80 -13.74 28.25
CA TYR D 50 -32.08 -13.36 29.46
C TYR D 50 -32.81 -13.57 30.78
N LEU D 51 -32.13 -13.25 31.87
CA LEU D 51 -32.65 -13.38 33.21
C LEU D 51 -33.10 -14.79 33.61
N ARG D 52 -32.41 -15.78 33.07
CA ARG D 52 -32.68 -17.17 33.41
C ARG D 52 -31.52 -17.55 34.33
N ASP D 53 -31.72 -18.52 35.21
CA ASP D 53 -30.65 -18.92 36.11
C ASP D 53 -29.61 -19.73 35.34
N MET D 54 -28.47 -19.12 35.06
CA MET D 54 -27.39 -19.76 34.32
C MET D 54 -26.18 -20.05 35.19
N SER D 55 -26.41 -20.28 36.48
CA SER D 55 -25.32 -20.57 37.40
C SER D 55 -24.63 -21.89 37.06
N LYS D 56 -25.37 -22.82 36.46
CA LYS D 56 -24.81 -24.10 36.09
C LYS D 56 -25.06 -24.40 34.62
N VAL D 57 -24.05 -24.21 33.78
CA VAL D 57 -24.18 -24.47 32.34
C VAL D 57 -23.45 -25.76 32.01
N ASP D 58 -24.20 -26.75 31.54
CA ASP D 58 -23.65 -28.06 31.20
C ASP D 58 -23.39 -28.12 29.70
N THR D 59 -22.15 -28.45 29.35
CA THR D 59 -21.75 -28.52 27.96
C THR D 59 -21.64 -29.96 27.41
N ARG D 60 -21.89 -30.93 28.27
CA ARG D 60 -21.79 -32.36 27.88
C ARG D 60 -22.94 -32.87 27.03
N THR D 61 -22.67 -33.96 26.32
CA THR D 61 -23.66 -34.60 25.48
C THR D 61 -23.16 -35.99 25.14
N THR D 62 -23.87 -36.68 24.25
CA THR D 62 -23.48 -38.01 23.83
C THR D 62 -23.68 -38.17 22.33
N ILE D 63 -22.86 -39.02 21.73
CA ILE D 63 -22.97 -39.32 20.32
C ILE D 63 -22.81 -40.84 20.29
N GLN D 64 -23.75 -41.52 19.65
CA GLN D 64 -23.75 -42.98 19.57
C GLN D 64 -23.67 -43.55 20.98
N GLY D 65 -24.39 -42.91 21.90
CA GLY D 65 -24.42 -43.35 23.29
C GLY D 65 -23.21 -43.03 24.16
N GLN D 66 -22.12 -42.59 23.54
CA GLN D 66 -20.90 -42.27 24.28
C GLN D 66 -20.89 -40.81 24.76
N GLU D 67 -20.61 -40.59 26.03
CA GLU D 67 -20.58 -39.23 26.57
C GLU D 67 -19.27 -38.50 26.29
N ILE D 68 -19.39 -37.21 25.98
CA ILE D 68 -18.22 -36.39 25.71
C ILE D 68 -18.33 -35.03 26.40
N SER D 69 -17.18 -34.42 26.66
CA SER D 69 -17.10 -33.12 27.32
C SER D 69 -17.97 -32.03 26.70
N ALA D 70 -17.97 -31.97 25.37
CA ALA D 70 -18.74 -30.97 24.63
C ALA D 70 -19.04 -31.50 23.24
N PRO D 71 -20.01 -30.89 22.52
CA PRO D 71 -20.35 -31.35 21.16
C PRO D 71 -19.33 -30.88 20.15
N ILE D 72 -18.06 -30.98 20.55
CA ILE D 72 -16.95 -30.53 19.72
C ILE D 72 -15.95 -31.65 19.51
N CYS D 73 -15.91 -32.23 18.32
CA CYS D 73 -15.00 -33.32 18.04
C CYS D 73 -14.08 -33.08 16.87
N ILE D 74 -13.16 -34.03 16.64
CA ILE D 74 -12.17 -33.90 15.58
C ILE D 74 -12.53 -34.68 14.34
N SER D 75 -12.70 -33.96 13.23
CA SER D 75 -13.03 -34.60 11.97
C SER D 75 -11.79 -35.24 11.37
N PRO D 76 -11.97 -36.26 10.52
CA PRO D 76 -10.81 -36.92 9.91
C PRO D 76 -10.02 -35.98 8.99
N THR D 77 -8.70 -35.90 9.22
CA THR D 77 -7.80 -35.07 8.42
C THR D 77 -6.49 -35.82 8.26
N ALA D 78 -6.07 -35.99 7.01
CA ALA D 78 -4.85 -36.72 6.70
C ALA D 78 -3.53 -36.08 7.10
N PHE D 79 -2.51 -36.93 7.18
CA PHE D 79 -1.13 -36.57 7.47
C PHE D 79 -0.87 -35.48 8.50
N HIS D 80 -1.12 -35.77 9.77
CA HIS D 80 -0.89 -34.78 10.80
C HIS D 80 0.58 -34.43 10.97
N SER D 81 1.46 -35.26 10.41
CA SER D 81 2.88 -35.02 10.52
C SER D 81 3.38 -33.81 9.74
N ILE D 82 2.56 -33.26 8.85
CA ILE D 82 2.99 -32.09 8.11
C ILE D 82 2.84 -30.85 8.97
N ALA D 83 2.17 -31.01 10.12
CA ALA D 83 1.95 -29.91 11.05
C ALA D 83 2.80 -30.06 12.30
N TRP D 84 3.02 -31.29 12.74
CA TRP D 84 3.82 -31.56 13.93
C TRP D 84 4.41 -32.96 13.81
N PRO D 85 5.70 -33.11 14.13
CA PRO D 85 6.41 -34.39 14.05
C PRO D 85 5.66 -35.57 14.65
N ASP D 86 5.11 -35.40 15.85
CA ASP D 86 4.35 -36.43 16.54
C ASP D 86 3.06 -36.81 15.81
N GLY D 87 2.65 -36.00 14.84
CA GLY D 87 1.44 -36.27 14.08
C GLY D 87 0.22 -36.63 14.92
N GLU D 88 -0.46 -37.70 14.50
CA GLU D 88 -1.68 -38.14 15.17
C GLU D 88 -1.49 -38.56 16.63
N LYS D 89 -0.25 -38.86 17.02
CA LYS D 89 -0.01 -39.25 18.39
C LYS D 89 -0.31 -38.10 19.32
N SER D 90 0.09 -36.90 18.95
CA SER D 90 -0.18 -35.72 19.78
C SER D 90 -1.69 -35.44 19.77
N THR D 91 -2.30 -35.56 18.59
CA THR D 91 -3.72 -35.33 18.46
C THR D 91 -4.51 -36.28 19.36
N ALA D 92 -4.15 -37.56 19.30
CA ALA D 92 -4.82 -38.58 20.11
C ALA D 92 -4.77 -38.24 21.59
N ARG D 93 -3.59 -37.87 22.08
CA ARG D 93 -3.44 -37.55 23.50
C ARG D 93 -4.31 -36.35 23.90
N ALA D 94 -4.32 -35.32 23.06
CA ALA D 94 -5.11 -34.14 23.36
C ALA D 94 -6.61 -34.47 23.34
N ALA D 95 -7.04 -35.24 22.35
CA ALA D 95 -8.45 -35.64 22.25
C ALA D 95 -8.85 -36.46 23.49
N GLN D 96 -7.98 -37.34 23.93
CA GLN D 96 -8.27 -38.17 25.10
C GLN D 96 -8.43 -37.33 26.35
N GLU D 97 -7.53 -36.37 26.55
CA GLU D 97 -7.62 -35.53 27.73
C GLU D 97 -8.82 -34.59 27.66
N ALA D 98 -9.20 -34.18 26.46
CA ALA D 98 -10.35 -33.29 26.31
C ALA D 98 -11.65 -34.10 26.40
N ASN D 99 -11.52 -35.41 26.29
CA ASN D 99 -12.65 -36.34 26.36
C ASN D 99 -13.69 -36.08 25.28
N ILE D 100 -13.25 -36.05 24.03
CA ILE D 100 -14.16 -35.86 22.91
C ILE D 100 -13.81 -36.92 21.89
N CYS D 101 -14.58 -37.01 20.83
CA CYS D 101 -14.32 -38.02 19.82
C CYS D 101 -13.30 -37.56 18.79
N TYR D 102 -12.34 -38.43 18.53
CA TYR D 102 -11.30 -38.16 17.54
C TYR D 102 -11.47 -39.16 16.38
N VAL D 103 -11.87 -38.65 15.22
CA VAL D 103 -12.04 -39.47 14.03
C VAL D 103 -10.72 -39.51 13.30
N ILE D 104 -10.08 -40.69 13.29
CA ILE D 104 -8.79 -40.83 12.64
C ILE D 104 -8.95 -41.01 11.13
N SER D 105 -8.08 -40.32 10.38
CA SER D 105 -8.10 -40.38 8.93
C SER D 105 -7.55 -41.69 8.40
N SER D 106 -7.99 -42.03 7.19
CA SER D 106 -7.57 -43.25 6.53
C SER D 106 -6.12 -43.08 6.09
N TYR D 107 -5.69 -41.82 5.99
CA TYR D 107 -4.33 -41.52 5.55
C TYR D 107 -3.48 -40.84 6.62
N ALA D 108 -3.41 -41.46 7.80
CA ALA D 108 -2.63 -40.90 8.89
C ALA D 108 -1.14 -41.09 8.68
N SER D 109 -0.33 -40.33 9.40
CA SER D 109 1.10 -40.43 9.29
C SER D 109 1.63 -41.62 10.09
N TYR D 110 0.90 -41.97 11.14
CA TYR D 110 1.28 -43.10 11.98
C TYR D 110 0.24 -44.21 11.91
N SER D 111 0.69 -45.43 12.18
CA SER D 111 -0.20 -46.59 12.15
C SER D 111 -1.23 -46.45 13.28
N LEU D 112 -2.37 -47.11 13.09
CA LEU D 112 -3.43 -47.07 14.10
C LEU D 112 -2.90 -47.60 15.43
N GLU D 113 -2.01 -48.59 15.36
CA GLU D 113 -1.43 -49.18 16.56
C GLU D 113 -0.66 -48.12 17.33
N ASP D 114 0.22 -47.41 16.65
CA ASP D 114 1.03 -46.37 17.29
C ASP D 114 0.14 -45.29 17.89
N ILE D 115 -0.88 -44.89 17.13
CA ILE D 115 -1.80 -43.87 17.59
C ILE D 115 -2.53 -44.32 18.86
N VAL D 116 -3.19 -45.47 18.79
CA VAL D 116 -3.93 -45.99 19.93
C VAL D 116 -3.03 -46.16 21.16
N ALA D 117 -1.80 -46.63 20.93
CA ALA D 117 -0.85 -46.84 22.01
C ALA D 117 -0.56 -45.53 22.74
N ALA D 118 -0.51 -44.43 21.99
CA ALA D 118 -0.23 -43.13 22.58
C ALA D 118 -1.34 -42.63 23.51
N ALA D 119 -2.57 -43.08 23.26
CA ALA D 119 -3.72 -42.65 24.05
C ALA D 119 -4.76 -43.77 24.17
N PRO D 120 -4.43 -44.84 24.90
CA PRO D 120 -5.27 -46.02 25.12
C PRO D 120 -6.76 -45.80 25.38
N GLU D 121 -7.10 -44.92 26.32
CA GLU D 121 -8.49 -44.67 26.66
C GLU D 121 -9.27 -43.70 25.79
N GLY D 122 -8.63 -43.16 24.75
CA GLY D 122 -9.33 -42.21 23.90
C GLY D 122 -10.53 -42.74 23.15
N PHE D 123 -11.58 -41.92 23.08
CA PHE D 123 -12.79 -42.25 22.34
C PHE D 123 -12.47 -41.93 20.89
N ARG D 124 -12.60 -42.91 19.99
CA ARG D 124 -12.27 -42.62 18.60
C ARG D 124 -13.02 -43.42 17.55
N TRP D 125 -13.20 -42.80 16.39
CA TRP D 125 -13.86 -43.42 15.25
C TRP D 125 -12.79 -43.56 14.19
N PHE D 126 -13.07 -44.35 13.15
CA PHE D 126 -12.10 -44.54 12.09
C PHE D 126 -12.74 -44.27 10.74
N GLN D 127 -12.11 -43.37 9.98
CA GLN D 127 -12.60 -43.02 8.66
C GLN D 127 -11.82 -43.87 7.68
N LEU D 128 -12.51 -44.80 7.03
CA LEU D 128 -11.87 -45.70 6.09
C LEU D 128 -12.33 -45.54 4.66
N TYR D 129 -11.39 -45.26 3.77
CA TYR D 129 -11.72 -45.13 2.35
C TYR D 129 -11.74 -46.54 1.79
N MET D 130 -12.94 -47.01 1.43
CA MET D 130 -13.10 -48.35 0.88
C MET D 130 -12.36 -48.54 -0.43
N LYS D 131 -11.79 -49.73 -0.62
CA LYS D 131 -11.06 -50.03 -1.86
C LYS D 131 -11.70 -51.22 -2.59
N SER D 132 -11.19 -51.52 -3.78
CA SER D 132 -11.71 -52.63 -4.55
C SER D 132 -11.45 -53.93 -3.80
N ASP D 133 -10.25 -54.03 -3.23
CA ASP D 133 -9.88 -55.21 -2.48
C ASP D 133 -10.64 -55.23 -1.16
N TRP D 134 -11.73 -56.01 -1.11
CA TRP D 134 -12.51 -56.10 0.12
C TRP D 134 -11.83 -56.94 1.20
N ASP D 135 -10.71 -57.56 0.86
CA ASP D 135 -9.95 -58.33 1.84
C ASP D 135 -9.23 -57.30 2.70
N PHE D 136 -8.77 -56.24 2.04
CA PHE D 136 -8.10 -55.15 2.72
C PHE D 136 -9.16 -54.46 3.56
N ASN D 137 -10.35 -54.36 3.00
CA ASN D 137 -11.45 -53.72 3.67
C ASN D 137 -11.86 -54.41 4.97
N LYS D 138 -12.22 -55.68 4.90
CA LYS D 138 -12.65 -56.39 6.09
C LYS D 138 -11.52 -56.54 7.11
N GLN D 139 -10.28 -56.60 6.62
CA GLN D 139 -9.15 -56.74 7.53
C GLN D 139 -8.88 -55.41 8.23
N MET D 140 -9.13 -54.30 7.54
CA MET D 140 -8.94 -52.98 8.14
C MET D 140 -10.02 -52.75 9.20
N VAL D 141 -11.25 -53.17 8.87
CA VAL D 141 -12.36 -53.02 9.80
C VAL D 141 -12.10 -53.85 11.05
N GLN D 142 -11.74 -55.13 10.88
CA GLN D 142 -11.47 -55.99 12.03
C GLN D 142 -10.32 -55.42 12.84
N ARG D 143 -9.33 -54.87 12.14
CA ARG D 143 -8.17 -54.28 12.78
C ARG D 143 -8.61 -53.09 13.64
N ALA D 144 -9.58 -52.33 13.13
CA ALA D 144 -10.11 -51.18 13.83
C ALA D 144 -10.89 -51.63 15.06
N GLU D 145 -11.74 -52.64 14.89
CA GLU D 145 -12.55 -53.17 15.98
C GLU D 145 -11.61 -53.68 17.08
N ALA D 146 -10.53 -54.34 16.65
CA ALA D 146 -9.56 -54.89 17.57
C ALA D 146 -8.87 -53.80 18.38
N LEU D 147 -8.59 -52.68 17.72
CA LEU D 147 -7.92 -51.56 18.38
C LEU D 147 -8.81 -50.69 19.25
N GLY D 148 -10.10 -51.03 19.33
CA GLY D 148 -10.99 -50.27 20.18
C GLY D 148 -11.79 -49.14 19.57
N PHE D 149 -11.71 -48.96 18.25
CA PHE D 149 -12.49 -47.89 17.63
C PHE D 149 -13.97 -48.20 17.80
N LYS D 150 -14.75 -47.19 18.15
CA LYS D 150 -16.17 -47.38 18.39
C LYS D 150 -17.13 -47.00 17.27
N ALA D 151 -16.61 -46.77 16.08
CA ALA D 151 -17.47 -46.44 14.94
C ALA D 151 -16.65 -46.33 13.67
N LEU D 152 -17.31 -46.55 12.55
CA LEU D 152 -16.67 -46.50 11.25
C LEU D 152 -17.26 -45.35 10.48
N VAL D 153 -16.39 -44.47 9.99
CA VAL D 153 -16.85 -43.32 9.22
C VAL D 153 -16.55 -43.54 7.74
N ILE D 154 -17.58 -43.46 6.93
CA ILE D 154 -17.40 -43.62 5.50
C ILE D 154 -17.66 -42.28 4.86
N THR D 155 -16.61 -41.71 4.27
CA THR D 155 -16.70 -40.42 3.60
C THR D 155 -17.15 -40.73 2.17
N ILE D 156 -18.26 -40.12 1.77
CA ILE D 156 -18.84 -40.37 0.46
C ILE D 156 -18.69 -39.29 -0.61
N ASP D 157 -18.12 -38.14 -0.25
CA ASP D 157 -17.98 -37.06 -1.22
C ASP D 157 -16.61 -37.01 -1.88
N THR D 158 -15.87 -38.11 -1.81
CA THR D 158 -14.54 -38.13 -2.39
C THR D 158 -14.28 -39.34 -3.30
N PRO D 159 -15.14 -39.55 -4.31
CA PRO D 159 -14.92 -40.70 -5.20
C PRO D 159 -13.61 -40.44 -5.95
N VAL D 160 -13.30 -39.16 -6.12
CA VAL D 160 -12.08 -38.73 -6.76
C VAL D 160 -11.67 -37.48 -5.96
N LEU D 161 -10.40 -37.08 -6.05
CA LEU D 161 -9.94 -35.91 -5.32
C LEU D 161 -10.35 -34.59 -5.96
N GLY D 162 -10.68 -33.62 -5.11
CA GLY D 162 -11.06 -32.31 -5.59
C GLY D 162 -9.90 -31.64 -6.29
N ASN D 163 -10.20 -30.63 -7.10
CA ASN D 163 -9.19 -29.91 -7.86
C ASN D 163 -8.63 -28.70 -7.09
N ARG D 164 -7.57 -28.93 -6.32
CA ARG D 164 -6.94 -27.86 -5.54
C ARG D 164 -5.85 -27.19 -6.35
N ARG D 165 -6.17 -26.06 -6.97
CA ARG D 165 -5.23 -25.33 -7.81
C ARG D 165 -3.88 -25.06 -7.17
N ARG D 166 -3.87 -24.66 -5.90
CA ARG D 166 -2.62 -24.36 -5.23
C ARG D 166 -1.69 -25.56 -5.20
N ASP D 167 -2.18 -26.73 -4.77
CA ASP D 167 -1.33 -27.91 -4.72
C ASP D 167 -0.73 -28.18 -6.11
N LYS D 168 -1.54 -28.06 -7.16
CA LYS D 168 -1.08 -28.30 -8.52
C LYS D 168 0.00 -27.30 -8.92
N ARG D 169 -0.21 -26.01 -8.63
CA ARG D 169 0.78 -25.00 -8.97
C ARG D 169 2.07 -25.24 -8.19
N ASN D 170 1.96 -25.84 -7.00
CA ASN D 170 3.14 -26.14 -6.17
C ASN D 170 3.61 -27.56 -6.51
N GLN D 171 2.98 -28.12 -7.53
CA GLN D 171 3.32 -29.46 -8.02
C GLN D 171 3.42 -30.54 -6.94
N LEU D 172 2.63 -30.41 -5.87
CA LEU D 172 2.64 -31.40 -4.78
C LEU D 172 4.07 -31.61 -4.27
N ASN D 173 4.33 -32.82 -3.75
CA ASN D 173 5.61 -33.29 -3.19
C ASN D 173 5.52 -33.35 -1.66
N LEU D 174 4.30 -33.55 -1.17
CA LEU D 174 4.01 -33.61 0.26
C LEU D 174 5.15 -34.24 1.06
N GLU D 175 5.98 -33.40 1.67
CA GLU D 175 7.12 -33.86 2.47
C GLU D 175 7.03 -33.49 3.94
N ALA D 176 6.45 -34.38 4.73
CA ALA D 176 6.30 -34.19 6.16
C ALA D 176 7.68 -34.18 6.81
N LEU D 183 4.13 -44.15 7.81
CA LEU D 183 3.30 -44.51 6.62
C LEU D 183 3.40 -43.43 5.55
N ARG D 184 4.21 -43.69 4.51
CA ARG D 184 4.44 -42.76 3.41
C ARG D 184 3.16 -42.21 2.77
N ALA D 185 3.27 -41.05 2.12
CA ALA D 185 2.13 -40.41 1.47
C ALA D 185 1.86 -41.00 0.08
N LEU D 186 0.64 -41.51 -0.11
CA LEU D 186 0.26 -42.10 -1.39
C LEU D 186 0.48 -41.17 -2.57
N LYS D 187 1.32 -41.62 -3.50
CA LYS D 187 1.62 -40.84 -4.69
C LYS D 187 0.33 -40.38 -5.36
N ALA D 202 -12.41 -44.71 -7.06
CA ALA D 202 -13.44 -45.30 -6.16
C ALA D 202 -14.73 -45.61 -6.91
N SER D 203 -15.35 -46.74 -6.57
CA SER D 203 -16.57 -47.18 -7.21
C SER D 203 -17.63 -47.55 -6.17
N PHE D 204 -17.32 -47.28 -4.90
CA PHE D 204 -18.21 -47.57 -3.78
C PHE D 204 -19.60 -46.94 -3.95
N CYS D 205 -20.65 -47.75 -3.85
CA CYS D 205 -22.02 -47.27 -4.00
C CYS D 205 -22.90 -47.75 -2.85
N TRP D 206 -24.16 -47.30 -2.83
CA TRP D 206 -25.10 -47.67 -1.79
C TRP D 206 -25.20 -49.17 -1.50
N ASN D 207 -25.23 -49.99 -2.55
CA ASN D 207 -25.33 -51.44 -2.37
C ASN D 207 -24.15 -52.03 -1.62
N ASP D 208 -22.97 -51.46 -1.83
CA ASP D 208 -21.77 -51.94 -1.16
C ASP D 208 -21.89 -51.82 0.35
N LEU D 209 -22.78 -50.93 0.80
CA LEU D 209 -22.99 -50.74 2.24
C LEU D 209 -23.52 -52.00 2.90
N SER D 210 -24.41 -52.70 2.18
CA SER D 210 -25.00 -53.93 2.68
C SER D 210 -23.93 -54.92 3.09
N LEU D 211 -22.88 -55.01 2.29
CA LEU D 211 -21.79 -55.95 2.57
C LEU D 211 -20.89 -55.51 3.72
N LEU D 212 -20.70 -54.20 3.84
CA LEU D 212 -19.86 -53.65 4.89
C LEU D 212 -20.51 -53.92 6.26
N GLN D 213 -21.81 -53.66 6.35
CA GLN D 213 -22.55 -53.87 7.59
C GLN D 213 -22.59 -55.35 8.00
N SER D 214 -22.20 -56.22 7.08
CA SER D 214 -22.18 -57.67 7.35
C SER D 214 -20.88 -58.10 7.97
N ILE D 215 -19.81 -57.34 7.74
CA ILE D 215 -18.52 -57.69 8.28
C ILE D 215 -18.11 -56.92 9.53
N THR D 216 -18.97 -56.02 9.99
CA THR D 216 -18.67 -55.24 11.18
C THR D 216 -19.85 -55.09 12.16
N ARG D 217 -19.52 -54.86 13.42
CA ARG D 217 -20.52 -54.67 14.45
C ARG D 217 -20.47 -53.20 14.86
N LEU D 218 -19.62 -52.44 14.18
CA LEU D 218 -19.45 -51.02 14.46
C LEU D 218 -20.47 -50.18 13.74
N PRO D 219 -21.05 -49.21 14.43
CA PRO D 219 -22.04 -48.34 13.80
C PRO D 219 -21.36 -47.62 12.62
N ILE D 220 -22.12 -47.38 11.56
CA ILE D 220 -21.59 -46.72 10.38
C ILE D 220 -22.12 -45.30 10.23
N ILE D 221 -21.20 -44.36 10.07
CA ILE D 221 -21.55 -42.95 9.90
C ILE D 221 -21.13 -42.50 8.50
N LEU D 222 -22.08 -41.98 7.75
CA LEU D 222 -21.84 -41.48 6.40
C LEU D 222 -21.48 -40.00 6.44
N LYS D 223 -20.32 -39.66 5.88
CA LYS D 223 -19.81 -38.28 5.87
C LYS D 223 -19.80 -37.65 4.50
N GLY D 224 -20.43 -36.49 4.38
CA GLY D 224 -20.47 -35.78 3.11
C GLY D 224 -21.85 -35.55 2.54
N ILE D 225 -22.89 -36.02 3.24
CA ILE D 225 -24.25 -35.84 2.76
C ILE D 225 -24.63 -34.36 2.81
N LEU D 226 -25.21 -33.88 1.70
CA LEU D 226 -25.62 -32.49 1.60
C LEU D 226 -27.08 -32.32 1.22
N THR D 227 -27.73 -33.41 0.80
CA THR D 227 -29.13 -33.34 0.36
C THR D 227 -30.08 -34.26 1.11
N LYS D 228 -31.38 -33.95 1.05
CA LYS D 228 -32.38 -34.77 1.71
C LYS D 228 -32.52 -36.12 0.98
N GLU D 229 -32.31 -36.12 -0.34
CA GLU D 229 -32.41 -37.36 -1.11
C GLU D 229 -31.40 -38.39 -0.59
N ASP D 230 -30.14 -37.97 -0.45
CA ASP D 230 -29.10 -38.85 0.04
C ASP D 230 -29.31 -39.18 1.51
N ALA D 231 -29.96 -38.28 2.24
CA ALA D 231 -30.24 -38.51 3.64
C ALA D 231 -31.25 -39.66 3.74
N GLU D 232 -32.25 -39.63 2.83
CA GLU D 232 -33.28 -40.68 2.79
C GLU D 232 -32.62 -42.03 2.48
N LEU D 233 -31.77 -42.04 1.46
CA LEU D 233 -31.07 -43.27 1.09
C LEU D 233 -30.26 -43.80 2.27
N ALA D 234 -29.64 -42.89 3.01
CA ALA D 234 -28.82 -43.26 4.17
C ALA D 234 -29.67 -44.02 5.19
N MET D 235 -30.90 -43.54 5.42
CA MET D 235 -31.77 -44.21 6.36
C MET D 235 -32.28 -45.56 5.81
N LYS D 236 -32.60 -45.60 4.52
CA LYS D 236 -33.06 -46.85 3.92
C LYS D 236 -32.01 -47.93 4.05
N HIS D 237 -30.75 -47.52 4.08
CA HIS D 237 -29.65 -48.48 4.19
C HIS D 237 -29.25 -48.70 5.64
N ASN D 238 -30.07 -48.21 6.55
CA ASN D 238 -29.86 -48.38 7.98
C ASN D 238 -28.46 -48.06 8.54
N VAL D 239 -27.98 -46.84 8.29
CA VAL D 239 -26.68 -46.44 8.83
C VAL D 239 -26.99 -45.80 10.17
N GLN D 240 -25.99 -45.68 11.05
CA GLN D 240 -26.22 -45.13 12.38
C GLN D 240 -26.08 -43.61 12.52
N GLY D 241 -25.55 -42.94 11.51
CA GLY D 241 -25.38 -41.51 11.60
C GLY D 241 -24.91 -40.81 10.34
N ILE D 242 -25.12 -39.49 10.30
CA ILE D 242 -24.74 -38.68 9.15
C ILE D 242 -23.94 -37.45 9.55
N VAL D 243 -22.85 -37.19 8.83
CA VAL D 243 -22.07 -35.99 9.08
C VAL D 243 -22.33 -35.11 7.86
N VAL D 244 -23.11 -34.05 8.05
CA VAL D 244 -23.40 -33.13 6.96
C VAL D 244 -22.08 -32.39 6.74
N SER D 245 -21.57 -32.44 5.50
CA SER D 245 -20.29 -31.83 5.20
C SER D 245 -20.04 -31.73 3.71
N ASN D 246 -19.25 -30.74 3.33
CA ASN D 246 -18.88 -30.56 1.94
C ASN D 246 -17.36 -30.68 1.86
N HIS D 247 -16.80 -31.42 2.81
CA HIS D 247 -15.36 -31.66 2.86
C HIS D 247 -14.58 -30.34 2.94
N GLY D 248 -15.13 -29.36 3.65
CA GLY D 248 -14.46 -28.08 3.77
C GLY D 248 -14.25 -27.35 2.46
N GLY D 249 -15.04 -27.67 1.45
CA GLY D 249 -14.89 -26.99 0.16
C GLY D 249 -13.65 -27.42 -0.60
N ARG D 250 -13.14 -28.60 -0.27
CA ARG D 250 -11.94 -29.14 -0.92
C ARG D 250 -12.31 -30.17 -2.00
N GLN D 251 -13.60 -30.41 -2.19
CA GLN D 251 -14.05 -31.38 -3.20
C GLN D 251 -14.87 -30.71 -4.31
N LEU D 252 -16.17 -30.97 -4.34
CA LEU D 252 -17.02 -30.34 -5.35
C LEU D 252 -17.28 -28.93 -4.83
N ASP D 253 -16.83 -27.91 -5.57
CA ASP D 253 -17.02 -26.55 -5.12
C ASP D 253 -18.35 -25.97 -5.61
N GLU D 254 -18.79 -24.91 -4.92
CA GLU D 254 -20.03 -24.21 -5.22
C GLU D 254 -21.28 -25.00 -4.83
N VAL D 255 -21.15 -25.80 -3.78
CA VAL D 255 -22.28 -26.55 -3.24
C VAL D 255 -22.71 -25.70 -2.03
N SER D 256 -23.78 -26.07 -1.36
CA SER D 256 -24.22 -25.28 -0.21
C SER D 256 -23.24 -25.32 0.96
N ALA D 257 -23.31 -24.31 1.81
CA ALA D 257 -22.47 -24.27 3.00
C ALA D 257 -23.01 -25.39 3.90
N SER D 258 -22.12 -26.11 4.56
CA SER D 258 -22.56 -27.20 5.41
C SER D 258 -23.61 -26.81 6.45
N ILE D 259 -23.48 -25.62 7.06
CA ILE D 259 -24.46 -25.20 8.05
C ILE D 259 -25.83 -24.95 7.43
N ASP D 260 -25.87 -24.67 6.12
CA ASP D 260 -27.15 -24.45 5.45
C ASP D 260 -27.76 -25.79 5.02
N ALA D 261 -26.92 -26.70 4.54
CA ALA D 261 -27.39 -28.00 4.11
C ALA D 261 -27.93 -28.77 5.30
N LEU D 262 -27.38 -28.47 6.48
CA LEU D 262 -27.78 -29.10 7.73
C LEU D 262 -29.30 -29.09 7.90
N ARG D 263 -29.93 -27.97 7.54
CA ARG D 263 -31.37 -27.83 7.71
C ARG D 263 -32.23 -28.86 6.99
N GLU D 264 -32.04 -29.05 5.68
CA GLU D 264 -32.86 -30.02 4.97
C GLU D 264 -32.52 -31.45 5.37
N VAL D 265 -31.26 -31.73 5.68
CA VAL D 265 -30.87 -33.08 6.10
C VAL D 265 -31.54 -33.41 7.43
N VAL D 266 -31.53 -32.46 8.37
CA VAL D 266 -32.16 -32.66 9.67
C VAL D 266 -33.65 -32.87 9.50
N ALA D 267 -34.27 -32.07 8.63
CA ALA D 267 -35.72 -32.14 8.40
C ALA D 267 -36.14 -33.49 7.79
N ALA D 268 -35.28 -34.06 6.95
CA ALA D 268 -35.59 -35.34 6.33
C ALA D 268 -35.43 -36.51 7.30
N VAL D 269 -34.38 -36.46 8.11
CA VAL D 269 -34.07 -37.52 9.06
C VAL D 269 -35.06 -37.60 10.23
N LYS D 270 -35.70 -36.49 10.54
CA LYS D 270 -36.70 -36.41 11.61
C LYS D 270 -36.31 -37.09 12.93
N GLY D 271 -35.04 -36.98 13.29
CA GLY D 271 -34.58 -37.57 14.53
C GLY D 271 -34.37 -39.07 14.56
N LYS D 272 -34.56 -39.74 13.41
CA LYS D 272 -34.39 -41.18 13.37
C LYS D 272 -32.96 -41.58 13.76
N ILE D 273 -31.98 -40.83 13.28
CA ILE D 273 -30.58 -41.09 13.60
C ILE D 273 -29.89 -39.77 13.90
N GLU D 274 -28.72 -39.84 14.52
CA GLU D 274 -27.97 -38.63 14.85
C GLU D 274 -27.33 -37.99 13.62
N VAL D 275 -27.46 -36.66 13.53
CA VAL D 275 -26.90 -35.89 12.43
C VAL D 275 -25.86 -34.93 13.00
N TYR D 276 -24.67 -34.93 12.42
CA TYR D 276 -23.59 -34.05 12.85
C TYR D 276 -23.19 -33.20 11.66
N MET D 277 -22.19 -32.32 11.84
CA MET D 277 -21.73 -31.49 10.74
C MET D 277 -20.32 -30.96 10.98
N ASP D 278 -19.70 -30.51 9.90
CA ASP D 278 -18.38 -29.89 9.97
C ASP D 278 -18.30 -28.91 8.82
N GLY D 279 -17.30 -28.06 8.85
CA GLY D 279 -17.14 -27.07 7.79
C GLY D 279 -17.39 -25.65 8.26
N GLY D 280 -16.31 -24.91 8.54
CA GLY D 280 -16.44 -23.53 8.97
C GLY D 280 -16.69 -23.23 10.43
N VAL D 281 -16.69 -24.23 11.28
CA VAL D 281 -16.90 -24.01 12.73
C VAL D 281 -15.62 -23.37 13.28
N ARG D 282 -15.71 -22.14 13.75
CA ARG D 282 -14.51 -21.45 14.28
C ARG D 282 -14.71 -20.76 15.62
N THR D 283 -15.96 -20.49 15.97
CA THR D 283 -16.24 -19.81 17.23
C THR D 283 -17.45 -20.42 17.95
N GLY D 284 -17.54 -20.18 19.24
CA GLY D 284 -18.62 -20.70 20.06
C GLY D 284 -20.02 -20.67 19.48
N THR D 285 -20.48 -19.53 18.98
CA THR D 285 -21.82 -19.46 18.43
C THR D 285 -22.03 -20.34 17.20
N ASP D 286 -20.97 -20.72 16.50
CA ASP D 286 -21.14 -21.59 15.31
C ASP D 286 -21.59 -22.95 15.85
N VAL D 287 -20.99 -23.38 16.94
CA VAL D 287 -21.36 -24.64 17.56
C VAL D 287 -22.80 -24.52 18.05
N LEU D 288 -23.11 -23.41 18.71
CA LEU D 288 -24.45 -23.15 19.25
C LEU D 288 -25.50 -23.27 18.16
N LYS D 289 -25.22 -22.63 17.02
CA LYS D 289 -26.13 -22.62 15.88
C LYS D 289 -26.34 -23.99 15.26
N ALA D 290 -25.26 -24.75 15.12
CA ALA D 290 -25.37 -26.08 14.55
C ALA D 290 -26.28 -26.94 15.44
N LEU D 291 -26.08 -26.86 16.74
CA LEU D 291 -26.88 -27.60 17.70
C LEU D 291 -28.34 -27.17 17.68
N ALA D 292 -28.58 -25.86 17.64
CA ALA D 292 -29.95 -25.32 17.61
C ALA D 292 -30.67 -25.75 16.33
N LEU D 293 -29.91 -25.93 15.26
CA LEU D 293 -30.47 -26.32 13.98
C LEU D 293 -30.67 -27.83 13.83
N GLY D 294 -30.33 -28.59 14.86
CA GLY D 294 -30.54 -30.04 14.82
C GLY D 294 -29.35 -30.97 14.86
N ALA D 295 -28.13 -30.44 14.79
CA ALA D 295 -26.95 -31.29 14.82
C ALA D 295 -26.74 -31.82 16.24
N ARG D 296 -26.21 -33.03 16.35
CA ARG D 296 -25.94 -33.65 17.64
C ARG D 296 -24.61 -33.11 18.16
N CYS D 297 -23.73 -32.76 17.23
CA CYS D 297 -22.44 -32.19 17.58
C CYS D 297 -21.71 -31.77 16.30
N ILE D 298 -20.61 -31.04 16.44
CA ILE D 298 -19.86 -30.62 15.27
C ILE D 298 -18.47 -31.22 15.29
N PHE D 299 -17.82 -31.23 14.13
CA PHE D 299 -16.46 -31.74 14.04
C PHE D 299 -15.55 -30.66 13.47
N LEU D 300 -14.29 -30.65 13.89
CA LEU D 300 -13.32 -29.66 13.43
C LEU D 300 -12.32 -30.27 12.48
N GLY D 301 -12.05 -29.56 11.39
CA GLY D 301 -11.08 -30.03 10.43
C GLY D 301 -9.76 -29.28 10.56
N ARG D 302 -9.64 -28.18 9.82
CA ARG D 302 -8.40 -27.39 9.84
C ARG D 302 -7.94 -26.85 11.19
N PRO D 303 -8.87 -26.41 12.05
CA PRO D 303 -8.43 -25.88 13.34
C PRO D 303 -7.52 -26.85 14.12
N ILE D 304 -7.80 -28.14 14.02
CA ILE D 304 -7.00 -29.15 14.73
C ILE D 304 -5.57 -29.14 14.20
N LEU D 305 -5.42 -29.00 12.89
CA LEU D 305 -4.10 -28.94 12.28
C LEU D 305 -3.37 -27.64 12.67
N TRP D 306 -4.12 -26.54 12.80
CA TRP D 306 -3.54 -25.25 13.19
C TRP D 306 -2.99 -25.41 14.61
N GLY D 307 -3.76 -26.09 15.45
CA GLY D 307 -3.35 -26.32 16.81
C GLY D 307 -2.04 -27.11 16.84
N LEU D 308 -1.96 -28.17 16.05
CA LEU D 308 -0.74 -28.99 15.97
C LEU D 308 0.45 -28.17 15.50
N ALA D 309 0.24 -27.41 14.42
CA ALA D 309 1.31 -26.61 13.86
C ALA D 309 1.90 -25.63 14.86
N CYS D 310 1.05 -25.07 15.72
CA CYS D 310 1.49 -24.10 16.71
C CYS D 310 2.15 -24.68 17.97
N LYS D 311 1.52 -25.64 18.63
CA LYS D 311 2.09 -26.18 19.85
C LYS D 311 1.93 -27.69 20.03
N GLY D 312 1.81 -28.43 18.94
CA GLY D 312 1.64 -29.87 19.04
C GLY D 312 0.45 -30.26 19.88
N GLU D 313 0.63 -31.24 20.77
CA GLU D 313 -0.45 -31.70 21.62
C GLU D 313 -1.13 -30.57 22.40
N ASP D 314 -0.34 -29.68 23.00
CA ASP D 314 -0.90 -28.56 23.76
C ASP D 314 -1.70 -27.65 22.84
N GLY D 315 -1.30 -27.59 21.58
CA GLY D 315 -2.00 -26.77 20.62
C GLY D 315 -3.39 -27.31 20.33
N VAL D 316 -3.48 -28.62 20.08
CA VAL D 316 -4.78 -29.23 19.81
C VAL D 316 -5.68 -29.09 21.02
N LYS D 317 -5.11 -29.33 22.20
CA LYS D 317 -5.86 -29.23 23.45
C LYS D 317 -6.36 -27.80 23.68
N GLU D 318 -5.53 -26.80 23.34
CA GLU D 318 -5.92 -25.41 23.53
C GLU D 318 -7.09 -25.02 22.60
N VAL D 319 -7.03 -25.47 21.36
CA VAL D 319 -8.08 -25.19 20.40
C VAL D 319 -9.39 -25.76 20.92
N LEU D 320 -9.34 -27.02 21.38
CA LEU D 320 -10.53 -27.68 21.92
C LEU D 320 -11.04 -26.96 23.17
N ASP D 321 -10.13 -26.58 24.08
CA ASP D 321 -10.55 -25.88 25.31
C ASP D 321 -11.15 -24.53 24.97
N ILE D 322 -10.53 -23.80 24.04
CA ILE D 322 -11.03 -22.49 23.65
C ILE D 322 -12.44 -22.59 23.08
N LEU D 323 -12.65 -23.46 22.09
CA LEU D 323 -13.99 -23.59 21.51
C LEU D 323 -15.01 -24.00 22.57
N THR D 324 -14.63 -24.91 23.46
CA THR D 324 -15.53 -25.36 24.52
C THR D 324 -15.87 -24.19 25.44
N ALA D 325 -14.86 -23.41 25.81
CA ALA D 325 -15.07 -22.26 26.67
C ALA D 325 -16.06 -21.29 26.00
N GLU D 326 -15.90 -21.08 24.70
CA GLU D 326 -16.79 -20.16 23.97
C GLU D 326 -18.24 -20.66 23.93
N LEU D 327 -18.40 -21.97 23.72
CA LEU D 327 -19.73 -22.56 23.67
C LEU D 327 -20.37 -22.36 25.03
N HIS D 328 -19.58 -22.63 26.07
CA HIS D 328 -20.05 -22.47 27.43
C HIS D 328 -20.48 -21.02 27.65
N ARG D 329 -19.71 -20.10 27.07
CA ARG D 329 -20.01 -18.68 27.23
C ARG D 329 -21.27 -18.26 26.47
N CYS D 330 -21.40 -18.63 25.19
CA CYS D 330 -22.60 -18.21 24.47
C CYS D 330 -23.87 -18.91 24.96
N MET D 331 -23.71 -20.12 25.53
CA MET D 331 -24.86 -20.83 26.08
C MET D 331 -25.33 -20.03 27.31
N THR D 332 -24.37 -19.58 28.12
CA THR D 332 -24.67 -18.80 29.31
C THR D 332 -25.40 -17.53 28.92
N LEU D 333 -24.82 -16.79 27.97
CA LEU D 333 -25.39 -15.54 27.48
C LEU D 333 -26.75 -15.70 26.81
N SER D 334 -26.92 -16.73 25.99
CA SER D 334 -28.19 -16.93 25.28
C SER D 334 -29.30 -17.55 26.12
N GLY D 335 -28.94 -18.11 27.27
CA GLY D 335 -29.95 -18.69 28.14
C GLY D 335 -30.18 -20.19 28.00
N CYS D 336 -29.13 -20.92 27.66
CA CYS D 336 -29.19 -22.37 27.49
C CYS D 336 -28.38 -23.03 28.60
N GLN D 337 -29.08 -23.63 29.55
CA GLN D 337 -28.45 -24.28 30.69
C GLN D 337 -27.73 -25.57 30.29
N SER D 338 -28.21 -26.23 29.24
CA SER D 338 -27.58 -27.47 28.80
C SER D 338 -27.77 -27.63 27.30
N VAL D 339 -27.06 -28.58 26.73
CA VAL D 339 -27.16 -28.84 25.30
C VAL D 339 -28.59 -29.17 24.90
N ALA D 340 -29.32 -29.80 25.82
CA ALA D 340 -30.70 -30.17 25.58
C ALA D 340 -31.61 -28.94 25.45
N GLU D 341 -31.19 -27.83 26.04
CA GLU D 341 -32.00 -26.61 25.99
C GLU D 341 -31.68 -25.71 24.79
N ILE D 342 -30.80 -26.16 23.91
CA ILE D 342 -30.44 -25.39 22.72
C ILE D 342 -31.46 -25.76 21.63
N SER D 343 -32.39 -24.85 21.37
CA SER D 343 -33.43 -25.11 20.37
C SER D 343 -33.47 -24.09 19.23
N PRO D 344 -34.21 -24.41 18.15
CA PRO D 344 -34.32 -23.52 17.00
C PRO D 344 -35.00 -22.19 17.33
N ASP D 345 -35.53 -22.06 18.54
CA ASP D 345 -36.16 -20.81 18.95
C ASP D 345 -35.06 -19.75 19.05
N LEU D 346 -33.84 -20.25 19.17
CA LEU D 346 -32.64 -19.43 19.30
C LEU D 346 -32.29 -18.79 17.96
N ILE D 347 -32.74 -19.42 16.89
CA ILE D 347 -32.47 -18.97 15.52
C ILE D 347 -33.53 -18.04 14.94
N GLN D 348 -33.08 -16.94 14.34
CA GLN D 348 -33.98 -15.97 13.74
C GLN D 348 -34.39 -16.46 12.35
N PHE D 349 -35.68 -16.67 12.15
CA PHE D 349 -36.19 -17.14 10.86
C PHE D 349 -36.89 -16.01 10.12
N PRO E 1 0.08 15.59 -21.96
CA PRO E 1 0.98 15.43 -23.13
C PRO E 1 2.37 14.93 -22.71
N LEU E 2 3.17 14.52 -23.68
CA LEU E 2 4.54 14.05 -23.42
C LEU E 2 5.45 15.27 -23.55
N VAL E 3 5.99 15.74 -22.42
CA VAL E 3 6.85 16.93 -22.43
C VAL E 3 8.35 16.73 -22.19
N CYS E 4 8.76 15.49 -21.97
CA CYS E 4 10.17 15.21 -21.73
C CYS E 4 10.42 13.74 -22.07
N LEU E 5 11.69 13.35 -22.15
CA LEU E 5 12.00 11.97 -22.49
C LEU E 5 11.42 10.98 -21.48
N ALA E 6 11.42 11.35 -20.20
CA ALA E 6 10.88 10.47 -19.16
C ALA E 6 9.42 10.11 -19.46
N ASP E 7 8.68 11.08 -19.98
CA ASP E 7 7.28 10.85 -20.32
C ASP E 7 7.17 9.82 -21.43
N PHE E 8 8.10 9.87 -22.38
CA PHE E 8 8.08 8.91 -23.48
C PHE E 8 8.42 7.52 -22.96
N LYS E 9 9.24 7.47 -21.91
CA LYS E 9 9.60 6.17 -21.35
C LYS E 9 8.39 5.55 -20.67
N ALA E 10 7.71 6.35 -19.83
CA ALA E 10 6.53 5.88 -19.12
C ALA E 10 5.42 5.45 -20.07
N HIS E 11 5.22 6.26 -21.11
CA HIS E 11 4.17 5.96 -22.06
C HIS E 11 4.56 4.79 -22.96
N ALA E 12 5.82 4.74 -23.37
CA ALA E 12 6.29 3.67 -24.25
C ALA E 12 5.97 2.29 -23.69
N GLN E 13 6.17 2.14 -22.39
CA GLN E 13 5.92 0.88 -21.71
C GLN E 13 4.53 0.32 -22.00
N LYS E 14 3.51 1.15 -21.87
CA LYS E 14 2.13 0.72 -22.11
C LYS E 14 1.85 0.16 -23.50
N GLN E 15 2.36 0.81 -24.54
CA GLN E 15 2.12 0.33 -25.91
C GLN E 15 2.92 -0.92 -26.29
N LEU E 16 3.71 -1.44 -25.35
CA LEU E 16 4.51 -2.62 -25.63
C LEU E 16 4.29 -3.76 -24.66
N SER E 17 4.44 -4.98 -25.16
CA SER E 17 4.27 -6.17 -24.33
C SER E 17 5.46 -6.23 -23.36
N LYS E 18 5.24 -6.80 -22.18
CA LYS E 18 6.31 -6.91 -21.18
C LYS E 18 7.56 -7.52 -21.83
N THR E 19 7.35 -8.49 -22.73
CA THR E 19 8.46 -9.14 -23.40
C THR E 19 9.34 -8.13 -24.15
N SER E 20 8.71 -7.25 -24.93
CA SER E 20 9.42 -6.26 -25.70
C SER E 20 9.96 -5.11 -24.85
N TRP E 21 9.21 -4.76 -23.80
CA TRP E 21 9.65 -3.69 -22.93
C TRP E 21 10.89 -4.12 -22.14
N ASP E 22 10.87 -5.37 -21.67
CA ASP E 22 12.00 -5.92 -20.92
C ASP E 22 13.25 -6.03 -21.79
N PHE E 23 13.05 -6.26 -23.08
CA PHE E 23 14.16 -6.37 -24.01
C PHE E 23 14.77 -4.99 -24.26
N ILE E 24 13.94 -3.96 -24.26
CA ILE E 24 14.44 -2.61 -24.48
C ILE E 24 15.12 -2.08 -23.22
N GLU E 25 14.74 -2.63 -22.06
CA GLU E 25 15.38 -2.24 -20.80
C GLU E 25 16.65 -3.09 -20.72
N GLY E 26 16.44 -4.40 -20.71
CA GLY E 26 17.51 -5.38 -20.68
C GLY E 26 18.77 -5.14 -19.87
N GLU E 27 18.62 -4.70 -18.63
CA GLU E 27 19.80 -4.50 -17.80
C GLU E 27 20.42 -5.88 -17.52
N ALA E 28 21.75 -5.95 -17.57
CA ALA E 28 22.44 -7.22 -17.35
C ALA E 28 22.65 -7.50 -15.87
N ASP E 29 22.50 -8.78 -15.52
CA ASP E 29 22.70 -9.24 -14.15
C ASP E 29 21.99 -8.43 -13.07
N ASP E 30 22.72 -7.87 -12.10
CA ASP E 30 22.10 -7.10 -11.02
C ASP E 30 21.63 -5.70 -11.46
N GLY E 31 21.92 -5.34 -12.70
CA GLY E 31 21.49 -4.05 -13.23
C GLY E 31 22.04 -2.83 -12.54
N ILE E 32 23.30 -2.89 -12.13
CA ILE E 32 23.94 -1.76 -11.45
C ILE E 32 24.27 -0.60 -12.38
N THR E 33 24.91 -0.90 -13.51
CA THR E 33 25.32 0.14 -14.45
C THR E 33 24.15 0.86 -15.14
N TYR E 34 23.07 0.15 -15.39
CA TYR E 34 21.92 0.76 -16.03
C TYR E 34 21.51 1.99 -15.23
N SER E 35 21.34 1.81 -13.92
CA SER E 35 20.93 2.91 -13.04
C SER E 35 22.03 3.93 -12.82
N GLU E 36 23.26 3.44 -12.73
CA GLU E 36 24.40 4.30 -12.50
C GLU E 36 24.62 5.29 -13.67
N ASN E 37 24.25 4.88 -14.89
CA ASN E 37 24.44 5.79 -16.01
C ASN E 37 23.68 7.08 -15.78
N ILE E 38 22.53 6.98 -15.13
CA ILE E 38 21.73 8.16 -14.85
C ILE E 38 22.21 8.89 -13.60
N ALA E 39 22.39 8.15 -12.51
CA ALA E 39 22.85 8.74 -11.26
C ALA E 39 24.18 9.48 -11.42
N ALA E 40 25.07 8.93 -12.25
CA ALA E 40 26.37 9.56 -12.48
C ALA E 40 26.21 10.96 -13.06
N PHE E 41 25.20 11.14 -13.93
CA PHE E 41 24.92 12.46 -14.51
C PHE E 41 24.36 13.43 -13.46
N LYS E 42 23.41 12.95 -12.66
CA LYS E 42 22.78 13.78 -11.65
C LYS E 42 23.72 14.32 -10.57
N ARG E 43 24.78 13.57 -10.27
CA ARG E 43 25.76 13.97 -9.26
C ARG E 43 26.57 15.20 -9.63
N ILE E 44 26.85 15.35 -10.92
CA ILE E 44 27.65 16.47 -11.39
C ILE E 44 26.96 17.81 -11.21
N ARG E 45 27.68 18.76 -10.63
CA ARG E 45 27.15 20.09 -10.39
C ARG E 45 27.62 21.11 -11.44
N LEU E 46 26.70 21.95 -11.88
CA LEU E 46 26.99 22.97 -12.90
C LEU E 46 27.32 24.33 -12.31
N ARG E 47 28.21 25.06 -12.99
CA ARG E 47 28.63 26.38 -12.56
C ARG E 47 28.24 27.39 -13.65
N PRO E 48 27.03 27.97 -13.56
CA PRO E 48 26.57 28.93 -14.57
C PRO E 48 27.23 30.31 -14.49
N ARG E 49 27.33 30.97 -15.63
CA ARG E 49 27.90 32.31 -15.70
C ARG E 49 26.79 33.17 -16.27
N TYR E 50 26.30 34.11 -15.46
CA TYR E 50 25.19 34.95 -15.88
C TYR E 50 25.54 36.32 -16.45
N LEU E 51 24.49 37.02 -16.89
CA LEU E 51 24.59 38.35 -17.48
C LEU E 51 25.47 38.45 -18.73
N ARG E 52 25.46 37.39 -19.53
CA ARG E 52 26.21 37.38 -20.78
C ARG E 52 25.12 37.51 -21.84
N ASP E 53 25.47 38.06 -23.00
CA ASP E 53 24.48 38.21 -24.05
C ASP E 53 24.18 36.85 -24.69
N MET E 54 23.01 36.30 -24.37
CA MET E 54 22.58 35.00 -24.88
C MET E 54 21.43 35.13 -25.87
N SER E 55 21.39 36.25 -26.60
CA SER E 55 20.35 36.49 -27.59
C SER E 55 20.44 35.49 -28.74
N LYS E 56 21.65 35.02 -29.04
CA LYS E 56 21.85 34.05 -30.12
C LYS E 56 22.59 32.84 -29.61
N VAL E 57 21.87 31.74 -29.38
CA VAL E 57 22.48 30.51 -28.90
C VAL E 57 22.55 29.51 -30.03
N ASP E 58 23.76 29.14 -30.43
CA ASP E 58 23.96 28.20 -31.54
C ASP E 58 24.16 26.80 -30.98
N THR E 59 23.37 25.86 -31.46
CA THR E 59 23.45 24.50 -30.98
C THR E 59 24.12 23.53 -31.96
N ARG E 60 24.54 24.05 -33.11
CA ARG E 60 25.18 23.23 -34.14
C ARG E 60 26.63 22.87 -33.86
N THR E 61 27.08 21.82 -34.53
CA THR E 61 28.45 21.33 -34.41
C THR E 61 28.69 20.33 -35.53
N THR E 62 29.88 19.75 -35.60
CA THR E 62 30.18 18.77 -36.64
C THR E 62 30.84 17.54 -36.05
N ILE E 63 30.62 16.39 -36.70
CA ILE E 63 31.24 15.16 -36.28
C ILE E 63 31.79 14.53 -37.56
N GLN E 64 33.10 14.27 -37.57
CA GLN E 64 33.76 13.71 -38.75
C GLN E 64 33.56 14.68 -39.93
N GLY E 65 33.70 15.98 -39.65
CA GLY E 65 33.54 16.99 -40.67
C GLY E 65 32.12 17.35 -41.07
N GLN E 66 31.17 16.47 -40.81
CA GLN E 66 29.77 16.70 -41.17
C GLN E 66 29.01 17.56 -40.13
N GLU E 67 28.24 18.53 -40.60
CA GLU E 67 27.49 19.39 -39.69
C GLU E 67 26.15 18.78 -39.32
N ILE E 68 25.72 19.03 -38.08
CA ILE E 68 24.46 18.52 -37.59
C ILE E 68 23.78 19.59 -36.74
N SER E 69 22.44 19.52 -36.66
CA SER E 69 21.63 20.46 -35.89
C SER E 69 22.07 20.67 -34.44
N ALA E 70 22.40 19.56 -33.77
CA ALA E 70 22.81 19.60 -32.37
C ALA E 70 23.67 18.37 -32.08
N PRO E 71 24.46 18.40 -31.00
CA PRO E 71 25.33 17.26 -30.66
C PRO E 71 24.52 16.09 -30.09
N ILE E 72 23.37 15.82 -30.70
CA ILE E 72 22.47 14.77 -30.27
C ILE E 72 22.19 13.82 -31.43
N CYS E 73 22.65 12.59 -31.32
CA CYS E 73 22.45 11.63 -32.41
C CYS E 73 21.89 10.30 -31.96
N ILE E 74 21.62 9.42 -32.91
CA ILE E 74 21.03 8.13 -32.63
C ILE E 74 22.04 6.99 -32.60
N SER E 75 22.14 6.32 -31.45
CA SER E 75 23.06 5.21 -31.28
C SER E 75 22.44 3.96 -31.89
N PRO E 76 23.28 3.00 -32.31
CA PRO E 76 22.74 1.77 -32.89
C PRO E 76 21.86 0.96 -31.93
N THR E 77 20.65 0.65 -32.35
CA THR E 77 19.73 -0.15 -31.55
C THR E 77 19.00 -1.09 -32.49
N ALA E 78 19.05 -2.37 -32.19
CA ALA E 78 18.42 -3.40 -33.02
C ALA E 78 16.90 -3.45 -33.04
N PHE E 79 16.40 -4.09 -34.08
CA PHE E 79 14.97 -4.32 -34.30
C PHE E 79 13.98 -3.22 -33.93
N HIS E 80 14.01 -2.10 -34.65
CA HIS E 80 13.08 -1.02 -34.35
C HIS E 80 11.61 -1.41 -34.54
N SER E 81 11.37 -2.52 -35.25
CA SER E 81 10.02 -2.99 -35.50
C SER E 81 9.27 -3.49 -34.27
N ILE E 82 9.96 -3.67 -33.16
CA ILE E 82 9.27 -4.14 -31.96
C ILE E 82 8.61 -2.94 -31.31
N ALA E 83 8.98 -1.74 -31.76
CA ALA E 83 8.43 -0.52 -31.21
C ALA E 83 7.44 0.17 -32.15
N TRP E 84 7.64 0.00 -33.46
CA TRP E 84 6.75 0.58 -34.46
C TRP E 84 6.89 -0.21 -35.76
N PRO E 85 5.77 -0.58 -36.38
CA PRO E 85 5.76 -1.37 -37.63
C PRO E 85 6.75 -0.86 -38.69
N ASP E 86 6.79 0.45 -38.91
CA ASP E 86 7.68 1.02 -39.91
C ASP E 86 9.16 0.79 -39.57
N GLY E 87 9.43 0.47 -38.31
CA GLY E 87 10.79 0.23 -37.88
C GLY E 87 11.77 1.34 -38.18
N GLU E 88 12.94 0.95 -38.70
CA GLU E 88 13.99 1.92 -39.01
C GLU E 88 13.62 2.97 -40.07
N LYS E 89 12.63 2.66 -40.90
CA LYS E 89 12.22 3.63 -41.91
C LYS E 89 11.70 4.91 -41.25
N SER E 90 10.89 4.76 -40.21
CA SER E 90 10.38 5.93 -39.50
C SER E 90 11.54 6.65 -38.82
N THR E 91 12.45 5.88 -38.23
CA THR E 91 13.60 6.46 -37.56
C THR E 91 14.43 7.27 -38.54
N ALA E 92 14.73 6.66 -39.69
CA ALA E 92 15.53 7.33 -40.72
C ALA E 92 14.92 8.67 -41.14
N ARG E 93 13.61 8.69 -41.39
CA ARG E 93 12.95 9.92 -41.79
C ARG E 93 13.08 10.99 -40.72
N ALA E 94 12.82 10.61 -39.47
CA ALA E 94 12.91 11.57 -38.38
C ALA E 94 14.34 12.10 -38.27
N ALA E 95 15.31 11.20 -38.34
CA ALA E 95 16.71 11.60 -38.24
C ALA E 95 17.09 12.58 -39.36
N GLN E 96 16.62 12.29 -40.57
CA GLN E 96 16.91 13.17 -41.70
C GLN E 96 16.37 14.57 -41.47
N GLU E 97 15.10 14.65 -41.08
CA GLU E 97 14.49 15.95 -40.84
C GLU E 97 15.15 16.71 -39.71
N ALA E 98 15.56 16.01 -38.65
CA ALA E 98 16.22 16.65 -37.52
C ALA E 98 17.65 17.03 -37.86
N ASN E 99 18.16 16.47 -38.94
CA ASN E 99 19.52 16.73 -39.41
C ASN E 99 20.60 16.33 -38.38
N ILE E 100 20.57 15.08 -37.96
CA ILE E 100 21.55 14.57 -37.03
C ILE E 100 22.00 13.23 -37.56
N CYS E 101 23.00 12.64 -36.91
CA CYS E 101 23.50 11.37 -37.38
C CYS E 101 22.73 10.19 -36.84
N TYR E 102 22.38 9.27 -37.73
CA TYR E 102 21.65 8.08 -37.37
C TYR E 102 22.51 6.85 -37.61
N VAL E 103 22.97 6.22 -36.53
CA VAL E 103 23.79 5.02 -36.65
C VAL E 103 22.86 3.83 -36.72
N ILE E 104 22.84 3.17 -37.86
CA ILE E 104 21.98 2.01 -38.06
C ILE E 104 22.57 0.72 -37.50
N SER E 105 21.74 -0.01 -36.78
CA SER E 105 22.15 -1.26 -36.16
C SER E 105 22.44 -2.35 -37.17
N SER E 106 23.31 -3.27 -36.76
CA SER E 106 23.69 -4.40 -37.59
C SER E 106 22.51 -5.36 -37.65
N TYR E 107 21.58 -5.20 -36.72
CA TYR E 107 20.42 -6.07 -36.65
C TYR E 107 19.10 -5.33 -36.83
N ALA E 108 19.00 -4.54 -37.88
CA ALA E 108 17.78 -3.77 -38.16
C ALA E 108 16.65 -4.68 -38.65
N SER E 109 15.42 -4.19 -38.55
CA SER E 109 14.26 -4.95 -38.99
C SER E 109 14.13 -4.89 -40.51
N TYR E 110 14.59 -3.79 -41.10
CA TYR E 110 14.54 -3.61 -42.54
C TYR E 110 15.93 -3.60 -43.14
N SER E 111 16.02 -3.90 -44.44
CA SER E 111 17.31 -3.90 -45.13
C SER E 111 17.81 -2.48 -45.24
N LEU E 112 19.13 -2.33 -45.42
CA LEU E 112 19.73 -1.00 -45.54
C LEU E 112 19.17 -0.27 -46.75
N GLU E 113 18.83 -1.02 -47.80
CA GLU E 113 18.27 -0.42 -49.01
C GLU E 113 16.94 0.26 -48.69
N ASP E 114 16.02 -0.49 -48.08
CA ASP E 114 14.72 0.05 -47.71
C ASP E 114 14.84 1.26 -46.79
N ILE E 115 15.77 1.18 -45.84
CA ILE E 115 15.97 2.28 -44.91
C ILE E 115 16.47 3.53 -45.60
N VAL E 116 17.52 3.37 -46.41
CA VAL E 116 18.09 4.51 -47.14
C VAL E 116 17.06 5.11 -48.10
N ALA E 117 16.28 4.24 -48.73
CA ALA E 117 15.25 4.65 -49.67
C ALA E 117 14.24 5.56 -48.99
N ALA E 118 13.90 5.24 -47.74
CA ALA E 118 12.94 6.01 -46.98
C ALA E 118 13.42 7.43 -46.67
N ALA E 119 14.73 7.61 -46.59
CA ALA E 119 15.29 8.92 -46.28
C ALA E 119 16.65 9.12 -46.96
N PRO E 120 16.63 9.26 -48.29
CA PRO E 120 17.81 9.45 -49.13
C PRO E 120 18.91 10.40 -48.64
N GLU E 121 18.56 11.60 -48.23
CA GLU E 121 19.56 12.59 -47.78
C GLU E 121 20.04 12.47 -46.33
N GLY E 122 19.55 11.46 -45.62
CA GLY E 122 19.95 11.32 -44.23
C GLY E 122 21.42 11.02 -43.96
N PHE E 123 21.98 11.73 -42.98
CA PHE E 123 23.36 11.54 -42.57
C PHE E 123 23.34 10.26 -41.72
N ARG E 124 24.11 9.25 -42.10
CA ARG E 124 24.08 8.02 -41.32
C ARG E 124 25.36 7.18 -41.29
N TRP E 125 25.55 6.48 -40.17
CA TRP E 125 26.70 5.62 -39.97
C TRP E 125 26.15 4.21 -39.91
N PHE E 126 27.02 3.22 -40.07
CA PHE E 126 26.57 1.84 -40.03
C PHE E 126 27.38 1.04 -38.99
N GLN E 127 26.67 0.42 -38.06
CA GLN E 127 27.30 -0.37 -37.02
C GLN E 127 27.29 -1.80 -37.52
N LEU E 128 28.47 -2.32 -37.81
CA LEU E 128 28.58 -3.68 -38.32
C LEU E 128 29.33 -4.65 -37.42
N TYR E 129 28.64 -5.72 -37.01
CA TYR E 129 29.26 -6.74 -36.19
C TYR E 129 30.04 -7.65 -37.15
N MET E 130 31.36 -7.58 -37.06
CA MET E 130 32.24 -8.37 -37.93
C MET E 130 32.06 -9.86 -37.71
N LYS E 131 32.19 -10.63 -38.80
CA LYS E 131 32.07 -12.10 -38.73
C LYS E 131 33.37 -12.72 -39.26
N SER E 132 33.48 -14.05 -39.27
CA SER E 132 34.71 -14.71 -39.71
C SER E 132 35.19 -14.45 -41.14
N ASP E 133 34.33 -14.77 -42.11
CA ASP E 133 34.64 -14.59 -43.53
C ASP E 133 34.97 -13.13 -43.85
N TRP E 134 36.12 -12.88 -44.49
CA TRP E 134 36.49 -11.52 -44.85
C TRP E 134 35.89 -11.05 -46.17
N ASP E 135 35.29 -11.99 -46.90
CA ASP E 135 34.65 -11.66 -48.15
C ASP E 135 33.35 -10.98 -47.76
N PHE E 136 32.56 -11.66 -46.93
CA PHE E 136 31.30 -11.11 -46.44
C PHE E 136 31.52 -9.73 -45.84
N ASN E 137 32.35 -9.66 -44.81
CA ASN E 137 32.67 -8.42 -44.14
C ASN E 137 32.93 -7.29 -45.14
N LYS E 138 33.81 -7.55 -46.10
CA LYS E 138 34.13 -6.54 -47.09
C LYS E 138 32.95 -6.23 -48.02
N GLN E 139 32.07 -7.20 -48.22
CA GLN E 139 30.91 -6.96 -49.07
C GLN E 139 29.89 -6.09 -48.35
N MET E 140 29.82 -6.25 -47.03
CA MET E 140 28.91 -5.45 -46.22
C MET E 140 29.44 -4.01 -46.17
N VAL E 141 30.76 -3.89 -46.10
CA VAL E 141 31.41 -2.59 -46.05
C VAL E 141 31.23 -1.84 -47.38
N GLN E 142 31.46 -2.55 -48.48
CA GLN E 142 31.30 -1.95 -49.79
C GLN E 142 29.82 -1.58 -50.00
N ARG E 143 28.93 -2.46 -49.55
CA ARG E 143 27.50 -2.23 -49.68
C ARG E 143 27.12 -0.96 -48.90
N ALA E 144 27.75 -0.76 -47.76
CA ALA E 144 27.48 0.42 -46.94
C ALA E 144 28.00 1.66 -47.64
N GLU E 145 29.25 1.61 -48.11
CA GLU E 145 29.86 2.74 -48.81
C GLU E 145 28.99 3.13 -50.01
N ALA E 146 28.50 2.13 -50.72
CA ALA E 146 27.66 2.33 -51.89
C ALA E 146 26.36 3.05 -51.51
N LEU E 147 25.77 2.67 -50.38
CA LEU E 147 24.52 3.26 -49.93
C LEU E 147 24.64 4.65 -49.31
N GLY E 148 25.84 5.19 -49.24
CA GLY E 148 26.01 6.54 -48.71
C GLY E 148 26.38 6.71 -47.25
N PHE E 149 26.57 5.61 -46.52
CA PHE E 149 26.95 5.73 -45.11
C PHE E 149 28.32 6.40 -45.03
N LYS E 150 28.43 7.39 -44.15
CA LYS E 150 29.68 8.14 -44.00
C LYS E 150 30.66 7.71 -42.90
N ALA E 151 30.42 6.56 -42.29
CA ALA E 151 31.31 6.05 -41.24
C ALA E 151 30.92 4.64 -40.83
N LEU E 152 31.90 3.89 -40.32
CA LEU E 152 31.67 2.53 -39.88
C LEU E 152 31.88 2.46 -38.37
N VAL E 153 30.88 1.95 -37.67
CA VAL E 153 30.96 1.84 -36.22
C VAL E 153 31.19 0.39 -35.80
N ILE E 154 32.28 0.18 -35.07
CA ILE E 154 32.60 -1.16 -34.58
C ILE E 154 32.34 -1.21 -33.09
N THR E 155 31.41 -2.08 -32.68
CA THR E 155 31.08 -2.20 -31.27
C THR E 155 31.96 -3.29 -30.67
N ILE E 156 32.84 -2.88 -29.77
CA ILE E 156 33.79 -3.79 -29.16
C ILE E 156 33.42 -4.43 -27.83
N ASP E 157 32.34 -3.98 -27.20
CA ASP E 157 31.97 -4.54 -25.90
C ASP E 157 30.97 -5.68 -25.96
N THR E 158 30.86 -6.33 -27.12
CA THR E 158 29.90 -7.41 -27.24
C THR E 158 30.43 -8.68 -27.88
N PRO E 159 31.58 -9.20 -27.39
CA PRO E 159 32.12 -10.42 -27.96
C PRO E 159 31.14 -11.55 -27.74
N VAL E 160 30.32 -11.40 -26.72
CA VAL E 160 29.27 -12.37 -26.39
C VAL E 160 28.15 -11.52 -25.81
N LEU E 161 26.91 -12.02 -25.84
CA LEU E 161 25.80 -11.23 -25.32
C LEU E 161 25.74 -11.17 -23.80
N GLY E 162 25.32 -10.00 -23.31
CA GLY E 162 25.18 -9.79 -21.88
C GLY E 162 24.10 -10.70 -21.31
N ASN E 163 24.14 -10.93 -20.00
CA ASN E 163 23.18 -11.81 -19.34
C ASN E 163 21.95 -11.01 -18.87
N ARG E 164 20.93 -10.94 -19.72
CA ARG E 164 19.71 -10.21 -19.38
C ARG E 164 18.69 -11.15 -18.77
N ARG E 165 18.63 -11.15 -17.44
CA ARG E 165 17.71 -12.02 -16.70
C ARG E 165 16.26 -12.01 -17.16
N ARG E 166 15.73 -10.81 -17.42
CA ARG E 166 14.35 -10.68 -17.86
C ARG E 166 14.08 -11.46 -19.13
N ASP E 167 14.88 -11.21 -20.16
CA ASP E 167 14.72 -11.93 -21.42
C ASP E 167 14.71 -13.43 -21.16
N LYS E 168 15.68 -13.91 -20.37
CA LYS E 168 15.75 -15.33 -20.06
C LYS E 168 14.49 -15.84 -19.36
N ARG E 169 14.01 -15.10 -18.36
CA ARG E 169 12.80 -15.52 -17.66
C ARG E 169 11.58 -15.49 -18.58
N ASN E 170 11.61 -14.61 -19.59
CA ASN E 170 10.52 -14.53 -20.57
C ASN E 170 10.84 -15.47 -21.75
N GLN E 171 11.93 -16.20 -21.60
CA GLN E 171 12.38 -17.16 -22.60
C GLN E 171 12.48 -16.61 -24.02
N LEU E 172 12.81 -15.32 -24.14
CA LEU E 172 12.93 -14.68 -25.45
C LEU E 172 11.63 -14.86 -26.25
N ASN E 173 11.79 -14.97 -27.58
CA ASN E 173 10.71 -15.17 -28.56
C ASN E 173 10.37 -13.86 -29.27
N LEU E 174 11.34 -12.93 -29.29
CA LEU E 174 11.17 -11.62 -29.90
C LEU E 174 10.34 -11.68 -31.17
N GLU E 175 9.07 -11.31 -31.04
CA GLU E 175 8.15 -11.31 -32.17
C GLU E 175 7.67 -9.88 -32.45
N ALA E 176 8.26 -9.27 -33.48
CA ALA E 176 7.91 -7.91 -33.85
C ALA E 176 6.58 -7.87 -34.59
N ALA E 202 32.18 -14.15 -31.29
CA ALA E 202 33.09 -13.13 -31.88
C ALA E 202 34.54 -13.34 -31.42
N SER E 203 35.47 -13.12 -32.35
CA SER E 203 36.89 -13.29 -32.06
C SER E 203 37.69 -12.07 -32.50
N PHE E 204 36.97 -11.03 -32.94
CA PHE E 204 37.56 -9.78 -33.41
C PHE E 204 38.52 -9.16 -32.38
N CYS E 205 39.75 -8.88 -32.81
CA CYS E 205 40.75 -8.29 -31.91
C CYS E 205 41.42 -7.07 -32.55
N TRP E 206 42.28 -6.40 -31.80
CA TRP E 206 42.96 -5.21 -32.30
C TRP E 206 43.65 -5.36 -33.67
N ASN E 207 44.32 -6.49 -33.90
CA ASN E 207 45.00 -6.72 -35.17
C ASN E 207 44.04 -6.76 -36.34
N ASP E 208 42.83 -7.27 -36.12
CA ASP E 208 41.85 -7.34 -37.18
C ASP E 208 41.49 -5.96 -37.70
N LEU E 209 41.76 -4.93 -36.89
CA LEU E 209 41.47 -3.56 -37.30
C LEU E 209 42.30 -3.17 -38.51
N SER E 210 43.53 -3.65 -38.57
CA SER E 210 44.41 -3.35 -39.70
C SER E 210 43.82 -3.93 -40.98
N LEU E 211 43.25 -5.11 -40.87
CA LEU E 211 42.67 -5.79 -42.02
C LEU E 211 41.46 -5.08 -42.59
N LEU E 212 40.57 -4.61 -41.72
CA LEU E 212 39.36 -3.92 -42.17
C LEU E 212 39.74 -2.60 -42.86
N GLN E 213 40.68 -1.89 -42.26
CA GLN E 213 41.12 -0.60 -42.79
C GLN E 213 41.65 -0.67 -44.23
N SER E 214 42.05 -1.86 -44.66
CA SER E 214 42.57 -2.05 -46.01
C SER E 214 41.43 -2.12 -47.02
N ILE E 215 40.31 -2.68 -46.59
CA ILE E 215 39.14 -2.83 -47.46
C ILE E 215 38.07 -1.75 -47.26
N THR E 216 38.48 -0.53 -46.93
CA THR E 216 37.54 0.56 -46.76
C THR E 216 38.19 1.91 -46.54
N ARG E 217 37.59 2.94 -47.11
CA ARG E 217 38.11 4.30 -46.99
C ARG E 217 37.28 5.06 -45.98
N LEU E 218 36.22 4.43 -45.50
CA LEU E 218 35.34 5.02 -44.51
C LEU E 218 36.02 5.14 -43.14
N PRO E 219 35.72 6.22 -42.41
CA PRO E 219 36.33 6.39 -41.08
C PRO E 219 35.75 5.33 -40.13
N ILE E 220 36.58 4.83 -39.22
CA ILE E 220 36.14 3.80 -38.27
C ILE E 220 35.98 4.37 -36.87
N ILE E 221 34.81 4.11 -36.27
CA ILE E 221 34.54 4.57 -34.92
C ILE E 221 34.38 3.37 -33.99
N LEU E 222 35.18 3.34 -32.93
CA LEU E 222 35.12 2.24 -31.97
C LEU E 222 34.11 2.56 -30.86
N LYS E 223 33.14 1.68 -30.67
CA LYS E 223 32.10 1.88 -29.67
C LYS E 223 32.19 0.89 -28.50
N GLY E 224 32.27 1.42 -27.28
CA GLY E 224 32.37 0.57 -26.11
C GLY E 224 33.62 0.78 -25.25
N ILE E 225 34.49 1.69 -25.66
CA ILE E 225 35.71 1.94 -24.90
C ILE E 225 35.39 2.62 -23.58
N LEU E 226 35.94 2.07 -22.50
CA LEU E 226 35.72 2.60 -21.15
C LEU E 226 37.00 2.96 -20.42
N THR E 227 38.15 2.53 -20.95
CA THR E 227 39.44 2.78 -20.30
C THR E 227 40.47 3.55 -21.13
N LYS E 228 41.42 4.18 -20.46
CA LYS E 228 42.46 4.92 -21.17
C LYS E 228 43.37 3.94 -21.90
N GLU E 229 43.51 2.73 -21.37
CA GLU E 229 44.36 1.73 -22.01
C GLU E 229 43.80 1.39 -23.39
N ASP E 230 42.50 1.14 -23.48
CA ASP E 230 41.88 0.84 -24.75
C ASP E 230 41.80 2.07 -25.65
N ALA E 231 41.79 3.25 -25.05
CA ALA E 231 41.75 4.48 -25.83
C ALA E 231 43.11 4.67 -26.51
N GLU E 232 44.18 4.28 -25.82
CA GLU E 232 45.53 4.38 -26.36
C GLU E 232 45.66 3.42 -27.54
N LEU E 233 45.23 2.17 -27.33
CA LEU E 233 45.29 1.18 -28.39
C LEU E 233 44.48 1.64 -29.61
N ALA E 234 43.38 2.33 -29.36
CA ALA E 234 42.54 2.82 -30.44
C ALA E 234 43.31 3.78 -31.31
N MET E 235 44.06 4.67 -30.67
CA MET E 235 44.86 5.63 -31.40
C MET E 235 46.05 5.00 -32.12
N LYS E 236 46.66 3.99 -31.50
CA LYS E 236 47.79 3.30 -32.12
C LYS E 236 47.34 2.60 -33.40
N HIS E 237 46.07 2.21 -33.45
CA HIS E 237 45.52 1.54 -34.63
C HIS E 237 44.84 2.51 -35.58
N ASN E 238 45.10 3.80 -35.35
CA ASN E 238 44.58 4.87 -36.20
C ASN E 238 43.11 4.80 -36.60
N VAL E 239 42.22 4.78 -35.60
CA VAL E 239 40.78 4.78 -35.89
C VAL E 239 40.38 6.25 -35.89
N GLN E 240 39.21 6.57 -36.46
CA GLN E 240 38.79 7.98 -36.55
C GLN E 240 37.98 8.54 -35.37
N GLY E 241 37.45 7.67 -34.52
CA GLY E 241 36.67 8.15 -33.40
C GLY E 241 36.32 7.08 -32.38
N ILE E 242 35.97 7.53 -31.17
CA ILE E 242 35.60 6.63 -30.10
C ILE E 242 34.27 7.00 -29.48
N VAL E 243 33.43 6.00 -29.22
CA VAL E 243 32.16 6.24 -28.55
C VAL E 243 32.30 5.61 -27.17
N VAL E 244 32.51 6.44 -26.16
CA VAL E 244 32.63 5.95 -24.79
C VAL E 244 31.24 5.42 -24.43
N SER E 245 31.16 4.13 -24.12
CA SER E 245 29.87 3.54 -23.81
C SER E 245 30.00 2.24 -23.05
N ASN E 246 28.96 1.89 -22.30
CA ASN E 246 28.97 0.63 -21.58
C ASN E 246 27.77 -0.16 -22.07
N HIS E 247 27.36 0.15 -23.30
CA HIS E 247 26.23 -0.53 -23.95
C HIS E 247 24.95 -0.39 -23.11
N GLY E 248 24.78 0.75 -22.45
CA GLY E 248 23.60 0.96 -21.62
C GLY E 248 23.44 -0.04 -20.50
N GLY E 249 24.55 -0.60 -20.01
CA GLY E 249 24.47 -1.56 -18.93
C GLY E 249 23.81 -2.87 -19.30
N ARG E 250 23.84 -3.17 -20.59
CA ARG E 250 23.25 -4.42 -21.09
C ARG E 250 24.32 -5.51 -21.27
N GLN E 251 25.60 -5.14 -21.13
CA GLN E 251 26.68 -6.12 -21.32
C GLN E 251 27.39 -6.49 -20.02
N LEU E 252 28.63 -6.02 -19.83
CA LEU E 252 29.34 -6.32 -18.59
C LEU E 252 28.77 -5.32 -17.59
N ASP E 253 28.12 -5.81 -16.55
CA ASP E 253 27.56 -4.91 -15.55
C ASP E 253 28.60 -4.53 -14.51
N GLU E 254 28.28 -3.50 -13.73
CA GLU E 254 29.14 -3.01 -12.68
C GLU E 254 30.45 -2.39 -13.16
N VAL E 255 30.39 -1.80 -14.35
CA VAL E 255 31.55 -1.09 -14.89
C VAL E 255 31.23 0.38 -14.61
N SER E 256 32.15 1.29 -14.90
CA SER E 256 31.89 2.68 -14.64
C SER E 256 30.75 3.22 -15.51
N ALA E 257 30.13 4.30 -15.05
CA ALA E 257 29.06 4.93 -15.82
C ALA E 257 29.77 5.58 -16.99
N SER E 258 29.15 5.53 -18.16
CA SER E 258 29.75 6.12 -19.35
C SER E 258 30.16 7.59 -19.18
N ILE E 259 29.38 8.38 -18.45
CA ILE E 259 29.75 9.79 -18.29
C ILE E 259 30.96 9.95 -17.38
N ASP E 260 31.23 8.93 -16.57
CA ASP E 260 32.39 8.99 -15.69
C ASP E 260 33.61 8.48 -16.44
N ALA E 261 33.43 7.43 -17.23
CA ALA E 261 34.52 6.85 -18.00
C ALA E 261 35.00 7.87 -19.03
N LEU E 262 34.09 8.72 -19.48
CA LEU E 262 34.39 9.75 -20.47
C LEU E 262 35.65 10.52 -20.12
N ARG E 263 35.75 10.93 -18.86
CA ARG E 263 36.89 11.72 -18.40
C ARG E 263 38.28 11.16 -18.68
N GLU E 264 38.52 9.90 -18.34
CA GLU E 264 39.85 9.35 -18.57
C GLU E 264 40.12 9.08 -20.04
N VAL E 265 39.08 8.78 -20.81
CA VAL E 265 39.25 8.54 -22.24
C VAL E 265 39.59 9.86 -22.93
N VAL E 266 38.89 10.92 -22.56
CA VAL E 266 39.16 12.22 -23.14
C VAL E 266 40.57 12.67 -22.79
N ALA E 267 40.97 12.45 -21.54
CA ALA E 267 42.30 12.86 -21.09
C ALA E 267 43.44 12.12 -21.81
N ALA E 268 43.19 10.85 -22.16
CA ALA E 268 44.20 10.06 -22.85
C ALA E 268 44.32 10.44 -24.32
N VAL E 269 43.17 10.66 -24.95
CA VAL E 269 43.10 11.02 -26.35
C VAL E 269 43.69 12.40 -26.64
N LYS E 270 43.62 13.30 -25.67
CA LYS E 270 44.15 14.65 -25.83
C LYS E 270 43.75 15.35 -27.13
N GLY E 271 42.50 15.18 -27.55
CA GLY E 271 42.03 15.83 -28.76
C GLY E 271 42.53 15.30 -30.10
N LYS E 272 43.30 14.22 -30.11
CA LYS E 272 43.79 13.68 -31.37
C LYS E 272 42.63 13.26 -32.29
N ILE E 273 41.63 12.59 -31.71
CA ILE E 273 40.45 12.17 -32.46
C ILE E 273 39.21 12.54 -31.67
N GLU E 274 38.06 12.58 -32.35
CA GLU E 274 36.80 12.93 -31.70
C GLU E 274 36.30 11.82 -30.78
N VAL E 275 35.85 12.22 -29.60
CA VAL E 275 35.32 11.26 -28.64
C VAL E 275 33.85 11.57 -28.38
N TYR E 276 33.01 10.55 -28.48
CA TYR E 276 31.58 10.69 -28.24
C TYR E 276 31.19 9.79 -27.06
N MET E 277 29.92 9.83 -26.66
CA MET E 277 29.45 9.00 -25.57
C MET E 277 27.94 8.78 -25.60
N ASP E 278 27.50 7.68 -25.00
CA ASP E 278 26.09 7.37 -24.90
C ASP E 278 25.91 6.70 -23.54
N GLY E 279 24.66 6.53 -23.12
CA GLY E 279 24.40 5.90 -21.84
C GLY E 279 23.83 6.85 -20.79
N GLY E 280 22.51 6.80 -20.61
CA GLY E 280 21.89 7.66 -19.61
C GLY E 280 21.56 9.10 -19.98
N VAL E 281 21.80 9.51 -21.22
CA VAL E 281 21.48 10.88 -21.62
C VAL E 281 19.97 10.97 -21.71
N ARG E 282 19.36 11.84 -20.91
CA ARG E 282 17.90 11.97 -20.90
C ARG E 282 17.39 13.42 -20.87
N THR E 283 18.24 14.34 -20.41
CA THR E 283 17.83 15.73 -20.33
C THR E 283 18.92 16.67 -20.85
N GLY E 284 18.53 17.91 -21.16
CA GLY E 284 19.47 18.88 -21.69
C GLY E 284 20.82 19.01 -21.00
N THR E 285 20.81 19.16 -19.69
CA THR E 285 22.06 19.29 -18.96
C THR E 285 22.98 18.07 -19.09
N ASP E 286 22.40 16.91 -19.37
CA ASP E 286 23.23 15.72 -19.55
C ASP E 286 24.11 15.96 -20.78
N VAL E 287 23.50 16.48 -21.84
CA VAL E 287 24.22 16.76 -23.08
C VAL E 287 25.26 17.83 -22.77
N LEU E 288 24.84 18.87 -22.07
CA LEU E 288 25.72 19.95 -21.69
C LEU E 288 26.97 19.43 -20.98
N LYS E 289 26.76 18.55 -20.01
CA LYS E 289 27.84 17.97 -19.23
C LYS E 289 28.80 17.10 -20.04
N ALA E 290 28.27 16.28 -20.93
CA ALA E 290 29.11 15.42 -21.75
C ALA E 290 30.03 16.28 -22.63
N LEU E 291 29.50 17.39 -23.14
CA LEU E 291 30.25 18.29 -24.00
C LEU E 291 31.28 19.07 -23.19
N ALA E 292 30.88 19.55 -22.02
CA ALA E 292 31.80 20.29 -21.18
C ALA E 292 32.97 19.41 -20.79
N LEU E 293 32.71 18.11 -20.66
CA LEU E 293 33.71 17.13 -20.26
C LEU E 293 34.61 16.62 -21.41
N GLY E 294 34.37 17.13 -22.62
CA GLY E 294 35.21 16.70 -23.73
C GLY E 294 34.61 15.89 -24.85
N ALA E 295 33.35 15.49 -24.76
CA ALA E 295 32.73 14.71 -25.82
C ALA E 295 32.33 15.65 -26.97
N ARG E 296 32.40 15.14 -28.20
CA ARG E 296 32.06 15.92 -29.39
C ARG E 296 30.55 15.99 -29.53
N CYS E 297 29.89 14.91 -29.13
CA CYS E 297 28.44 14.83 -29.17
C CYS E 297 28.01 13.56 -28.45
N ILE E 298 26.71 13.42 -28.20
CA ILE E 298 26.21 12.23 -27.51
C ILE E 298 25.26 11.48 -28.43
N PHE E 299 25.03 10.21 -28.12
CA PHE E 299 24.13 9.37 -28.89
C PHE E 299 23.05 8.86 -27.94
N LEU E 300 21.85 8.65 -28.48
CA LEU E 300 20.72 8.17 -27.68
C LEU E 300 20.38 6.75 -28.07
N GLY E 301 20.16 5.91 -27.06
CA GLY E 301 19.79 4.54 -27.32
C GLY E 301 18.31 4.34 -27.12
N ARG E 302 17.91 3.96 -25.90
CA ARG E 302 16.50 3.70 -25.57
C ARG E 302 15.49 4.81 -25.89
N PRO E 303 15.83 6.07 -25.60
CA PRO E 303 14.89 7.16 -25.89
C PRO E 303 14.32 7.13 -27.31
N ILE E 304 15.16 6.74 -28.28
CA ILE E 304 14.72 6.68 -29.67
C ILE E 304 13.64 5.62 -29.83
N LEU E 305 13.81 4.51 -29.14
CA LEU E 305 12.84 3.43 -29.19
C LEU E 305 11.54 3.83 -28.49
N TRP E 306 11.67 4.61 -27.42
CA TRP E 306 10.49 5.08 -26.69
C TRP E 306 9.71 5.97 -27.64
N GLY E 307 10.43 6.81 -28.37
CA GLY E 307 9.80 7.70 -29.34
C GLY E 307 9.01 6.91 -30.35
N LEU E 308 9.63 5.88 -30.91
CA LEU E 308 8.96 5.05 -31.91
C LEU E 308 7.71 4.42 -31.34
N ALA E 309 7.82 3.80 -30.16
CA ALA E 309 6.70 3.11 -29.53
C ALA E 309 5.49 4.02 -29.34
N CYS E 310 5.74 5.28 -29.00
CA CYS E 310 4.67 6.23 -28.77
C CYS E 310 4.00 6.82 -30.01
N LYS E 311 4.79 7.37 -30.94
CA LYS E 311 4.23 7.99 -32.13
C LYS E 311 4.98 7.74 -33.43
N GLY E 312 5.69 6.61 -33.53
CA GLY E 312 6.44 6.32 -34.75
C GLY E 312 7.41 7.42 -35.12
N GLU E 313 7.47 7.77 -36.41
CA GLU E 313 8.37 8.83 -36.88
C GLU E 313 8.23 10.11 -36.08
N ASP E 314 6.98 10.53 -35.83
CA ASP E 314 6.74 11.76 -35.07
C ASP E 314 7.31 11.65 -33.67
N GLY E 315 7.26 10.45 -33.10
CA GLY E 315 7.79 10.24 -31.77
C GLY E 315 9.30 10.47 -31.71
N VAL E 316 10.03 9.82 -32.61
CA VAL E 316 11.48 9.98 -32.67
C VAL E 316 11.83 11.45 -32.85
N LYS E 317 11.13 12.11 -33.77
CA LYS E 317 11.38 13.53 -34.05
C LYS E 317 11.14 14.36 -32.81
N GLU E 318 10.09 14.04 -32.06
CA GLU E 318 9.77 14.79 -30.86
C GLU E 318 10.87 14.63 -29.79
N VAL E 319 11.33 13.39 -29.61
CA VAL E 319 12.39 13.14 -28.65
C VAL E 319 13.62 13.98 -29.02
N LEU E 320 13.98 13.96 -30.30
CA LEU E 320 15.14 14.74 -30.75
C LEU E 320 14.92 16.24 -30.57
N ASP E 321 13.73 16.73 -30.91
CA ASP E 321 13.43 18.16 -30.78
C ASP E 321 13.41 18.60 -29.31
N ILE E 322 12.84 17.75 -28.46
CA ILE E 322 12.79 18.07 -27.05
C ILE E 322 14.19 18.18 -26.44
N LEU E 323 15.02 17.17 -26.69
CA LEU E 323 16.37 17.20 -26.13
C LEU E 323 17.13 18.41 -26.67
N THR E 324 16.95 18.71 -27.94
CA THR E 324 17.62 19.85 -28.56
C THR E 324 17.13 21.12 -27.89
N ALA E 325 15.83 21.23 -27.70
CA ALA E 325 15.24 22.41 -27.07
C ALA E 325 15.84 22.58 -25.66
N GLU E 326 15.99 21.47 -24.94
CA GLU E 326 16.54 21.51 -23.59
C GLU E 326 18.02 21.94 -23.57
N LEU E 327 18.81 21.43 -24.50
CA LEU E 327 20.23 21.79 -24.60
C LEU E 327 20.30 23.29 -24.87
N HIS E 328 19.44 23.74 -25.78
CA HIS E 328 19.39 25.15 -26.12
C HIS E 328 19.08 25.98 -24.88
N ARG E 329 18.16 25.47 -24.06
CA ARG E 329 17.77 26.18 -22.84
C ARG E 329 18.86 26.21 -21.77
N CYS E 330 19.49 25.07 -21.49
CA CYS E 330 20.52 25.11 -20.45
C CYS E 330 21.76 25.87 -20.94
N MET E 331 21.99 25.89 -22.24
CA MET E 331 23.12 26.65 -22.77
C MET E 331 22.85 28.11 -22.52
N THR E 332 21.61 28.52 -22.75
CA THR E 332 21.20 29.90 -22.55
C THR E 332 21.36 30.27 -21.09
N LEU E 333 20.85 29.41 -20.22
CA LEU E 333 20.92 29.66 -18.79
C LEU E 333 22.35 29.65 -18.24
N SER E 334 23.16 28.69 -18.69
CA SER E 334 24.53 28.58 -18.19
C SER E 334 25.53 29.57 -18.79
N GLY E 335 25.12 30.27 -19.85
CA GLY E 335 25.99 31.25 -20.48
C GLY E 335 26.89 30.75 -21.60
N CYS E 336 26.43 29.74 -22.34
CA CYS E 336 27.18 29.17 -23.44
C CYS E 336 26.50 29.57 -24.76
N GLN E 337 27.08 30.52 -25.46
CA GLN E 337 26.52 31.00 -26.72
C GLN E 337 26.59 29.95 -27.82
N SER E 338 27.60 29.10 -27.80
CA SER E 338 27.74 28.06 -28.82
C SER E 338 28.37 26.80 -28.25
N VAL E 339 28.30 25.72 -29.00
CA VAL E 339 28.89 24.46 -28.55
C VAL E 339 30.37 24.66 -28.22
N ALA E 340 31.02 25.56 -28.97
CA ALA E 340 32.44 25.82 -28.74
C ALA E 340 32.69 26.49 -27.39
N GLU E 341 31.68 27.15 -26.84
CA GLU E 341 31.84 27.83 -25.56
C GLU E 341 31.50 26.96 -24.33
N ILE E 342 31.18 25.70 -24.57
CA ILE E 342 30.86 24.78 -23.47
C ILE E 342 32.18 24.22 -22.96
N SER E 343 32.66 24.71 -21.82
CA SER E 343 33.94 24.26 -21.27
C SER E 343 33.85 23.61 -19.90
N PRO E 344 34.91 22.90 -19.49
CA PRO E 344 34.93 22.23 -18.18
C PRO E 344 34.86 23.22 -17.00
N ASP E 345 34.88 24.52 -17.29
CA ASP E 345 34.78 25.53 -16.25
C ASP E 345 33.35 25.49 -15.73
N LEU E 346 32.51 24.85 -16.52
CA LEU E 346 31.09 24.69 -16.25
C LEU E 346 30.85 23.60 -15.21
N ILE E 347 31.80 22.66 -15.13
CA ILE E 347 31.73 21.54 -14.19
C ILE E 347 32.41 21.83 -12.85
N GLN E 348 31.72 21.47 -11.77
CA GLN E 348 32.23 21.67 -10.42
C GLN E 348 33.18 20.54 -10.08
N PHE E 349 34.44 20.87 -9.80
CA PHE E 349 35.41 19.84 -9.46
C PHE E 349 35.70 19.86 -7.97
N PRO F 1 7.86 -13.16 21.64
CA PRO F 1 8.44 -12.52 22.86
C PRO F 1 9.33 -11.32 22.50
N LEU F 2 9.69 -10.53 23.50
CA LEU F 2 10.54 -9.37 23.29
C LEU F 2 11.98 -9.85 23.49
N VAL F 3 12.75 -9.89 22.41
CA VAL F 3 14.12 -10.39 22.49
C VAL F 3 15.24 -9.37 22.33
N CYS F 4 14.89 -8.12 22.08
CA CYS F 4 15.88 -7.05 21.94
C CYS F 4 15.24 -5.71 22.28
N LEU F 5 16.05 -4.66 22.41
CA LEU F 5 15.50 -3.37 22.74
C LEU F 5 14.50 -2.87 21.69
N ALA F 6 14.76 -3.15 20.41
CA ALA F 6 13.87 -2.72 19.33
C ALA F 6 12.45 -3.30 19.52
N ASP F 7 12.37 -4.52 20.04
CA ASP F 7 11.06 -5.12 20.28
C ASP F 7 10.35 -4.35 21.38
N PHE F 8 11.09 -3.91 22.39
CA PHE F 8 10.48 -3.15 23.47
C PHE F 8 9.94 -1.81 22.96
N LYS F 9 10.64 -1.24 21.98
CA LYS F 9 10.21 0.03 21.41
C LYS F 9 8.88 -0.17 20.66
N ALA F 10 8.83 -1.16 19.77
CA ALA F 10 7.64 -1.45 18.99
C ALA F 10 6.43 -1.78 19.87
N HIS F 11 6.68 -2.55 20.92
CA HIS F 11 5.61 -2.93 21.81
C HIS F 11 5.22 -1.79 22.74
N ALA F 12 6.19 -0.99 23.17
CA ALA F 12 5.90 0.14 24.07
C ALA F 12 4.86 1.07 23.44
N GLN F 13 5.04 1.36 22.17
CA GLN F 13 4.13 2.24 21.45
C GLN F 13 2.65 1.89 21.70
N LYS F 14 2.30 0.62 21.48
CA LYS F 14 0.93 0.17 21.65
C LYS F 14 0.31 0.40 23.03
N GLN F 15 1.08 0.26 24.11
CA GLN F 15 0.50 0.46 25.43
C GLN F 15 0.41 1.94 25.83
N LEU F 16 0.82 2.83 24.93
CA LEU F 16 0.79 4.26 25.22
C LEU F 16 0.01 5.09 24.21
N SER F 17 -0.62 6.15 24.70
CA SER F 17 -1.38 7.05 23.84
C SER F 17 -0.40 7.78 22.92
N LYS F 18 -0.86 8.14 21.73
CA LYS F 18 -0.01 8.85 20.78
C LYS F 18 0.59 10.08 21.47
N THR F 19 -0.16 10.68 22.36
CA THR F 19 0.33 11.85 23.07
C THR F 19 1.59 11.51 23.85
N SER F 20 1.51 10.44 24.65
CA SER F 20 2.63 10.00 25.48
C SER F 20 3.78 9.43 24.67
N TRP F 21 3.46 8.68 23.62
CA TRP F 21 4.50 8.11 22.78
C TRP F 21 5.30 9.22 22.08
N ASP F 22 4.58 10.18 21.48
CA ASP F 22 5.22 11.29 20.80
C ASP F 22 6.12 12.06 21.75
N PHE F 23 5.71 12.17 23.01
CA PHE F 23 6.52 12.88 23.99
C PHE F 23 7.81 12.10 24.29
N ILE F 24 7.73 10.77 24.28
CA ILE F 24 8.90 9.95 24.56
C ILE F 24 9.85 9.97 23.35
N GLU F 25 9.31 10.13 22.15
CA GLU F 25 10.12 10.21 20.94
C GLU F 25 10.68 11.64 20.91
N GLY F 26 9.76 12.60 20.90
CA GLY F 26 10.09 14.00 20.91
C GLY F 26 11.29 14.54 20.14
N GLU F 27 11.47 14.11 18.91
CA GLU F 27 12.59 14.63 18.13
C GLU F 27 12.32 16.12 17.90
N ALA F 28 13.38 16.93 17.94
CA ALA F 28 13.25 18.37 17.75
C ALA F 28 13.31 18.76 16.29
N ASP F 29 12.48 19.73 15.93
CA ASP F 29 12.44 20.24 14.57
C ASP F 29 12.37 19.18 13.47
N ASP F 30 13.35 19.17 12.56
CA ASP F 30 13.34 18.19 11.46
C ASP F 30 13.72 16.79 11.91
N GLY F 31 14.10 16.65 13.18
CA GLY F 31 14.47 15.35 13.71
C GLY F 31 15.65 14.66 13.08
N ILE F 32 16.66 15.43 12.71
CA ILE F 32 17.85 14.88 12.08
C ILE F 32 18.74 14.10 13.05
N THR F 33 19.08 14.72 14.17
CA THR F 33 19.95 14.09 15.15
C THR F 33 19.39 12.82 15.78
N TYR F 34 18.08 12.76 15.97
CA TYR F 34 17.46 11.59 16.56
C TYR F 34 17.85 10.36 15.73
N SER F 35 17.72 10.44 14.41
CA SER F 35 18.05 9.32 13.54
C SER F 35 19.56 9.12 13.41
N GLU F 36 20.29 10.22 13.39
CA GLU F 36 21.74 10.18 13.24
C GLU F 36 22.42 9.50 14.43
N ASN F 37 21.84 9.61 15.62
CA ASN F 37 22.43 8.98 16.79
C ASN F 37 22.53 7.48 16.56
N ILE F 38 21.59 6.92 15.80
CA ILE F 38 21.63 5.50 15.53
C ILE F 38 22.48 5.18 14.31
N ALA F 39 22.28 5.92 13.23
CA ALA F 39 23.06 5.69 12.01
C ALA F 39 24.56 5.83 12.24
N ALA F 40 24.95 6.77 13.10
CA ALA F 40 26.36 6.98 13.39
C ALA F 40 26.97 5.73 14.00
N PHE F 41 26.21 5.03 14.85
CA PHE F 41 26.70 3.79 15.44
C PHE F 41 26.85 2.72 14.36
N LYS F 42 25.82 2.56 13.54
CA LYS F 42 25.83 1.54 12.49
C LYS F 42 26.98 1.68 11.47
N ARG F 43 27.45 2.91 11.23
CA ARG F 43 28.54 3.15 10.26
C ARG F 43 29.90 2.61 10.70
N ILE F 44 30.14 2.61 12.01
CA ILE F 44 31.43 2.16 12.54
C ILE F 44 31.62 0.66 12.34
N ARG F 45 32.80 0.30 11.85
CA ARG F 45 33.14 -1.10 11.59
C ARG F 45 34.05 -1.65 12.67
N LEU F 46 33.77 -2.87 13.12
CA LEU F 46 34.55 -3.53 14.16
C LEU F 46 35.63 -4.46 13.58
N ARG F 47 36.74 -4.59 14.30
CA ARG F 47 37.86 -5.46 13.90
C ARG F 47 38.05 -6.50 15.01
N PRO F 48 37.38 -7.65 14.90
CA PRO F 48 37.51 -8.70 15.92
C PRO F 48 38.85 -9.40 15.91
N ARG F 49 39.23 -9.95 17.06
CA ARG F 49 40.49 -10.70 17.20
C ARG F 49 40.04 -12.03 17.75
N TYR F 50 40.17 -13.07 16.94
CA TYR F 50 39.72 -14.40 17.34
C TYR F 50 40.77 -15.32 17.97
N LEU F 51 40.31 -16.51 18.35
CA LEU F 51 41.16 -17.53 18.96
C LEU F 51 41.88 -17.12 20.23
N ARG F 52 41.27 -16.25 21.02
CA ARG F 52 41.83 -15.84 22.30
C ARG F 52 40.97 -16.58 23.33
N ASP F 53 41.48 -16.84 24.53
CA ASP F 53 40.69 -17.54 25.53
C ASP F 53 39.62 -16.62 26.12
N MET F 54 38.37 -16.86 25.71
CA MET F 54 37.25 -16.06 26.17
C MET F 54 36.33 -16.84 27.10
N SER F 55 36.91 -17.78 27.86
CA SER F 55 36.13 -18.58 28.79
C SER F 55 35.54 -17.74 29.91
N LYS F 56 36.23 -16.66 30.27
CA LYS F 56 35.76 -15.78 31.34
C LYS F 56 35.68 -14.34 30.86
N VAL F 57 34.48 -13.88 30.51
CA VAL F 57 34.31 -12.51 30.05
C VAL F 57 33.71 -11.68 31.19
N ASP F 58 34.45 -10.67 31.63
CA ASP F 58 34.02 -9.83 32.73
C ASP F 58 33.41 -8.56 32.16
N THR F 59 32.20 -8.23 32.60
CA THR F 59 31.51 -7.07 32.08
C THR F 59 31.47 -5.90 33.07
N ARG F 60 32.00 -6.12 34.27
CA ARG F 60 32.03 -5.10 35.31
C ARG F 60 33.00 -3.96 35.11
N THR F 61 32.71 -2.83 35.76
CA THR F 61 33.60 -1.68 35.69
C THR F 61 33.19 -0.75 36.83
N THR F 62 33.77 0.44 36.86
CA THR F 62 33.41 1.40 37.90
C THR F 62 33.24 2.80 37.29
N ILE F 63 32.44 3.62 37.95
CA ILE F 63 32.27 4.99 37.54
C ILE F 63 32.32 5.73 38.86
N GLN F 64 33.10 6.80 38.90
CA GLN F 64 33.27 7.58 40.12
C GLN F 64 33.65 6.66 41.28
N GLY F 65 34.48 5.66 40.96
CA GLY F 65 34.94 4.70 41.96
C GLY F 65 33.97 3.63 42.41
N GLN F 66 32.71 3.74 41.98
CA GLN F 66 31.69 2.77 42.37
C GLN F 66 31.60 1.64 41.34
N GLU F 67 31.52 0.39 41.82
CA GLU F 67 31.44 -0.73 40.89
C GLU F 67 30.01 -0.98 40.39
N ILE F 68 29.89 -1.40 39.13
CA ILE F 68 28.59 -1.72 38.56
C ILE F 68 28.69 -2.95 37.67
N SER F 69 27.57 -3.66 37.53
CA SER F 69 27.48 -4.90 36.75
C SER F 69 27.98 -4.80 35.31
N ALA F 70 27.68 -3.69 34.66
CA ALA F 70 28.06 -3.48 33.28
C ALA F 70 28.11 -1.98 33.03
N PRO F 71 28.81 -1.52 31.98
CA PRO F 71 28.88 -0.08 31.70
C PRO F 71 27.60 0.40 31.04
N ILE F 72 26.47 0.00 31.62
CA ILE F 72 25.15 0.33 31.10
C ILE F 72 24.30 0.90 32.22
N CYS F 73 24.03 2.19 32.16
CA CYS F 73 23.23 2.84 33.19
C CYS F 73 22.00 3.61 32.66
N ILE F 74 21.23 4.17 33.57
CA ILE F 74 20.01 4.88 33.24
C ILE F 74 20.14 6.40 33.24
N SER F 75 20.00 6.98 32.06
CA SER F 75 20.10 8.43 31.92
C SER F 75 18.84 9.06 32.49
N PRO F 76 18.94 10.31 32.95
CA PRO F 76 17.76 10.98 33.51
C PRO F 76 16.65 11.17 32.47
N THR F 77 15.44 10.74 32.83
CA THR F 77 14.27 10.87 31.96
C THR F 77 13.09 11.20 32.86
N ALA F 78 12.39 12.28 32.53
CA ALA F 78 11.28 12.75 33.33
C ALA F 78 10.01 11.93 33.25
N PHE F 79 9.18 12.11 34.28
CA PHE F 79 7.85 11.51 34.40
C PHE F 79 7.68 10.07 33.98
N HIS F 80 8.26 9.15 34.74
CA HIS F 80 8.16 7.73 34.41
C HIS F 80 6.73 7.21 34.53
N SER F 81 5.87 7.96 35.22
CA SER F 81 4.48 7.55 35.38
C SER F 81 3.65 7.54 34.10
N ILE F 82 4.18 8.11 33.02
CA ILE F 82 3.43 8.10 31.78
C ILE F 82 3.62 6.75 31.12
N ALA F 83 4.58 5.99 31.62
CA ALA F 83 4.88 4.68 31.06
C ALA F 83 4.37 3.55 31.93
N TRP F 84 4.36 3.78 33.24
CA TRP F 84 3.91 2.78 34.20
C TRP F 84 3.48 3.50 35.47
N PRO F 85 2.35 3.07 36.07
CA PRO F 85 1.82 3.67 37.29
C PRO F 85 2.83 3.87 38.42
N ASP F 86 3.66 2.86 38.65
CA ASP F 86 4.68 2.90 39.69
C ASP F 86 5.78 3.91 39.42
N GLY F 87 5.90 4.33 38.17
CA GLY F 87 6.91 5.30 37.79
C GLY F 87 8.34 4.97 38.18
N GLU F 88 9.03 5.95 38.74
CA GLU F 88 10.42 5.80 39.14
C GLU F 88 10.62 4.71 40.19
N LYS F 89 9.59 4.38 40.95
CA LYS F 89 9.73 3.34 41.96
C LYS F 89 10.09 2.02 41.30
N SER F 90 9.41 1.67 40.22
CA SER F 90 9.72 0.43 39.50
C SER F 90 11.12 0.52 38.92
N THR F 91 11.46 1.69 38.38
CA THR F 91 12.78 1.88 37.79
C THR F 91 13.87 1.68 38.84
N ALA F 92 13.71 2.35 39.99
CA ALA F 92 14.71 2.24 41.07
C ALA F 92 14.94 0.79 41.47
N ARG F 93 13.87 0.04 41.66
CA ARG F 93 14.00 -1.36 42.05
C ARG F 93 14.74 -2.17 40.99
N ALA F 94 14.44 -1.93 39.73
CA ALA F 94 15.10 -2.66 38.65
C ALA F 94 16.59 -2.29 38.59
N ALA F 95 16.88 -1.00 38.76
CA ALA F 95 18.26 -0.54 38.71
C ALA F 95 19.07 -1.12 39.86
N GLN F 96 18.46 -1.18 41.04
CA GLN F 96 19.13 -1.74 42.21
C GLN F 96 19.45 -3.21 41.99
N GLU F 97 18.49 -3.98 41.50
CA GLU F 97 18.75 -5.40 41.28
C GLU F 97 19.79 -5.63 40.19
N ALA F 98 19.81 -4.79 39.16
CA ALA F 98 20.78 -4.94 38.06
C ALA F 98 22.15 -4.42 38.50
N ASN F 99 22.19 -3.71 39.61
CA ASN F 99 23.42 -3.13 40.15
C ASN F 99 24.12 -2.18 39.18
N ILE F 100 23.39 -1.18 38.70
CA ILE F 100 23.96 -0.18 37.81
C ILE F 100 23.54 1.18 38.36
N CYS F 101 23.99 2.25 37.73
CA CYS F 101 23.67 3.58 38.22
C CYS F 101 22.38 4.13 37.61
N TYR F 102 21.49 4.62 38.48
CA TYR F 102 20.23 5.19 38.05
C TYR F 102 20.26 6.70 38.28
N VAL F 103 20.29 7.47 37.20
CA VAL F 103 20.29 8.94 37.34
C VAL F 103 18.82 9.37 37.34
N ILE F 104 18.36 9.89 38.48
CA ILE F 104 16.98 10.34 38.61
C ILE F 104 16.77 11.75 38.07
N SER F 105 15.70 11.90 37.31
CA SER F 105 15.37 13.18 36.69
C SER F 105 14.90 14.23 37.68
N SER F 106 15.12 15.48 37.33
CA SER F 106 14.71 16.60 38.16
C SER F 106 13.18 16.70 38.11
N TYR F 107 12.57 16.04 37.12
CA TYR F 107 11.12 16.09 36.96
C TYR F 107 10.49 14.72 37.06
N ALA F 108 10.76 14.02 38.16
CA ALA F 108 10.21 12.68 38.37
C ALA F 108 8.76 12.75 38.81
N SER F 109 8.02 11.66 38.58
CA SER F 109 6.61 11.59 38.98
C SER F 109 6.47 11.43 40.50
N TYR F 110 7.46 10.82 41.14
CA TYR F 110 7.43 10.62 42.57
C TYR F 110 8.54 11.39 43.25
N SER F 111 8.36 11.67 44.53
CA SER F 111 9.37 12.39 45.30
C SER F 111 10.61 11.51 45.48
N LEU F 112 11.75 12.17 45.67
CA LEU F 112 12.99 11.46 45.87
C LEU F 112 12.86 10.49 47.06
N GLU F 113 12.15 10.93 48.10
CA GLU F 113 11.97 10.09 49.29
C GLU F 113 11.25 8.79 48.95
N ASP F 114 10.16 8.86 48.20
CA ASP F 114 9.41 7.67 47.83
C ASP F 114 10.24 6.77 46.92
N ILE F 115 11.03 7.37 46.04
CA ILE F 115 11.86 6.60 45.13
C ILE F 115 12.96 5.87 45.90
N VAL F 116 13.69 6.59 46.74
CA VAL F 116 14.75 5.99 47.53
C VAL F 116 14.21 4.90 48.45
N ALA F 117 13.02 5.13 49.02
CA ALA F 117 12.41 4.16 49.91
C ALA F 117 12.12 2.84 49.20
N ALA F 118 11.74 2.91 47.92
CA ALA F 118 11.44 1.72 47.15
C ALA F 118 12.67 0.85 46.89
N ALA F 119 13.85 1.46 46.87
CA ALA F 119 15.10 0.72 46.63
C ALA F 119 16.24 1.40 47.39
N PRO F 120 16.28 1.21 48.71
CA PRO F 120 17.29 1.77 49.62
C PRO F 120 18.77 1.64 49.23
N GLU F 121 19.18 0.45 48.78
CA GLU F 121 20.59 0.24 48.42
C GLU F 121 21.02 0.63 47.01
N GLY F 122 20.07 1.07 46.20
CA GLY F 122 20.42 1.45 44.83
C GLY F 122 21.46 2.54 44.67
N PHE F 123 22.35 2.34 43.70
CA PHE F 123 23.37 3.32 43.37
C PHE F 123 22.66 4.35 42.50
N ARG F 124 22.70 5.62 42.89
CA ARG F 124 22.02 6.62 42.09
C ARG F 124 22.58 8.03 42.12
N TRP F 125 22.40 8.72 40.99
CA TRP F 125 22.84 10.10 40.83
C TRP F 125 21.57 10.93 40.72
N PHE F 126 21.70 12.24 40.87
CA PHE F 126 20.55 13.12 40.78
C PHE F 126 20.79 14.24 39.77
N GLN F 127 19.92 14.32 38.78
CA GLN F 127 20.01 15.35 37.75
C GLN F 127 19.15 16.50 38.24
N LEU F 128 19.79 17.63 38.54
CA LEU F 128 19.09 18.78 39.06
C LEU F 128 19.17 20.01 38.15
N TYR F 129 18.01 20.51 37.74
CA TYR F 129 17.96 21.71 36.91
C TYR F 129 18.04 22.89 37.89
N MET F 130 19.14 23.62 37.83
CA MET F 130 19.36 24.75 38.70
C MET F 130 18.38 25.88 38.46
N LYS F 131 17.96 26.55 39.54
CA LYS F 131 17.02 27.66 39.45
C LYS F 131 17.62 28.97 40.01
N SER F 132 16.84 30.05 39.99
CA SER F 132 17.31 31.35 40.46
C SER F 132 17.69 31.43 41.93
N ASP F 133 16.80 30.95 42.79
CA ASP F 133 17.00 30.96 44.25
C ASP F 133 18.13 30.05 44.72
N TRP F 134 19.24 30.66 45.13
CA TRP F 134 20.39 29.88 45.60
C TRP F 134 20.12 29.23 46.94
N ASP F 135 18.86 29.27 47.36
CA ASP F 135 18.47 28.66 48.61
C ASP F 135 17.75 27.38 48.21
N PHE F 136 16.86 27.48 47.24
CA PHE F 136 16.15 26.30 46.77
C PHE F 136 17.23 25.34 46.26
N ASN F 137 18.18 25.89 45.52
CA ASN F 137 19.27 25.11 44.96
C ASN F 137 20.06 24.37 46.03
N LYS F 138 20.58 25.10 47.00
CA LYS F 138 21.37 24.46 48.06
C LYS F 138 20.53 23.53 48.93
N GLN F 139 19.24 23.79 49.03
CA GLN F 139 18.39 22.93 49.84
C GLN F 139 18.11 21.63 49.08
N MET F 140 18.04 21.72 47.76
CA MET F 140 17.81 20.53 46.94
C MET F 140 19.07 19.69 46.97
N VAL F 141 20.22 20.36 46.94
CA VAL F 141 21.50 19.67 46.98
C VAL F 141 21.70 18.96 48.32
N GLN F 142 21.41 19.66 49.41
CA GLN F 142 21.56 19.07 50.73
C GLN F 142 20.57 17.92 50.90
N ARG F 143 19.38 18.09 50.33
CA ARG F 143 18.35 17.06 50.40
C ARG F 143 18.82 15.81 49.64
N ALA F 144 19.53 16.05 48.55
CA ALA F 144 20.04 14.96 47.74
C ALA F 144 21.12 14.22 48.51
N GLU F 145 22.06 14.97 49.07
CA GLU F 145 23.16 14.38 49.86
C GLU F 145 22.59 13.55 51.01
N ALA F 146 21.57 14.10 51.66
CA ALA F 146 20.92 13.43 52.78
C ALA F 146 20.28 12.10 52.36
N LEU F 147 19.71 12.07 51.15
CA LEU F 147 19.06 10.88 50.65
C LEU F 147 19.99 9.81 50.08
N GLY F 148 21.29 10.09 50.06
CA GLY F 148 22.23 9.10 49.57
C GLY F 148 22.70 9.17 48.13
N PHE F 149 22.29 10.18 47.38
CA PHE F 149 22.75 10.28 45.99
C PHE F 149 24.25 10.51 46.02
N LYS F 150 24.96 9.83 45.12
CA LYS F 150 26.42 9.93 45.07
C LYS F 150 27.03 10.86 44.03
N ALA F 151 26.18 11.62 43.33
CA ALA F 151 26.67 12.57 42.33
C ALA F 151 25.56 13.49 41.85
N LEU F 152 25.95 14.66 41.40
CA LEU F 152 25.01 15.65 40.92
C LEU F 152 25.23 15.80 39.43
N VAL F 153 24.16 15.61 38.67
CA VAL F 153 24.26 15.75 37.23
C VAL F 153 23.66 17.08 36.82
N ILE F 154 24.45 17.89 36.12
CA ILE F 154 24.00 19.18 35.65
C ILE F 154 23.88 19.11 34.14
N THR F 155 22.65 19.17 33.65
CA THR F 155 22.37 19.12 32.23
C THR F 155 22.48 20.55 31.69
N ILE F 156 23.42 20.75 30.79
CA ILE F 156 23.69 22.06 30.23
C ILE F 156 23.13 22.38 28.85
N ASP F 157 22.50 21.41 28.20
CA ASP F 157 21.99 21.66 26.85
C ASP F 157 20.50 22.01 26.81
N THR F 158 19.96 22.45 27.95
CA THR F 158 18.55 22.77 28.01
C THR F 158 18.24 24.15 28.63
N PRO F 159 18.93 25.20 28.17
CA PRO F 159 18.63 26.52 28.75
C PRO F 159 17.17 26.87 28.47
N VAL F 160 16.65 26.30 27.39
CA VAL F 160 15.26 26.48 27.00
C VAL F 160 14.88 25.13 26.38
N LEU F 161 13.58 24.81 26.36
CA LEU F 161 13.16 23.52 25.81
C LEU F 161 13.24 23.44 24.31
N GLY F 162 13.58 22.25 23.82
CA GLY F 162 13.67 22.04 22.38
C GLY F 162 12.29 22.13 21.73
N ASN F 163 12.27 22.37 20.42
CA ASN F 163 11.04 22.51 19.67
C ASN F 163 10.58 21.16 19.14
N ARG F 164 9.71 20.51 19.90
CA ARG F 164 9.18 19.21 19.52
C ARG F 164 7.82 19.40 18.85
N ARG F 165 7.83 19.42 17.53
CA ARG F 165 6.62 19.62 16.75
C ARG F 165 5.45 18.73 17.14
N ARG F 166 5.69 17.45 17.34
CA ARG F 166 4.62 16.53 17.71
C ARG F 166 3.89 16.97 18.96
N ASP F 167 4.62 17.26 20.03
CA ASP F 167 3.98 17.71 21.26
C ASP F 167 3.12 18.93 20.97
N LYS F 168 3.66 19.90 20.22
CA LYS F 168 2.92 21.10 19.89
C LYS F 168 1.64 20.77 19.11
N ARG F 169 1.76 19.92 18.10
CA ARG F 169 0.58 19.55 17.31
C ARG F 169 -0.44 18.82 18.18
N ASN F 170 0.01 18.12 19.22
CA ASN F 170 -0.88 17.40 20.13
C ASN F 170 -1.23 18.36 21.29
N GLN F 171 -0.78 19.59 21.18
CA GLN F 171 -1.03 20.63 22.17
C GLN F 171 -0.72 20.25 23.62
N LEU F 172 0.21 19.32 23.82
CA LEU F 172 0.60 18.87 25.16
C LEU F 172 -0.61 18.33 25.92
N ASN F 173 -0.57 18.44 27.25
CA ASN F 173 -1.60 18.00 28.21
C ASN F 173 -1.13 16.80 29.00
N LEU F 174 0.18 16.57 28.99
CA LEU F 174 0.81 15.44 29.67
C LEU F 174 0.04 14.93 30.88
N GLU F 175 -0.78 13.91 30.66
CA GLU F 175 -1.59 13.32 31.72
C GLU F 175 -1.17 11.88 31.99
N ALA F 176 -0.40 11.70 33.07
CA ALA F 176 0.07 10.39 33.48
C ALA F 176 -1.10 9.61 34.05
N LYS F 181 0.99 8.67 39.82
CA LYS F 181 1.94 9.81 39.94
C LYS F 181 1.52 10.75 41.07
N ASP F 182 2.35 11.76 41.33
CA ASP F 182 2.08 12.73 42.38
C ASP F 182 2.57 14.12 41.99
N LEU F 183 3.85 14.37 42.17
CA LEU F 183 4.46 15.65 41.83
C LEU F 183 4.03 16.06 40.41
N ARG F 184 3.01 16.92 40.35
CA ARG F 184 2.45 17.42 39.09
C ARG F 184 3.48 17.84 38.04
N ALA F 185 3.08 17.75 36.78
CA ALA F 185 3.93 18.12 35.65
C ALA F 185 3.94 19.63 35.44
N LEU F 186 5.11 20.25 35.54
CA LEU F 186 5.21 21.69 35.34
C LEU F 186 4.58 22.05 34.00
N LYS F 187 3.66 23.01 34.01
CA LYS F 187 2.97 23.43 32.80
C LYS F 187 3.92 24.14 31.85
N GLU F 188 5.21 24.16 32.23
CA GLU F 188 6.27 24.78 31.45
C GLU F 188 7.51 25.03 32.34
N ALA F 202 16.16 29.71 31.69
CA ALA F 202 17.44 29.38 32.37
C ALA F 202 18.53 30.38 32.01
N SER F 203 19.34 30.74 33.01
CA SER F 203 20.43 31.69 32.82
C SER F 203 21.74 31.13 33.38
N PHE F 204 21.71 29.87 33.79
CA PHE F 204 22.87 29.18 34.36
C PHE F 204 24.10 29.23 33.44
N CYS F 205 25.23 29.69 33.97
CA CYS F 205 26.46 29.80 33.17
C CYS F 205 27.65 29.19 33.91
N TRP F 206 28.80 29.14 33.26
CA TRP F 206 29.99 28.55 33.87
C TRP F 206 30.35 29.06 35.27
N ASN F 207 30.22 30.37 35.49
CA ASN F 207 30.53 30.94 36.81
C ASN F 207 29.62 30.40 37.90
N ASP F 208 28.37 30.12 37.56
CA ASP F 208 27.42 29.61 38.54
C ASP F 208 27.86 28.26 39.08
N LEU F 209 28.73 27.57 38.34
CA LEU F 209 29.25 26.27 38.75
C LEU F 209 30.13 26.39 39.95
N SER F 210 31.13 27.25 39.77
CA SER F 210 32.12 27.51 40.78
C SER F 210 31.36 27.78 42.06
N LEU F 211 30.18 28.38 41.91
CA LEU F 211 29.36 28.68 43.06
C LEU F 211 28.62 27.45 43.57
N LEU F 212 28.09 26.64 42.66
CA LEU F 212 27.39 25.41 43.06
C LEU F 212 28.45 24.49 43.69
N GLN F 213 29.58 24.35 43.00
CA GLN F 213 30.67 23.50 43.47
C GLN F 213 31.14 23.92 44.84
N SER F 214 31.08 25.22 45.12
CA SER F 214 31.51 25.74 46.41
C SER F 214 30.49 25.46 47.51
N ILE F 215 29.33 24.93 47.16
CA ILE F 215 28.31 24.66 48.17
C ILE F 215 27.94 23.18 48.33
N THR F 216 28.63 22.31 47.61
CA THR F 216 28.37 20.87 47.74
C THR F 216 29.67 20.12 47.57
N ARG F 217 29.73 18.97 48.22
CA ARG F 217 30.91 18.13 48.16
C ARG F 217 30.73 17.05 47.08
N LEU F 218 29.48 16.78 46.72
CA LEU F 218 29.17 15.76 45.72
C LEU F 218 29.88 15.93 44.39
N PRO F 219 30.33 14.81 43.77
CA PRO F 219 31.00 14.99 42.48
C PRO F 219 29.98 15.53 41.46
N ILE F 220 30.44 16.42 40.58
CA ILE F 220 29.55 17.01 39.59
C ILE F 220 29.82 16.49 38.18
N ILE F 221 28.77 16.02 37.53
CA ILE F 221 28.87 15.50 36.17
C ILE F 221 28.08 16.40 35.21
N LEU F 222 28.77 16.94 34.20
CA LEU F 222 28.15 17.80 33.21
C LEU F 222 27.60 16.96 32.06
N LYS F 223 26.31 17.10 31.79
CA LYS F 223 25.66 16.33 30.72
C LYS F 223 25.24 17.22 29.54
N GLY F 224 25.69 16.86 28.35
CA GLY F 224 25.33 17.65 27.17
C GLY F 224 26.51 18.18 26.38
N ILE F 225 27.72 18.02 26.89
CA ILE F 225 28.91 18.50 26.19
C ILE F 225 29.10 17.78 24.86
N LEU F 226 29.28 18.55 23.79
CA LEU F 226 29.48 18.00 22.44
C LEU F 226 30.77 18.47 21.78
N THR F 227 31.44 19.44 22.39
CA THR F 227 32.65 20.00 21.81
C THR F 227 33.90 19.94 22.69
N LYS F 228 35.07 19.99 22.07
CA LYS F 228 36.31 19.97 22.84
C LYS F 228 36.43 21.28 23.62
N GLU F 229 35.88 22.37 23.06
CA GLU F 229 35.95 23.65 23.75
C GLU F 229 35.25 23.60 25.10
N ASP F 230 34.02 23.06 25.11
CA ASP F 230 33.28 22.94 26.37
C ASP F 230 33.91 21.88 27.29
N ALA F 231 34.55 20.89 26.69
CA ALA F 231 35.20 19.86 27.51
C ALA F 231 36.41 20.50 28.23
N GLU F 232 37.09 21.42 27.57
CA GLU F 232 38.24 22.10 28.18
C GLU F 232 37.71 22.95 29.33
N LEU F 233 36.64 23.69 29.10
CA LEU F 233 36.06 24.52 30.14
C LEU F 233 35.62 23.66 31.32
N ALA F 234 35.08 22.47 31.03
CA ALA F 234 34.63 21.58 32.09
C ALA F 234 35.80 21.24 33.00
N MET F 235 36.95 20.97 32.41
CA MET F 235 38.13 20.62 33.19
C MET F 235 38.66 21.82 33.98
N LYS F 236 38.66 23.00 33.36
CA LYS F 236 39.13 24.19 34.06
C LYS F 236 38.27 24.44 35.28
N HIS F 237 37.00 24.04 35.21
CA HIS F 237 36.10 24.23 36.34
C HIS F 237 36.11 23.04 37.30
N ASN F 238 37.05 22.12 37.06
CA ASN F 238 37.23 20.96 37.92
C ASN F 238 36.01 20.11 38.25
N VAL F 239 35.25 19.70 37.23
CA VAL F 239 34.09 18.85 37.45
C VAL F 239 34.61 17.41 37.47
N GLN F 240 33.82 16.48 38.00
CA GLN F 240 34.23 15.09 38.11
C GLN F 240 33.91 14.17 36.94
N GLY F 241 33.10 14.63 36.00
CA GLY F 241 32.74 13.80 34.87
C GLY F 241 31.93 14.52 33.81
N ILE F 242 31.88 13.92 32.62
CA ILE F 242 31.16 14.47 31.49
C ILE F 242 30.35 13.38 30.79
N VAL F 243 29.10 13.69 30.48
CA VAL F 243 28.26 12.76 29.73
C VAL F 243 28.10 13.42 28.35
N VAL F 244 28.80 12.88 27.35
CA VAL F 244 28.68 13.40 26.00
C VAL F 244 27.26 13.04 25.59
N SER F 245 26.50 14.06 25.19
CA SER F 245 25.10 13.85 24.83
C SER F 245 24.51 15.01 24.06
N ASN F 246 23.52 14.70 23.22
CA ASN F 246 22.82 15.72 22.48
C ASN F 246 21.34 15.64 22.91
N HIS F 247 21.12 15.17 24.14
CA HIS F 247 19.77 15.07 24.69
C HIS F 247 18.86 14.26 23.76
N GLY F 248 19.41 13.22 23.15
CA GLY F 248 18.63 12.37 22.26
C GLY F 248 17.98 13.08 21.09
N GLY F 249 18.57 14.20 20.66
CA GLY F 249 18.02 14.94 19.55
C GLY F 249 16.71 15.63 19.86
N ARG F 250 16.46 15.86 21.15
CA ARG F 250 15.24 16.53 21.61
C ARG F 250 15.47 18.03 21.87
N GLN F 251 16.71 18.49 21.70
CA GLN F 251 17.03 19.88 21.94
C GLN F 251 17.50 20.61 20.70
N LEU F 252 18.78 20.95 20.62
CA LEU F 252 19.27 21.63 19.42
C LEU F 252 19.42 20.52 18.39
N ASP F 253 18.70 20.59 17.27
CA ASP F 253 18.81 19.55 16.26
C ASP F 253 19.93 19.83 15.27
N GLU F 254 20.33 18.80 14.53
CA GLU F 254 21.37 18.88 13.52
C GLU F 254 22.76 19.12 14.09
N VAL F 255 22.97 18.63 15.30
CA VAL F 255 24.29 18.69 15.92
C VAL F 255 24.87 17.29 15.64
N SER F 256 26.14 17.07 15.99
CA SER F 256 26.75 15.77 15.76
C SER F 256 26.10 14.67 16.57
N ALA F 257 26.18 13.46 16.05
CA ALA F 257 25.64 12.30 16.76
C ALA F 257 26.54 12.18 18.00
N SER F 258 25.95 11.79 19.12
CA SER F 258 26.72 11.67 20.35
C SER F 258 27.92 10.73 20.22
N ILE F 259 27.75 9.61 19.53
CA ILE F 259 28.87 8.66 19.39
C ILE F 259 30.00 9.30 18.59
N ASP F 260 29.68 10.24 17.70
CA ASP F 260 30.73 10.90 16.92
C ASP F 260 31.39 12.03 17.73
N ALA F 261 30.60 12.76 18.51
CA ALA F 261 31.12 13.85 19.32
C ALA F 261 32.03 13.31 20.42
N LEU F 262 31.77 12.08 20.81
CA LEU F 262 32.53 11.41 21.86
C LEU F 262 34.02 11.49 21.59
N ARG F 263 34.40 11.29 20.32
CA ARG F 263 35.80 11.29 19.95
C ARG F 263 36.57 12.55 20.29
N GLU F 264 36.07 13.72 19.89
CA GLU F 264 36.82 14.93 20.18
C GLU F 264 36.80 15.29 21.65
N VAL F 265 35.76 14.87 22.37
CA VAL F 265 35.67 15.13 23.81
C VAL F 265 36.69 14.24 24.54
N VAL F 266 36.76 12.98 24.14
CA VAL F 266 37.72 12.06 24.77
C VAL F 266 39.15 12.52 24.50
N ALA F 267 39.41 12.95 23.27
CA ALA F 267 40.74 13.41 22.90
C ALA F 267 41.17 14.65 23.67
N ALA F 268 40.22 15.53 23.99
CA ALA F 268 40.54 16.75 24.72
C ALA F 268 40.76 16.45 26.21
N VAL F 269 39.95 15.58 26.77
CA VAL F 269 40.04 15.24 28.19
C VAL F 269 41.29 14.44 28.53
N LYS F 270 41.80 13.68 27.57
CA LYS F 270 43.01 12.89 27.77
C LYS F 270 43.04 12.07 29.06
N GLY F 271 41.91 11.48 29.40
CA GLY F 271 41.85 10.66 30.60
C GLY F 271 41.86 11.38 31.94
N LYS F 272 41.85 12.70 31.95
CA LYS F 272 41.88 13.44 33.22
C LYS F 272 40.65 13.11 34.06
N ILE F 273 39.49 13.02 33.42
CA ILE F 273 38.25 12.69 34.12
C ILE F 273 37.45 11.70 33.29
N GLU F 274 36.52 10.98 33.93
CA GLU F 274 35.71 10.00 33.23
C GLU F 274 34.72 10.66 32.28
N VAL F 275 34.62 10.10 31.09
CA VAL F 275 33.72 10.60 30.06
C VAL F 275 32.73 9.50 29.71
N TYR F 276 31.44 9.81 29.76
CA TYR F 276 30.40 8.85 29.43
C TYR F 276 29.62 9.38 28.22
N MET F 277 28.61 8.62 27.78
CA MET F 277 27.80 9.06 26.67
C MET F 277 26.43 8.40 26.65
N ASP F 278 25.49 9.03 25.94
CA ASP F 278 24.16 8.48 25.76
C ASP F 278 23.70 8.95 24.39
N GLY F 279 22.63 8.38 23.88
CA GLY F 279 22.15 8.77 22.58
C GLY F 279 22.26 7.68 21.53
N GLY F 280 21.17 6.95 21.33
CA GLY F 280 21.16 5.90 20.33
C GLY F 280 21.69 4.52 20.70
N VAL F 281 22.05 4.29 21.97
CA VAL F 281 22.57 2.98 22.36
C VAL F 281 21.38 2.03 22.37
N ARG F 282 21.43 0.99 21.52
CA ARG F 282 20.32 0.05 21.43
C ARG F 282 20.76 -1.40 21.40
N THR F 283 22.00 -1.65 20.99
CA THR F 283 22.47 -3.02 20.91
C THR F 283 23.88 -3.16 21.51
N GLY F 284 24.24 -4.39 21.88
CA GLY F 284 25.53 -4.66 22.49
C GLY F 284 26.74 -3.99 21.86
N THR F 285 26.90 -4.12 20.55
CA THR F 285 28.03 -3.51 19.87
C THR F 285 28.07 -1.99 20.00
N ASP F 286 26.92 -1.34 20.24
CA ASP F 286 26.93 0.11 20.43
C ASP F 286 27.70 0.39 21.73
N VAL F 287 27.41 -0.38 22.78
CA VAL F 287 28.09 -0.22 24.06
C VAL F 287 29.58 -0.47 23.84
N LEU F 288 29.88 -1.55 23.12
CA LEU F 288 31.27 -1.92 22.81
C LEU F 288 32.02 -0.77 22.14
N LYS F 289 31.38 -0.16 21.14
CA LYS F 289 32.01 0.93 20.40
C LYS F 289 32.24 2.19 21.24
N ALA F 290 31.30 2.50 22.14
CA ALA F 290 31.44 3.67 22.99
C ALA F 290 32.66 3.47 23.91
N LEU F 291 32.78 2.26 24.46
CA LEU F 291 33.88 1.93 25.35
C LEU F 291 35.21 1.93 24.60
N ALA F 292 35.23 1.38 23.39
CA ALA F 292 36.46 1.33 22.61
C ALA F 292 36.90 2.74 22.24
N LEU F 293 35.94 3.65 22.11
CA LEU F 293 36.23 5.01 21.73
C LEU F 293 36.59 5.90 22.92
N GLY F 294 36.62 5.32 24.12
CA GLY F 294 37.02 6.10 25.27
C GLY F 294 35.98 6.37 26.34
N ALA F 295 34.74 5.99 26.13
CA ALA F 295 33.72 6.22 27.15
C ALA F 295 33.90 5.21 28.28
N ARG F 296 33.63 5.64 29.51
CA ARG F 296 33.75 4.79 30.68
C ARG F 296 32.50 3.91 30.77
N CYS F 297 31.38 4.44 30.29
CA CYS F 297 30.14 3.69 30.26
C CYS F 297 29.08 4.46 29.49
N ILE F 298 27.96 3.81 29.18
CA ILE F 298 26.92 4.51 28.44
C ILE F 298 25.67 4.58 29.29
N PHE F 299 24.78 5.53 28.98
CA PHE F 299 23.52 5.66 29.68
C PHE F 299 22.39 5.49 28.66
N LEU F 300 21.27 4.94 29.12
CA LEU F 300 20.11 4.69 28.28
C LEU F 300 18.99 5.66 28.62
N GLY F 301 18.38 6.23 27.58
CA GLY F 301 17.27 7.14 27.79
C GLY F 301 15.95 6.44 27.54
N ARG F 302 15.49 6.51 26.29
CA ARG F 302 14.20 5.93 25.91
C ARG F 302 14.00 4.44 26.21
N PRO F 303 15.02 3.60 25.96
CA PRO F 303 14.85 2.17 26.23
C PRO F 303 14.30 1.86 27.62
N ILE F 304 14.70 2.63 28.62
CA ILE F 304 14.21 2.41 29.98
C ILE F 304 12.71 2.65 30.03
N LEU F 305 12.25 3.69 29.34
CA LEU F 305 10.83 3.99 29.31
C LEU F 305 10.06 2.91 28.54
N TRP F 306 10.68 2.36 27.49
CA TRP F 306 10.03 1.31 26.72
C TRP F 306 9.84 0.10 27.65
N GLY F 307 10.87 -0.17 28.45
CA GLY F 307 10.79 -1.29 29.38
C GLY F 307 9.67 -1.10 30.36
N LEU F 308 9.57 0.10 30.92
CA LEU F 308 8.51 0.42 31.88
C LEU F 308 7.12 0.26 31.24
N ALA F 309 6.97 0.76 30.02
CA ALA F 309 5.69 0.69 29.33
C ALA F 309 5.23 -0.73 29.06
N CYS F 310 6.19 -1.62 28.78
CA CYS F 310 5.86 -3.01 28.51
C CYS F 310 5.58 -3.88 29.73
N LYS F 311 6.48 -3.87 30.72
CA LYS F 311 6.28 -4.72 31.89
C LYS F 311 6.65 -4.10 33.23
N GLY F 312 6.63 -2.78 33.33
CA GLY F 312 6.98 -2.15 34.60
C GLY F 312 8.41 -2.49 35.05
N GLU F 313 8.58 -2.80 36.33
CA GLU F 313 9.89 -3.14 36.86
C GLU F 313 10.57 -4.24 36.07
N ASP F 314 9.84 -5.33 35.80
CA ASP F 314 10.39 -6.45 35.05
C ASP F 314 10.84 -6.04 33.67
N GLY F 315 10.17 -5.02 33.12
CA GLY F 315 10.54 -4.54 31.79
C GLY F 315 11.87 -3.82 31.80
N VAL F 316 12.06 -2.93 32.76
CA VAL F 316 13.31 -2.19 32.85
C VAL F 316 14.44 -3.18 33.08
N LYS F 317 14.22 -4.14 33.99
CA LYS F 317 15.23 -5.15 34.29
C LYS F 317 15.59 -5.98 33.05
N GLU F 318 14.58 -6.34 32.27
CA GLU F 318 14.81 -7.13 31.07
C GLU F 318 15.63 -6.36 30.04
N VAL F 319 15.34 -5.06 29.90
CA VAL F 319 16.09 -4.24 28.95
C VAL F 319 17.55 -4.21 29.38
N LEU F 320 17.79 -4.03 30.68
CA LEU F 320 19.14 -3.99 31.18
C LEU F 320 19.84 -5.34 30.99
N ASP F 321 19.15 -6.42 31.35
CA ASP F 321 19.73 -7.76 31.20
C ASP F 321 20.04 -8.08 29.75
N ILE F 322 19.12 -7.70 28.86
CA ILE F 322 19.33 -7.95 27.44
C ILE F 322 20.58 -7.24 26.92
N LEU F 323 20.67 -5.93 27.15
CA LEU F 323 21.82 -5.18 26.65
C LEU F 323 23.10 -5.73 27.26
N THR F 324 23.05 -6.08 28.54
CA THR F 324 24.22 -6.64 29.22
C THR F 324 24.62 -7.97 28.55
N ALA F 325 23.63 -8.80 28.28
CA ALA F 325 23.90 -10.09 27.63
C ALA F 325 24.51 -9.86 26.25
N GLU F 326 24.02 -8.86 25.52
CA GLU F 326 24.58 -8.58 24.21
C GLU F 326 26.02 -8.08 24.29
N LEU F 327 26.30 -7.20 25.22
CA LEU F 327 27.65 -6.69 25.40
C LEU F 327 28.56 -7.88 25.72
N HIS F 328 28.10 -8.76 26.60
CA HIS F 328 28.86 -9.93 26.99
C HIS F 328 29.16 -10.78 25.76
N ARG F 329 28.17 -10.91 24.89
CA ARG F 329 28.32 -11.69 23.67
C ARG F 329 29.26 -11.06 22.66
N CYS F 330 29.14 -9.75 22.40
CA CYS F 330 30.05 -9.17 21.41
C CYS F 330 31.48 -9.06 21.97
N MET F 331 31.61 -8.98 23.29
CA MET F 331 32.94 -8.95 23.89
C MET F 331 33.59 -10.33 23.64
N THR F 332 32.83 -11.39 23.88
CA THR F 332 33.32 -12.76 23.66
C THR F 332 33.71 -12.95 22.19
N LEU F 333 32.84 -12.53 21.28
CA LEU F 333 33.08 -12.64 19.86
C LEU F 333 34.26 -11.79 19.36
N SER F 334 34.39 -10.57 19.87
CA SER F 334 35.47 -9.70 19.40
C SER F 334 36.84 -9.94 20.05
N GLY F 335 36.86 -10.73 21.12
CA GLY F 335 38.11 -11.02 21.79
C GLY F 335 38.48 -10.14 22.97
N CYS F 336 37.47 -9.60 23.64
CA CYS F 336 37.69 -8.73 24.79
C CYS F 336 37.27 -9.44 26.06
N GLN F 337 38.25 -9.87 26.86
CA GLN F 337 37.97 -10.59 28.09
C GLN F 337 37.34 -9.70 29.17
N SER F 338 37.72 -8.43 29.21
CA SER F 338 37.17 -7.52 30.21
C SER F 338 37.00 -6.13 29.63
N VAL F 339 36.31 -5.27 30.36
CA VAL F 339 36.09 -3.92 29.89
C VAL F 339 37.42 -3.22 29.64
N ALA F 340 38.42 -3.56 30.45
CA ALA F 340 39.74 -2.98 30.31
C ALA F 340 40.39 -3.35 28.98
N GLU F 341 39.99 -4.47 28.41
CA GLU F 341 40.58 -4.92 27.14
C GLU F 341 39.88 -4.39 25.89
N ILE F 342 38.84 -3.57 26.05
CA ILE F 342 38.14 -2.99 24.92
C ILE F 342 38.91 -1.73 24.51
N SER F 343 39.62 -1.79 23.39
CA SER F 343 40.42 -0.66 22.93
C SER F 343 40.06 -0.16 21.54
N PRO F 344 40.58 1.01 21.14
CA PRO F 344 40.31 1.56 19.82
C PRO F 344 40.84 0.72 18.66
N ASP F 345 41.64 -0.30 18.97
CA ASP F 345 42.17 -1.19 17.92
C ASP F 345 41.00 -1.96 17.32
N LEU F 346 39.92 -1.98 18.07
CA LEU F 346 38.69 -2.66 17.72
C LEU F 346 37.93 -1.87 16.65
N ILE F 347 38.20 -0.57 16.58
CA ILE F 347 37.54 0.32 15.63
C ILE F 347 38.30 0.47 14.31
N GLN F 348 37.57 0.36 13.21
CA GLN F 348 38.17 0.51 11.88
C GLN F 348 38.32 2.00 11.57
N PHE F 349 39.54 2.47 11.38
CA PHE F 349 39.77 3.88 11.07
C PHE F 349 40.12 4.06 9.60
N PRO G 1 -3.01 21.81 14.70
CA PRO G 1 -2.61 23.18 14.28
C PRO G 1 -1.32 23.15 13.45
N LEU G 2 -1.02 24.28 12.80
CA LEU G 2 0.18 24.39 11.98
C LEU G 2 1.29 24.94 12.87
N VAL G 3 2.24 24.08 13.23
CA VAL G 3 3.32 24.50 14.13
C VAL G 3 4.70 24.74 13.52
N CYS G 4 4.84 24.56 12.20
CA CYS G 4 6.13 24.76 11.56
C CYS G 4 5.91 25.03 10.10
N LEU G 5 6.95 25.43 9.37
CA LEU G 5 6.78 25.72 7.96
C LEU G 5 6.32 24.51 7.15
N ALA G 6 6.82 23.32 7.50
CA ALA G 6 6.42 22.10 6.80
C ALA G 6 4.89 21.89 6.90
N ASP G 7 4.28 22.27 8.02
CA ASP G 7 2.82 22.09 8.15
C ASP G 7 2.10 23.03 7.20
N PHE G 8 2.65 24.22 7.00
CA PHE G 8 2.04 25.17 6.08
C PHE G 8 2.15 24.64 4.67
N LYS G 9 3.24 23.94 4.36
CA LYS G 9 3.40 23.36 3.04
C LYS G 9 2.31 22.31 2.79
N ALA G 10 2.22 21.34 3.70
CA ALA G 10 1.23 20.26 3.59
C ALA G 10 -0.19 20.79 3.49
N HIS G 11 -0.50 21.79 4.32
CA HIS G 11 -1.83 22.35 4.30
C HIS G 11 -2.10 23.21 3.08
N ALA G 12 -1.09 23.97 2.64
CA ALA G 12 -1.22 24.85 1.48
C ALA G 12 -1.67 24.09 0.24
N GLN G 13 -1.10 22.92 0.03
CA GLN G 13 -1.43 22.09 -1.10
C GLN G 13 -2.95 21.88 -1.25
N LYS G 14 -3.60 21.45 -0.16
CA LYS G 14 -5.04 21.20 -0.17
C LYS G 14 -5.90 22.38 -0.62
N GLN G 15 -5.61 23.58 -0.12
CA GLN G 15 -6.41 24.74 -0.52
C GLN G 15 -6.13 25.21 -1.94
N LEU G 16 -5.26 24.52 -2.66
CA LEU G 16 -4.91 24.92 -4.02
C LEU G 16 -5.09 23.84 -5.06
N SER G 17 -5.45 24.25 -6.26
CA SER G 17 -5.65 23.35 -7.38
C SER G 17 -4.27 22.79 -7.78
N LYS G 18 -4.23 21.55 -8.25
CA LYS G 18 -2.97 20.93 -8.65
C LYS G 18 -2.20 21.85 -9.59
N THR G 19 -2.94 22.60 -10.41
CA THR G 19 -2.33 23.52 -11.34
C THR G 19 -1.51 24.58 -10.59
N SER G 20 -2.16 25.23 -9.63
CA SER G 20 -1.51 26.28 -8.84
C SER G 20 -0.42 25.78 -7.91
N TRP G 21 -0.63 24.58 -7.35
CA TRP G 21 0.35 23.99 -6.45
C TRP G 21 1.61 23.59 -7.22
N ASP G 22 1.41 22.99 -8.39
CA ASP G 22 2.53 22.57 -9.23
C ASP G 22 3.36 23.78 -9.66
N PHE G 23 2.69 24.92 -9.84
CA PHE G 23 3.38 26.13 -10.25
C PHE G 23 4.23 26.66 -9.10
N ILE G 24 3.69 26.56 -7.88
CA ILE G 24 4.42 27.03 -6.72
C ILE G 24 5.60 26.11 -6.40
N GLU G 25 5.52 24.85 -6.82
CA GLU G 25 6.60 23.90 -6.62
C GLU G 25 7.58 24.16 -7.76
N GLY G 26 7.06 23.95 -8.97
CA GLY G 26 7.79 24.17 -10.20
C GLY G 26 9.26 23.83 -10.29
N GLU G 27 9.65 22.62 -9.89
CA GLU G 27 11.05 22.25 -10.00
C GLU G 27 11.34 22.08 -11.49
N ALA G 28 12.52 22.53 -11.91
CA ALA G 28 12.92 22.44 -13.30
C ALA G 28 13.52 21.09 -13.66
N ASP G 29 13.13 20.59 -14.83
CA ASP G 29 13.64 19.33 -15.34
C ASP G 29 13.56 18.15 -14.37
N ASP G 30 14.70 17.52 -14.06
CA ASP G 30 14.70 16.36 -13.15
C ASP G 30 14.48 16.74 -11.68
N GLY G 31 14.44 18.04 -11.42
CA GLY G 31 14.21 18.55 -10.07
C GLY G 31 15.25 18.17 -9.03
N ILE G 32 16.52 18.16 -9.41
CA ILE G 32 17.60 17.80 -8.51
C ILE G 32 17.91 18.88 -7.48
N THR G 33 18.04 20.12 -7.96
CA THR G 33 18.37 21.25 -7.10
C THR G 33 17.30 21.60 -6.08
N TYR G 34 16.03 21.43 -6.45
CA TYR G 34 14.93 21.72 -5.53
C TYR G 34 15.12 20.93 -4.23
N SER G 35 15.40 19.63 -4.34
CA SER G 35 15.59 18.76 -3.18
C SER G 35 16.92 19.03 -2.48
N GLU G 36 17.96 19.19 -3.28
CA GLU G 36 19.30 19.46 -2.76
C GLU G 36 19.35 20.75 -1.91
N ASN G 37 18.55 21.75 -2.24
CA ASN G 37 18.56 22.98 -1.44
C ASN G 37 18.27 22.66 0.02
N ILE G 38 17.42 21.66 0.25
CA ILE G 38 17.10 21.26 1.62
C ILE G 38 18.13 20.28 2.17
N ALA G 39 18.46 19.24 1.39
CA ALA G 39 19.42 18.24 1.85
C ALA G 39 20.77 18.86 2.22
N ALA G 40 21.19 19.89 1.47
CA ALA G 40 22.46 20.55 1.74
C ALA G 40 22.46 21.21 3.12
N PHE G 41 21.31 21.73 3.53
CA PHE G 41 21.19 22.34 4.85
C PHE G 41 21.30 21.24 5.93
N LYS G 42 20.54 20.16 5.74
CA LYS G 42 20.51 19.05 6.70
C LYS G 42 21.85 18.35 6.98
N ARG G 43 22.76 18.38 6.01
CA ARG G 43 24.08 17.75 6.14
C ARG G 43 25.02 18.48 7.08
N ILE G 44 24.88 19.80 7.15
CA ILE G 44 25.74 20.61 7.99
C ILE G 44 25.52 20.31 9.46
N ARG G 45 26.62 20.14 10.20
CA ARG G 45 26.52 19.86 11.62
C ARG G 45 26.87 21.09 12.45
N LEU G 46 26.13 21.30 13.53
CA LEU G 46 26.31 22.44 14.41
C LEU G 46 27.17 22.11 15.64
N ARG G 47 27.91 23.09 16.12
CA ARG G 47 28.78 22.95 17.28
C ARG G 47 28.34 23.94 18.34
N PRO G 48 27.42 23.53 19.23
CA PRO G 48 26.92 24.42 20.28
C PRO G 48 27.90 24.67 21.43
N ARG G 49 27.77 25.85 22.04
CA ARG G 49 28.60 26.22 23.18
C ARG G 49 27.60 26.51 24.30
N TYR G 50 27.66 25.71 25.35
CA TYR G 50 26.71 25.84 26.44
C TYR G 50 27.19 26.61 27.65
N LEU G 51 26.30 26.76 28.62
CA LEU G 51 26.60 27.46 29.86
C LEU G 51 27.02 28.92 29.67
N ARG G 52 26.46 29.57 28.67
CA ARG G 52 26.72 30.98 28.42
C ARG G 52 25.44 31.67 28.86
N ASP G 53 25.52 32.92 29.30
CA ASP G 53 24.31 33.61 29.73
C ASP G 53 23.47 33.98 28.51
N MET G 54 22.36 33.26 28.33
CA MET G 54 21.48 33.48 27.20
C MET G 54 20.14 34.07 27.62
N SER G 55 20.14 34.84 28.71
CA SER G 55 18.92 35.45 29.20
C SER G 55 18.35 36.46 28.21
N LYS G 56 19.23 37.09 27.42
CA LYS G 56 18.80 38.07 26.44
C LYS G 56 19.33 37.71 25.07
N VAL G 57 18.48 37.16 24.20
CA VAL G 57 18.88 36.80 22.84
C VAL G 57 18.28 37.78 21.85
N ASP G 58 19.14 38.50 21.15
CA ASP G 58 18.71 39.52 20.20
C ASP G 58 18.72 38.95 18.81
N THR G 59 17.58 39.05 18.14
CA THR G 59 17.45 38.51 16.80
C THR G 59 17.49 39.57 15.68
N ARG G 60 17.65 40.84 16.07
CA ARG G 60 17.69 41.95 15.11
C ARG G 60 19.00 42.11 14.34
N THR G 61 18.93 42.79 13.20
CA THR G 61 20.09 43.05 12.39
C THR G 61 19.70 44.15 11.40
N THR G 62 20.58 44.45 10.45
CA THR G 62 20.29 45.45 9.43
C THR G 62 20.77 44.96 8.08
N ILE G 63 20.09 45.44 7.04
CA ILE G 63 20.48 45.11 5.68
C ILE G 63 20.39 46.47 4.97
N GLN G 64 21.46 46.83 4.27
CA GLN G 64 21.53 48.11 3.58
C GLN G 64 21.23 49.24 4.57
N GLY G 65 21.76 49.11 5.78
CA GLY G 65 21.55 50.14 6.80
C GLY G 65 20.21 50.12 7.52
N GLN G 66 19.23 49.43 6.96
CA GLN G 66 17.89 49.37 7.56
C GLN G 66 17.74 48.25 8.61
N GLU G 67 17.20 48.58 9.78
CA GLU G 67 17.03 47.58 10.83
C GLU G 67 15.77 46.73 10.63
N ILE G 68 15.87 45.44 10.96
CA ILE G 68 14.75 44.53 10.84
C ILE G 68 14.67 43.57 12.04
N SER G 69 13.45 43.09 12.31
CA SER G 69 13.19 42.20 13.43
C SER G 69 14.11 40.99 13.50
N ALA G 70 14.38 40.38 12.35
CA ALA G 70 15.23 39.20 12.26
C ALA G 70 15.78 39.10 10.85
N PRO G 71 16.85 38.31 10.64
CA PRO G 71 17.45 38.16 9.30
C PRO G 71 16.61 37.26 8.41
N ILE G 72 15.30 37.43 8.49
CA ILE G 72 14.35 36.63 7.74
C ILE G 72 13.44 37.54 6.92
N CYS G 73 13.62 37.54 5.60
CA CYS G 73 12.82 38.40 4.73
C CYS G 73 12.12 37.64 3.60
N ILE G 74 11.28 38.36 2.86
CA ILE G 74 10.51 37.77 1.77
C ILE G 74 11.14 37.97 0.40
N SER G 75 11.47 36.86 -0.24
CA SER G 75 12.07 36.91 -1.57
C SER G 75 10.96 37.19 -2.59
N PRO G 76 11.34 37.74 -3.75
CA PRO G 76 10.34 38.03 -4.79
C PRO G 76 9.69 36.78 -5.36
N THR G 77 8.36 36.74 -5.34
CA THR G 77 7.60 35.61 -5.88
C THR G 77 6.37 36.18 -6.58
N ALA G 78 6.21 35.81 -7.84
CA ALA G 78 5.09 36.29 -8.65
C ALA G 78 3.69 35.82 -8.28
N PHE G 79 2.72 36.61 -8.73
CA PHE G 79 1.29 36.34 -8.57
C PHE G 79 0.81 35.77 -7.23
N HIS G 80 0.80 36.58 -6.19
CA HIS G 80 0.35 36.12 -4.89
C HIS G 80 -1.14 35.80 -4.85
N SER G 81 -1.87 36.25 -5.87
CA SER G 81 -3.31 36.03 -5.93
C SER G 81 -3.70 34.58 -6.20
N ILE G 82 -2.75 33.75 -6.61
CA ILE G 82 -3.09 32.35 -6.84
C ILE G 82 -3.15 31.63 -5.50
N ALA G 83 -2.69 32.30 -4.45
CA ALA G 83 -2.68 31.71 -3.12
C ALA G 83 -3.73 32.32 -2.20
N TRP G 84 -4.00 33.61 -2.40
CA TRP G 84 -4.98 34.32 -1.59
C TRP G 84 -5.50 35.51 -2.41
N PRO G 85 -6.83 35.71 -2.42
CA PRO G 85 -7.45 36.81 -3.16
C PRO G 85 -6.75 38.16 -2.99
N ASP G 86 -6.47 38.55 -1.75
CA ASP G 86 -5.81 39.81 -1.45
C ASP G 86 -4.40 39.92 -2.04
N GLY G 87 -3.85 38.80 -2.47
CA GLY G 87 -2.51 38.79 -3.06
C GLY G 87 -1.45 39.48 -2.25
N GLU G 88 -0.64 40.31 -2.92
CA GLU G 88 0.45 41.04 -2.29
C GLU G 88 0.03 42.01 -1.20
N LYS G 89 -1.24 42.41 -1.21
CA LYS G 89 -1.71 43.33 -0.20
C LYS G 89 -1.63 42.69 1.18
N SER G 90 -2.01 41.43 1.27
CA SER G 90 -1.95 40.72 2.55
C SER G 90 -0.49 40.51 2.93
N THR G 91 0.32 40.13 1.96
CA THR G 91 1.74 39.91 2.20
C THR G 91 2.37 41.18 2.76
N ALA G 92 2.10 42.30 2.08
CA ALA G 92 2.64 43.59 2.49
C ALA G 92 2.30 43.94 3.94
N ARG G 93 1.04 43.75 4.32
CA ARG G 93 0.63 44.05 5.69
C ARG G 93 1.36 43.18 6.70
N ALA G 94 1.50 41.89 6.38
CA ALA G 94 2.18 40.97 7.28
C ALA G 94 3.65 41.35 7.43
N ALA G 95 4.31 41.62 6.30
CA ALA G 95 5.72 42.01 6.33
C ALA G 95 5.91 43.28 7.16
N GLN G 96 5.02 44.25 6.98
CA GLN G 96 5.12 45.49 7.74
C GLN G 96 5.02 45.24 9.23
N GLU G 97 4.04 44.44 9.63
CA GLU G 97 3.88 44.17 11.05
C GLU G 97 5.05 43.37 11.62
N ALA G 98 5.61 42.47 10.81
CA ALA G 98 6.75 41.66 11.24
C ALA G 98 8.04 42.48 11.21
N ASN G 99 7.98 43.62 10.54
CA ASN G 99 9.11 44.53 10.41
C ASN G 99 10.33 43.87 9.76
N ILE G 100 10.13 43.33 8.57
CA ILE G 100 11.23 42.74 7.83
C ILE G 100 11.11 43.25 6.40
N CYS G 101 12.09 42.94 5.56
CA CYS G 101 12.04 43.41 4.20
C CYS G 101 11.21 42.51 3.30
N TYR G 102 10.35 43.13 2.50
CA TYR G 102 9.50 42.43 1.56
C TYR G 102 9.91 42.84 0.14
N VAL G 103 10.50 41.90 -0.59
CA VAL G 103 10.92 42.17 -1.97
C VAL G 103 9.75 41.84 -2.88
N ILE G 104 9.15 42.87 -3.48
CA ILE G 104 8.01 42.67 -4.36
C ILE G 104 8.43 42.20 -5.76
N SER G 105 7.71 41.20 -6.27
CA SER G 105 8.00 40.66 -7.59
C SER G 105 7.65 41.64 -8.70
N SER G 106 8.28 41.43 -9.85
CA SER G 106 8.04 42.26 -11.02
C SER G 106 6.69 41.85 -11.62
N TYR G 107 6.22 40.65 -11.26
CA TYR G 107 4.97 40.14 -11.77
C TYR G 107 3.90 39.94 -10.70
N ALA G 108 3.68 40.97 -9.89
CA ALA G 108 2.69 40.89 -8.83
C ALA G 108 1.27 40.91 -9.38
N SER G 109 0.30 40.52 -8.55
CA SER G 109 -1.09 40.49 -8.96
C SER G 109 -1.71 41.88 -8.84
N TYR G 110 -1.17 42.68 -7.92
CA TYR G 110 -1.66 44.03 -7.71
C TYR G 110 -0.58 45.05 -8.07
N SER G 111 -1.01 46.25 -8.42
CA SER G 111 -0.08 47.31 -8.77
C SER G 111 0.73 47.72 -7.55
N LEU G 112 1.91 48.28 -7.77
CA LEU G 112 2.76 48.72 -6.68
C LEU G 112 2.02 49.75 -5.83
N GLU G 113 1.21 50.57 -6.48
CA GLU G 113 0.44 51.59 -5.76
C GLU G 113 -0.51 50.93 -4.78
N ASP G 114 -1.30 49.95 -5.24
CA ASP G 114 -2.24 49.28 -4.36
C ASP G 114 -1.51 48.58 -3.21
N ILE G 115 -0.39 47.93 -3.53
CA ILE G 115 0.39 47.24 -2.54
C ILE G 115 0.91 48.20 -1.47
N VAL G 116 1.59 49.25 -1.91
CA VAL G 116 2.14 50.23 -0.98
C VAL G 116 1.04 50.85 -0.12
N ALA G 117 -0.10 51.14 -0.74
CA ALA G 117 -1.22 51.73 -0.05
C ALA G 117 -1.68 50.85 1.11
N ALA G 118 -1.69 49.54 0.89
CA ALA G 118 -2.11 48.59 1.91
C ALA G 118 -1.21 48.57 3.15
N ALA G 119 0.07 48.92 2.96
CA ALA G 119 1.03 48.93 4.06
C ALA G 119 2.07 50.03 3.85
N PRO G 120 1.66 51.29 4.02
CA PRO G 120 2.49 52.49 3.87
C PRO G 120 3.91 52.46 4.47
N GLU G 121 4.03 52.08 5.73
CA GLU G 121 5.33 52.06 6.40
C GLU G 121 6.22 50.85 6.15
N GLY G 122 5.75 49.89 5.37
CA GLY G 122 6.55 48.70 5.14
C GLY G 122 7.91 48.90 4.47
N PHE G 123 8.92 48.19 4.96
CA PHE G 123 10.26 48.22 4.39
C PHE G 123 10.21 47.30 3.18
N ARG G 124 10.53 47.81 1.99
CA ARG G 124 10.45 46.95 0.81
C ARG G 124 11.40 47.27 -0.34
N TRP G 125 11.76 46.23 -1.07
CA TRP G 125 12.64 46.34 -2.23
C TRP G 125 11.78 45.97 -3.42
N PHE G 126 12.27 46.22 -4.63
CA PHE G 126 11.51 45.91 -5.83
C PHE G 126 12.37 45.13 -6.81
N GLN G 127 11.85 43.98 -7.22
CA GLN G 127 12.56 43.12 -8.16
C GLN G 127 12.01 43.43 -9.54
N LEU G 128 12.85 44.02 -10.37
CA LEU G 128 12.44 44.42 -11.71
C LEU G 128 13.16 43.68 -12.83
N TYR G 129 12.39 43.03 -13.69
CA TYR G 129 12.95 42.31 -14.83
C TYR G 129 13.14 43.34 -15.94
N MET G 130 14.38 43.72 -16.18
CA MET G 130 14.69 44.71 -17.20
C MET G 130 14.20 44.30 -18.58
N LYS G 131 13.75 45.26 -19.37
CA LYS G 131 13.27 44.99 -20.72
C LYS G 131 14.07 45.76 -21.76
N SER G 132 13.76 45.54 -23.03
CA SER G 132 14.44 46.23 -24.12
C SER G 132 14.17 47.72 -24.01
N ASP G 133 12.90 48.05 -23.82
CA ASP G 133 12.47 49.43 -23.67
C ASP G 133 13.06 50.04 -22.41
N TRP G 134 14.09 50.87 -22.57
CA TRP G 134 14.71 51.51 -21.42
C TRP G 134 13.90 52.65 -20.83
N ASP G 135 12.80 53.01 -21.50
CA ASP G 135 11.92 54.06 -21.00
C ASP G 135 11.05 53.41 -19.94
N PHE G 136 10.53 52.22 -20.25
CA PHE G 136 9.71 51.46 -19.32
C PHE G 136 10.60 51.20 -18.11
N ASN G 137 11.86 50.90 -18.40
CA ASN G 137 12.82 50.63 -17.34
C ASN G 137 13.02 51.81 -16.42
N LYS G 138 13.42 52.96 -16.97
CA LYS G 138 13.65 54.12 -16.13
C LYS G 138 12.36 54.64 -15.50
N GLN G 139 11.24 54.45 -16.18
CA GLN G 139 9.98 54.90 -15.64
C GLN G 139 9.51 53.98 -14.50
N MET G 140 9.82 52.70 -14.62
CA MET G 140 9.47 51.75 -13.57
C MET G 140 10.33 52.02 -12.34
N VAL G 141 11.61 52.30 -12.56
CA VAL G 141 12.53 52.61 -11.48
C VAL G 141 12.10 53.88 -10.75
N GLN G 142 11.82 54.95 -11.50
CA GLN G 142 11.40 56.22 -10.90
C GLN G 142 10.10 55.99 -10.14
N ARG G 143 9.22 55.20 -10.73
CA ARG G 143 7.94 54.88 -10.12
C ARG G 143 8.19 54.18 -8.78
N ALA G 144 9.19 53.30 -8.77
CA ALA G 144 9.55 52.57 -7.56
C ALA G 144 10.10 53.53 -6.51
N GLU G 145 11.04 54.38 -6.92
CA GLU G 145 11.64 55.35 -6.00
C GLU G 145 10.55 56.24 -5.42
N ALA G 146 9.60 56.61 -6.27
CA ALA G 146 8.50 57.47 -5.86
C ALA G 146 7.65 56.80 -4.79
N LEU G 147 7.42 55.50 -4.97
CA LEU G 147 6.61 54.73 -4.03
C LEU G 147 7.28 54.36 -2.72
N GLY G 148 8.54 54.74 -2.55
CA GLY G 148 9.23 54.44 -1.30
C GLY G 148 10.10 53.20 -1.22
N PHE G 149 10.23 52.46 -2.32
CA PHE G 149 11.07 51.27 -2.31
C PHE G 149 12.52 51.66 -2.04
N LYS G 150 13.17 50.95 -1.13
CA LYS G 150 14.54 51.28 -0.77
C LYS G 150 15.67 50.52 -1.46
N ALA G 151 15.36 49.74 -2.48
CA ALA G 151 16.39 49.00 -3.19
C ALA G 151 15.82 48.32 -4.43
N LEU G 152 16.68 48.09 -5.41
CA LEU G 152 16.27 47.48 -6.66
C LEU G 152 16.94 46.13 -6.78
N VAL G 153 16.14 45.08 -6.96
CA VAL G 153 16.70 43.75 -7.09
C VAL G 153 16.67 43.30 -8.54
N ILE G 154 17.82 42.91 -9.04
CA ILE G 154 17.93 42.44 -10.41
C ILE G 154 18.23 40.95 -10.40
N THR G 155 17.27 40.17 -10.90
CA THR G 155 17.42 38.72 -10.95
C THR G 155 18.11 38.37 -12.25
N ILE G 156 19.30 37.81 -12.13
CA ILE G 156 20.12 37.46 -13.27
C ILE G 156 20.09 36.02 -13.77
N ASP G 157 19.41 35.14 -13.06
CA ASP G 157 19.38 33.74 -13.49
C ASP G 157 18.15 33.36 -14.29
N THR G 158 17.46 34.36 -14.84
CA THR G 158 16.27 34.08 -15.61
C THR G 158 16.24 34.77 -16.97
N PRO G 159 17.27 34.56 -17.80
CA PRO G 159 17.26 35.21 -19.11
C PRO G 159 16.10 34.62 -19.90
N VAL G 160 15.79 33.36 -19.60
CA VAL G 160 14.69 32.64 -20.22
C VAL G 160 14.08 31.83 -19.06
N LEU G 161 12.84 31.38 -19.20
CA LEU G 161 12.21 30.62 -18.13
C LEU G 161 12.70 29.19 -18.04
N GLY G 162 12.78 28.68 -16.81
CA GLY G 162 13.20 27.30 -16.61
C GLY G 162 12.17 26.35 -17.19
N ASN G 163 12.58 25.11 -17.41
CA ASN G 163 11.71 24.08 -17.96
C ASN G 163 10.94 23.31 -16.88
N ARG G 164 9.78 23.81 -16.48
CA ARG G 164 8.98 23.16 -15.45
C ARG G 164 8.02 22.16 -16.07
N ARG G 165 8.42 20.90 -16.06
CA ARG G 165 7.61 19.83 -16.65
C ARG G 165 6.15 19.82 -16.20
N ARG G 166 5.91 19.94 -14.91
CA ARG G 166 4.54 19.92 -14.40
C ARG G 166 3.64 20.97 -15.06
N ASP G 167 4.08 22.23 -15.08
CA ASP G 167 3.29 23.29 -15.70
C ASP G 167 2.98 22.90 -17.15
N LYS G 168 3.98 22.42 -17.88
CA LYS G 168 3.78 22.01 -19.28
C LYS G 168 2.75 20.89 -19.41
N ARG G 169 2.86 19.86 -18.59
CA ARG G 169 1.90 18.76 -18.65
C ARG G 169 0.50 19.25 -18.28
N ASN G 170 0.41 20.30 -17.46
CA ASN G 170 -0.87 20.88 -17.04
C ASN G 170 -1.22 22.01 -18.02
N GLN G 171 -0.42 22.12 -19.06
CA GLN G 171 -0.60 23.12 -20.11
C GLN G 171 -0.84 24.55 -19.63
N LEU G 172 -0.27 24.92 -18.49
CA LEU G 172 -0.43 26.26 -17.96
C LEU G 172 -1.92 26.61 -17.85
N ASN G 173 -2.21 27.91 -17.93
CA ASN G 173 -3.56 28.52 -17.86
C ASN G 173 -3.73 29.23 -16.52
N LEU G 174 -2.61 29.73 -15.99
CA LEU G 174 -2.58 30.43 -14.70
C LEU G 174 -3.81 31.28 -14.46
N GLU G 175 -4.75 30.73 -13.69
CA GLU G 175 -6.01 31.41 -13.37
C GLU G 175 -6.19 31.70 -11.90
N ALA G 176 -5.77 32.89 -11.48
CA ALA G 176 -5.90 33.31 -10.09
C ALA G 176 -7.36 33.62 -9.79
N ARG G 184 -3.16 41.30 -15.12
CA ARG G 184 -3.29 40.04 -15.91
C ARG G 184 -1.94 39.33 -15.99
N ALA G 185 -1.98 38.00 -16.04
CA ALA G 185 -0.76 37.18 -16.12
C ALA G 185 -0.20 37.17 -17.54
N LEU G 186 1.04 37.60 -17.70
CA LEU G 186 1.66 37.61 -19.02
C LEU G 186 1.59 36.22 -19.63
N LYS G 187 0.99 36.12 -20.82
CA LYS G 187 0.84 34.84 -21.51
C LYS G 187 2.20 34.24 -21.85
N GLU G 188 3.25 34.90 -21.38
CA GLU G 188 4.64 34.49 -21.60
C GLU G 188 5.52 35.73 -21.43
N ALA G 202 15.27 37.87 -22.91
CA ALA G 202 16.15 38.83 -22.17
C ALA G 202 17.56 38.84 -22.75
N SER G 203 18.15 40.03 -22.80
CA SER G 203 19.49 40.20 -23.33
C SER G 203 20.37 41.02 -22.35
N PHE G 204 19.81 41.31 -21.18
CA PHE G 204 20.49 42.08 -20.14
C PHE G 204 21.87 41.49 -19.79
N CYS G 205 22.91 42.32 -19.84
CA CYS G 205 24.26 41.87 -19.51
C CYS G 205 24.94 42.82 -18.53
N TRP G 206 26.15 42.48 -18.10
CA TRP G 206 26.88 43.29 -17.15
C TRP G 206 27.01 44.77 -17.51
N ASN G 207 27.26 45.08 -18.78
CA ASN G 207 27.38 46.48 -19.21
C ASN G 207 26.11 47.27 -19.00
N ASP G 208 24.97 46.61 -19.17
CA ASP G 208 23.68 47.28 -19.01
C ASP G 208 23.51 47.81 -17.59
N LEU G 209 24.27 47.24 -16.65
CA LEU G 209 24.21 47.67 -15.26
C LEU G 209 24.69 49.10 -15.12
N SER G 210 25.76 49.41 -15.85
CA SER G 210 26.35 50.74 -15.87
C SER G 210 25.28 51.80 -15.98
N LEU G 211 24.50 51.71 -17.05
CA LEU G 211 23.43 52.65 -17.30
C LEU G 211 22.38 52.66 -16.19
N LEU G 212 21.85 51.47 -15.89
CA LEU G 212 20.84 51.33 -14.86
C LEU G 212 21.25 52.13 -13.62
N GLN G 213 22.50 51.96 -13.22
CA GLN G 213 23.03 52.64 -12.04
C GLN G 213 23.00 54.16 -12.13
N SER G 214 23.11 54.70 -13.34
CA SER G 214 23.10 56.14 -13.55
C SER G 214 21.71 56.74 -13.35
N ILE G 215 20.70 56.06 -13.89
CA ILE G 215 19.33 56.52 -13.81
C ILE G 215 18.61 56.24 -12.49
N THR G 216 19.36 55.94 -11.43
CA THR G 216 18.75 55.68 -10.13
C THR G 216 19.66 55.86 -8.92
N ARG G 217 19.07 56.29 -7.80
CA ARG G 217 19.79 56.50 -6.55
C ARG G 217 19.53 55.35 -5.58
N LEU G 218 18.92 54.28 -6.10
CA LEU G 218 18.60 53.12 -5.28
C LEU G 218 19.70 52.07 -5.36
N PRO G 219 20.08 51.51 -4.20
CA PRO G 219 21.12 50.48 -4.18
C PRO G 219 20.66 49.28 -5.02
N ILE G 220 21.57 48.67 -5.76
CA ILE G 220 21.23 47.53 -6.61
C ILE G 220 21.72 46.20 -6.03
N ILE G 221 20.80 45.23 -5.94
CA ILE G 221 21.12 43.92 -5.42
C ILE G 221 20.94 42.89 -6.53
N LEU G 222 22.00 42.15 -6.83
CA LEU G 222 21.97 41.11 -7.87
C LEU G 222 21.54 39.78 -7.25
N LYS G 223 20.49 39.18 -7.82
CA LYS G 223 19.94 37.93 -7.32
C LYS G 223 20.18 36.76 -8.28
N GLY G 224 20.76 35.69 -7.76
CA GLY G 224 21.00 34.52 -8.60
C GLY G 224 22.47 34.15 -8.77
N ILE G 225 23.37 34.89 -8.14
CA ILE G 225 24.79 34.58 -8.26
C ILE G 225 25.11 33.28 -7.51
N LEU G 226 25.85 32.39 -8.18
CA LEU G 226 26.22 31.10 -7.61
C LEU G 226 27.73 30.84 -7.64
N THR G 227 28.48 31.69 -8.34
CA THR G 227 29.92 31.52 -8.48
C THR G 227 30.76 32.70 -8.04
N LYS G 228 32.02 32.43 -7.71
CA LYS G 228 32.92 33.49 -7.28
C LYS G 228 33.26 34.39 -8.46
N GLU G 229 33.27 33.83 -9.67
CA GLU G 229 33.56 34.63 -10.88
C GLU G 229 32.50 35.74 -11.07
N ASP G 230 31.23 35.38 -10.95
CA ASP G 230 30.15 36.36 -11.08
C ASP G 230 30.11 37.28 -9.88
N ALA G 231 30.60 36.81 -8.74
CA ALA G 231 30.60 37.64 -7.53
C ALA G 231 31.66 38.73 -7.74
N GLU G 232 32.77 38.36 -8.37
CA GLU G 232 33.86 39.30 -8.66
C GLU G 232 33.31 40.36 -9.62
N LEU G 233 32.66 39.91 -10.68
CA LEU G 233 32.08 40.85 -11.65
C LEU G 233 31.09 41.79 -10.97
N ALA G 234 30.31 41.24 -10.04
CA ALA G 234 29.32 42.06 -9.34
C ALA G 234 29.99 43.20 -8.59
N MET G 235 31.14 42.94 -7.98
CA MET G 235 31.84 43.99 -7.27
C MET G 235 32.50 44.99 -8.23
N LYS G 236 33.05 44.49 -9.34
CA LYS G 236 33.68 45.38 -10.31
C LYS G 236 32.67 46.37 -10.86
N HIS G 237 31.41 45.97 -10.89
CA HIS G 237 30.34 46.84 -11.39
C HIS G 237 29.69 47.64 -10.27
N ASN G 238 30.33 47.61 -9.11
CA ASN G 238 29.86 48.36 -7.95
C ASN G 238 28.37 48.25 -7.55
N VAL G 239 27.87 47.03 -7.39
CA VAL G 239 26.49 46.85 -6.96
C VAL G 239 26.52 46.87 -5.42
N GLN G 240 25.37 47.06 -4.78
CA GLN G 240 25.35 47.13 -3.32
C GLN G 240 25.12 45.82 -2.56
N GLY G 241 24.69 44.78 -3.26
CA GLY G 241 24.45 43.51 -2.58
C GLY G 241 24.21 42.33 -3.49
N ILE G 242 24.39 41.13 -2.96
CA ILE G 242 24.21 39.89 -3.72
C ILE G 242 23.29 38.90 -3.00
N VAL G 243 22.36 38.32 -3.74
CA VAL G 243 21.48 37.31 -3.16
C VAL G 243 21.92 35.99 -3.80
N VAL G 244 22.63 35.17 -3.04
CA VAL G 244 23.06 33.87 -3.57
C VAL G 244 21.79 33.05 -3.68
N SER G 245 21.50 32.57 -4.89
CA SER G 245 20.27 31.84 -5.13
C SER G 245 20.29 31.09 -6.44
N ASN G 246 19.56 29.98 -6.50
CA ASN G 246 19.45 29.21 -7.73
C ASN G 246 17.97 29.24 -8.15
N HIS G 247 17.28 30.27 -7.69
CA HIS G 247 15.86 30.44 -8.03
C HIS G 247 15.03 29.24 -7.53
N GLY G 248 15.41 28.68 -6.39
CA GLY G 248 14.67 27.56 -5.84
C GLY G 248 14.65 26.33 -6.74
N GLY G 249 15.65 26.21 -7.61
CA GLY G 249 15.69 25.06 -8.50
C GLY G 249 14.63 25.10 -9.59
N ARG G 250 14.12 26.29 -9.88
CA ARG G 250 13.09 26.47 -10.90
C ARG G 250 13.68 26.91 -12.26
N GLN G 251 14.99 27.13 -12.30
CA GLN G 251 15.65 27.58 -13.52
C GLN G 251 16.63 26.56 -14.09
N LEU G 252 17.93 26.80 -13.94
CA LEU G 252 18.93 25.85 -14.42
C LEU G 252 19.03 24.81 -13.31
N ASP G 253 18.69 23.57 -13.61
CA ASP G 253 18.75 22.53 -12.61
C ASP G 253 20.13 21.86 -12.56
N GLU G 254 20.38 21.18 -11.45
CA GLU G 254 21.63 20.48 -11.19
C GLU G 254 22.82 21.42 -10.98
N VAL G 255 22.54 22.57 -10.38
CA VAL G 255 23.57 23.54 -10.02
C VAL G 255 23.74 23.31 -8.51
N SER G 256 24.69 23.98 -7.87
CA SER G 256 24.89 23.78 -6.44
C SER G 256 23.72 24.27 -5.61
N ALA G 257 23.56 23.70 -4.42
CA ALA G 257 22.52 24.12 -3.50
C ALA G 257 22.94 25.53 -3.10
N SER G 258 21.97 26.42 -2.88
CA SER G 258 22.32 27.77 -2.51
C SER G 258 23.14 27.89 -1.24
N ILE G 259 22.87 27.06 -0.24
CA ILE G 259 23.63 27.15 1.01
C ILE G 259 25.08 26.73 0.79
N ASP G 260 25.33 25.92 -0.24
CA ASP G 260 26.71 25.50 -0.52
C ASP G 260 27.44 26.56 -1.37
N ALA G 261 26.73 27.15 -2.33
CA ALA G 261 27.31 28.17 -3.18
C ALA G 261 27.66 29.40 -2.33
N LEU G 262 26.89 29.60 -1.27
CA LEU G 262 27.08 30.73 -0.36
C LEU G 262 28.53 30.84 0.07
N ARG G 263 29.17 29.70 0.31
CA ARG G 263 30.55 29.69 0.77
C ARG G 263 31.57 30.38 -0.14
N GLU G 264 31.62 29.98 -1.41
CA GLU G 264 32.59 30.60 -2.31
C GLU G 264 32.26 32.05 -2.61
N VAL G 265 30.97 32.40 -2.66
CA VAL G 265 30.56 33.78 -2.92
C VAL G 265 31.01 34.66 -1.75
N VAL G 266 30.76 34.20 -0.52
CA VAL G 266 31.15 34.95 0.66
C VAL G 266 32.67 35.15 0.70
N ALA G 267 33.41 34.09 0.39
CA ALA G 267 34.86 34.12 0.41
C ALA G 267 35.45 35.10 -0.61
N ALA G 268 34.80 35.22 -1.77
CA ALA G 268 35.27 36.12 -2.81
C ALA G 268 34.97 37.58 -2.47
N VAL G 269 33.77 37.84 -1.98
CA VAL G 269 33.34 39.18 -1.62
C VAL G 269 34.12 39.78 -0.45
N LYS G 270 34.64 38.92 0.43
CA LYS G 270 35.44 39.36 1.57
C LYS G 270 34.84 40.51 2.37
N GLY G 271 33.52 40.52 2.53
CA GLY G 271 32.87 41.56 3.30
C GLY G 271 32.73 42.91 2.64
N LYS G 272 33.15 43.04 1.39
CA LYS G 272 33.04 44.32 0.70
C LYS G 272 31.58 44.78 0.64
N ILE G 273 30.69 43.85 0.34
CA ILE G 273 29.25 44.15 0.28
C ILE G 273 28.46 43.05 0.96
N GLU G 274 27.22 43.36 1.32
CA GLU G 274 26.36 42.38 1.98
C GLU G 274 25.93 41.26 1.04
N VAL G 275 26.02 40.03 1.53
CA VAL G 275 25.62 38.86 0.76
C VAL G 275 24.46 38.16 1.49
N TYR G 276 23.41 37.86 0.75
CA TYR G 276 22.24 37.19 1.32
C TYR G 276 22.03 35.88 0.56
N MET G 277 21.00 35.13 0.92
CA MET G 277 20.70 33.88 0.21
C MET G 277 19.26 33.45 0.41
N ASP G 278 18.81 32.59 -0.49
CA ASP G 278 17.48 32.02 -0.38
C ASP G 278 17.58 30.63 -0.98
N GLY G 279 16.53 29.83 -0.80
CA GLY G 279 16.54 28.49 -1.34
C GLY G 279 16.66 27.39 -0.29
N GLY G 280 15.51 26.82 0.10
CA GLY G 280 15.52 25.75 1.08
C GLY G 280 15.48 26.14 2.56
N VAL G 281 15.35 27.42 2.88
CA VAL G 281 15.28 27.81 4.29
C VAL G 281 13.90 27.43 4.82
N ARG G 282 13.86 26.52 5.79
CA ARG G 282 12.57 26.07 6.33
C ARG G 282 12.50 26.02 7.84
N THR G 283 13.65 25.99 8.50
CA THR G 283 13.66 25.91 9.93
C THR G 283 14.74 26.82 10.53
N GLY G 284 14.58 27.15 11.81
CA GLY G 284 15.52 28.01 12.51
C GLY G 284 17.00 27.78 12.25
N THR G 285 17.48 26.55 12.38
CA THR G 285 18.89 26.30 12.16
C THR G 285 19.36 26.56 10.73
N ASP G 286 18.44 26.59 9.76
CA ASP G 286 18.85 26.89 8.38
C ASP G 286 19.28 28.37 8.36
N VAL G 287 18.49 29.21 9.01
CA VAL G 287 18.80 30.63 9.08
C VAL G 287 20.14 30.77 9.82
N LEU G 288 20.25 30.08 10.96
CA LEU G 288 21.47 30.10 11.78
C LEU G 288 22.69 29.76 10.96
N LYS G 289 22.60 28.70 10.16
CA LYS G 289 23.70 28.24 9.33
C LYS G 289 24.09 29.23 8.25
N ALA G 290 23.09 29.85 7.64
CA ALA G 290 23.34 30.84 6.57
C ALA G 290 24.11 32.02 7.15
N LEU G 291 23.69 32.48 8.33
CA LEU G 291 24.34 33.59 8.99
C LEU G 291 25.75 33.21 9.40
N ALA G 292 25.92 32.02 9.99
CA ALA G 292 27.24 31.55 10.41
C ALA G 292 28.20 31.42 9.23
N LEU G 293 27.65 31.14 8.06
CA LEU G 293 28.47 30.98 6.86
C LEU G 293 28.76 32.30 6.14
N GLY G 294 28.29 33.41 6.68
CA GLY G 294 28.56 34.70 6.06
C GLY G 294 27.41 35.51 5.47
N ALA G 295 26.21 34.94 5.37
CA ALA G 295 25.09 35.69 4.82
C ALA G 295 24.64 36.75 5.82
N ARG G 296 24.15 37.88 5.32
CA ARG G 296 23.67 38.96 6.18
C ARG G 296 22.26 38.63 6.65
N CYS G 297 21.51 37.94 5.78
CA CYS G 297 20.17 37.50 6.12
C CYS G 297 19.67 36.54 5.05
N ILE G 298 18.51 35.91 5.27
CA ILE G 298 18.00 34.99 4.27
C ILE G 298 16.63 35.47 3.78
N PHE G 299 16.23 35.00 2.61
CA PHE G 299 14.93 35.35 2.06
C PHE G 299 14.09 34.07 1.86
N LEU G 300 12.78 34.20 2.01
CA LEU G 300 11.87 33.06 1.86
C LEU G 300 11.07 33.17 0.57
N GLY G 301 10.99 32.05 -0.15
CA GLY G 301 10.23 32.04 -1.38
C GLY G 301 8.88 31.39 -1.17
N ARG G 302 8.80 30.09 -1.43
CA ARG G 302 7.55 29.34 -1.27
C ARG G 302 6.85 29.41 0.09
N PRO G 303 7.61 29.38 1.21
CA PRO G 303 6.93 29.44 2.51
C PRO G 303 5.93 30.61 2.63
N ILE G 304 6.28 31.75 2.05
CA ILE G 304 5.42 32.93 2.11
C ILE G 304 4.10 32.63 1.39
N LEU G 305 4.19 31.93 0.26
CA LEU G 305 3.01 31.55 -0.49
C LEU G 305 2.17 30.52 0.28
N TRP G 306 2.84 29.59 0.96
CA TRP G 306 2.13 28.58 1.74
C TRP G 306 1.34 29.32 2.83
N GLY G 307 1.98 30.32 3.42
CA GLY G 307 1.33 31.08 4.45
C GLY G 307 0.07 31.75 3.93
N LEU G 308 0.16 32.34 2.74
CA LEU G 308 -0.99 33.01 2.12
C LEU G 308 -2.10 32.03 1.85
N ALA G 309 -1.77 30.92 1.22
CA ALA G 309 -2.77 29.91 0.87
C ALA G 309 -3.55 29.43 2.09
N CYS G 310 -2.88 29.29 3.23
CA CYS G 310 -3.52 28.82 4.45
C CYS G 310 -4.37 29.82 5.21
N LYS G 311 -3.82 31.00 5.50
CA LYS G 311 -4.59 31.99 6.26
C LYS G 311 -4.41 33.44 5.80
N GLY G 312 -4.07 33.64 4.54
CA GLY G 312 -3.88 35.00 4.05
C GLY G 312 -2.82 35.77 4.82
N GLU G 313 -3.15 37.00 5.21
CA GLU G 313 -2.22 37.84 5.94
C GLU G 313 -1.73 37.18 7.22
N ASP G 314 -2.65 36.59 7.99
CA ASP G 314 -2.27 35.92 9.24
C ASP G 314 -1.36 34.73 8.97
N GLY G 315 -1.51 34.13 7.79
CA GLY G 315 -0.66 33.00 7.43
C GLY G 315 0.77 33.43 7.20
N VAL G 316 0.97 34.51 6.45
CA VAL G 316 2.30 35.02 6.17
C VAL G 316 2.95 35.46 7.46
N LYS G 317 2.18 36.14 8.30
CA LYS G 317 2.70 36.62 9.58
C LYS G 317 3.09 35.45 10.49
N GLU G 318 2.30 34.37 10.46
CA GLU G 318 2.59 33.20 11.29
C GLU G 318 3.87 32.51 10.83
N VAL G 319 4.05 32.40 9.52
CA VAL G 319 5.25 31.77 8.98
C VAL G 319 6.47 32.57 9.45
N LEU G 320 6.40 33.90 9.33
CA LEU G 320 7.50 34.75 9.75
C LEU G 320 7.74 34.67 11.26
N ASP G 321 6.66 34.63 12.05
CA ASP G 321 6.81 34.56 13.49
C ASP G 321 7.40 33.23 13.91
N ILE G 322 6.96 32.16 13.26
CA ILE G 322 7.46 30.83 13.57
C ILE G 322 8.96 30.72 13.27
N LEU G 323 9.38 31.09 12.06
CA LEU G 323 10.80 31.00 11.72
C LEU G 323 11.63 31.85 12.67
N THR G 324 11.12 33.04 13.02
CA THR G 324 11.83 33.92 13.94
C THR G 324 11.93 33.28 15.32
N ALA G 325 10.83 32.68 15.79
CA ALA G 325 10.85 32.03 17.09
C ALA G 325 11.89 30.89 17.07
N GLU G 326 11.98 30.16 15.97
CA GLU G 326 12.94 29.06 15.87
C GLU G 326 14.39 29.57 15.87
N LEU G 327 14.65 30.65 15.17
CA LEU G 327 16.00 31.24 15.11
C LEU G 327 16.37 31.65 16.53
N HIS G 328 15.41 32.28 17.20
CA HIS G 328 15.63 32.73 18.56
C HIS G 328 15.95 31.53 19.43
N ARG G 329 15.26 30.41 19.19
CA ARG G 329 15.48 29.21 19.98
C ARG G 329 16.83 28.55 19.71
N CYS G 330 17.21 28.36 18.46
CA CYS G 330 18.50 27.73 18.21
C CYS G 330 19.68 28.63 18.57
N MET G 331 19.46 29.95 18.54
CA MET G 331 20.51 30.89 18.94
C MET G 331 20.72 30.72 20.45
N THR G 332 19.63 30.59 21.19
CA THR G 332 19.69 30.39 22.64
C THR G 332 20.41 29.09 22.97
N LEU G 333 20.00 28.02 22.30
CA LEU G 333 20.59 26.71 22.50
C LEU G 333 22.05 26.64 22.07
N SER G 334 22.40 27.25 20.94
CA SER G 334 23.78 27.20 20.45
C SER G 334 24.74 28.17 21.14
N GLY G 335 24.21 29.11 21.91
CA GLY G 335 25.06 30.06 22.61
C GLY G 335 25.37 31.35 21.88
N CYS G 336 24.43 31.81 21.06
CA CYS G 336 24.60 33.06 20.32
C CYS G 336 23.63 34.11 20.88
N GLN G 337 24.18 35.06 21.62
CA GLN G 337 23.38 36.12 22.23
C GLN G 337 22.80 37.09 21.19
N SER G 338 23.49 37.26 20.07
CA SER G 338 23.01 38.16 19.04
C SER G 338 23.48 37.69 17.67
N VAL G 339 22.90 38.25 16.62
CA VAL G 339 23.28 37.90 15.26
C VAL G 339 24.77 38.10 15.06
N ALA G 340 25.32 39.11 15.70
CA ALA G 340 26.76 39.40 15.59
C ALA G 340 27.61 38.25 16.15
N GLU G 341 27.06 37.49 17.07
CA GLU G 341 27.79 36.38 17.67
C GLU G 341 27.64 35.04 16.96
N ILE G 342 26.99 35.04 15.79
CA ILE G 342 26.82 33.82 15.02
C ILE G 342 28.03 33.73 14.08
N SER G 343 28.98 32.86 14.42
CA SER G 343 30.20 32.71 13.61
C SER G 343 30.39 31.32 13.02
N PRO G 344 31.33 31.19 12.07
CA PRO G 344 31.60 29.89 11.44
C PRO G 344 32.16 28.84 12.41
N ASP G 345 32.46 29.24 13.64
CA ASP G 345 32.95 28.32 14.64
C ASP G 345 31.82 27.36 14.98
N LEU G 346 30.61 27.80 14.64
CA LEU G 346 29.39 27.07 14.90
C LEU G 346 29.25 25.91 13.91
N ILE G 347 29.92 26.04 12.77
CA ILE G 347 29.88 25.04 11.71
C ILE G 347 30.98 23.99 11.79
N GLN G 348 30.60 22.73 11.66
CA GLN G 348 31.56 21.64 11.70
C GLN G 348 32.23 21.50 10.34
N PHE G 349 33.55 21.69 10.31
CA PHE G 349 34.29 21.58 9.05
C PHE G 349 35.08 20.28 8.99
N PRO H 1 11.14 -19.49 -15.18
CA PRO H 1 12.21 -20.40 -14.69
C PRO H 1 13.18 -19.67 -13.77
N LEU H 2 14.05 -20.42 -13.10
CA LEU H 2 15.04 -19.83 -12.20
C LEU H 2 16.31 -19.63 -13.03
N VAL H 3 16.64 -18.38 -13.32
CA VAL H 3 17.80 -18.08 -14.16
C VAL H 3 19.03 -17.48 -13.48
N CYS H 4 18.94 -17.21 -12.18
CA CYS H 4 20.07 -16.64 -11.44
C CYS H 4 19.93 -17.05 -10.00
N LEU H 5 20.95 -16.77 -9.18
CA LEU H 5 20.87 -17.17 -7.77
C LEU H 5 19.75 -16.45 -7.03
N ALA H 6 19.51 -15.19 -7.38
CA ALA H 6 18.44 -14.39 -6.76
C ALA H 6 17.10 -15.09 -6.91
N ASP H 7 16.87 -15.73 -8.05
CA ASP H 7 15.61 -16.44 -8.27
C ASP H 7 15.51 -17.64 -7.33
N PHE H 8 16.65 -18.31 -7.10
CA PHE H 8 16.63 -19.46 -6.21
C PHE H 8 16.32 -19.01 -4.80
N LYS H 9 16.77 -17.81 -4.45
CA LYS H 9 16.51 -17.28 -3.12
C LYS H 9 15.02 -17.00 -2.94
N ALA H 10 14.45 -16.30 -3.92
CA ALA H 10 13.03 -15.96 -3.89
C ALA H 10 12.15 -17.19 -3.84
N HIS H 11 12.52 -18.19 -4.64
CA HIS H 11 11.72 -19.42 -4.69
C HIS H 11 11.95 -20.31 -3.47
N ALA H 12 13.19 -20.36 -2.98
CA ALA H 12 13.50 -21.19 -1.82
C ALA H 12 12.62 -20.81 -0.63
N GLN H 13 12.42 -19.52 -0.45
CA GLN H 13 11.60 -19.05 0.65
C GLN H 13 10.24 -19.77 0.71
N LYS H 14 9.52 -19.78 -0.41
CA LYS H 14 8.21 -20.42 -0.47
C LYS H 14 8.16 -21.90 -0.05
N GLN H 15 9.14 -22.70 -0.48
CA GLN H 15 9.12 -24.11 -0.12
C GLN H 15 9.56 -24.38 1.32
N LEU H 16 9.80 -23.31 2.08
CA LEU H 16 10.25 -23.47 3.46
C LEU H 16 9.40 -22.70 4.48
N SER H 17 9.29 -23.27 5.67
CA SER H 17 8.55 -22.63 6.74
C SER H 17 9.32 -21.38 7.17
N LYS H 18 8.60 -20.35 7.64
CA LYS H 18 9.26 -19.12 8.08
C LYS H 18 10.34 -19.44 9.11
N THR H 19 10.11 -20.47 9.91
CA THR H 19 11.07 -20.88 10.91
C THR H 19 12.40 -21.23 10.25
N SER H 20 12.34 -22.14 9.29
CA SER H 20 13.51 -22.60 8.57
C SER H 20 14.13 -21.53 7.67
N TRP H 21 13.29 -20.69 7.08
CA TRP H 21 13.80 -19.64 6.21
C TRP H 21 14.56 -18.60 7.02
N ASP H 22 13.99 -18.23 8.16
CA ASP H 22 14.62 -17.26 9.04
C ASP H 22 15.95 -17.80 9.54
N PHE H 23 16.03 -19.12 9.73
CA PHE H 23 17.27 -19.72 10.21
C PHE H 23 18.35 -19.67 9.13
N ILE H 24 17.95 -19.81 7.88
CA ILE H 24 18.91 -19.78 6.79
C ILE H 24 19.36 -18.35 6.52
N GLU H 25 18.51 -17.40 6.87
CA GLU H 25 18.84 -15.98 6.72
C GLU H 25 19.71 -15.62 7.93
N GLY H 26 19.11 -15.81 9.09
CA GLY H 26 19.76 -15.57 10.37
C GLY H 26 20.74 -14.44 10.56
N GLU H 27 20.41 -13.23 10.12
CA GLU H 27 21.32 -12.12 10.31
C GLU H 27 21.39 -11.83 11.82
N ALA H 28 22.58 -11.49 12.31
CA ALA H 28 22.75 -11.21 13.72
C ALA H 28 22.43 -9.77 14.08
N ASP H 29 21.80 -9.59 15.23
CA ASP H 29 21.45 -8.29 15.76
C ASP H 29 20.77 -7.35 14.74
N ASP H 30 21.32 -6.15 14.50
CA ASP H 30 20.69 -5.22 13.55
C ASP H 30 20.83 -5.62 12.08
N GLY H 31 21.51 -6.75 11.83
CA GLY H 31 21.69 -7.25 10.48
C GLY H 31 22.40 -6.34 9.51
N ILE H 32 23.41 -5.62 9.98
CA ILE H 32 24.15 -4.70 9.14
C ILE H 32 25.10 -5.40 8.17
N THR H 33 25.88 -6.35 8.67
CA THR H 33 26.85 -7.04 7.82
C THR H 33 26.26 -7.93 6.72
N TYR H 34 25.14 -8.57 7.03
CA TYR H 34 24.47 -9.41 6.05
C TYR H 34 24.26 -8.62 4.75
N SER H 35 23.67 -7.42 4.86
CA SER H 35 23.40 -6.57 3.69
C SER H 35 24.66 -5.99 3.08
N GLU H 36 25.59 -5.61 3.95
CA GLU H 36 26.84 -5.01 3.53
C GLU H 36 27.69 -5.96 2.68
N ASN H 37 27.61 -7.27 2.94
CA ASN H 37 28.40 -8.22 2.16
C ASN H 37 28.03 -8.10 0.69
N ILE H 38 26.77 -7.78 0.41
CA ILE H 38 26.35 -7.63 -0.97
C ILE H 38 26.64 -6.23 -1.49
N ALA H 39 26.32 -5.20 -0.72
CA ALA H 39 26.57 -3.84 -1.16
C ALA H 39 28.05 -3.58 -1.40
N ALA H 40 28.90 -4.21 -0.60
CA ALA H 40 30.35 -4.02 -0.76
C ALA H 40 30.81 -4.50 -2.14
N PHE H 41 30.23 -5.59 -2.62
CA PHE H 41 30.54 -6.11 -3.94
C PHE H 41 30.06 -5.14 -5.03
N LYS H 42 28.80 -4.68 -4.92
CA LYS H 42 28.20 -3.79 -5.91
C LYS H 42 28.90 -2.44 -6.09
N ARG H 43 29.59 -1.96 -5.07
CA ARG H 43 30.31 -0.68 -5.14
C ARG H 43 31.55 -0.72 -6.02
N ILE H 44 32.21 -1.86 -6.10
CA ILE H 44 33.44 -2.01 -6.86
C ILE H 44 33.17 -1.90 -8.36
N ARG H 45 33.96 -1.06 -9.02
CA ARG H 45 33.83 -0.84 -10.45
C ARG H 45 34.87 -1.62 -11.26
N LEU H 46 34.42 -2.26 -12.33
CA LEU H 46 35.29 -3.04 -13.19
C LEU H 46 35.86 -2.25 -14.37
N ARG H 47 37.08 -2.60 -14.77
CA ARG H 47 37.77 -1.96 -15.89
C ARG H 47 38.06 -3.04 -16.94
N PRO H 48 37.12 -3.25 -17.87
CA PRO H 48 37.29 -4.27 -18.92
C PRO H 48 38.28 -3.87 -20.01
N ARG H 49 38.92 -4.88 -20.58
CA ARG H 49 39.86 -4.66 -21.66
C ARG H 49 39.28 -5.44 -22.84
N TYR H 50 38.90 -4.71 -23.88
CA TYR H 50 38.29 -5.34 -25.05
C TYR H 50 39.22 -5.65 -26.22
N LEU H 51 38.67 -6.33 -27.22
CA LEU H 51 39.37 -6.72 -28.43
C LEU H 51 40.56 -7.64 -28.21
N ARG H 52 40.41 -8.55 -27.25
CA ARG H 52 41.43 -9.55 -26.97
C ARG H 52 40.82 -10.85 -27.46
N ASP H 53 41.63 -11.84 -27.82
CA ASP H 53 41.07 -13.10 -28.30
C ASP H 53 40.54 -13.93 -27.13
N MET H 54 39.22 -13.94 -26.99
CA MET H 54 38.55 -14.66 -25.91
C MET H 54 37.84 -15.91 -26.42
N SER H 55 38.37 -16.51 -27.48
CA SER H 55 37.75 -17.71 -28.04
C SER H 55 37.82 -18.88 -27.05
N LYS H 56 38.86 -18.88 -26.22
CA LYS H 56 39.02 -19.95 -25.24
C LYS H 56 39.17 -19.39 -23.84
N VAL H 57 38.09 -19.44 -23.06
CA VAL H 57 38.12 -18.94 -21.70
C VAL H 57 38.17 -20.14 -20.74
N ASP H 58 39.24 -20.22 -19.96
CA ASP H 58 39.43 -21.32 -19.02
C ASP H 58 39.02 -20.85 -17.63
N THR H 59 38.12 -21.58 -17.00
CA THR H 59 37.61 -21.22 -15.69
C THR H 59 38.20 -22.06 -14.55
N ARG H 60 39.04 -23.04 -14.91
CA ARG H 60 39.66 -23.93 -13.94
C ARG H 60 40.77 -23.32 -13.09
N THR H 61 41.03 -23.96 -11.96
CA THR H 61 42.08 -23.53 -11.05
C THR H 61 42.29 -24.63 -10.03
N THR H 62 43.18 -24.40 -9.08
CA THR H 62 43.44 -25.38 -8.03
C THR H 62 43.45 -24.73 -6.65
N ILE H 63 43.11 -25.51 -5.64
CA ILE H 63 43.15 -25.05 -4.27
C ILE H 63 43.81 -26.21 -3.54
N GLN H 64 44.87 -25.91 -2.79
CA GLN H 64 45.62 -26.93 -2.06
C GLN H 64 46.10 -27.99 -3.03
N GLY H 65 46.51 -27.56 -4.22
CA GLY H 65 47.00 -28.47 -5.24
C GLY H 65 45.95 -29.26 -6.02
N GLN H 66 44.71 -29.26 -5.56
CA GLN H 66 43.63 -30.00 -6.21
C GLN H 66 42.93 -29.16 -7.27
N GLU H 67 42.79 -29.69 -8.48
CA GLU H 67 42.12 -28.96 -9.54
C GLU H 67 40.60 -29.01 -9.44
N ILE H 68 39.94 -27.90 -9.80
CA ILE H 68 38.48 -27.82 -9.76
C ILE H 68 37.95 -27.08 -11.00
N SER H 69 36.68 -27.35 -11.33
CA SER H 69 36.03 -26.74 -12.49
C SER H 69 36.11 -25.22 -12.52
N ALA H 70 35.84 -24.58 -11.40
CA ALA H 70 35.88 -23.12 -11.31
C ALA H 70 36.18 -22.74 -9.86
N PRO H 71 36.59 -21.49 -9.62
CA PRO H 71 36.90 -21.06 -8.25
C PRO H 71 35.61 -20.84 -7.47
N ILE H 72 34.70 -21.80 -7.58
CA ILE H 72 33.39 -21.71 -6.92
C ILE H 72 33.12 -22.97 -6.14
N CYS H 73 33.16 -22.87 -4.81
CA CYS H 73 32.95 -24.04 -3.97
C CYS H 73 31.87 -23.87 -2.91
N ILE H 74 31.61 -24.93 -2.17
CA ILE H 74 30.58 -24.93 -1.13
C ILE H 74 31.12 -24.75 0.29
N SER H 75 30.72 -23.66 0.94
CA SER H 75 31.14 -23.37 2.29
C SER H 75 30.34 -24.23 3.27
N PRO H 76 30.89 -24.48 4.46
CA PRO H 76 30.18 -25.29 5.47
C PRO H 76 28.88 -24.66 5.93
N THR H 77 27.80 -25.43 5.89
CA THR H 77 26.50 -24.96 6.34
C THR H 77 25.83 -26.16 6.96
N ALA H 78 25.34 -25.98 8.19
CA ALA H 78 24.70 -27.06 8.92
C ALA H 78 23.31 -27.44 8.44
N PHE H 79 22.90 -28.63 8.88
CA PHE H 79 21.59 -29.23 8.62
C PHE H 79 20.93 -29.02 7.26
N HIS H 80 21.50 -29.63 6.23
CA HIS H 80 20.94 -29.51 4.89
C HIS H 80 19.54 -30.13 4.79
N SER H 81 19.17 -30.95 5.76
CA SER H 81 17.86 -31.60 5.75
C SER H 81 16.67 -30.67 5.98
N ILE H 82 16.92 -29.43 6.35
CA ILE H 82 15.82 -28.50 6.55
C ILE H 82 15.42 -27.92 5.18
N ALA H 83 16.28 -28.15 4.18
CA ALA H 83 16.02 -27.65 2.84
C ALA H 83 15.60 -28.75 1.86
N TRP H 84 16.08 -29.97 2.09
CA TRP H 84 15.76 -31.11 1.24
C TRP H 84 16.00 -32.39 2.04
N PRO H 85 15.04 -33.33 2.01
CA PRO H 85 15.13 -34.60 2.74
C PRO H 85 16.47 -35.32 2.62
N ASP H 86 17.01 -35.37 1.41
CA ASP H 86 18.29 -36.03 1.15
C ASP H 86 19.46 -35.34 1.84
N GLY H 87 19.23 -34.10 2.25
CA GLY H 87 20.27 -33.33 2.91
C GLY H 87 21.61 -33.26 2.17
N GLU H 88 22.69 -33.46 2.94
CA GLU H 88 24.04 -33.42 2.40
C GLU H 88 24.30 -34.46 1.31
N LYS H 89 23.53 -35.54 1.29
CA LYS H 89 23.72 -36.54 0.25
C LYS H 89 23.50 -35.94 -1.12
N SER H 90 22.46 -35.11 -1.27
CA SER H 90 22.19 -34.49 -2.55
C SER H 90 23.31 -33.50 -2.86
N THR H 91 23.72 -32.77 -1.85
CA THR H 91 24.77 -31.79 -2.02
C THR H 91 26.06 -32.46 -2.50
N ALA H 92 26.46 -33.51 -1.80
CA ALA H 92 27.67 -34.24 -2.17
C ALA H 92 27.65 -34.68 -3.63
N ARG H 93 26.52 -35.25 -4.07
CA ARG H 93 26.41 -35.70 -5.46
C ARG H 93 26.55 -34.55 -6.44
N ALA H 94 25.87 -33.44 -6.15
CA ALA H 94 25.95 -32.28 -7.03
C ALA H 94 27.38 -31.72 -7.05
N ALA H 95 28.00 -31.64 -5.88
CA ALA H 95 29.37 -31.12 -5.79
C ALA H 95 30.35 -31.99 -6.58
N GLN H 96 30.19 -33.31 -6.47
CA GLN H 96 31.05 -34.25 -7.18
C GLN H 96 30.92 -34.08 -8.69
N GLU H 97 29.69 -34.00 -9.18
CA GLU H 97 29.49 -33.83 -10.62
C GLU H 97 30.01 -32.49 -11.12
N ALA H 98 29.90 -31.44 -10.30
CA ALA H 98 30.38 -30.12 -10.71
C ALA H 98 31.90 -30.03 -10.59
N ASN H 99 32.47 -31.03 -9.91
CA ASN H 99 33.90 -31.12 -9.69
C ASN H 99 34.47 -29.89 -8.97
N ILE H 100 33.91 -29.60 -7.81
CA ILE H 100 34.39 -28.48 -7.01
C ILE H 100 34.53 -28.99 -5.58
N CYS H 101 35.06 -28.17 -4.69
CA CYS H 101 35.24 -28.58 -3.32
C CYS H 101 34.00 -28.36 -2.45
N TYR H 102 33.61 -29.42 -1.73
CA TYR H 102 32.47 -29.37 -0.86
C TYR H 102 32.94 -29.47 0.59
N VAL H 103 32.82 -28.37 1.32
CA VAL H 103 33.21 -28.32 2.73
C VAL H 103 32.00 -28.74 3.55
N ILE H 104 32.09 -29.91 4.18
CA ILE H 104 31.00 -30.42 4.98
C ILE H 104 31.00 -29.83 6.40
N SER H 105 29.81 -29.45 6.84
CA SER H 105 29.63 -28.88 8.16
C SER H 105 29.80 -29.88 9.28
N SER H 106 30.19 -29.37 10.44
CA SER H 106 30.38 -30.19 11.62
C SER H 106 28.99 -30.61 12.13
N TYR H 107 27.96 -29.89 11.69
CA TYR H 107 26.60 -30.20 12.11
C TYR H 107 25.69 -30.65 10.96
N ALA H 108 26.15 -31.63 10.18
CA ALA H 108 25.37 -32.14 9.05
C ALA H 108 24.18 -33.00 9.51
N SER H 109 23.20 -33.16 8.64
CA SER H 109 22.01 -33.96 8.96
C SER H 109 22.33 -35.46 8.89
N TYR H 110 23.28 -35.81 8.04
CA TYR H 110 23.70 -37.19 7.84
C TYR H 110 25.13 -37.40 8.31
N SER H 111 25.48 -38.65 8.60
CA SER H 111 26.83 -38.96 9.04
C SER H 111 27.79 -38.82 7.88
N LEU H 112 29.06 -38.60 8.17
CA LEU H 112 30.06 -38.44 7.13
C LEU H 112 30.12 -39.70 6.25
N GLU H 113 29.90 -40.86 6.86
CA GLU H 113 29.91 -42.12 6.12
C GLU H 113 28.81 -42.12 5.06
N ASP H 114 27.58 -41.79 5.47
CA ASP H 114 26.46 -41.76 4.52
C ASP H 114 26.72 -40.74 3.42
N ILE H 115 27.26 -39.59 3.79
CA ILE H 115 27.54 -38.55 2.81
C ILE H 115 28.60 -38.99 1.83
N VAL H 116 29.73 -39.50 2.33
CA VAL H 116 30.79 -39.96 1.45
C VAL H 116 30.30 -41.09 0.55
N ALA H 117 29.50 -41.99 1.10
CA ALA H 117 28.97 -43.11 0.35
C ALA H 117 28.13 -42.66 -0.85
N ALA H 118 27.43 -41.55 -0.69
CA ALA H 118 26.59 -41.03 -1.76
C ALA H 118 27.39 -40.46 -2.94
N ALA H 119 28.63 -40.04 -2.67
CA ALA H 119 29.48 -39.46 -3.71
C ALA H 119 30.96 -39.74 -3.43
N PRO H 120 31.36 -41.01 -3.56
CA PRO H 120 32.71 -41.51 -3.34
C PRO H 120 33.90 -40.67 -3.84
N GLU H 121 33.87 -40.25 -5.11
CA GLU H 121 34.99 -39.47 -5.66
C GLU H 121 34.99 -37.97 -5.39
N GLY H 122 33.97 -37.49 -4.69
CA GLY H 122 33.88 -36.07 -4.41
C GLY H 122 35.05 -35.44 -3.65
N PHE H 123 35.49 -34.27 -4.12
CA PHE H 123 36.57 -33.53 -3.47
C PHE H 123 35.89 -32.85 -2.29
N ARG H 124 36.39 -33.06 -1.07
CA ARG H 124 35.75 -32.44 0.07
C ARG H 124 36.62 -32.16 1.28
N TRP H 125 36.28 -31.08 1.98
CA TRP H 125 36.97 -30.68 3.20
C TRP H 125 35.99 -30.89 4.34
N PHE H 126 36.50 -30.93 5.57
CA PHE H 126 35.64 -31.12 6.72
C PHE H 126 35.83 -29.98 7.72
N GLN H 127 34.73 -29.32 8.08
CA GLN H 127 34.74 -28.22 9.03
C GLN H 127 34.35 -28.80 10.37
N LEU H 128 35.33 -28.83 11.28
CA LEU H 128 35.13 -29.40 12.61
C LEU H 128 35.21 -28.40 13.75
N TYR H 129 34.14 -28.33 14.55
CA TYR H 129 34.12 -27.44 15.71
C TYR H 129 34.80 -28.18 16.84
N MET H 130 36.02 -27.75 17.19
CA MET H 130 36.78 -28.40 18.24
C MET H 130 36.04 -28.36 19.57
N LYS H 131 36.19 -29.42 20.37
CA LYS H 131 35.52 -29.47 21.66
C LYS H 131 36.50 -29.63 22.82
N SER H 132 35.94 -29.53 24.02
CA SER H 132 36.70 -29.68 25.26
C SER H 132 37.38 -31.04 25.21
N ASP H 133 36.59 -32.07 24.93
CA ASP H 133 37.10 -33.43 24.85
C ASP H 133 37.91 -33.57 23.56
N TRP H 134 39.22 -33.82 23.71
CA TRP H 134 40.10 -33.98 22.57
C TRP H 134 40.17 -35.40 22.05
N ASP H 135 39.49 -36.32 22.73
CA ASP H 135 39.48 -37.70 22.27
C ASP H 135 38.45 -37.67 21.15
N PHE H 136 37.36 -36.94 21.41
CA PHE H 136 36.31 -36.78 20.42
C PHE H 136 36.96 -36.08 19.24
N ASN H 137 37.89 -35.17 19.54
CA ASN H 137 38.57 -34.42 18.51
C ASN H 137 39.48 -35.23 17.62
N LYS H 138 40.44 -35.95 18.20
CA LYS H 138 41.36 -36.74 17.39
C LYS H 138 40.64 -37.88 16.69
N GLN H 139 39.56 -38.37 17.29
CA GLN H 139 38.82 -39.46 16.68
C GLN H 139 37.99 -38.96 15.49
N MET H 140 37.51 -37.73 15.59
CA MET H 140 36.76 -37.14 14.50
C MET H 140 37.70 -36.85 13.36
N VAL H 141 38.90 -36.38 13.70
CA VAL H 141 39.91 -36.08 12.69
C VAL H 141 40.37 -37.36 11.99
N GLN H 142 40.66 -38.40 12.75
CA GLN H 142 41.09 -39.65 12.15
C GLN H 142 39.96 -40.19 11.31
N ARG H 143 38.74 -40.05 11.81
CA ARG H 143 37.55 -40.52 11.10
C ARG H 143 37.43 -39.79 9.77
N ALA H 144 37.75 -38.50 9.77
CA ALA H 144 37.69 -37.70 8.55
C ALA H 144 38.76 -38.14 7.56
N GLU H 145 39.99 -38.30 8.05
CA GLU H 145 41.10 -38.72 7.19
C GLU H 145 40.77 -40.07 6.56
N ALA H 146 40.18 -40.95 7.35
CA ALA H 146 39.81 -42.28 6.87
C ALA H 146 38.78 -42.22 5.76
N LEU H 147 37.84 -41.30 5.88
CA LEU H 147 36.78 -41.16 4.87
C LEU H 147 37.21 -40.45 3.60
N GLY H 148 38.45 -39.99 3.55
CA GLY H 148 38.93 -39.32 2.35
C GLY H 148 38.92 -37.81 2.31
N PHE H 149 38.52 -37.14 3.39
CA PHE H 149 38.50 -35.68 3.38
C PHE H 149 39.94 -35.16 3.22
N LYS H 150 40.14 -34.20 2.34
CA LYS H 150 41.47 -33.66 2.06
C LYS H 150 41.91 -32.40 2.80
N ALA H 151 41.13 -31.96 3.77
CA ALA H 151 41.51 -30.77 4.53
C ALA H 151 40.57 -30.56 5.70
N LEU H 152 41.10 -29.94 6.75
CA LEU H 152 40.32 -29.67 7.95
C LEU H 152 40.07 -28.17 8.02
N VAL H 153 38.80 -27.79 8.15
CA VAL H 153 38.46 -26.38 8.24
C VAL H 153 38.11 -26.05 9.68
N ILE H 154 38.77 -25.05 10.24
CA ILE H 154 38.51 -24.65 11.60
C ILE H 154 37.90 -23.26 11.58
N THR H 155 36.63 -23.18 11.97
CA THR H 155 35.92 -21.92 12.03
C THR H 155 36.24 -21.25 13.35
N ILE H 156 36.85 -20.07 13.27
CA ILE H 156 37.27 -19.36 14.47
C ILE H 156 36.39 -18.21 14.96
N ASP H 157 35.34 -17.88 14.22
CA ASP H 157 34.48 -16.75 14.61
C ASP H 157 33.20 -17.14 15.32
N THR H 158 33.18 -18.35 15.88
CA THR H 158 31.99 -18.80 16.56
C THR H 158 32.25 -19.42 17.93
N PRO H 159 33.00 -18.71 18.80
CA PRO H 159 33.26 -19.27 20.13
C PRO H 159 31.92 -19.43 20.84
N VAL H 160 30.96 -18.60 20.45
CA VAL H 160 29.62 -18.66 21.01
C VAL H 160 28.72 -18.33 19.82
N LEU H 161 27.45 -18.68 19.86
CA LEU H 161 26.59 -18.40 18.73
C LEU H 161 26.17 -16.94 18.62
N GLY H 162 26.00 -16.49 17.38
CA GLY H 162 25.57 -15.12 17.17
C GLY H 162 24.15 -14.93 17.67
N ASN H 163 23.75 -13.67 17.88
CA ASN H 163 22.40 -13.34 18.36
C ASN H 163 21.43 -13.13 17.21
N ARG H 164 20.77 -14.19 16.78
CA ARG H 164 19.80 -14.10 15.67
C ARG H 164 18.42 -13.85 16.21
N ARG H 165 18.00 -12.59 16.19
CA ARG H 165 16.71 -12.20 16.72
C ARG H 165 15.53 -13.02 16.19
N ARG H 166 15.50 -13.26 14.89
CA ARG H 166 14.40 -14.01 14.30
C ARG H 166 14.24 -15.39 14.93
N ASP H 167 15.34 -16.14 14.99
CA ASP H 167 15.27 -17.47 15.60
C ASP H 167 14.70 -17.35 17.00
N LYS H 168 15.20 -16.39 17.78
CA LYS H 168 14.70 -16.20 19.15
C LYS H 168 13.21 -15.88 19.19
N ARG H 169 12.76 -14.96 18.33
CA ARG H 169 11.35 -14.60 18.31
C ARG H 169 10.50 -15.79 17.87
N ASN H 170 11.08 -16.70 17.07
CA ASN H 170 10.38 -17.91 16.61
C ASN H 170 10.67 -19.04 17.60
N GLN H 171 11.36 -18.72 18.68
CA GLN H 171 11.70 -19.66 19.74
C GLN H 171 12.36 -20.97 19.30
N LEU H 172 13.14 -20.94 18.23
CA LEU H 172 13.82 -22.14 17.73
C LEU H 172 12.82 -23.25 17.47
N ASN H 173 13.29 -24.50 17.61
CA ASN H 173 12.53 -25.75 17.43
C ASN H 173 12.89 -26.46 16.13
N LEU H 174 14.04 -26.08 15.56
CA LEU H 174 14.54 -26.63 14.29
C LEU H 174 14.07 -28.04 14.01
N GLU H 175 12.98 -28.15 13.24
CA GLU H 175 12.40 -29.43 12.88
C GLU H 175 12.55 -29.74 11.40
N ALA H 176 13.58 -30.53 11.07
CA ALA H 176 13.85 -30.90 9.69
C ALA H 176 12.97 -32.08 9.30
N LYS H 181 16.30 -36.93 7.78
CA LYS H 181 17.43 -36.58 8.68
C LYS H 181 17.73 -37.71 9.65
N ASP H 182 18.82 -37.57 10.41
CA ASP H 182 19.21 -38.58 11.40
C ASP H 182 19.86 -37.95 12.62
N LEU H 183 21.15 -37.65 12.51
CA LEU H 183 21.91 -37.03 13.60
C LEU H 183 21.16 -35.82 14.14
N ARG H 184 20.42 -36.01 15.23
CA ARG H 184 19.63 -34.96 15.86
C ARG H 184 20.36 -33.62 15.94
N ALA H 185 19.58 -32.53 15.94
CA ALA H 185 20.14 -31.18 16.02
C ALA H 185 20.49 -30.87 17.47
N LEU H 186 21.65 -30.28 17.70
CA LEU H 186 22.04 -29.92 19.06
C LEU H 186 20.99 -28.99 19.66
N LYS H 187 20.54 -29.29 20.87
CA LYS H 187 19.55 -28.44 21.54
C LYS H 187 20.25 -27.16 21.95
N GLU H 188 21.52 -27.07 21.55
CA GLU H 188 22.40 -25.95 21.81
C GLU H 188 23.81 -26.50 22.05
N ALA H 202 32.79 -22.70 23.80
CA ALA H 202 34.10 -22.95 23.14
C ALA H 202 35.22 -22.16 23.82
N SER H 203 36.38 -22.79 23.93
CA SER H 203 37.54 -22.17 24.56
C SER H 203 38.78 -22.30 23.68
N PHE H 204 38.58 -22.81 22.46
CA PHE H 204 39.65 -23.01 21.49
C PHE H 204 40.44 -21.73 21.23
N CYS H 205 41.77 -21.80 21.36
CA CYS H 205 42.62 -20.65 21.13
C CYS H 205 43.80 -20.99 20.21
N TRP H 206 44.61 -19.98 19.88
CA TRP H 206 45.75 -20.19 19.00
C TRP H 206 46.67 -21.35 19.39
N ASN H 207 46.97 -21.48 20.68
CA ASN H 207 47.85 -22.56 21.14
C ASN H 207 47.29 -23.94 20.88
N ASP H 208 45.97 -24.07 20.92
CA ASP H 208 45.33 -25.35 20.67
C ASP H 208 45.60 -25.83 19.25
N LEU H 209 45.96 -24.90 18.36
CA LEU H 209 46.28 -25.26 16.98
C LEU H 209 47.48 -26.22 16.93
N SER H 210 48.41 -26.12 17.87
CA SER H 210 49.58 -27.01 17.90
C SER H 210 49.20 -28.43 18.30
N LEU H 211 48.23 -28.55 19.21
CA LEU H 211 47.75 -29.85 19.65
C LEU H 211 47.07 -30.56 18.48
N LEU H 212 46.32 -29.79 17.69
CA LEU H 212 45.62 -30.33 16.54
C LEU H 212 46.63 -30.75 15.46
N GLN H 213 47.65 -29.93 15.24
CA GLN H 213 48.65 -30.24 14.24
C GLN H 213 49.48 -31.47 14.62
N SER H 214 49.41 -31.87 15.88
CA SER H 214 50.16 -33.03 16.33
C SER H 214 49.39 -34.33 16.10
N ILE H 215 48.07 -34.22 15.95
CA ILE H 215 47.25 -35.41 15.74
C ILE H 215 46.85 -35.60 14.27
N THR H 216 47.05 -34.59 13.45
CA THR H 216 46.71 -34.71 12.04
C THR H 216 47.73 -34.10 11.09
N ARG H 217 47.82 -34.68 9.91
CA ARG H 217 48.76 -34.24 8.88
C ARG H 217 48.03 -33.46 7.80
N LEU H 218 46.70 -33.48 7.86
CA LEU H 218 45.83 -32.79 6.90
C LEU H 218 46.04 -31.28 6.90
N PRO H 219 46.00 -30.66 5.70
CA PRO H 219 46.19 -29.20 5.70
C PRO H 219 45.06 -28.54 6.51
N ILE H 220 45.41 -27.50 7.25
CA ILE H 220 44.44 -26.80 8.07
C ILE H 220 44.08 -25.44 7.49
N ILE H 221 42.79 -25.20 7.32
CA ILE H 221 42.30 -23.93 6.79
C ILE H 221 41.50 -23.21 7.87
N LEU H 222 41.91 -21.99 8.17
CA LEU H 222 41.26 -21.15 9.18
C LEU H 222 40.17 -20.30 8.52
N LYS H 223 38.94 -20.46 9.02
CA LYS H 223 37.79 -19.75 8.48
C LYS H 223 37.24 -18.70 9.43
N GLY H 224 37.18 -17.45 8.96
CA GLY H 224 36.65 -16.37 9.77
C GLY H 224 37.59 -15.19 10.00
N ILE H 225 38.80 -15.28 9.47
CA ILE H 225 39.77 -14.20 9.63
C ILE H 225 39.31 -12.95 8.87
N LEU H 226 39.34 -11.81 9.55
CA LEU H 226 38.92 -10.54 8.96
C LEU H 226 40.00 -9.47 9.04
N THR H 227 41.04 -9.73 9.83
CA THR H 227 42.12 -8.75 10.03
C THR H 227 43.52 -9.22 9.67
N LYS H 228 44.41 -8.27 9.40
CA LYS H 228 45.77 -8.62 9.06
C LYS H 228 46.49 -9.16 10.29
N GLU H 229 46.09 -8.70 11.48
CA GLU H 229 46.72 -9.20 12.69
C GLU H 229 46.48 -10.71 12.84
N ASP H 230 45.23 -11.13 12.63
CA ASP H 230 44.92 -12.56 12.74
C ASP H 230 45.50 -13.34 11.57
N ALA H 231 45.73 -12.66 10.44
CA ALA H 231 46.30 -13.32 9.29
C ALA H 231 47.77 -13.62 9.61
N GLU H 232 48.44 -12.66 10.26
CA GLU H 232 49.84 -12.82 10.63
C GLU H 232 49.96 -13.99 11.60
N LEU H 233 49.06 -14.05 12.58
CA LEU H 233 49.07 -15.14 13.55
C LEU H 233 48.84 -16.49 12.87
N ALA H 234 47.98 -16.51 11.86
CA ALA H 234 47.68 -17.73 11.13
C ALA H 234 48.95 -18.26 10.48
N MET H 235 49.73 -17.37 9.87
CA MET H 235 50.96 -17.77 9.22
C MET H 235 52.01 -18.22 10.24
N LYS H 236 52.11 -17.53 11.37
CA LYS H 236 53.07 -17.90 12.40
C LYS H 236 52.78 -19.30 12.93
N HIS H 237 51.52 -19.70 12.87
CA HIS H 237 51.12 -21.02 13.34
C HIS H 237 51.15 -22.06 12.23
N ASN H 238 51.68 -21.66 11.08
CA ASN H 238 51.84 -22.54 9.93
C ASN H 238 50.60 -23.31 9.50
N VAL H 239 49.52 -22.59 9.21
CA VAL H 239 48.31 -23.25 8.71
C VAL H 239 48.45 -23.21 7.18
N GLN H 240 47.63 -23.98 6.46
CA GLN H 240 47.73 -24.04 5.01
C GLN H 240 46.85 -23.10 4.20
N GLY H 241 45.86 -22.50 4.85
CA GLY H 241 44.98 -21.59 4.12
C GLY H 241 44.05 -20.78 5.00
N ILE H 242 43.51 -19.70 4.43
CA ILE H 242 42.60 -18.82 5.15
C ILE H 242 41.35 -18.51 4.35
N VAL H 243 40.19 -18.64 4.97
CA VAL H 243 38.94 -18.28 4.32
C VAL H 243 38.51 -16.95 4.97
N VAL H 244 38.67 -15.85 4.26
CA VAL H 244 38.26 -14.57 4.80
C VAL H 244 36.73 -14.67 4.86
N SER H 245 36.15 -14.39 6.03
CA SER H 245 34.71 -14.53 6.20
C SER H 245 34.18 -13.90 7.48
N ASN H 246 32.94 -13.45 7.44
CA ASN H 246 32.31 -12.91 8.63
C ASN H 246 31.12 -13.78 8.96
N HIS H 247 31.17 -15.03 8.51
CA HIS H 247 30.10 -16.00 8.77
C HIS H 247 28.77 -15.51 8.20
N GLY H 248 28.83 -14.81 7.06
CA GLY H 248 27.62 -14.30 6.45
C GLY H 248 26.82 -13.35 7.33
N GLY H 249 27.49 -12.65 8.23
CA GLY H 249 26.80 -11.70 9.09
C GLY H 249 25.91 -12.35 10.12
N ARG H 250 26.16 -13.61 10.42
CA ARG H 250 25.38 -14.36 11.40
C ARG H 250 26.04 -14.38 12.79
N GLN H 251 27.27 -13.86 12.90
CA GLN H 251 27.99 -13.86 14.18
C GLN H 251 28.16 -12.46 14.78
N LEU H 252 29.37 -11.92 14.73
CA LEU H 252 29.57 -10.57 15.24
C LEU H 252 29.07 -9.64 14.12
N ASP H 253 28.03 -8.87 14.38
CA ASP H 253 27.55 -7.98 13.35
C ASP H 253 28.35 -6.66 13.34
N GLU H 254 28.20 -5.91 12.25
CA GLU H 254 28.85 -4.62 12.06
C GLU H 254 30.37 -4.69 11.89
N VAL H 255 30.84 -5.81 11.35
CA VAL H 255 32.26 -5.97 11.05
C VAL H 255 32.33 -5.66 9.55
N SER H 256 33.54 -5.57 9.00
CA SER H 256 33.67 -5.28 7.58
C SER H 256 33.06 -6.36 6.71
N ALA H 257 32.71 -5.98 5.49
CA ALA H 257 32.15 -6.93 4.54
C ALA H 257 33.33 -7.82 4.15
N SER H 258 33.07 -9.12 3.97
CA SER H 258 34.14 -10.03 3.63
C SER H 258 34.95 -9.63 2.39
N ILE H 259 34.30 -9.10 1.35
CA ILE H 259 35.04 -8.70 0.15
C ILE H 259 35.96 -7.50 0.45
N ASP H 260 35.62 -6.71 1.45
CA ASP H 260 36.48 -5.58 1.80
C ASP H 260 37.63 -6.04 2.71
N ALA H 261 37.33 -6.96 3.63
CA ALA H 261 38.36 -7.46 4.53
C ALA H 261 39.42 -8.24 3.75
N LEU H 262 39.01 -8.81 2.62
CA LEU H 262 39.88 -9.59 1.76
C LEU H 262 41.18 -8.85 1.46
N ARG H 263 41.05 -7.58 1.09
CA ARG H 263 42.21 -6.79 0.75
C ARG H 263 43.35 -6.77 1.76
N GLU H 264 43.07 -6.43 3.01
CA GLU H 264 44.15 -6.37 4.00
C GLU H 264 44.70 -7.76 4.35
N VAL H 265 43.86 -8.79 4.26
CA VAL H 265 44.31 -10.14 4.56
C VAL H 265 45.26 -10.59 3.45
N VAL H 266 44.88 -10.32 2.21
CA VAL H 266 45.72 -10.69 1.06
C VAL H 266 47.05 -9.93 1.10
N ALA H 267 47.01 -8.64 1.41
CA ALA H 267 48.22 -7.83 1.48
C ALA H 267 49.16 -8.31 2.58
N ALA H 268 48.60 -8.79 3.69
CA ALA H 268 49.43 -9.27 4.79
C ALA H 268 50.06 -10.64 4.49
N VAL H 269 49.30 -11.51 3.84
CA VAL H 269 49.76 -12.85 3.50
C VAL H 269 50.81 -12.86 2.39
N LYS H 270 50.77 -11.88 1.50
CA LYS H 270 51.74 -11.76 0.41
C LYS H 270 51.99 -13.06 -0.36
N GLY H 271 50.93 -13.83 -0.61
CA GLY H 271 51.07 -15.07 -1.35
C GLY H 271 51.69 -16.27 -0.65
N LYS H 272 52.01 -16.14 0.64
CA LYS H 272 52.61 -17.28 1.33
C LYS H 272 51.68 -18.49 1.35
N ILE H 273 50.39 -18.26 1.59
CA ILE H 273 49.42 -19.35 1.57
C ILE H 273 48.19 -18.88 0.81
N GLU H 274 47.35 -19.82 0.42
CA GLU H 274 46.15 -19.49 -0.35
C GLU H 274 45.08 -18.86 0.54
N VAL H 275 44.50 -17.77 0.03
CA VAL H 275 43.45 -17.05 0.75
C VAL H 275 42.15 -17.16 -0.06
N TYR H 276 41.07 -17.58 0.60
CA TYR H 276 39.76 -17.71 -0.03
C TYR H 276 38.80 -16.75 0.67
N MET H 277 37.53 -16.76 0.27
CA MET H 277 36.53 -15.91 0.91
C MET H 277 35.13 -16.39 0.61
N ASP H 278 34.19 -15.93 1.42
CA ASP H 278 32.79 -16.23 1.24
C ASP H 278 32.03 -15.05 1.80
N GLY H 279 30.73 -15.00 1.55
CA GLY H 279 29.91 -13.91 2.07
C GLY H 279 29.44 -12.94 1.01
N GLY H 280 28.21 -13.13 0.54
CA GLY H 280 27.67 -12.21 -0.44
C GLY H 280 27.92 -12.50 -1.92
N VAL H 281 28.59 -13.60 -2.22
CA VAL H 281 28.86 -13.95 -3.62
C VAL H 281 27.54 -14.44 -4.22
N ARG H 282 27.04 -13.74 -5.22
CA ARG H 282 25.75 -14.13 -5.83
C ARG H 282 25.77 -14.12 -7.35
N THR H 283 26.71 -13.37 -7.91
CA THR H 283 26.77 -13.29 -9.36
C THR H 283 28.21 -13.39 -9.89
N GLY H 284 28.33 -13.73 -11.17
CA GLY H 284 29.63 -13.87 -11.80
C GLY H 284 30.68 -12.84 -11.43
N THR H 285 30.36 -11.57 -11.60
CA THR H 285 31.33 -10.53 -11.30
C THR H 285 31.81 -10.53 -9.85
N ASP H 286 31.02 -11.07 -8.94
CA ASP H 286 31.43 -11.11 -7.53
C ASP H 286 32.64 -12.04 -7.49
N VAL H 287 32.50 -13.21 -8.10
CA VAL H 287 33.61 -14.19 -8.15
C VAL H 287 34.81 -13.51 -8.81
N LEU H 288 34.58 -12.86 -9.95
CA LEU H 288 35.64 -12.17 -10.68
C LEU H 288 36.38 -11.20 -9.78
N LYS H 289 35.63 -10.39 -9.05
CA LYS H 289 36.21 -9.37 -8.16
C LYS H 289 37.04 -9.98 -7.03
N ALA H 290 36.58 -11.08 -6.46
CA ALA H 290 37.29 -11.75 -5.37
C ALA H 290 38.63 -12.28 -5.88
N LEU H 291 38.61 -12.84 -7.09
CA LEU H 291 39.82 -13.38 -7.70
C LEU H 291 40.78 -12.26 -8.05
N ALA H 292 40.25 -11.18 -8.60
CA ALA H 292 41.08 -10.04 -8.98
C ALA H 292 41.73 -9.41 -7.76
N LEU H 293 41.04 -9.48 -6.63
CA LEU H 293 41.54 -8.91 -5.38
C LEU H 293 42.49 -9.83 -4.61
N GLY H 294 42.76 -11.02 -5.15
CA GLY H 294 43.70 -11.91 -4.49
C GLY H 294 43.24 -13.24 -3.96
N ALA H 295 41.93 -13.48 -3.95
CA ALA H 295 41.41 -14.76 -3.44
C ALA H 295 41.72 -15.87 -4.45
N ARG H 296 41.96 -17.07 -3.92
CA ARG H 296 42.24 -18.22 -4.78
C ARG H 296 40.93 -18.78 -5.33
N CYS H 297 39.86 -18.63 -4.55
CA CYS H 297 38.54 -19.07 -4.97
C CYS H 297 37.53 -18.59 -3.94
N ILE H 298 36.24 -18.75 -4.23
CA ILE H 298 35.21 -18.31 -3.29
C ILE H 298 34.34 -19.48 -2.88
N PHE H 299 33.64 -19.34 -1.76
CA PHE H 299 32.75 -20.38 -1.27
C PHE H 299 31.35 -19.80 -1.13
N LEU H 300 30.34 -20.64 -1.36
CA LEU H 300 28.96 -20.25 -1.28
C LEU H 300 28.30 -20.81 -0.04
N GLY H 301 27.52 -19.98 0.64
CA GLY H 301 26.82 -20.43 1.83
C GLY H 301 25.36 -20.67 1.54
N ARG H 302 24.55 -19.65 1.75
CA ARG H 302 23.11 -19.75 1.54
C ARG H 302 22.68 -20.23 0.14
N PRO H 303 23.31 -19.74 -0.94
CA PRO H 303 22.92 -20.18 -2.28
C PRO H 303 22.77 -21.68 -2.44
N ILE H 304 23.67 -22.43 -1.83
CA ILE H 304 23.61 -23.88 -1.90
C ILE H 304 22.31 -24.39 -1.25
N LEU H 305 21.92 -23.80 -0.13
CA LEU H 305 20.70 -24.21 0.54
C LEU H 305 19.48 -23.79 -0.28
N TRP H 306 19.57 -22.66 -0.97
CA TRP H 306 18.45 -22.21 -1.81
C TRP H 306 18.28 -23.26 -2.90
N GLY H 307 19.41 -23.70 -3.45
CA GLY H 307 19.37 -24.71 -4.49
C GLY H 307 18.68 -25.97 -3.99
N LEU H 308 19.10 -26.47 -2.84
CA LEU H 308 18.50 -27.68 -2.26
C LEU H 308 17.00 -27.53 -2.07
N ALA H 309 16.59 -26.43 -1.45
CA ALA H 309 15.18 -26.18 -1.19
C ALA H 309 14.32 -26.24 -2.46
N CYS H 310 14.86 -25.73 -3.56
CA CYS H 310 14.12 -25.70 -4.81
C CYS H 310 14.06 -27.01 -5.59
N LYS H 311 15.20 -27.64 -5.83
CA LYS H 311 15.21 -28.87 -6.60
C LYS H 311 16.18 -29.95 -6.10
N GLY H 312 16.45 -29.97 -4.80
CA GLY H 312 17.36 -30.97 -4.27
C GLY H 312 18.69 -30.98 -4.99
N GLU H 313 19.19 -32.16 -5.34
CA GLU H 313 20.48 -32.28 -6.03
C GLU H 313 20.56 -31.42 -7.28
N ASP H 314 19.53 -31.47 -8.12
CA ASP H 314 19.52 -30.68 -9.35
C ASP H 314 19.57 -29.19 -9.05
N GLY H 315 19.01 -28.82 -7.90
CA GLY H 315 19.02 -27.41 -7.50
C GLY H 315 20.44 -26.94 -7.22
N VAL H 316 21.15 -27.70 -6.39
CA VAL H 316 22.53 -27.34 -6.06
C VAL H 316 23.37 -27.30 -7.33
N LYS H 317 23.22 -28.30 -8.18
CA LYS H 317 23.98 -28.37 -9.43
C LYS H 317 23.69 -27.17 -10.31
N GLU H 318 22.44 -26.77 -10.36
CA GLU H 318 22.06 -25.64 -11.20
C GLU H 318 22.67 -24.34 -10.69
N VAL H 319 22.68 -24.15 -9.37
CA VAL H 319 23.27 -22.95 -8.79
C VAL H 319 24.74 -22.89 -9.17
N LEU H 320 25.43 -24.02 -9.04
CA LEU H 320 26.85 -24.09 -9.37
C LEU H 320 27.09 -23.83 -10.86
N ASP H 321 26.27 -24.44 -11.71
CA ASP H 321 26.42 -24.27 -13.15
C ASP H 321 26.16 -22.82 -13.56
N ILE H 322 25.14 -22.21 -12.95
CA ILE H 322 24.79 -20.83 -13.26
C ILE H 322 25.91 -19.87 -12.88
N LEU H 323 26.41 -19.96 -11.65
CA LEU H 323 27.49 -19.07 -11.24
C LEU H 323 28.73 -19.29 -12.14
N THR H 324 29.00 -20.56 -12.46
CA THR H 324 30.14 -20.88 -13.32
C THR H 324 29.94 -20.24 -14.70
N ALA H 325 28.74 -20.37 -15.24
CA ALA H 325 28.44 -19.78 -16.54
C ALA H 325 28.63 -18.25 -16.48
N GLU H 326 28.20 -17.63 -15.39
CA GLU H 326 28.34 -16.18 -15.26
C GLU H 326 29.80 -15.73 -15.18
N LEU H 327 30.61 -16.49 -14.44
CA LEU H 327 32.03 -16.18 -14.32
C LEU H 327 32.63 -16.28 -15.71
N HIS H 328 32.29 -17.35 -16.40
CA HIS H 328 32.79 -17.57 -17.75
C HIS H 328 32.43 -16.39 -18.63
N ARG H 329 31.21 -15.88 -18.45
CA ARG H 329 30.73 -14.76 -19.25
C ARG H 329 31.42 -13.45 -18.92
N CYS H 330 31.54 -13.10 -17.63
CA CYS H 330 32.20 -11.84 -17.32
C CYS H 330 33.70 -11.89 -17.60
N MET H 331 34.29 -13.09 -17.55
CA MET H 331 35.71 -13.22 -17.87
C MET H 331 35.86 -12.89 -19.35
N THR H 332 34.96 -13.45 -20.16
CA THR H 332 34.97 -13.22 -21.60
C THR H 332 34.85 -11.73 -21.91
N LEU H 333 33.86 -11.09 -21.29
CA LEU H 333 33.62 -9.67 -21.49
C LEU H 333 34.74 -8.76 -20.99
N SER H 334 35.31 -9.08 -19.84
CA SER H 334 36.37 -8.24 -19.29
C SER H 334 37.73 -8.47 -19.92
N GLY H 335 37.89 -9.57 -20.64
CA GLY H 335 39.16 -9.86 -21.29
C GLY H 335 40.13 -10.74 -20.50
N CYS H 336 39.59 -11.69 -19.73
CA CYS H 336 40.40 -12.60 -18.93
C CYS H 336 40.26 -14.01 -19.51
N GLN H 337 41.30 -14.45 -20.22
CA GLN H 337 41.31 -15.76 -20.85
C GLN H 337 41.33 -16.90 -19.83
N SER H 338 41.95 -16.67 -18.68
CA SER H 338 42.01 -17.70 -17.65
C SER H 338 42.02 -17.08 -16.26
N VAL H 339 41.82 -17.92 -15.25
CA VAL H 339 41.83 -17.43 -13.88
C VAL H 339 43.14 -16.72 -13.60
N ALA H 340 44.23 -17.22 -14.16
CA ALA H 340 45.54 -16.62 -13.95
C ALA H 340 45.62 -15.20 -14.52
N GLU H 341 44.75 -14.89 -15.47
CA GLU H 341 44.77 -13.55 -16.07
C GLU H 341 43.86 -12.53 -15.38
N ILE H 342 43.18 -12.95 -14.32
CA ILE H 342 42.31 -12.04 -13.57
C ILE H 342 43.21 -11.29 -12.60
N SER H 343 43.44 -10.00 -12.86
CA SER H 343 44.32 -9.21 -12.00
C SER H 343 43.66 -7.97 -11.41
N PRO H 344 44.30 -7.35 -10.41
CA PRO H 344 43.74 -6.15 -9.77
C PRO H 344 43.64 -4.96 -10.73
N ASP H 345 44.21 -5.08 -11.93
CA ASP H 345 44.13 -4.02 -12.94
C ASP H 345 42.67 -3.88 -13.37
N LEU H 346 41.94 -4.96 -13.12
CA LEU H 346 40.52 -5.07 -13.43
C LEU H 346 39.67 -4.24 -12.47
N ILE H 347 40.23 -3.93 -11.30
CA ILE H 347 39.55 -3.17 -10.26
C ILE H 347 39.85 -1.68 -10.30
N GLN H 348 38.80 -0.87 -10.19
CA GLN H 348 38.94 0.59 -10.20
C GLN H 348 39.34 1.06 -8.81
N PHE H 349 40.52 1.67 -8.69
CA PHE H 349 40.97 2.16 -7.40
C PHE H 349 40.84 3.68 -7.35
#